data_2W3S
#
_entry.id   2W3S
#
_cell.length_a   92.830
_cell.length_b   140.560
_cell.length_c   158.170
_cell.angle_alpha   109.60
_cell.angle_beta   105.89
_cell.angle_gamma   101.18
#
_symmetry.space_group_name_H-M   'P 1'
#
loop_
_entity.id
_entity.type
_entity.pdbx_description
1 polymer 'XANTHINE DEHYDROGENASE'
2 polymer 'XANTHINE DEHYDROGENASE'
3 non-polymer 'FE2/S2 (INORGANIC) CLUSTER'
4 non-polymer 'FLAVIN-ADENINE DINUCLEOTIDE'
5 non-polymer 'PHOSPHONIC ACIDMONO-(2-AMINO-5,6-DIMERCAPTO-4-OXO-3,7,8A,9,10,10A-HEXAHYDRO-4H-8-OXA-1,3,9,10-TETRAAZA-ANTHRACEN-7-YLMETHYL)ESTER'
6 non-polymer 'CALCIUM ION'
7 non-polymer XANTHINE
8 non-polymer HYDROXY(DIOXO)MOLYBDENUM
9 water water
#
loop_
_entity_poly.entity_id
_entity_poly.type
_entity_poly.pdbx_seq_one_letter_code
_entity_poly.pdbx_strand_id
1 'polypeptide(L)'
;MEIAFLLNGETRRVRIEDPTQSLLEWLRAEGLTGTKEGCNEGDCGACTVMIRDAAGSRAVNACLMMLPQIAGKALRTIEG
IAAPDGRLHPVQQAMIDHHGSQCGFCTPGFIVSMAAAHDRDRKDYDDLLAGNLCRCTGYAPILRAAEAAAGEPPADWLQA
DAAFTLAQLSSGVRGQTAPAFLPETSDALADWYLAHPEATLIAGGTDVSLWVTKALRDLPEVAFLSHCKDLAQIRETPDG
YGIGAGVTIAALRAFAEGPHPALAGLLRRFASEQVRQVATIGGNIANGSPIGDGPPALIAMGASLTLRRGQERRRMPLED
FFLEYRKQDRRPGEFVESVTLPKSAPGLRCYKLSKRFDQDISAVCGCLNLTLKGSKIETARIAFGGMAGVPKRAAAFEAA
LIGQDFREDTIAAALPLLAQDFTPLSDMRASAAYRMNAAQAMALRYVRELSGEAVAVLEVMP
;
A,C,E,G
2 'polypeptide(L)'
;MSVGKPLPHDSARAHVTGQARYLDDLPCPANTLHLAFGLSTEASAAITGLDLEPVRESPGVIAVFTAADLPHDNDASPAP
SPEPVLATGEVHFVGQPIFLVAATSHRAARIAARKARITYAPRPAILTLDQALAADSRFEGGPVIWARGDVETALAGAAH
LAEGCFEIGGQEHFYLEGQAALALPAEGGVVIHCSSQHPSEIQHKVAHALGLAFHDVRVEMRRMGGGFGGKESQGNHLAI
ACAVAARATGRPCKMRYDRDDDMVITGKRHDFRIRYRIGADASGKLLGADFVHLARCGWSADLSLPVCDRAMLHADGSYF
VPALRIESHRLRTNTQSNTAFRGFGGPQGALGMERAIEHLARGMGRDPAELRALNFYDPPERGGLSAPPSPPEPIATKKT
QTTHYGQEVADCVLGELVTRLQKSANFTTRRAEIAAWNSTNRTLARGIALSPVKFGISFTLTHLNQAGALVQIYTDGSVA
LNHGGTEMGQGLHAKMVQVAAAVLGIDPVQVRITATDTSKVPNTSATAASSGADMNGMAVKDACETLRGRLAGFVAAREG
CAARDVIFDAGQVQASGKSWRFAEIVAAAYMARISLSATGFYATPKLSWDRLRGQGRPFLYFAYGAAITEVVIDRLTGEN
RILRTDILHDAGASLNPALDIGQIEGAYVQGAGWLTTEELVWDHCGRLMTHAPSTYKIPAFSDRPRIFNVALWDQPNREE
TIFRSKAVGEPPFLLGISAFLALHDACAACGPHWPDLQAPATPEAVLAAVRRAEGRA
;
B,D,F,H
#
loop_
_chem_comp.id
_chem_comp.type
_chem_comp.name
_chem_comp.formula
CA non-polymer 'CALCIUM ION' 'Ca 2'
FAD non-polymer 'FLAVIN-ADENINE DINUCLEOTIDE' 'C27 H33 N9 O15 P2'
FES non-polymer 'FE2/S2 (INORGANIC) CLUSTER' 'Fe2 S2'
MOM non-polymer HYDROXY(DIOXO)MOLYBDENUM 'H Mo O3'
MTE non-polymer 'PHOSPHONIC ACIDMONO-(2-AMINO-5,6-DIMERCAPTO-4-OXO-3,7,8A,9,10,10A-HEXAHYDRO-4H-8-OXA-1,3,9,10-TETRAAZA-ANTHRACEN-7-YLMETHYL)ESTER' 'C10 H14 N5 O6 P S2'
XAN non-polymer XANTHINE 'C5 H4 N4 O2'
#
# COMPACT_ATOMS: atom_id res chain seq x y z
N MET A 1 39.11 18.98 22.51
CA MET A 1 40.03 18.86 21.33
C MET A 1 39.94 20.08 20.41
N GLU A 2 41.08 20.57 19.93
CA GLU A 2 41.09 21.78 19.11
C GLU A 2 41.81 21.67 17.75
N ILE A 3 41.05 21.86 16.67
CA ILE A 3 41.63 21.94 15.30
C ILE A 3 41.93 23.37 14.86
N ALA A 4 42.64 23.47 13.75
CA ALA A 4 42.97 24.74 13.15
C ALA A 4 42.85 24.53 11.66
N PHE A 5 42.49 25.60 10.95
CA PHE A 5 42.39 25.56 9.49
C PHE A 5 42.24 26.96 8.95
N LEU A 6 42.57 27.11 7.68
CA LEU A 6 42.38 28.38 7.00
C LEU A 6 40.91 28.51 6.61
N LEU A 7 40.28 29.64 6.95
CA LEU A 7 38.92 29.94 6.52
C LEU A 7 38.93 31.22 5.75
N ASN A 8 38.65 31.10 4.46
CA ASN A 8 38.65 32.21 3.53
C ASN A 8 39.85 33.14 3.72
N GLY A 9 41.04 32.57 3.57
CA GLY A 9 42.29 33.30 3.73
C GLY A 9 42.71 33.64 5.14
N GLU A 10 41.94 33.21 6.14
CA GLU A 10 42.23 33.60 7.52
C GLU A 10 42.21 32.42 8.48
N THR A 11 43.33 32.20 9.18
CA THR A 11 43.48 31.08 10.13
C THR A 11 42.44 31.15 11.23
N ARG A 12 41.75 30.03 11.44
CA ARG A 12 40.70 29.96 12.44
C ARG A 12 40.92 28.74 13.33
N ARG A 13 40.86 28.93 14.64
CA ARG A 13 41.02 27.82 15.59
C ARG A 13 39.69 27.48 16.24
N VAL A 14 39.06 26.41 15.77
CA VAL A 14 37.82 25.91 16.37
C VAL A 14 38.15 24.91 17.45
N ARG A 15 37.35 24.94 18.52
CA ARG A 15 37.56 24.05 19.65
C ARG A 15 36.46 22.98 19.69
N ILE A 16 36.81 21.78 19.22
CA ILE A 16 35.82 20.72 18.94
C ILE A 16 35.22 20.10 20.21
N GLU A 17 33.91 19.86 20.17
CA GLU A 17 33.19 19.24 21.29
C GLU A 17 32.10 18.27 20.84
N ASP A 18 31.48 18.55 19.71
CA ASP A 18 30.71 17.53 18.98
C ASP A 18 31.45 17.24 17.69
N PRO A 19 32.02 16.02 17.57
CA PRO A 19 32.92 15.73 16.44
C PRO A 19 32.14 15.50 15.15
N THR A 20 30.82 15.49 15.29
CA THR A 20 29.93 15.03 14.26
C THR A 20 29.19 16.17 13.53
N GLN A 21 29.35 17.39 14.03
CA GLN A 21 28.78 18.56 13.37
C GLN A 21 29.31 18.65 11.94
N SER A 22 28.36 18.68 11.00
CA SER A 22 28.70 18.90 9.60
C SER A 22 29.41 20.24 9.45
N LEU A 23 30.26 20.31 8.42
CA LEU A 23 30.82 21.60 8.00
C LEU A 23 29.68 22.56 7.63
N LEU A 24 28.58 22.01 7.11
CA LEU A 24 27.40 22.81 6.84
C LEU A 24 26.88 23.51 8.10
N GLU A 25 26.49 22.73 9.11
CA GLU A 25 25.89 23.29 10.35
C GLU A 25 26.79 24.40 10.88
N TRP A 26 28.08 24.11 10.91
CA TRP A 26 29.05 24.98 11.53
C TRP A 26 29.18 26.30 10.79
N LEU A 27 29.34 26.25 9.47
CA LEU A 27 29.50 27.49 8.70
C LEU A 27 28.33 28.45 8.87
N ARG A 28 27.10 27.92 8.83
CA ARG A 28 25.90 28.77 8.90
C ARG A 28 25.66 29.22 10.32
N ALA A 29 25.99 28.39 11.30
CA ALA A 29 25.94 28.83 12.69
C ALA A 29 26.90 30.00 12.87
N GLU A 30 27.99 30.01 12.09
CA GLU A 30 28.93 31.14 12.12
C GLU A 30 28.39 32.38 11.40
N GLY A 31 27.25 32.24 10.71
CA GLY A 31 26.74 33.32 9.89
C GLY A 31 27.32 33.35 8.48
N LEU A 32 28.05 32.30 8.11
CA LEU A 32 28.52 32.15 6.72
C LEU A 32 27.41 31.56 5.88
N THR A 33 26.44 32.43 5.64
CA THR A 33 25.08 32.15 5.24
C THR A 33 24.96 31.80 3.77
N GLY A 34 26.02 32.10 3.02
CA GLY A 34 26.09 31.89 1.59
C GLY A 34 26.18 30.43 1.13
N THR A 35 26.76 29.59 1.99
CA THR A 35 26.69 28.14 1.82
C THR A 35 25.28 27.71 2.17
N LYS A 36 24.57 27.17 1.16
CA LYS A 36 23.14 26.93 1.29
C LYS A 36 22.88 25.50 1.66
N GLU A 37 21.68 25.24 2.18
CA GLU A 37 21.23 23.87 2.41
C GLU A 37 20.05 23.44 1.49
N GLY A 38 20.32 22.43 0.67
CA GLY A 38 19.42 21.99 -0.39
C GLY A 38 18.86 20.59 -0.16
N CYS A 39 19.52 19.77 0.65
CA CYS A 39 19.04 18.41 0.87
C CYS A 39 19.64 17.72 2.06
N ASN A 40 20.90 18.05 2.36
CA ASN A 40 21.64 17.43 3.47
C ASN A 40 21.91 15.93 3.27
N GLU A 41 22.05 15.51 2.00
CA GLU A 41 22.11 14.10 1.59
C GLU A 41 23.13 13.83 0.47
N GLY A 42 24.00 14.80 0.21
CA GLY A 42 25.10 14.70 -0.78
C GLY A 42 24.73 14.93 -2.23
N ASP A 43 23.44 15.16 -2.47
CA ASP A 43 22.91 15.09 -3.82
C ASP A 43 22.92 16.37 -4.67
N CYS A 44 22.81 17.54 -4.04
CA CYS A 44 22.41 18.74 -4.78
C CYS A 44 23.52 19.76 -5.06
N GLY A 45 24.58 19.74 -4.24
CA GLY A 45 25.71 20.64 -4.44
C GLY A 45 25.57 22.05 -3.89
N ALA A 46 24.41 22.35 -3.31
CA ALA A 46 24.13 23.70 -2.84
C ALA A 46 25.15 24.11 -1.79
N CYS A 47 25.73 23.13 -1.12
CA CYS A 47 26.71 23.37 -0.06
C CYS A 47 28.17 23.17 -0.53
N THR A 48 28.38 23.04 -1.83
CA THR A 48 29.70 22.85 -2.39
C THR A 48 30.69 23.85 -1.76
N VAL A 49 31.69 23.34 -1.04
CA VAL A 49 32.79 24.19 -0.53
C VAL A 49 34.14 23.80 -1.14
N MET A 50 35.12 24.70 -1.09
CA MET A 50 36.44 24.38 -1.63
C MET A 50 37.44 24.12 -0.51
N ILE A 51 38.09 22.97 -0.56
CA ILE A 51 39.21 22.68 0.36
C ILE A 51 40.55 22.49 -0.37
N ARG A 52 41.62 22.92 0.29
CA ARG A 52 42.96 22.80 -0.24
C ARG A 52 43.87 22.22 0.84
N ASP A 53 44.92 21.54 0.39
CA ASP A 53 46.01 21.07 1.23
C ASP A 53 47.12 20.63 0.30
N ALA A 54 48.07 19.84 0.81
CA ALA A 54 49.25 19.43 0.03
C ALA A 54 48.89 18.82 -1.32
N ALA A 55 47.83 18.02 -1.35
CA ALA A 55 47.32 17.45 -2.61
C ALA A 55 46.86 18.53 -3.61
N GLY A 56 46.39 19.65 -3.11
CA GLY A 56 45.86 20.72 -3.97
C GLY A 56 44.48 21.12 -3.51
N SER A 57 43.60 21.40 -4.46
CA SER A 57 42.29 21.87 -4.10
C SER A 57 41.21 21.15 -4.88
N ARG A 58 40.05 21.01 -4.24
CA ARG A 58 38.90 20.30 -4.81
C ARG A 58 37.59 20.79 -4.18
N ALA A 59 36.51 20.72 -4.94
CA ALA A 59 35.19 21.08 -4.42
C ALA A 59 34.53 19.87 -3.76
N VAL A 60 34.09 20.02 -2.51
CA VAL A 60 33.37 18.97 -1.78
C VAL A 60 32.08 19.50 -1.18
N ASN A 61 31.24 18.59 -0.71
CA ASN A 61 29.98 18.95 -0.03
C ASN A 61 30.13 19.23 1.45
N ALA A 62 29.84 20.47 1.87
CA ALA A 62 29.95 20.82 3.27
C ALA A 62 29.02 20.03 4.17
N CYS A 63 27.99 19.41 3.59
CA CYS A 63 27.03 18.70 4.42
C CYS A 63 27.45 17.29 4.79
N LEU A 64 28.29 16.68 3.95
CA LEU A 64 28.81 15.33 4.21
C LEU A 64 30.01 15.37 5.14
N MET A 65 30.80 16.44 5.03
CA MET A 65 32.04 16.60 5.78
C MET A 65 31.84 17.02 7.24
N MET A 66 32.54 16.37 8.17
CA MET A 66 32.46 16.75 9.59
C MET A 66 33.74 17.45 10.03
N LEU A 67 33.63 18.35 11.00
CA LEU A 67 34.70 19.32 11.28
C LEU A 67 36.09 18.71 11.34
N PRO A 68 36.29 17.68 12.19
CA PRO A 68 37.66 17.18 12.33
C PRO A 68 38.35 16.92 10.99
N GLN A 69 37.57 16.66 9.96
CA GLN A 69 38.10 16.33 8.64
C GLN A 69 38.86 17.46 7.94
N ILE A 70 38.64 18.69 8.38
CA ILE A 70 39.35 19.82 7.75
C ILE A 70 40.55 20.35 8.51
N ALA A 71 40.85 19.75 9.68
CA ALA A 71 42.08 20.09 10.40
C ALA A 71 43.27 20.20 9.43
N GLY A 72 44.07 21.25 9.59
CA GLY A 72 45.24 21.49 8.75
C GLY A 72 44.96 21.78 7.28
N LYS A 73 43.69 21.93 6.90
CA LYS A 73 43.37 22.21 5.50
C LYS A 73 43.06 23.69 5.29
N ALA A 74 43.03 24.11 4.03
CA ALA A 74 42.59 25.44 3.68
C ALA A 74 41.18 25.32 3.12
N LEU A 75 40.29 26.15 3.62
CA LEU A 75 38.90 26.07 3.22
C LEU A 75 38.42 27.40 2.65
N ARG A 76 37.79 27.32 1.48
CA ARG A 76 37.20 28.49 0.85
C ARG A 76 35.68 28.25 0.72
N THR A 77 34.88 29.26 1.04
CA THR A 77 33.42 29.20 0.84
C THR A 77 33.03 30.24 -0.21
N ILE A 78 31.74 30.33 -0.55
CA ILE A 78 31.32 31.33 -1.55
C ILE A 78 31.78 32.74 -1.17
N GLU A 79 31.55 33.13 0.09
CA GLU A 79 31.87 34.48 0.54
C GLU A 79 33.36 34.80 0.41
N GLY A 80 34.18 33.78 0.20
CA GLY A 80 35.62 33.95 0.01
C GLY A 80 36.13 33.73 -1.41
N ILE A 81 35.21 33.58 -2.36
CA ILE A 81 35.59 33.32 -3.73
C ILE A 81 36.10 34.58 -4.43
N ALA A 82 35.52 35.73 -4.10
CA ALA A 82 35.94 36.99 -4.71
C ALA A 82 37.19 37.53 -4.01
N ALA A 83 37.98 38.33 -4.73
CA ALA A 83 39.23 38.92 -4.22
C ALA A 83 39.04 39.78 -2.96
N PRO A 84 40.08 39.81 -2.09
CA PRO A 84 40.04 40.61 -0.84
C PRO A 84 39.61 42.05 -1.09
N ASP A 85 40.14 42.65 -2.15
CA ASP A 85 39.86 44.04 -2.49
C ASP A 85 38.44 44.27 -3.00
N GLY A 86 37.69 43.19 -3.22
CA GLY A 86 36.31 43.27 -3.68
C GLY A 86 36.06 42.80 -5.11
N ARG A 87 37.13 42.49 -5.83
CA ARG A 87 37.01 42.14 -7.23
C ARG A 87 36.40 40.75 -7.43
N LEU A 88 35.52 40.64 -8.42
CA LEU A 88 34.87 39.37 -8.77
C LEU A 88 35.80 38.42 -9.47
N HIS A 89 35.65 37.14 -9.16
CA HIS A 89 36.34 36.06 -9.84
C HIS A 89 35.83 36.03 -11.29
N PRO A 90 36.70 35.62 -12.23
CA PRO A 90 36.28 35.46 -13.62
C PRO A 90 35.01 34.59 -13.69
N VAL A 91 35.00 33.54 -12.88
CA VAL A 91 33.82 32.70 -12.66
C VAL A 91 32.53 33.48 -12.29
N GLN A 92 32.64 34.47 -11.40
CA GLN A 92 31.48 35.24 -10.91
C GLN A 92 30.97 36.27 -11.94
N GLN A 93 31.92 36.94 -12.58
CA GLN A 93 31.59 37.92 -13.58
C GLN A 93 30.94 37.21 -14.79
N ALA A 94 31.52 36.07 -15.16
CA ALA A 94 31.04 35.27 -16.26
C ALA A 94 29.57 34.95 -16.03
N MET A 95 29.29 34.30 -14.90
CA MET A 95 27.93 33.93 -14.49
C MET A 95 26.91 35.06 -14.59
N ILE A 96 27.32 36.26 -14.23
CA ILE A 96 26.46 37.42 -14.45
C ILE A 96 26.34 37.64 -15.96
N ASP A 97 27.48 37.78 -16.65
CA ASP A 97 27.48 38.09 -18.07
C ASP A 97 26.56 37.17 -18.82
N HIS A 98 26.58 35.91 -18.39
CA HIS A 98 25.89 34.87 -19.13
C HIS A 98 24.60 34.41 -18.50
N HIS A 99 24.08 35.22 -17.57
CA HIS A 99 22.81 34.90 -16.91
C HIS A 99 22.82 33.50 -16.34
N GLY A 100 23.93 33.13 -15.73
CA GLY A 100 24.05 31.77 -15.21
C GLY A 100 23.18 31.49 -13.99
N SER A 101 22.36 32.47 -13.59
CA SER A 101 21.52 32.27 -12.43
C SER A 101 20.17 32.95 -12.62
N GLN A 102 19.19 32.50 -11.84
CA GLN A 102 17.79 32.95 -11.94
C GLN A 102 17.22 33.19 -10.55
N CYS A 103 16.85 32.14 -9.82
CA CYS A 103 16.46 32.28 -8.39
C CYS A 103 17.67 32.39 -7.45
N GLY A 104 18.85 32.02 -7.96
CA GLY A 104 20.11 32.13 -7.24
C GLY A 104 20.50 31.04 -6.25
N PHE A 105 19.50 30.28 -5.76
CA PHE A 105 19.72 29.46 -4.59
C PHE A 105 20.84 28.45 -4.78
N CYS A 106 21.03 27.98 -6.01
CA CYS A 106 22.13 27.07 -6.31
C CYS A 106 23.38 27.78 -6.81
N THR A 107 23.36 29.11 -6.89
CA THR A 107 24.52 29.81 -7.47
C THR A 107 25.81 29.74 -6.62
N PRO A 108 25.71 29.78 -5.26
CA PRO A 108 26.98 29.68 -4.52
C PRO A 108 27.74 28.41 -4.81
N GLY A 109 27.04 27.28 -4.87
CA GLY A 109 27.65 25.95 -5.05
C GLY A 109 28.28 25.73 -6.42
N PHE A 110 27.65 26.23 -7.48
CA PHE A 110 28.25 26.18 -8.82
C PHE A 110 29.53 26.98 -8.85
N ILE A 111 29.45 28.20 -8.32
CA ILE A 111 30.58 29.12 -8.31
C ILE A 111 31.76 28.46 -7.61
N VAL A 112 31.49 27.83 -6.46
CA VAL A 112 32.56 27.18 -5.73
C VAL A 112 33.16 26.05 -6.57
N SER A 113 32.30 25.19 -7.13
CA SER A 113 32.68 24.15 -8.09
C SER A 113 33.39 24.72 -9.32
N MET A 114 32.92 25.86 -9.82
CA MET A 114 33.53 26.46 -11.00
C MET A 114 34.89 27.09 -10.72
N ALA A 115 35.04 27.67 -9.53
CA ALA A 115 36.29 28.28 -9.11
C ALA A 115 37.33 27.18 -8.90
N ALA A 116 37.00 26.18 -8.09
CA ALA A 116 37.91 25.07 -7.83
C ALA A 116 38.33 24.41 -9.14
N ALA A 117 37.41 24.37 -10.10
CA ALA A 117 37.74 23.78 -11.38
C ALA A 117 38.71 24.72 -12.08
N HIS A 118 38.39 26.02 -12.05
CA HIS A 118 39.25 27.03 -12.67
C HIS A 118 40.66 26.97 -12.07
N ASP A 119 40.72 26.79 -10.74
CA ASP A 119 41.95 26.69 -9.98
C ASP A 119 42.86 25.54 -10.40
N ARG A 120 42.25 24.47 -10.90
CA ARG A 120 43.00 23.28 -11.30
C ARG A 120 42.97 23.12 -12.82
N ASP A 121 42.61 24.20 -13.50
CA ASP A 121 42.51 24.22 -14.94
C ASP A 121 41.73 23.04 -15.50
N ARG A 122 40.71 22.56 -14.79
CA ARG A 122 39.90 21.45 -15.27
C ARG A 122 38.74 22.00 -16.10
N LYS A 123 38.42 21.33 -17.20
CA LYS A 123 37.44 21.84 -18.15
C LYS A 123 36.32 20.86 -18.44
N ASP A 124 36.38 19.68 -17.80
CA ASP A 124 35.34 18.65 -17.98
C ASP A 124 34.09 18.93 -17.15
N TYR A 125 33.32 19.90 -17.66
CA TYR A 125 32.25 20.54 -16.94
C TYR A 125 31.11 19.61 -16.59
N ASP A 126 30.64 18.82 -17.58
CA ASP A 126 29.57 17.85 -17.38
C ASP A 126 29.78 17.02 -16.12
N ASP A 127 31.02 16.63 -15.91
CA ASP A 127 31.40 15.84 -14.77
C ASP A 127 31.66 16.71 -13.53
N LEU A 128 32.30 17.85 -13.71
CA LEU A 128 32.63 18.72 -12.59
C LEU A 128 31.38 19.31 -11.91
N LEU A 129 30.30 19.42 -12.68
CA LEU A 129 29.10 20.11 -12.21
C LEU A 129 27.86 19.21 -12.10
N ALA A 130 28.02 17.94 -12.46
CA ALA A 130 26.98 16.94 -12.28
C ALA A 130 26.39 16.91 -10.86
N GLY A 131 27.20 17.21 -9.85
CA GLY A 131 26.74 17.21 -8.44
C GLY A 131 26.01 18.50 -8.08
N ASN A 132 25.93 19.41 -9.04
CA ASN A 132 25.26 20.69 -8.82
C ASN A 132 23.93 20.81 -9.53
N LEU A 133 22.87 20.58 -8.76
CA LEU A 133 21.53 20.64 -9.26
C LEU A 133 21.10 22.10 -9.38
N CYS A 134 20.58 22.44 -10.56
CA CYS A 134 19.83 23.67 -10.77
C CYS A 134 18.49 23.37 -11.44
N ARG A 135 17.40 23.83 -10.81
CA ARG A 135 16.05 23.53 -11.24
C ARG A 135 15.55 24.64 -12.19
N CYS A 136 16.28 25.76 -12.26
CA CYS A 136 15.85 26.96 -12.96
C CYS A 136 16.32 27.11 -14.40
N THR A 137 17.61 26.91 -14.65
CA THR A 137 18.28 27.49 -15.84
C THR A 137 18.42 26.59 -17.08
N GLY A 138 18.33 25.29 -16.91
CA GLY A 138 18.64 24.38 -18.01
C GLY A 138 20.13 24.26 -18.27
N TYR A 139 20.94 24.78 -17.36
CA TYR A 139 22.38 24.52 -17.31
C TYR A 139 23.23 25.08 -18.46
N ALA A 140 22.60 25.34 -19.60
CA ALA A 140 23.26 25.90 -20.77
C ALA A 140 24.02 27.19 -20.45
N PRO A 141 23.31 28.24 -19.98
CA PRO A 141 23.93 29.48 -19.53
C PRO A 141 25.15 29.25 -18.61
N ILE A 142 25.08 28.24 -17.73
CA ILE A 142 26.22 27.87 -16.88
C ILE A 142 27.43 27.32 -17.68
N LEU A 143 27.16 26.54 -18.73
CA LEU A 143 28.25 26.02 -19.54
C LEU A 143 28.99 27.13 -20.28
N ARG A 144 28.26 28.11 -20.83
CA ARG A 144 28.87 29.30 -21.44
C ARG A 144 29.77 30.01 -20.42
N ALA A 145 29.19 30.33 -19.26
CA ALA A 145 29.92 30.96 -18.17
C ALA A 145 31.26 30.30 -17.95
N ALA A 146 31.24 28.97 -17.85
CA ALA A 146 32.46 28.22 -17.55
C ALA A 146 33.49 28.43 -18.65
N GLU A 147 33.07 28.18 -19.88
CA GLU A 147 33.91 28.41 -21.04
C GLU A 147 34.44 29.85 -21.09
N ALA A 148 33.52 30.82 -21.04
CA ALA A 148 33.86 32.24 -20.94
C ALA A 148 35.00 32.52 -19.97
N ALA A 149 34.93 31.93 -18.78
CA ALA A 149 35.81 32.30 -17.68
C ALA A 149 37.14 31.57 -17.76
N ALA A 150 37.16 30.49 -18.52
CA ALA A 150 38.33 29.61 -18.64
C ALA A 150 39.51 30.30 -19.33
N GLY A 151 39.21 31.33 -20.12
CA GLY A 151 40.24 32.13 -20.76
C GLY A 151 41.05 32.90 -19.74
N GLU A 152 40.40 33.26 -18.63
CA GLU A 152 41.00 34.12 -17.62
C GLU A 152 42.03 33.39 -16.78
N PRO A 153 43.05 34.13 -16.31
CA PRO A 153 44.08 33.55 -15.47
C PRO A 153 43.52 33.25 -14.10
N PRO A 154 44.06 32.23 -13.41
CA PRO A 154 43.58 31.80 -12.10
C PRO A 154 43.70 32.90 -11.05
N ALA A 155 42.81 32.89 -10.07
CA ALA A 155 42.87 33.81 -8.96
C ALA A 155 44.08 33.52 -8.10
N ASP A 156 44.97 34.50 -7.96
CA ASP A 156 46.15 34.34 -7.10
C ASP A 156 45.77 34.31 -5.62
N TRP A 157 44.79 35.13 -5.21
CA TRP A 157 44.35 35.13 -3.83
C TRP A 157 43.88 33.75 -3.41
N LEU A 158 43.25 33.04 -4.34
CA LEU A 158 42.87 31.66 -4.07
C LEU A 158 44.12 30.79 -3.92
N GLN A 159 45.03 30.86 -4.90
CA GLN A 159 46.30 30.11 -4.87
C GLN A 159 47.14 30.35 -3.63
N ALA A 160 47.06 31.56 -3.07
CA ALA A 160 47.82 31.94 -1.89
C ALA A 160 47.65 30.95 -0.75
N ASP A 161 46.44 30.46 -0.56
CA ASP A 161 46.13 29.53 0.54
C ASP A 161 47.11 28.36 0.70
N ALA A 162 47.82 28.02 -0.39
CA ALA A 162 48.78 26.91 -0.42
C ALA A 162 49.83 27.03 0.68
N ALA A 163 50.21 28.28 0.96
CA ALA A 163 51.16 28.61 2.01
C ALA A 163 50.87 27.93 3.36
N PHE A 164 49.58 27.65 3.64
CA PHE A 164 49.11 27.17 4.96
C PHE A 164 49.73 25.85 5.49
N THR A 165 49.92 25.80 6.81
CA THR A 165 50.84 24.88 7.53
C THR A 165 52.21 24.77 6.87
N LEU A 166 52.27 24.01 5.78
CA LEU A 166 53.49 23.76 4.99
C LEU A 166 54.83 23.79 5.75
N PRO A 179 37.70 12.74 22.93
CA PRO A 179 36.83 13.50 22.03
C PRO A 179 36.48 12.73 20.74
N ALA A 180 37.51 12.39 19.94
CA ALA A 180 37.39 11.56 18.74
C ALA A 180 38.75 11.29 18.13
N PHE A 181 39.14 10.02 18.11
CA PHE A 181 40.48 9.60 17.67
C PHE A 181 40.77 9.96 16.22
N LEU A 182 41.94 10.59 16.01
CA LEU A 182 42.45 10.97 14.67
C LEU A 182 43.85 10.39 14.39
N PRO A 183 43.96 9.09 14.01
CA PRO A 183 45.26 8.45 13.76
C PRO A 183 45.92 8.92 12.47
N GLU A 184 47.25 8.88 12.47
CA GLU A 184 48.05 9.34 11.32
C GLU A 184 48.80 8.20 10.66
N THR A 185 48.90 7.08 11.37
CA THR A 185 49.51 5.85 10.85
C THR A 185 48.55 4.67 10.99
N SER A 186 48.62 3.75 10.02
CA SER A 186 47.81 2.54 10.04
C SER A 186 47.99 1.78 11.35
N ASP A 187 49.23 1.74 11.82
CA ASP A 187 49.55 1.08 13.09
C ASP A 187 48.71 1.70 14.18
N ALA A 188 48.90 3.02 14.37
CA ALA A 188 48.21 3.77 15.40
C ALA A 188 46.73 3.37 15.46
N LEU A 189 46.14 3.21 14.28
CA LEU A 189 44.74 2.84 14.16
C LEU A 189 44.45 1.41 14.65
N ALA A 190 45.22 0.47 14.12
CA ALA A 190 45.05 -0.96 14.43
C ALA A 190 44.97 -1.18 15.95
N ASP A 191 45.96 -0.68 16.68
CA ASP A 191 46.02 -0.81 18.14
C ASP A 191 44.74 -0.33 18.83
N TRP A 192 44.23 0.81 18.35
CA TRP A 192 43.06 1.49 18.93
C TRP A 192 41.77 0.73 18.60
N TYR A 193 41.57 0.40 17.33
CA TYR A 193 40.39 -0.35 16.93
C TYR A 193 40.38 -1.71 17.63
N LEU A 194 41.58 -2.26 17.85
CA LEU A 194 41.82 -3.46 18.65
C LEU A 194 41.24 -3.37 20.07
N ALA A 195 41.34 -2.20 20.70
CA ALA A 195 40.75 -1.97 22.04
C ALA A 195 39.27 -1.59 21.98
N HIS A 196 38.89 -0.84 20.96
CA HIS A 196 37.52 -0.39 20.79
C HIS A 196 36.97 -0.97 19.49
N PRO A 197 36.52 -2.25 19.56
CA PRO A 197 35.95 -2.88 18.38
C PRO A 197 34.56 -2.35 18.07
N GLU A 198 33.96 -1.65 19.03
CA GLU A 198 32.58 -1.17 18.91
C GLU A 198 32.44 0.28 18.39
N ALA A 199 33.54 0.85 17.93
CA ALA A 199 33.58 2.25 17.48
C ALA A 199 33.18 2.42 16.03
N THR A 200 32.85 3.65 15.65
CA THR A 200 32.48 3.99 14.28
C THR A 200 33.69 4.58 13.58
N LEU A 201 34.08 3.97 12.45
CA LEU A 201 35.21 4.46 11.68
C LEU A 201 34.73 5.33 10.54
N ILE A 202 35.06 6.61 10.60
CA ILE A 202 34.72 7.52 9.50
C ILE A 202 35.90 7.67 8.55
N ALA A 203 35.67 7.33 7.28
CA ALA A 203 36.61 7.61 6.22
C ALA A 203 36.19 8.92 5.59
N GLY A 204 35.53 8.85 4.44
CA GLY A 204 35.03 10.04 3.76
C GLY A 204 33.72 10.56 4.32
N GLY A 205 33.05 9.74 5.12
CA GLY A 205 31.81 10.13 5.78
C GLY A 205 30.57 10.16 4.91
N THR A 206 30.68 9.75 3.65
CA THR A 206 29.60 9.92 2.67
C THR A 206 28.38 9.02 2.91
N ASP A 207 28.61 7.87 3.53
CA ASP A 207 27.51 7.01 4.02
C ASP A 207 27.13 7.31 5.46
N VAL A 208 28.15 7.62 6.27
CA VAL A 208 28.02 7.70 7.73
C VAL A 208 27.24 8.92 8.17
N SER A 209 27.44 10.04 7.48
CA SER A 209 26.85 11.31 7.92
C SER A 209 25.36 11.39 7.65
N LEU A 210 24.87 10.56 6.73
CA LEU A 210 23.43 10.42 6.51
C LEU A 210 22.72 9.70 7.66
N TRP A 211 23.46 8.98 8.49
CA TRP A 211 22.88 8.39 9.70
C TRP A 211 22.61 9.48 10.76
N VAL A 212 23.35 10.58 10.67
CA VAL A 212 23.18 11.72 11.57
C VAL A 212 22.21 12.77 11.02
N THR A 213 22.41 13.20 9.77
CA THR A 213 21.48 14.14 9.11
C THR A 213 20.10 13.53 8.94
N LYS A 214 20.02 12.39 8.26
CA LYS A 214 18.72 11.79 7.92
C LYS A 214 18.20 10.85 9.00
N ALA A 215 19.02 9.90 9.45
CA ALA A 215 18.56 8.88 10.42
C ALA A 215 18.45 9.46 11.82
N LEU A 216 19.10 10.61 12.04
CA LEU A 216 19.11 11.29 13.34
C LEU A 216 19.67 10.37 14.43
N ARG A 217 20.85 9.82 14.17
CA ARG A 217 21.55 8.95 15.13
C ARG A 217 22.73 9.69 15.77
N ASP A 218 23.08 9.30 16.99
CA ASP A 218 24.26 9.84 17.64
C ASP A 218 25.34 8.75 17.59
N LEU A 219 26.53 9.11 17.15
CA LEU A 219 27.60 8.16 17.02
C LEU A 219 28.50 8.36 18.20
N PRO A 220 28.51 7.39 19.13
CA PRO A 220 29.22 7.65 20.37
C PRO A 220 30.74 7.56 20.19
N GLU A 221 31.23 6.43 19.67
CA GLU A 221 32.65 6.21 19.63
C GLU A 221 33.15 6.33 18.21
N VAL A 222 33.94 7.38 17.96
CA VAL A 222 34.24 7.81 16.59
C VAL A 222 35.72 7.99 16.35
N ALA A 223 36.18 7.49 15.20
CA ALA A 223 37.56 7.68 14.78
C ALA A 223 37.59 8.01 13.32
N PHE A 224 38.36 9.04 12.98
CA PHE A 224 38.44 9.54 11.62
C PHE A 224 39.64 8.97 10.92
N LEU A 225 39.49 8.64 9.65
CA LEU A 225 40.55 7.95 8.93
C LEU A 225 41.24 8.76 7.81
N SER A 226 40.69 9.93 7.49
CA SER A 226 41.18 10.69 6.35
C SER A 226 42.47 11.45 6.61
N HIS A 227 42.95 11.42 7.85
CA HIS A 227 44.22 12.05 8.23
C HIS A 227 45.31 11.01 8.49
N CYS A 228 45.36 9.97 7.66
CA CYS A 228 46.22 8.79 7.89
C CYS A 228 46.90 8.31 6.59
N LYS A 229 47.93 9.04 6.16
CA LYS A 229 48.47 8.95 4.79
C LYS A 229 48.86 7.55 4.27
N ASP A 230 49.47 6.73 5.13
CA ASP A 230 49.95 5.39 4.74
C ASP A 230 48.84 4.44 4.31
N LEU A 231 47.62 4.67 4.83
CA LEU A 231 46.42 3.88 4.54
C LEU A 231 45.76 4.24 3.21
N ALA A 232 46.21 5.33 2.59
CA ALA A 232 45.56 5.81 1.39
C ALA A 232 46.54 5.89 0.22
N GLN A 233 47.24 4.79 -0.04
CA GLN A 233 48.32 4.75 -1.03
C GLN A 233 48.06 3.76 -2.14
N ILE A 234 48.40 4.16 -3.36
CA ILE A 234 48.47 3.24 -4.47
C ILE A 234 49.94 2.87 -4.71
N ARG A 235 50.25 1.60 -4.40
CA ARG A 235 51.58 1.04 -4.61
C ARG A 235 51.53 -0.07 -5.66
N GLU A 236 52.66 -0.28 -6.35
CA GLU A 236 52.77 -1.41 -7.28
C GLU A 236 53.29 -2.64 -6.55
N THR A 237 52.67 -3.79 -6.80
CA THR A 237 53.10 -5.04 -6.18
C THR A 237 53.56 -6.03 -7.26
N PRO A 238 54.38 -7.03 -6.88
CA PRO A 238 54.79 -8.04 -7.85
C PRO A 238 53.59 -8.58 -8.65
N ASP A 239 52.53 -8.98 -7.94
CA ASP A 239 51.32 -9.58 -8.52
C ASP A 239 50.28 -8.60 -9.12
N GLY A 240 50.54 -7.29 -9.03
CA GLY A 240 49.66 -6.29 -9.66
C GLY A 240 49.72 -4.87 -9.13
N TYR A 241 48.62 -4.44 -8.52
CA TYR A 241 48.47 -3.08 -7.97
C TYR A 241 47.76 -3.10 -6.63
N GLY A 242 48.42 -2.59 -5.61
CA GLY A 242 47.87 -2.57 -4.26
C GLY A 242 47.24 -1.23 -3.92
N ILE A 243 45.91 -1.22 -3.82
CA ILE A 243 45.17 -0.02 -3.50
C ILE A 243 44.76 -0.05 -2.03
N GLY A 244 45.22 0.96 -1.27
CA GLY A 244 44.89 1.12 0.15
C GLY A 244 43.48 1.62 0.36
N ALA A 245 42.89 1.30 1.52
CA ALA A 245 41.47 1.53 1.81
C ALA A 245 41.04 3.00 1.75
N GLY A 246 41.99 3.87 2.08
CA GLY A 246 41.75 5.30 2.14
C GLY A 246 41.87 6.02 0.81
N VAL A 247 42.25 5.31 -0.24
CA VAL A 247 42.30 5.93 -1.56
C VAL A 247 40.88 6.38 -1.94
N THR A 248 40.74 7.64 -2.36
CA THR A 248 39.44 8.18 -2.78
C THR A 248 39.02 7.63 -4.14
N ILE A 249 37.72 7.55 -4.37
CA ILE A 249 37.18 7.11 -5.66
C ILE A 249 37.74 7.97 -6.80
N ALA A 250 37.82 9.29 -6.56
CA ALA A 250 38.44 10.20 -7.52
C ALA A 250 39.87 9.75 -7.89
N ALA A 251 40.66 9.43 -6.87
CA ALA A 251 42.03 8.95 -7.07
C ALA A 251 42.02 7.63 -7.83
N LEU A 252 41.20 6.69 -7.35
CA LEU A 252 41.08 5.37 -7.96
C LEU A 252 40.64 5.47 -9.42
N ARG A 253 39.79 6.44 -9.73
CA ARG A 253 39.46 6.68 -11.12
C ARG A 253 40.70 7.17 -11.87
N ALA A 254 41.45 8.08 -11.23
CA ALA A 254 42.62 8.68 -11.86
C ALA A 254 43.65 7.62 -12.22
N PHE A 255 43.89 6.69 -11.27
CA PHE A 255 44.86 5.61 -11.45
C PHE A 255 44.46 4.59 -12.51
N ALA A 256 43.19 4.22 -12.52
CA ALA A 256 42.63 3.28 -13.50
C ALA A 256 42.67 3.81 -14.92
N GLU A 257 42.79 5.13 -15.08
CA GLU A 257 42.67 5.71 -16.42
C GLU A 257 43.72 5.12 -17.38
N GLY A 258 44.86 4.75 -16.82
CA GLY A 258 45.88 4.02 -17.57
C GLY A 258 45.57 2.53 -17.59
N PRO A 259 46.04 1.80 -16.56
CA PRO A 259 45.91 0.34 -16.42
C PRO A 259 44.51 -0.23 -16.65
N HIS A 260 43.48 0.37 -16.05
CA HIS A 260 42.13 -0.20 -16.10
C HIS A 260 41.05 0.77 -16.61
N PRO A 261 41.14 1.19 -17.91
CA PRO A 261 40.22 2.21 -18.41
C PRO A 261 38.75 1.92 -18.07
N ALA A 262 38.34 0.66 -18.16
CA ALA A 262 36.95 0.27 -17.98
C ALA A 262 36.42 0.59 -16.58
N LEU A 263 37.26 0.39 -15.57
CA LEU A 263 36.91 0.78 -14.21
C LEU A 263 36.80 2.30 -14.11
N ALA A 264 37.76 3.02 -14.68
CA ALA A 264 37.75 4.49 -14.71
C ALA A 264 36.52 5.05 -15.45
N GLY A 265 36.08 4.30 -16.47
CA GLY A 265 34.85 4.56 -17.19
C GLY A 265 33.64 4.40 -16.30
N LEU A 266 33.66 3.40 -15.41
CA LEU A 266 32.56 3.21 -14.47
C LEU A 266 32.61 4.19 -13.29
N LEU A 267 33.81 4.46 -12.78
CA LEU A 267 33.97 5.37 -11.63
C LEU A 267 33.59 6.80 -11.96
N ARG A 268 33.72 7.16 -13.24
CA ARG A 268 33.22 8.42 -13.76
C ARG A 268 31.79 8.66 -13.28
N ARG A 269 30.95 7.62 -13.38
CA ARG A 269 29.55 7.72 -12.95
C ARG A 269 29.32 7.20 -11.53
N PHE A 270 30.25 7.49 -10.63
CA PHE A 270 30.10 7.15 -9.20
C PHE A 270 29.80 8.44 -8.48
N ALA A 271 28.59 8.55 -7.95
CA ALA A 271 28.13 9.77 -7.27
C ALA A 271 28.39 11.03 -8.13
N SER A 272 28.94 12.08 -7.50
CA SER A 272 29.41 13.30 -8.19
C SER A 272 30.92 13.46 -8.00
N GLU A 273 31.49 14.53 -8.52
CA GLU A 273 32.88 14.86 -8.26
C GLU A 273 33.08 15.25 -6.80
N GLN A 274 32.08 15.89 -6.20
CA GLN A 274 32.17 16.28 -4.81
C GLN A 274 32.10 15.12 -3.82
N VAL A 275 31.47 14.01 -4.20
CA VAL A 275 31.52 12.84 -3.34
C VAL A 275 32.79 12.05 -3.64
N ARG A 276 33.02 11.79 -4.92
CA ARG A 276 34.25 11.13 -5.40
C ARG A 276 35.50 11.67 -4.71
N GLN A 277 35.62 12.99 -4.62
CA GLN A 277 36.76 13.60 -3.93
C GLN A 277 37.04 13.08 -2.53
N VAL A 278 35.99 12.64 -1.81
CA VAL A 278 36.16 12.28 -0.40
C VAL A 278 35.75 10.86 -0.06
N ALA A 279 34.92 10.26 -0.91
CA ALA A 279 34.47 8.86 -0.73
C ALA A 279 35.59 7.87 -1.09
N THR A 280 35.65 6.76 -0.36
CA THR A 280 36.76 5.80 -0.54
C THR A 280 36.32 4.36 -0.91
N ILE A 281 37.26 3.59 -1.46
CA ILE A 281 37.03 2.16 -1.71
C ILE A 281 36.86 1.38 -0.41
N GLY A 282 37.78 1.59 0.53
CA GLY A 282 37.68 0.98 1.86
C GLY A 282 36.27 1.15 2.39
N GLY A 283 35.73 2.36 2.23
CA GLY A 283 34.40 2.70 2.73
C GLY A 283 33.31 2.01 1.93
N ASN A 284 33.39 2.16 0.61
CA ASN A 284 32.45 1.50 -0.31
C ASN A 284 32.36 0.02 0.01
N ILE A 285 33.52 -0.61 0.22
CA ILE A 285 33.61 -2.03 0.54
C ILE A 285 33.23 -2.35 1.98
N ALA A 286 33.54 -1.47 2.92
CA ALA A 286 33.19 -1.73 4.33
C ALA A 286 31.71 -1.43 4.59
N ASN A 287 31.16 -0.51 3.81
CA ASN A 287 29.72 -0.28 3.83
C ASN A 287 29.01 -1.58 3.51
N GLY A 288 29.44 -2.24 2.42
CA GLY A 288 28.94 -3.55 2.06
C GLY A 288 27.50 -3.47 1.62
N SER A 289 27.32 -2.90 0.43
CA SER A 289 26.01 -2.57 -0.06
C SER A 289 25.78 -3.17 -1.43
N PRO A 290 24.66 -3.88 -1.58
CA PRO A 290 24.36 -4.61 -2.82
C PRO A 290 24.34 -3.72 -4.08
N ILE A 291 24.20 -2.41 -3.91
CA ILE A 291 24.11 -1.48 -5.05
C ILE A 291 25.36 -0.63 -5.16
N GLY A 292 26.37 -0.98 -4.38
CA GLY A 292 27.66 -0.30 -4.42
C GLY A 292 28.50 -0.75 -5.60
N ASP A 293 28.78 0.19 -6.50
CA ASP A 293 29.41 -0.09 -7.80
C ASP A 293 30.93 -0.40 -7.78
N GLY A 294 31.51 -0.36 -6.58
CA GLY A 294 32.90 -0.79 -6.40
C GLY A 294 33.01 -2.30 -6.49
N PRO A 295 32.47 -3.05 -5.49
CA PRO A 295 32.66 -4.49 -5.56
C PRO A 295 32.33 -5.11 -6.94
N PRO A 296 31.12 -4.89 -7.50
CA PRO A 296 30.80 -5.54 -8.79
C PRO A 296 31.97 -5.54 -9.76
N ALA A 297 32.44 -4.35 -10.11
CA ALA A 297 33.58 -4.23 -11.02
C ALA A 297 34.84 -4.96 -10.53
N LEU A 298 35.19 -4.80 -9.26
CA LEU A 298 36.45 -5.35 -8.76
C LEU A 298 36.46 -6.88 -8.72
N ILE A 299 35.31 -7.48 -8.35
CA ILE A 299 35.08 -8.93 -8.41
C ILE A 299 35.20 -9.46 -9.85
N ALA A 300 34.44 -8.86 -10.77
CA ALA A 300 34.62 -9.10 -12.21
C ALA A 300 36.10 -9.11 -12.66
N MET A 301 36.91 -8.19 -12.12
CA MET A 301 38.34 -8.17 -12.46
C MET A 301 39.17 -9.05 -11.52
N GLY A 302 38.48 -9.73 -10.60
CA GLY A 302 39.09 -10.73 -9.72
C GLY A 302 40.17 -10.16 -8.84
N ALA A 303 39.84 -9.09 -8.14
CA ALA A 303 40.77 -8.47 -7.19
C ALA A 303 40.71 -9.14 -5.84
N SER A 304 41.82 -9.09 -5.11
CA SER A 304 41.83 -9.58 -3.73
C SER A 304 41.50 -8.41 -2.83
N LEU A 305 41.22 -8.74 -1.58
CA LEU A 305 40.96 -7.77 -0.54
C LEU A 305 41.84 -8.15 0.65
N THR A 306 42.28 -7.16 1.41
CA THR A 306 43.09 -7.38 2.60
C THR A 306 42.40 -6.80 3.83
N LEU A 307 42.35 -7.58 4.90
CA LEU A 307 41.84 -7.14 6.19
C LEU A 307 42.96 -7.07 7.22
N ARG A 308 42.75 -6.30 8.29
CA ARG A 308 43.75 -6.17 9.34
C ARG A 308 43.06 -6.00 10.68
N ARG A 309 43.63 -6.62 11.71
CA ARG A 309 43.08 -6.57 13.06
C ARG A 309 44.25 -6.40 14.04
N GLY A 310 44.81 -5.20 14.08
CA GLY A 310 46.06 -4.98 14.80
C GLY A 310 47.21 -5.46 13.93
N GLN A 311 47.67 -6.67 14.18
CA GLN A 311 48.74 -7.30 13.39
C GLN A 311 48.22 -8.33 12.35
N GLU A 312 46.98 -8.79 12.50
CA GLU A 312 46.35 -9.76 11.55
C GLU A 312 46.37 -9.29 10.11
N ARG A 313 46.51 -10.22 9.17
CA ARG A 313 46.44 -9.88 7.75
C ARG A 313 45.82 -10.95 6.83
N ARG A 314 44.58 -11.35 7.12
CA ARG A 314 43.77 -12.20 6.22
C ARG A 314 43.66 -11.61 4.83
N ARG A 315 43.52 -12.46 3.81
CA ARG A 315 43.61 -12.03 2.42
C ARG A 315 42.72 -12.78 1.44
N MET A 316 41.40 -12.72 1.62
CA MET A 316 40.47 -13.43 0.72
C MET A 316 40.24 -12.76 -0.64
N PRO A 317 39.54 -13.45 -1.56
CA PRO A 317 39.10 -12.77 -2.77
C PRO A 317 37.90 -11.90 -2.44
N LEU A 318 37.77 -10.76 -3.10
CA LEU A 318 36.74 -9.79 -2.70
C LEU A 318 35.35 -10.41 -2.49
N GLU A 319 34.81 -11.06 -3.52
CA GLU A 319 33.46 -11.65 -3.47
C GLU A 319 33.12 -12.39 -2.17
N ASP A 320 34.12 -13.07 -1.61
CA ASP A 320 33.92 -13.88 -0.42
C ASP A 320 33.68 -13.04 0.82
N PHE A 321 33.98 -11.74 0.74
CA PHE A 321 33.82 -10.85 1.88
C PHE A 321 32.35 -10.69 2.27
N PHE A 322 31.48 -10.71 1.27
CA PHE A 322 30.06 -10.41 1.44
C PHE A 322 29.24 -11.67 1.66
N LEU A 323 28.87 -11.92 2.92
CA LEU A 323 28.20 -13.17 3.30
C LEU A 323 26.69 -13.10 3.09
N GLU A 324 26.05 -12.10 3.69
CA GLU A 324 24.63 -11.84 3.45
C GLU A 324 24.34 -10.36 3.64
N TYR A 325 23.22 -9.90 3.10
CA TYR A 325 22.84 -8.49 3.24
C TYR A 325 23.04 -8.05 4.70
N ARG A 326 23.82 -6.99 4.90
CA ARG A 326 24.11 -6.44 6.23
C ARG A 326 25.14 -7.23 7.03
N LYS A 327 25.85 -8.16 6.38
CA LYS A 327 26.76 -9.08 7.09
C LYS A 327 27.96 -9.48 6.25
N GLN A 328 29.15 -9.17 6.74
CA GLN A 328 30.40 -9.42 6.00
C GLN A 328 31.42 -10.14 6.86
N ASP A 329 32.41 -10.74 6.20
CA ASP A 329 33.44 -11.51 6.88
C ASP A 329 34.42 -10.57 7.56
N ARG A 330 33.95 -9.95 8.63
CA ARG A 330 34.66 -8.90 9.32
C ARG A 330 34.68 -9.20 10.82
N ARG A 331 35.88 -9.32 11.40
CA ARG A 331 36.01 -9.55 12.84
C ARG A 331 35.89 -8.21 13.57
N PRO A 332 35.46 -8.25 14.86
CA PRO A 332 35.75 -7.14 15.79
C PRO A 332 37.22 -6.70 15.68
N GLY A 333 37.49 -5.40 15.76
CA GLY A 333 38.85 -4.88 15.65
C GLY A 333 39.50 -4.98 14.27
N GLU A 334 38.76 -5.50 13.29
CA GLU A 334 39.27 -5.75 11.95
C GLU A 334 38.74 -4.76 10.93
N PHE A 335 39.65 -4.08 10.25
CA PHE A 335 39.29 -3.05 9.29
C PHE A 335 39.87 -3.32 7.90
N VAL A 336 39.12 -2.90 6.88
CA VAL A 336 39.55 -3.03 5.49
C VAL A 336 40.82 -2.23 5.34
N GLU A 337 41.93 -2.96 5.19
CA GLU A 337 43.24 -2.34 5.06
C GLU A 337 43.56 -1.98 3.61
N SER A 338 43.19 -2.85 2.69
CA SER A 338 43.42 -2.57 1.27
C SER A 338 42.76 -3.59 0.32
N VAL A 339 42.87 -3.32 -0.98
CA VAL A 339 42.54 -4.27 -2.04
C VAL A 339 43.71 -4.33 -3.01
N THR A 340 43.87 -5.47 -3.70
CA THR A 340 44.90 -5.60 -4.71
C THR A 340 44.27 -6.01 -6.02
N LEU A 341 44.60 -5.26 -7.05
CA LEU A 341 44.08 -5.54 -8.37
C LEU A 341 45.19 -6.13 -9.21
N PRO A 342 44.81 -6.96 -10.20
CA PRO A 342 45.75 -7.48 -11.20
C PRO A 342 46.35 -6.37 -12.02
N LYS A 343 47.55 -6.59 -12.54
CA LYS A 343 48.19 -5.64 -13.45
C LYS A 343 47.35 -5.27 -14.68
N SER A 344 46.39 -6.12 -15.06
CA SER A 344 45.57 -5.87 -16.28
C SER A 344 44.28 -6.72 -16.45
N ALA A 345 43.25 -6.13 -17.09
CA ALA A 345 42.13 -6.89 -17.68
C ALA A 345 42.60 -7.47 -19.04
N PRO A 346 42.15 -6.97 -20.21
CA PRO A 346 41.21 -5.95 -20.63
C PRO A 346 39.97 -6.61 -21.21
N GLY A 347 39.53 -7.68 -20.55
CA GLY A 347 38.27 -8.33 -20.92
C GLY A 347 37.16 -7.86 -20.01
N LEU A 348 37.47 -6.83 -19.23
CA LEU A 348 36.51 -6.24 -18.31
C LEU A 348 35.69 -5.20 -19.05
N ARG A 349 34.39 -5.23 -18.82
CA ARG A 349 33.50 -4.14 -19.20
C ARG A 349 32.59 -3.92 -18.00
N CYS A 350 32.08 -2.69 -17.84
CA CYS A 350 31.19 -2.39 -16.70
C CYS A 350 29.95 -1.68 -17.13
N TYR A 351 28.82 -2.13 -16.60
CA TYR A 351 27.54 -1.56 -17.00
C TYR A 351 26.73 -1.09 -15.78
N LYS A 352 26.61 0.24 -15.66
CA LYS A 352 25.72 0.84 -14.66
C LYS A 352 24.44 1.26 -15.36
N LEU A 353 23.34 0.73 -14.83
CA LEU A 353 22.03 1.10 -15.30
C LEU A 353 21.33 1.91 -14.22
N SER A 354 20.96 3.14 -14.56
CA SER A 354 20.16 3.95 -13.65
C SER A 354 19.09 4.73 -14.41
N LYS A 355 18.18 5.39 -13.69
CA LYS A 355 17.13 6.23 -14.30
C LYS A 355 17.70 7.41 -15.10
N ARG A 356 18.69 8.09 -14.51
CA ARG A 356 19.44 9.19 -15.10
C ARG A 356 20.94 8.84 -15.03
N PHE A 357 21.71 9.16 -16.08
CA PHE A 357 23.12 8.73 -16.13
C PHE A 357 23.98 9.23 -14.97
N ASP A 358 24.06 10.54 -14.82
CA ASP A 358 24.91 11.13 -13.79
C ASP A 358 24.26 11.07 -12.43
N GLN A 359 25.10 11.07 -11.40
CA GLN A 359 24.70 10.91 -10.00
C GLN A 359 23.30 10.29 -9.81
N ASP A 360 23.27 8.98 -9.90
CA ASP A 360 22.09 8.17 -9.61
C ASP A 360 22.63 6.88 -9.01
N ILE A 361 21.75 5.96 -8.66
CA ILE A 361 22.26 4.67 -8.26
C ILE A 361 21.87 3.59 -9.27
N SER A 362 22.56 2.45 -9.21
CA SER A 362 22.31 1.36 -10.13
C SER A 362 21.04 0.57 -9.77
N ALA A 363 20.19 0.34 -10.78
CA ALA A 363 19.17 -0.69 -10.69
C ALA A 363 19.94 -2.00 -10.78
N VAL A 364 20.88 -2.02 -11.73
CA VAL A 364 21.67 -3.19 -12.05
C VAL A 364 23.09 -2.74 -12.34
N CYS A 365 24.05 -3.49 -11.80
CA CYS A 365 25.42 -3.28 -12.17
C CYS A 365 25.97 -4.53 -12.79
N GLY A 366 26.20 -4.48 -14.09
CA GLY A 366 26.72 -5.63 -14.81
C GLY A 366 28.19 -5.45 -15.10
N CYS A 367 29.02 -6.28 -14.48
CA CYS A 367 30.45 -6.28 -14.71
C CYS A 367 30.92 -7.62 -15.19
N LEU A 368 31.41 -7.63 -16.42
CA LEU A 368 31.73 -8.85 -17.14
C LEU A 368 33.19 -8.89 -17.59
N ASN A 369 33.74 -10.09 -17.62
CA ASN A 369 35.15 -10.29 -17.85
C ASN A 369 35.40 -11.73 -18.24
N LEU A 370 35.52 -11.95 -19.56
CA LEU A 370 35.79 -13.28 -20.10
C LEU A 370 37.10 -13.29 -20.85
N THR A 371 37.88 -14.35 -20.69
CA THR A 371 39.01 -14.60 -21.57
C THR A 371 38.65 -15.67 -22.62
N LEU A 372 39.20 -15.48 -23.82
CA LEU A 372 38.97 -16.37 -24.97
C LEU A 372 40.26 -17.00 -25.50
N LYS A 373 40.40 -18.32 -25.38
CA LYS A 373 41.51 -19.02 -26.05
C LYS A 373 41.17 -19.09 -27.53
N GLY A 374 41.45 -18.02 -28.26
CA GLY A 374 41.14 -17.96 -29.70
C GLY A 374 39.68 -17.81 -30.09
N SER A 375 38.83 -18.71 -29.60
CA SER A 375 37.41 -18.72 -29.97
C SER A 375 36.52 -19.30 -28.87
N LYS A 376 37.10 -20.23 -28.11
CA LYS A 376 36.39 -20.89 -27.01
C LYS A 376 36.44 -19.99 -25.80
N ILE A 377 35.28 -19.80 -25.17
CA ILE A 377 35.19 -19.05 -23.92
C ILE A 377 35.95 -19.82 -22.86
N GLU A 378 37.07 -19.26 -22.39
CA GLU A 378 37.91 -19.90 -21.38
C GLU A 378 37.54 -19.56 -19.93
N THR A 379 37.66 -18.29 -19.55
CA THR A 379 37.34 -17.83 -18.18
C THR A 379 36.01 -17.08 -18.13
N ALA A 380 35.29 -17.23 -17.01
CA ALA A 380 34.03 -16.54 -16.84
C ALA A 380 33.92 -15.88 -15.46
N ARG A 381 34.24 -14.59 -15.47
CA ARG A 381 33.97 -13.69 -14.37
C ARG A 381 32.88 -12.73 -14.84
N ILE A 382 31.66 -13.03 -14.41
CA ILE A 382 30.50 -12.16 -14.60
C ILE A 382 29.94 -11.84 -13.22
N ALA A 383 30.06 -10.55 -12.82
CA ALA A 383 29.58 -10.11 -11.50
C ALA A 383 28.49 -9.03 -11.59
N PHE A 384 27.62 -9.02 -10.56
CA PHE A 384 26.48 -8.11 -10.49
C PHE A 384 26.30 -7.40 -9.17
N GLY A 385 25.73 -6.19 -9.27
CA GLY A 385 25.23 -5.45 -8.12
C GLY A 385 23.75 -5.21 -8.35
N GLY A 386 23.02 -5.05 -7.25
CA GLY A 386 21.60 -4.70 -7.30
C GLY A 386 20.63 -5.81 -7.66
N MET A 387 21.15 -7.03 -7.89
CA MET A 387 20.34 -8.22 -8.24
C MET A 387 20.07 -9.11 -7.02
N ALA A 388 20.69 -8.76 -5.89
CA ALA A 388 20.74 -9.63 -4.71
C ALA A 388 21.25 -8.83 -3.50
N GLY A 389 20.86 -9.25 -2.30
CA GLY A 389 21.30 -8.62 -1.06
C GLY A 389 22.81 -8.61 -0.86
N VAL A 390 23.54 -9.17 -1.83
CA VAL A 390 25.00 -9.15 -1.82
C VAL A 390 25.53 -9.08 -3.25
N PRO A 391 26.71 -8.43 -3.47
CA PRO A 391 27.22 -8.48 -4.84
C PRO A 391 27.75 -9.87 -5.09
N LYS A 392 27.37 -10.49 -6.21
CA LYS A 392 27.77 -11.87 -6.49
C LYS A 392 27.96 -12.18 -7.98
N ARG A 393 28.83 -13.16 -8.26
CA ARG A 393 29.09 -13.65 -9.63
C ARG A 393 27.91 -14.51 -10.09
N ALA A 394 27.68 -14.56 -11.41
CA ALA A 394 26.52 -15.27 -11.96
C ALA A 394 26.78 -16.77 -12.12
N ALA A 395 27.23 -17.43 -11.05
CA ALA A 395 27.65 -18.86 -11.01
C ALA A 395 27.18 -19.77 -12.16
N ALA A 396 25.87 -20.04 -12.22
CA ALA A 396 25.28 -20.94 -13.22
C ALA A 396 25.38 -20.40 -14.64
N PHE A 397 25.24 -19.09 -14.78
CA PHE A 397 25.50 -18.44 -16.06
C PHE A 397 26.99 -18.58 -16.41
N GLU A 398 27.87 -18.35 -15.42
CA GLU A 398 29.33 -18.46 -15.60
C GLU A 398 29.68 -19.86 -16.09
N ALA A 399 29.19 -20.86 -15.34
CA ALA A 399 29.36 -22.26 -15.67
C ALA A 399 28.88 -22.52 -17.10
N ALA A 400 27.59 -22.27 -17.34
CA ALA A 400 26.98 -22.54 -18.63
C ALA A 400 27.65 -21.83 -19.81
N LEU A 401 28.69 -21.04 -19.53
CA LEU A 401 29.34 -20.29 -20.59
C LEU A 401 30.77 -20.78 -20.92
N ILE A 402 31.36 -21.56 -20.02
CA ILE A 402 32.71 -22.07 -20.23
C ILE A 402 32.76 -23.06 -21.41
N GLY A 403 33.90 -23.07 -22.10
CA GLY A 403 34.14 -24.00 -23.19
C GLY A 403 33.47 -23.57 -24.47
N GLN A 404 32.33 -22.89 -24.34
CA GLN A 404 31.48 -22.49 -25.46
C GLN A 404 32.15 -21.56 -26.48
N ASP A 405 31.51 -21.41 -27.65
CA ASP A 405 31.90 -20.38 -28.61
C ASP A 405 31.53 -19.00 -28.07
N PHE A 406 32.37 -18.01 -28.35
CA PHE A 406 32.04 -16.62 -27.97
C PHE A 406 31.22 -15.96 -29.08
N ARG A 407 29.91 -16.23 -29.09
CA ARG A 407 28.98 -15.61 -30.06
C ARG A 407 27.62 -15.31 -29.44
N GLU A 408 26.83 -14.49 -30.14
CA GLU A 408 25.55 -13.99 -29.65
C GLU A 408 24.67 -15.12 -29.11
N ASP A 409 24.33 -16.06 -29.99
CA ASP A 409 23.44 -17.17 -29.68
C ASP A 409 23.91 -18.03 -28.51
N THR A 410 25.24 -18.20 -28.39
CA THR A 410 25.83 -18.92 -27.28
C THR A 410 25.20 -18.40 -26.01
N ILE A 411 25.34 -17.09 -25.83
CA ILE A 411 24.89 -16.39 -24.64
C ILE A 411 23.38 -16.26 -24.65
N ALA A 412 22.81 -16.00 -25.84
CA ALA A 412 21.37 -15.94 -26.03
C ALA A 412 20.71 -17.18 -25.41
N ALA A 413 21.36 -18.33 -25.58
CA ALA A 413 20.90 -19.60 -24.99
C ALA A 413 21.09 -19.65 -23.46
N ALA A 414 22.27 -19.26 -22.99
CA ALA A 414 22.60 -19.31 -21.55
C ALA A 414 21.78 -18.36 -20.66
N LEU A 415 21.18 -17.33 -21.25
CA LEU A 415 20.58 -16.23 -20.47
C LEU A 415 19.72 -16.68 -19.29
N PRO A 416 18.65 -17.48 -19.55
CA PRO A 416 17.77 -17.93 -18.46
C PRO A 416 18.49 -18.23 -17.13
N LEU A 417 19.71 -18.76 -17.20
CA LEU A 417 20.42 -19.21 -15.99
C LEU A 417 20.49 -18.18 -14.88
N LEU A 418 20.62 -16.92 -15.27
CA LEU A 418 20.61 -15.78 -14.36
C LEU A 418 19.38 -15.78 -13.46
N ALA A 419 18.20 -16.05 -14.05
CA ALA A 419 16.96 -16.23 -13.29
C ALA A 419 17.07 -17.30 -12.18
N GLN A 420 18.06 -18.18 -12.31
CA GLN A 420 18.39 -19.14 -11.26
C GLN A 420 19.46 -18.53 -10.39
N ASP A 421 20.38 -17.77 -11.01
CA ASP A 421 21.42 -17.05 -10.28
C ASP A 421 20.83 -16.04 -9.31
N PHE A 422 19.84 -15.28 -9.77
CA PHE A 422 19.20 -14.24 -8.94
C PHE A 422 17.66 -14.24 -8.98
N THR A 423 17.06 -13.64 -7.96
CA THR A 423 15.62 -13.39 -7.90
C THR A 423 15.42 -11.92 -7.49
N PRO A 424 15.49 -11.00 -8.47
CA PRO A 424 15.74 -9.63 -8.10
C PRO A 424 14.52 -9.00 -7.41
N LEU A 425 14.74 -7.81 -6.86
CA LEU A 425 13.75 -7.04 -6.12
C LEU A 425 12.97 -6.07 -7.05
N SER A 426 11.81 -5.61 -6.58
CA SER A 426 11.08 -4.52 -7.18
C SER A 426 10.95 -3.36 -6.18
N ASP A 427 11.27 -2.15 -6.63
CA ASP A 427 11.15 -0.93 -5.82
C ASP A 427 11.19 0.27 -6.76
N MET A 428 11.26 1.48 -6.20
CA MET A 428 11.13 2.68 -7.03
C MET A 428 12.18 2.81 -8.15
N ARG A 429 13.34 2.20 -7.97
CA ARG A 429 14.44 2.37 -8.93
C ARG A 429 14.17 1.59 -10.19
N ALA A 430 13.48 0.44 -10.05
CA ALA A 430 13.11 -0.42 -11.20
C ALA A 430 12.29 -1.65 -10.80
N SER A 431 11.51 -2.17 -11.76
CA SER A 431 10.70 -3.39 -11.58
C SER A 431 11.57 -4.62 -11.73
N ALA A 432 11.29 -5.64 -10.92
CA ALA A 432 12.08 -6.88 -10.92
C ALA A 432 12.23 -7.42 -12.35
N ALA A 433 11.13 -7.45 -13.09
CA ALA A 433 11.16 -7.91 -14.47
C ALA A 433 12.34 -7.25 -15.17
N TYR A 434 12.32 -5.93 -15.13
CA TYR A 434 13.31 -5.09 -15.81
C TYR A 434 14.72 -5.30 -15.26
N ARG A 435 14.85 -5.42 -13.94
CA ARG A 435 16.15 -5.62 -13.33
C ARG A 435 16.77 -6.91 -13.88
N MET A 436 15.98 -7.98 -13.90
CA MET A 436 16.35 -9.24 -14.55
C MET A 436 16.68 -9.00 -16.02
N ASN A 437 15.67 -8.57 -16.78
CA ASN A 437 15.77 -8.27 -18.20
C ASN A 437 17.06 -7.52 -18.60
N ALA A 438 17.38 -6.46 -17.88
CA ALA A 438 18.55 -5.65 -18.16
C ALA A 438 19.85 -6.38 -17.78
N ALA A 439 19.79 -7.20 -16.74
CA ALA A 439 20.91 -8.06 -16.35
C ALA A 439 21.33 -9.01 -17.49
N GLN A 440 20.33 -9.60 -18.14
CA GLN A 440 20.54 -10.40 -19.35
C GLN A 440 20.93 -9.52 -20.51
N ALA A 441 20.28 -8.35 -20.64
CA ALA A 441 20.59 -7.40 -21.70
C ALA A 441 22.08 -7.04 -21.74
N MET A 442 22.73 -7.03 -20.58
CA MET A 442 24.14 -6.65 -20.49
C MET A 442 25.07 -7.67 -21.14
N ALA A 443 24.69 -8.95 -21.09
CA ALA A 443 25.45 -10.04 -21.72
C ALA A 443 25.42 -9.93 -23.25
N LEU A 444 24.22 -9.70 -23.80
CA LEU A 444 24.07 -9.43 -25.23
C LEU A 444 24.84 -8.19 -25.63
N ARG A 445 24.92 -7.24 -24.69
CA ARG A 445 25.74 -6.04 -24.87
C ARG A 445 27.21 -6.40 -24.97
N TYR A 446 27.71 -7.08 -23.94
CA TYR A 446 29.11 -7.51 -23.87
C TYR A 446 29.62 -8.12 -25.17
N VAL A 447 28.89 -9.09 -25.71
CA VAL A 447 29.27 -9.74 -26.95
C VAL A 447 29.37 -8.69 -28.06
N ARG A 448 28.33 -7.87 -28.18
CA ARG A 448 28.22 -6.89 -29.25
C ARG A 448 29.33 -5.83 -29.15
N GLU A 449 29.60 -5.36 -27.94
CA GLU A 449 30.70 -4.40 -27.75
C GLU A 449 31.99 -5.09 -28.18
N LEU A 450 32.25 -6.28 -27.64
CA LEU A 450 33.47 -7.05 -27.91
C LEU A 450 33.66 -7.51 -29.37
N SER A 451 32.79 -7.05 -30.26
CA SER A 451 32.86 -7.44 -31.66
C SER A 451 32.71 -6.24 -32.58
N GLY A 452 33.00 -5.06 -32.05
CA GLY A 452 33.02 -3.83 -32.84
C GLY A 452 31.69 -3.12 -33.05
N GLU A 453 30.64 -3.55 -32.33
CA GLU A 453 29.28 -3.02 -32.58
C GLU A 453 29.03 -1.74 -31.81
N ALA A 454 28.22 -0.85 -32.40
CA ALA A 454 27.69 0.34 -31.72
C ALA A 454 26.69 -0.08 -30.63
N VAL A 455 26.90 0.43 -29.42
CA VAL A 455 26.31 -0.18 -28.23
C VAL A 455 25.91 0.82 -27.15
N ALA A 456 26.58 1.99 -27.13
CA ALA A 456 26.45 2.92 -26.00
C ALA A 456 25.95 4.32 -26.39
N VAL A 457 24.79 4.67 -25.82
CA VAL A 457 24.12 5.98 -26.06
C VAL A 457 25.04 7.13 -25.73
N LEU A 458 25.75 6.98 -24.61
CA LEU A 458 26.64 8.00 -24.07
C LEU A 458 27.75 8.40 -25.02
N GLU A 459 28.23 7.46 -25.83
CA GLU A 459 29.25 7.74 -26.85
C GLU A 459 28.70 8.32 -28.16
N VAL A 460 27.39 8.48 -28.28
CA VAL A 460 26.78 8.95 -29.53
C VAL A 460 26.98 10.47 -29.71
N MET A 461 27.43 10.85 -30.90
CA MET A 461 27.70 12.25 -31.24
C MET A 461 26.50 13.05 -31.75
N PRO A 462 26.14 14.16 -31.07
CA PRO A 462 25.11 15.08 -31.57
C PRO A 462 25.48 15.66 -32.92
N SER B 2 13.69 51.20 -20.52
CA SER B 2 14.76 50.17 -20.60
C SER B 2 14.26 48.83 -21.12
N VAL B 3 12.95 48.78 -21.34
CA VAL B 3 12.22 47.64 -21.88
C VAL B 3 12.83 47.23 -23.21
N GLY B 4 13.00 45.94 -23.45
CA GLY B 4 13.55 45.45 -24.71
C GLY B 4 15.03 45.08 -24.64
N LYS B 5 15.72 45.58 -23.62
CA LYS B 5 17.16 45.37 -23.45
C LYS B 5 17.47 44.06 -22.70
N PRO B 6 18.56 43.38 -23.08
CA PRO B 6 18.95 42.15 -22.38
C PRO B 6 19.65 42.39 -21.03
N LEU B 7 19.03 43.19 -20.17
CA LEU B 7 19.60 43.50 -18.87
C LEU B 7 19.51 42.29 -17.94
N PRO B 8 20.54 42.08 -17.09
CA PRO B 8 20.61 40.98 -16.11
C PRO B 8 19.57 41.03 -14.98
N HIS B 9 19.53 39.97 -14.19
CA HIS B 9 18.61 39.79 -13.08
C HIS B 9 18.89 40.86 -12.03
N ASP B 10 17.87 41.41 -11.41
CA ASP B 10 18.06 42.39 -10.33
C ASP B 10 19.11 41.97 -9.29
N SER B 11 19.25 40.68 -9.02
CA SER B 11 20.14 40.21 -7.97
C SER B 11 21.30 39.40 -8.48
N ALA B 12 21.54 39.44 -9.78
CA ALA B 12 22.64 38.68 -10.38
C ALA B 12 23.93 38.69 -9.49
N ARG B 13 24.40 39.87 -9.15
CA ARG B 13 25.63 39.95 -8.39
C ARG B 13 25.45 39.40 -6.97
N ALA B 14 24.32 39.76 -6.34
CA ALA B 14 23.97 39.24 -5.01
C ALA B 14 24.01 37.69 -4.98
N HIS B 15 23.46 37.05 -6.02
CA HIS B 15 23.47 35.60 -6.19
C HIS B 15 24.90 35.12 -6.24
N VAL B 16 25.63 35.61 -7.24
CA VAL B 16 26.98 35.21 -7.56
C VAL B 16 27.95 35.38 -6.38
N THR B 17 27.66 36.32 -5.49
CA THR B 17 28.47 36.54 -4.27
C THR B 17 27.96 35.80 -3.01
N GLY B 18 26.71 35.34 -3.02
CA GLY B 18 26.16 34.60 -1.89
C GLY B 18 25.68 35.55 -0.82
N GLN B 19 25.33 36.76 -1.27
CA GLN B 19 24.83 37.80 -0.39
C GLN B 19 23.32 37.94 -0.52
N ALA B 20 22.75 37.35 -1.56
CA ALA B 20 21.31 37.34 -1.68
C ALA B 20 20.76 36.48 -0.55
N ARG B 21 20.00 37.04 0.37
CA ARG B 21 19.42 36.26 1.45
C ARG B 21 18.08 35.58 1.12
N TYR B 22 17.96 34.34 1.58
CA TYR B 22 16.66 33.65 1.61
C TYR B 22 16.17 33.52 3.04
N LEU B 23 14.96 32.98 3.22
CA LEU B 23 14.34 32.98 4.53
C LEU B 23 15.23 32.40 5.62
N ASP B 24 15.87 31.27 5.38
CA ASP B 24 16.71 30.71 6.43
C ASP B 24 17.96 31.51 6.68
N ASP B 25 18.24 32.48 5.81
CA ASP B 25 19.38 33.39 6.04
C ASP B 25 19.11 34.62 6.92
N LEU B 26 17.87 35.10 6.97
CA LEU B 26 17.59 36.35 7.69
C LEU B 26 18.04 36.32 9.15
N PRO B 27 18.73 37.37 9.60
CA PRO B 27 19.08 37.44 11.03
C PRO B 27 17.81 37.26 11.86
N CYS B 28 17.93 36.91 13.12
CA CYS B 28 16.76 36.96 14.02
C CYS B 28 17.14 36.68 15.45
N PRO B 29 16.28 37.13 16.39
CA PRO B 29 16.63 37.13 17.81
C PRO B 29 17.04 35.73 18.31
N ALA B 30 18.14 35.67 19.04
CA ALA B 30 18.54 34.46 19.76
C ALA B 30 17.37 33.68 20.39
N ASN B 31 16.33 34.32 20.90
CA ASN B 31 15.24 33.49 21.44
C ASN B 31 14.28 32.79 20.42
N THR B 32 14.61 32.85 19.13
CA THR B 32 13.74 32.29 18.09
C THR B 32 13.63 30.78 18.29
N LEU B 33 12.41 30.24 18.24
CA LEU B 33 12.19 28.78 18.31
C LEU B 33 12.17 28.16 16.92
N HIS B 34 12.14 26.84 16.89
CA HIS B 34 12.18 26.09 15.64
C HIS B 34 11.13 25.02 15.62
N LEU B 35 10.53 24.83 14.45
CA LEU B 35 9.32 24.03 14.36
C LEU B 35 9.46 22.86 13.42
N ALA B 36 8.98 21.70 13.89
CA ALA B 36 8.87 20.48 13.09
C ALA B 36 7.51 19.84 13.29
N PHE B 37 6.95 19.29 12.22
CA PHE B 37 5.68 18.56 12.30
C PHE B 37 5.97 17.12 12.68
N GLY B 38 5.08 16.52 13.50
CA GLY B 38 4.94 15.06 13.59
C GLY B 38 3.93 14.62 12.53
N LEU B 39 4.31 13.64 11.70
CA LEU B 39 3.52 13.21 10.51
C LEU B 39 2.82 11.86 10.64
N SER B 40 1.65 11.74 10.02
CA SER B 40 0.91 10.47 10.05
C SER B 40 1.67 9.35 9.36
N THR B 41 1.62 8.13 9.93
CA THR B 41 2.22 6.94 9.29
C THR B 41 1.21 6.00 8.66
N GLU B 42 -0.07 6.38 8.68
CA GLU B 42 -1.13 5.68 7.95
C GLU B 42 -1.59 6.53 6.79
N ALA B 43 -2.30 5.92 5.85
CA ALA B 43 -2.83 6.64 4.70
C ALA B 43 -4.30 6.98 4.90
N SER B 44 -4.96 6.28 5.83
CA SER B 44 -6.40 6.43 6.05
C SER B 44 -6.85 5.85 7.39
N ALA B 45 -6.63 6.58 8.47
CA ALA B 45 -6.93 6.02 9.78
C ALA B 45 -7.65 7.01 10.64
N ALA B 46 -8.24 6.50 11.72
CA ALA B 46 -8.68 7.31 12.83
C ALA B 46 -7.56 7.22 13.84
N ILE B 47 -7.37 8.28 14.62
CA ILE B 47 -6.41 8.20 15.72
C ILE B 47 -7.19 7.87 16.98
N THR B 48 -6.74 6.83 17.66
CA THR B 48 -7.43 6.35 18.85
C THR B 48 -6.54 6.65 20.02
N GLY B 49 -5.24 6.75 19.75
CA GLY B 49 -4.28 7.06 20.80
C GLY B 49 -3.20 8.02 20.36
N LEU B 50 -3.07 9.11 21.12
CA LEU B 50 -2.03 10.10 20.88
C LEU B 50 -1.26 10.43 22.16
N ASP B 51 -0.23 9.65 22.44
CA ASP B 51 0.61 9.96 23.58
C ASP B 51 1.86 10.73 23.14
N LEU B 52 1.91 11.99 23.54
CA LEU B 52 2.96 12.90 23.15
C LEU B 52 4.00 13.16 24.23
N GLU B 53 3.91 12.42 25.33
CA GLU B 53 4.81 12.60 26.47
C GLU B 53 6.30 12.53 26.13
N PRO B 54 6.72 11.49 25.36
CA PRO B 54 8.11 11.45 24.92
C PRO B 54 8.50 12.63 23.99
N VAL B 55 7.51 13.32 23.40
CA VAL B 55 7.82 14.48 22.56
C VAL B 55 8.13 15.69 23.43
N ARG B 56 7.25 15.99 24.38
CA ARG B 56 7.47 17.10 25.36
C ARG B 56 8.77 16.96 26.14
N GLU B 57 9.27 15.74 26.25
CA GLU B 57 10.40 15.46 27.11
C GLU B 57 11.71 15.37 26.35
N SER B 58 11.63 15.30 25.02
CA SER B 58 12.83 15.36 24.20
C SER B 58 13.51 16.71 24.46
N PRO B 59 14.85 16.73 24.54
CA PRO B 59 15.64 17.93 24.89
C PRO B 59 15.42 19.16 23.98
N GLY B 60 15.49 20.35 24.58
CA GLY B 60 15.33 21.60 23.85
C GLY B 60 13.89 21.97 23.50
N VAL B 61 12.95 21.05 23.75
CA VAL B 61 11.55 21.24 23.31
C VAL B 61 10.79 22.21 24.20
N ILE B 62 10.30 23.30 23.64
CA ILE B 62 9.56 24.28 24.44
C ILE B 62 8.02 24.08 24.42
N ALA B 63 7.47 23.72 23.26
CA ALA B 63 6.02 23.47 23.15
C ALA B 63 5.72 22.38 22.14
N VAL B 64 4.58 21.70 22.37
CA VAL B 64 4.07 20.63 21.52
C VAL B 64 2.61 20.98 21.23
N PHE B 65 2.19 20.92 19.98
CA PHE B 65 0.86 21.44 19.64
C PHE B 65 -0.01 20.43 18.95
N THR B 66 -1.31 20.53 19.17
CA THR B 66 -2.30 19.60 18.67
C THR B 66 -3.48 20.40 18.14
N ALA B 67 -4.23 19.82 17.21
CA ALA B 67 -5.44 20.46 16.69
C ALA B 67 -6.26 21.09 17.81
N ALA B 68 -6.37 20.38 18.93
CA ALA B 68 -7.09 20.91 20.09
C ALA B 68 -6.46 22.21 20.61
N ASP B 69 -5.15 22.37 20.40
CA ASP B 69 -4.44 23.56 20.84
C ASP B 69 -4.56 24.74 19.88
N LEU B 70 -5.32 24.58 18.78
CA LEU B 70 -5.39 25.66 17.82
C LEU B 70 -6.41 26.74 18.20
N PRO B 71 -5.93 27.95 18.52
CA PRO B 71 -6.72 29.07 19.05
C PRO B 71 -8.00 29.29 18.28
N HIS B 72 -7.87 29.40 16.97
CA HIS B 72 -9.01 29.66 16.09
C HIS B 72 -9.04 28.67 14.95
N ASP B 73 -9.21 29.17 13.72
CA ASP B 73 -9.23 28.32 12.51
C ASP B 73 -8.17 27.20 12.50
N ASN B 74 -8.51 26.10 11.82
CA ASN B 74 -7.55 25.04 11.50
C ASN B 74 -7.74 24.69 10.03
N ASP B 75 -7.28 25.58 9.16
CA ASP B 75 -7.52 25.43 7.72
C ASP B 75 -6.47 26.13 6.87
N ALA B 76 -5.72 25.36 6.10
CA ALA B 76 -4.72 25.93 5.20
C ALA B 76 -5.13 25.87 3.72
N SER B 77 -6.34 25.41 3.43
CA SER B 77 -6.77 25.23 2.04
C SER B 77 -6.92 26.57 1.30
N PRO B 78 -6.39 26.64 0.06
CA PRO B 78 -6.56 27.79 -0.80
C PRO B 78 -7.95 27.78 -1.44
N ALA B 79 -8.81 26.88 -0.99
CA ALA B 79 -10.12 26.64 -1.57
C ALA B 79 -11.18 26.60 -0.47
N PRO B 80 -12.47 26.81 -0.85
CA PRO B 80 -13.56 26.95 0.14
C PRO B 80 -13.85 25.70 0.99
N SER B 81 -13.07 24.62 0.82
CA SER B 81 -13.23 23.41 1.63
C SER B 81 -12.06 23.21 2.60
N PRO B 82 -12.38 22.95 3.88
CA PRO B 82 -11.41 22.82 4.95
C PRO B 82 -10.32 21.79 4.66
N GLU B 83 -9.11 22.12 5.12
CA GLU B 83 -7.97 21.22 5.10
C GLU B 83 -7.21 21.51 6.38
N PRO B 84 -7.23 20.58 7.35
CA PRO B 84 -6.63 21.01 8.62
C PRO B 84 -5.11 21.15 8.52
N VAL B 85 -4.54 22.00 9.36
CA VAL B 85 -3.10 22.11 9.42
C VAL B 85 -2.61 21.01 10.33
N LEU B 86 -3.39 20.73 11.36
CA LEU B 86 -3.13 19.62 12.24
C LEU B 86 -4.32 18.68 12.22
N ALA B 87 -4.00 17.39 12.09
CA ALA B 87 -4.98 16.30 12.01
C ALA B 87 -6.11 16.40 13.05
N THR B 88 -7.33 16.28 12.56
CA THR B 88 -8.52 16.46 13.39
C THR B 88 -9.19 15.12 13.64
N GLY B 89 -8.58 14.34 14.55
CA GLY B 89 -9.13 13.04 14.97
C GLY B 89 -8.88 11.88 14.02
N GLU B 90 -8.21 12.16 12.88
CA GLU B 90 -8.03 11.18 11.82
C GLU B 90 -7.08 11.67 10.70
N VAL B 91 -6.54 10.74 9.92
CA VAL B 91 -5.49 11.04 8.96
C VAL B 91 -5.86 10.64 7.54
N HIS B 92 -5.28 11.29 6.52
CA HIS B 92 -5.72 11.06 5.15
C HIS B 92 -4.66 10.77 4.13
N PHE B 93 -3.40 10.82 4.53
CA PHE B 93 -2.34 10.29 3.69
C PHE B 93 -1.11 10.08 4.56
N VAL B 94 -0.11 9.37 4.05
CA VAL B 94 1.14 9.22 4.79
C VAL B 94 1.93 10.51 4.65
N GLY B 95 2.11 11.19 5.77
CA GLY B 95 2.91 12.42 5.84
C GLY B 95 2.10 13.54 6.46
N GLN B 96 0.86 13.25 6.87
CA GLN B 96 -0.03 14.30 7.33
C GLN B 96 0.34 14.77 8.73
N PRO B 97 0.61 16.09 8.87
CA PRO B 97 0.97 16.60 10.19
C PRO B 97 -0.16 16.32 11.18
N ILE B 98 0.22 15.83 12.35
CA ILE B 98 -0.69 15.53 13.43
C ILE B 98 -0.40 16.50 14.60
N PHE B 99 0.88 16.67 14.92
CA PHE B 99 1.24 17.60 15.96
C PHE B 99 2.44 18.42 15.53
N LEU B 100 2.70 19.47 16.31
CA LEU B 100 3.74 20.45 16.02
C LEU B 100 4.64 20.63 17.22
N VAL B 101 5.94 20.63 16.95
CA VAL B 101 6.94 20.82 17.99
C VAL B 101 7.62 22.15 17.79
N ALA B 102 7.68 22.93 18.88
CA ALA B 102 8.55 24.08 19.01
C ALA B 102 9.69 23.76 19.97
N ALA B 103 10.92 23.90 19.48
CA ALA B 103 12.08 23.60 20.29
C ALA B 103 13.20 24.55 19.97
N THR B 104 14.24 24.52 20.78
CA THR B 104 15.29 25.54 20.72
C THR B 104 16.26 25.36 19.56
N SER B 105 15.99 24.39 18.68
CA SER B 105 16.77 24.22 17.45
C SER B 105 16.02 23.32 16.47
N HIS B 106 16.37 23.44 15.19
CA HIS B 106 15.73 22.71 14.13
C HIS B 106 16.02 21.21 14.24
N ARG B 107 17.24 20.83 14.61
CA ARG B 107 17.53 19.42 14.92
C ARG B 107 16.61 18.94 16.02
N ALA B 108 16.79 19.49 17.22
CA ALA B 108 15.99 19.10 18.37
C ALA B 108 14.54 18.89 17.95
N ALA B 109 14.00 19.81 17.18
CA ALA B 109 12.60 19.72 16.78
C ALA B 109 12.30 18.47 15.96
N ARG B 110 13.13 18.21 14.94
CA ARG B 110 12.93 17.05 14.08
C ARG B 110 13.04 15.77 14.91
N ILE B 111 14.09 15.72 15.72
CA ILE B 111 14.34 14.63 16.64
C ILE B 111 13.10 14.28 17.48
N ALA B 112 12.51 15.27 18.14
CA ALA B 112 11.38 15.01 19.00
C ALA B 112 10.12 14.68 18.22
N ALA B 113 9.99 15.23 17.01
CA ALA B 113 8.79 14.96 16.22
C ALA B 113 8.66 13.45 16.07
N ARG B 114 9.81 12.79 15.98
CA ARG B 114 9.85 11.34 15.80
C ARG B 114 9.52 10.47 17.03
N LYS B 115 9.16 11.08 18.14
CA LYS B 115 9.08 10.30 19.39
C LYS B 115 7.67 10.08 19.87
N ALA B 116 6.68 10.30 19.01
CA ALA B 116 5.29 10.19 19.43
C ALA B 116 4.89 8.74 19.51
N ARG B 117 4.07 8.41 20.49
CA ARG B 117 3.41 7.12 20.51
C ARG B 117 1.99 7.34 20.02
N ILE B 118 1.75 6.96 18.76
CA ILE B 118 0.45 7.12 18.15
C ILE B 118 -0.15 5.73 17.95
N THR B 119 -1.41 5.56 18.36
CA THR B 119 -2.18 4.38 17.97
C THR B 119 -3.29 4.78 16.96
N TYR B 120 -3.35 4.04 15.86
CA TYR B 120 -4.36 4.19 14.81
C TYR B 120 -5.31 2.99 14.69
N ALA B 121 -6.50 3.27 14.17
CA ALA B 121 -7.45 2.26 13.77
C ALA B 121 -7.59 2.34 12.24
N PRO B 122 -6.68 1.69 11.48
CA PRO B 122 -6.66 1.82 10.01
C PRO B 122 -8.00 1.56 9.34
N ARG B 123 -8.14 2.09 8.12
CA ARG B 123 -9.35 1.97 7.31
C ARG B 123 -8.94 1.74 5.85
N PRO B 124 -9.90 1.28 5.01
CA PRO B 124 -9.59 1.09 3.57
C PRO B 124 -9.20 2.43 2.90
N ALA B 125 -8.19 2.40 2.02
CA ALA B 125 -7.56 3.62 1.52
C ALA B 125 -7.58 3.73 0.00
N ILE B 126 -8.06 4.85 -0.54
CA ILE B 126 -8.08 5.00 -2.00
C ILE B 126 -6.72 5.43 -2.58
N LEU B 127 -5.98 4.52 -3.20
CA LEU B 127 -4.61 4.83 -3.67
C LEU B 127 -4.45 4.82 -5.18
N THR B 128 -5.30 4.07 -5.86
CA THR B 128 -5.24 4.05 -7.31
C THR B 128 -6.49 4.69 -7.90
N LEU B 129 -6.33 5.31 -9.07
CA LEU B 129 -7.42 6.04 -9.68
C LEU B 129 -8.65 5.19 -9.89
N ASP B 130 -8.45 3.89 -10.11
CA ASP B 130 -9.57 2.94 -10.28
C ASP B 130 -10.33 2.77 -8.97
N GLN B 131 -9.61 2.44 -7.90
CA GLN B 131 -10.22 2.36 -6.56
C GLN B 131 -11.03 3.62 -6.34
N ALA B 132 -10.54 4.74 -6.88
CA ALA B 132 -11.21 6.01 -6.76
C ALA B 132 -12.55 6.03 -7.48
N LEU B 133 -12.56 5.65 -8.76
CA LEU B 133 -13.81 5.52 -9.50
C LEU B 133 -14.70 4.51 -8.81
N ALA B 134 -14.09 3.39 -8.40
CA ALA B 134 -14.76 2.27 -7.77
C ALA B 134 -15.53 2.74 -6.54
N ALA B 135 -14.83 3.45 -5.65
CA ALA B 135 -15.40 3.92 -4.38
C ALA B 135 -16.17 5.22 -4.55
N ASP B 136 -16.04 5.86 -5.71
CA ASP B 136 -16.63 7.21 -5.95
C ASP B 136 -15.90 8.30 -5.14
N SER B 137 -14.64 8.03 -4.80
CA SER B 137 -13.77 8.98 -4.12
C SER B 137 -13.31 10.07 -5.11
N ARG B 138 -14.05 11.19 -5.12
CA ARG B 138 -13.91 12.23 -6.14
C ARG B 138 -14.27 13.60 -5.57
N PHE B 139 -13.77 14.67 -6.19
CA PHE B 139 -14.19 16.00 -5.78
C PHE B 139 -15.26 16.57 -6.74
N GLU B 140 -16.10 17.47 -6.21
CA GLU B 140 -17.13 18.18 -6.97
C GLU B 140 -18.48 17.46 -7.08
N GLY B 141 -18.53 16.19 -6.68
CA GLY B 141 -19.73 15.38 -6.88
C GLY B 141 -19.98 15.23 -8.37
N GLY B 142 -19.46 14.14 -8.95
CA GLY B 142 -19.57 13.84 -10.40
C GLY B 142 -18.49 14.52 -11.25
N PRO B 143 -18.22 13.98 -12.45
CA PRO B 143 -17.24 14.61 -13.36
C PRO B 143 -17.69 15.95 -13.97
N VAL B 144 -16.75 16.79 -14.39
CA VAL B 144 -17.07 17.97 -15.20
C VAL B 144 -17.08 17.56 -16.69
N ILE B 145 -18.14 17.93 -17.40
CA ILE B 145 -18.31 17.55 -18.81
C ILE B 145 -18.61 18.75 -19.71
N TRP B 146 -17.73 18.93 -20.70
CA TRP B 146 -17.85 19.93 -21.78
C TRP B 146 -17.82 19.25 -23.15
N ALA B 147 -18.74 19.66 -24.00
CA ALA B 147 -18.82 19.19 -25.37
C ALA B 147 -19.04 20.38 -26.28
N ARG B 148 -18.33 20.35 -27.40
CA ARG B 148 -18.60 21.22 -28.52
C ARG B 148 -18.97 20.28 -29.65
N GLY B 149 -20.11 20.54 -30.29
CA GLY B 149 -20.65 19.66 -31.32
C GLY B 149 -21.08 18.31 -30.76
N ASP B 150 -20.86 17.26 -31.57
CA ASP B 150 -21.22 15.89 -31.22
C ASP B 150 -20.14 14.95 -31.71
N VAL B 151 -19.19 14.66 -30.83
CA VAL B 151 -18.10 13.70 -31.11
C VAL B 151 -18.59 12.36 -31.65
N GLU B 152 -19.56 11.77 -30.96
CA GLU B 152 -19.97 10.40 -31.25
C GLU B 152 -20.37 10.29 -32.70
N THR B 153 -21.17 11.25 -33.14
CA THR B 153 -21.59 11.32 -34.52
C THR B 153 -20.38 11.46 -35.42
N ALA B 154 -19.54 12.47 -35.14
CA ALA B 154 -18.36 12.75 -35.96
C ALA B 154 -17.52 11.49 -36.13
N LEU B 155 -17.17 10.88 -35.00
CA LEU B 155 -16.29 9.71 -34.96
C LEU B 155 -16.87 8.54 -35.73
N ALA B 156 -18.17 8.34 -35.58
CA ALA B 156 -18.89 7.30 -36.30
C ALA B 156 -18.67 7.37 -37.82
N GLY B 157 -18.56 8.57 -38.37
CA GLY B 157 -18.32 8.75 -39.80
C GLY B 157 -16.87 9.04 -40.20
N ALA B 158 -15.93 8.75 -39.30
CA ALA B 158 -14.54 9.12 -39.51
C ALA B 158 -13.75 8.17 -40.41
N ALA B 159 -13.27 8.68 -41.54
CA ALA B 159 -12.38 7.92 -42.42
C ALA B 159 -11.23 7.26 -41.65
N HIS B 160 -10.76 7.91 -40.59
CA HIS B 160 -9.64 7.40 -39.78
C HIS B 160 -9.83 7.63 -38.30
N LEU B 161 -9.50 6.63 -37.49
CA LEU B 161 -9.75 6.67 -36.06
C LEU B 161 -8.57 6.12 -35.26
N ALA B 162 -8.19 6.82 -34.19
CA ALA B 162 -7.21 6.31 -33.24
C ALA B 162 -7.75 6.31 -31.80
N GLU B 163 -8.10 5.12 -31.31
CA GLU B 163 -8.56 4.94 -29.94
C GLU B 163 -7.35 4.58 -29.10
N GLY B 164 -7.26 5.17 -27.91
CA GLY B 164 -6.10 4.95 -27.06
C GLY B 164 -6.26 5.43 -25.63
N CYS B 165 -5.30 5.00 -24.81
CA CYS B 165 -5.27 5.31 -23.40
C CYS B 165 -3.84 5.26 -22.89
N PHE B 166 -3.47 6.20 -22.02
CA PHE B 166 -2.13 6.22 -21.49
C PHE B 166 -1.94 7.11 -20.28
N GLU B 167 -0.85 6.84 -19.56
CA GLU B 167 -0.59 7.46 -18.29
C GLU B 167 0.36 8.61 -18.41
N ILE B 168 0.00 9.71 -17.75
CA ILE B 168 0.92 10.81 -17.50
C ILE B 168 1.17 10.87 -15.99
N GLY B 169 2.44 10.77 -15.59
CA GLY B 169 2.82 10.71 -14.18
C GLY B 169 2.89 12.09 -13.53
N GLY B 170 2.99 12.10 -12.20
CA GLY B 170 3.06 13.37 -11.41
C GLY B 170 4.33 14.20 -11.65
N GLN B 171 4.67 15.06 -10.70
CA GLN B 171 5.97 15.76 -10.72
C GLN B 171 6.14 16.57 -9.44
N GLU B 172 7.28 16.36 -8.78
CA GLU B 172 7.67 17.13 -7.63
C GLU B 172 8.58 18.30 -8.05
N HIS B 173 8.17 19.50 -7.67
CA HIS B 173 8.87 20.77 -7.84
C HIS B 173 10.38 20.77 -7.65
N PHE B 174 10.83 20.33 -6.48
CA PHE B 174 12.24 20.37 -6.18
C PHE B 174 12.83 21.74 -6.47
N TYR B 175 12.13 22.77 -5.98
CA TYR B 175 12.66 24.10 -5.77
C TYR B 175 13.87 23.92 -4.85
N LEU B 176 15.00 24.49 -5.25
CA LEU B 176 16.21 24.28 -4.49
C LEU B 176 16.11 24.83 -3.07
N GLU B 177 15.43 25.95 -2.88
CA GLU B 177 15.10 26.47 -1.54
C GLU B 177 13.79 25.79 -1.09
N GLY B 178 13.88 25.03 0.00
CA GLY B 178 12.72 24.32 0.53
C GLY B 178 11.71 25.29 1.07
N GLN B 179 10.49 24.81 1.37
CA GLN B 179 9.45 25.59 2.07
C GLN B 179 10.00 26.14 3.37
N ALA B 180 9.55 27.33 3.75
CA ALA B 180 10.10 28.05 4.93
C ALA B 180 9.36 29.34 5.33
N ALA B 181 9.32 29.62 6.64
CA ALA B 181 8.61 30.80 7.19
C ALA B 181 9.16 31.24 8.55
N LEU B 182 8.83 32.47 8.93
CA LEU B 182 9.28 33.08 10.17
C LEU B 182 8.22 34.06 10.64
N ALA B 183 7.82 33.93 11.90
CA ALA B 183 6.76 34.76 12.44
C ALA B 183 7.31 35.56 13.60
N LEU B 184 7.09 36.87 13.53
CA LEU B 184 7.56 37.78 14.55
C LEU B 184 6.34 38.39 15.22
N PRO B 185 6.09 38.01 16.49
CA PRO B 185 5.09 38.68 17.31
C PRO B 185 5.43 40.17 17.40
N ALA B 186 4.45 41.03 17.13
CA ALA B 186 4.69 42.45 17.11
C ALA B 186 3.49 43.14 17.74
N GLU B 187 3.59 43.37 19.05
CA GLU B 187 2.54 43.93 19.89
C GLU B 187 1.19 43.93 19.20
N GLY B 188 0.31 43.03 19.62
CA GLY B 188 -1.03 43.00 19.10
C GLY B 188 -1.11 42.18 17.84
N GLY B 189 -0.13 42.32 16.94
CA GLY B 189 -0.15 41.63 15.67
C GLY B 189 1.05 40.76 15.41
N VAL B 190 1.21 40.34 14.17
CA VAL B 190 2.36 39.52 13.79
C VAL B 190 2.96 39.94 12.45
N VAL B 191 4.23 39.60 12.26
CA VAL B 191 4.86 39.84 10.99
C VAL B 191 5.35 38.50 10.50
N ILE B 192 5.01 38.17 9.26
CA ILE B 192 5.41 36.92 8.64
C ILE B 192 6.39 37.20 7.51
N HIS B 193 7.53 36.51 7.56
CA HIS B 193 8.45 36.39 6.45
C HIS B 193 8.31 34.97 6.01
N CYS B 194 8.27 34.74 4.70
CA CYS B 194 8.19 33.38 4.23
C CYS B 194 8.62 33.25 2.78
N SER B 195 8.87 32.01 2.36
CA SER B 195 9.20 31.67 1.01
C SER B 195 7.88 31.43 0.25
N SER B 196 7.14 32.48 -0.09
CA SER B 196 5.84 32.24 -0.74
C SER B 196 5.57 33.01 -2.03
N GLN B 197 4.81 32.38 -2.94
CA GLN B 197 4.29 33.04 -4.13
C GLN B 197 3.00 33.79 -3.88
N HIS B 198 2.42 33.65 -2.68
CA HIS B 198 1.14 34.29 -2.42
C HIS B 198 0.98 34.94 -1.04
N PRO B 199 1.74 36.04 -0.80
CA PRO B 199 1.75 36.66 0.52
C PRO B 199 0.37 37.01 1.08
N SER B 200 -0.53 37.50 0.21
CA SER B 200 -1.90 37.94 0.62
C SER B 200 -2.75 36.77 1.14
N GLU B 201 -2.57 35.59 0.57
CA GLU B 201 -3.21 34.39 1.06
C GLU B 201 -2.60 33.94 2.37
N ILE B 202 -1.30 34.17 2.52
CA ILE B 202 -0.61 33.89 3.77
C ILE B 202 -1.24 34.76 4.86
N GLN B 203 -1.56 35.99 4.49
CA GLN B 203 -2.02 36.99 5.43
C GLN B 203 -3.40 36.54 5.90
N HIS B 204 -4.22 36.20 4.92
CA HIS B 204 -5.57 35.70 5.12
C HIS B 204 -5.56 34.53 6.12
N LYS B 205 -4.74 33.52 5.80
CA LYS B 205 -4.67 32.29 6.56
C LYS B 205 -4.15 32.46 7.97
N VAL B 206 -3.04 33.18 8.09
CA VAL B 206 -2.42 33.42 9.39
C VAL B 206 -3.38 34.21 10.29
N ALA B 207 -4.07 35.16 9.69
CA ALA B 207 -5.06 35.97 10.38
C ALA B 207 -6.13 35.09 10.99
N HIS B 208 -6.74 34.23 10.17
CA HIS B 208 -7.81 33.38 10.63
C HIS B 208 -7.32 32.41 11.69
N ALA B 209 -6.13 31.86 11.47
CA ALA B 209 -5.52 30.97 12.41
C ALA B 209 -5.49 31.62 13.77
N LEU B 210 -5.21 32.93 13.77
CA LEU B 210 -4.93 33.69 14.98
C LEU B 210 -6.10 34.42 15.57
N GLY B 211 -7.18 34.57 14.83
CA GLY B 211 -8.31 35.41 15.29
C GLY B 211 -8.16 36.91 15.06
N LEU B 212 -7.20 37.32 14.24
CA LEU B 212 -6.92 38.75 14.03
C LEU B 212 -7.63 39.30 12.81
N ALA B 213 -7.99 40.56 12.80
CA ALA B 213 -8.34 41.23 11.55
C ALA B 213 -7.10 41.31 10.64
N PHE B 214 -7.34 41.39 9.32
CA PHE B 214 -6.26 41.35 8.33
C PHE B 214 -5.25 42.45 8.58
N HIS B 215 -5.74 43.63 8.95
CA HIS B 215 -4.83 44.72 9.25
C HIS B 215 -3.84 44.47 10.41
N ASP B 216 -3.79 43.25 10.96
CA ASP B 216 -2.84 42.96 12.04
C ASP B 216 -1.79 41.95 11.67
N VAL B 217 -1.79 41.58 10.40
CA VAL B 217 -0.96 40.54 9.90
C VAL B 217 -0.27 41.14 8.69
N ARG B 218 1.04 41.04 8.66
CA ARG B 218 1.82 41.65 7.62
C ARG B 218 2.72 40.59 7.03
N VAL B 219 2.80 40.59 5.70
CA VAL B 219 3.62 39.57 5.03
C VAL B 219 4.65 40.25 4.13
N GLU B 220 5.91 40.03 4.47
CA GLU B 220 7.01 40.55 3.72
C GLU B 220 7.69 39.35 3.08
N MET B 221 8.17 39.51 1.85
CA MET B 221 8.78 38.41 1.12
C MET B 221 9.65 38.98 -0.04
N ARG B 222 10.97 38.76 0.01
CA ARG B 222 11.88 39.47 -0.92
C ARG B 222 12.17 38.66 -2.18
N ARG B 223 12.21 37.34 -2.01
CA ARG B 223 12.60 36.40 -3.06
C ARG B 223 12.48 34.96 -2.54
N MET B 224 12.18 34.02 -3.44
CA MET B 224 12.22 32.59 -3.17
C MET B 224 13.35 32.00 -3.96
N GLY B 225 14.06 31.03 -3.39
CA GLY B 225 14.95 30.15 -4.18
C GLY B 225 14.14 29.13 -4.97
N GLY B 226 13.27 29.60 -5.86
CA GLY B 226 12.37 28.72 -6.64
C GLY B 226 10.98 28.49 -6.03
N GLY B 227 9.98 28.28 -6.88
CA GLY B 227 8.59 28.00 -6.42
C GLY B 227 7.80 27.09 -7.36
N PHE B 228 7.79 27.44 -8.64
CA PHE B 228 7.15 26.68 -9.73
C PHE B 228 5.70 26.22 -9.46
N GLY B 229 4.95 27.01 -8.68
CA GLY B 229 3.62 26.61 -8.28
C GLY B 229 3.64 25.98 -6.90
N GLY B 230 4.75 25.30 -6.57
CA GLY B 230 4.94 24.61 -5.29
C GLY B 230 4.70 25.49 -4.09
N LYS B 231 5.01 26.78 -4.26
CA LYS B 231 4.80 27.77 -3.21
C LYS B 231 3.60 28.66 -3.49
N GLU B 232 2.69 28.21 -4.36
CA GLU B 232 1.45 28.96 -4.54
C GLU B 232 0.48 28.81 -3.36
N SER B 233 0.57 27.75 -2.58
CA SER B 233 -0.29 27.62 -1.42
C SER B 233 0.33 26.79 -0.29
N GLN B 234 1.28 25.92 -0.64
CA GLN B 234 1.84 24.97 0.32
C GLN B 234 2.65 25.68 1.39
N GLY B 235 2.83 27.00 1.24
CA GLY B 235 3.44 27.80 2.28
C GLY B 235 2.51 28.01 3.46
N ASN B 236 1.21 27.80 3.26
CA ASN B 236 0.22 28.02 4.32
C ASN B 236 0.45 27.29 5.64
N HIS B 237 0.77 26.01 5.59
CA HIS B 237 0.91 25.22 6.82
C HIS B 237 2.07 25.70 7.68
N LEU B 238 3.14 26.10 7.03
CA LEU B 238 4.31 26.61 7.73
C LEU B 238 4.00 27.93 8.44
N ALA B 239 3.42 28.86 7.68
CA ALA B 239 3.12 30.20 8.21
C ALA B 239 2.12 30.08 9.38
N ILE B 240 1.01 29.38 9.19
CA ILE B 240 0.12 29.10 10.32
C ILE B 240 0.89 28.53 11.55
N ALA B 241 1.67 27.47 11.32
CA ALA B 241 2.46 26.84 12.36
C ALA B 241 3.31 27.86 13.12
N CYS B 242 4.02 28.73 12.40
CA CYS B 242 4.84 29.74 13.03
C CYS B 242 4.02 30.72 13.86
N ALA B 243 2.96 31.23 13.24
CA ALA B 243 2.10 32.22 13.88
C ALA B 243 1.49 31.67 15.18
N VAL B 244 0.73 30.58 15.08
CA VAL B 244 0.14 29.92 16.23
C VAL B 244 1.19 29.68 17.34
N ALA B 245 2.31 29.06 16.98
CA ALA B 245 3.38 28.81 17.95
C ALA B 245 4.00 30.10 18.55
N ALA B 246 3.99 31.19 17.78
CA ALA B 246 4.56 32.46 18.27
C ALA B 246 3.63 33.06 19.29
N ARG B 247 2.34 33.08 18.94
CA ARG B 247 1.29 33.52 19.83
C ARG B 247 1.35 32.83 21.19
N ALA B 248 1.68 31.53 21.18
CA ALA B 248 1.69 30.76 22.41
C ALA B 248 3.01 30.96 23.17
N THR B 249 4.12 30.70 22.52
CA THR B 249 5.41 30.78 23.17
C THR B 249 5.84 32.18 23.56
N GLY B 250 5.26 33.22 22.95
CA GLY B 250 5.74 34.58 23.18
C GLY B 250 6.96 34.94 22.35
N ARG B 251 7.63 33.96 21.75
CA ARG B 251 8.86 34.26 21.07
C ARG B 251 8.74 34.07 19.56
N PRO B 252 9.66 34.66 18.77
CA PRO B 252 9.66 34.42 17.32
C PRO B 252 9.76 32.93 17.02
N CYS B 253 9.26 32.47 15.88
CA CYS B 253 9.29 31.04 15.54
C CYS B 253 9.63 30.86 14.09
N LYS B 254 10.62 30.01 13.80
CA LYS B 254 10.92 29.66 12.42
C LYS B 254 10.62 28.18 12.15
N MET B 255 10.23 27.88 10.90
CA MET B 255 10.06 26.52 10.42
C MET B 255 10.43 26.42 8.93
N ARG B 256 11.43 25.60 8.64
CA ARG B 256 11.78 25.19 7.29
C ARG B 256 11.66 23.65 7.22
N TYR B 257 10.88 23.13 6.26
CA TYR B 257 10.86 21.70 5.98
C TYR B 257 12.22 21.22 5.57
N ASP B 258 12.73 20.22 6.27
CA ASP B 258 13.81 19.39 5.79
C ASP B 258 13.32 18.66 4.53
N ARG B 259 14.20 18.48 3.55
CA ARG B 259 13.84 17.97 2.21
C ARG B 259 12.89 16.77 2.17
N ASP B 260 13.24 15.72 2.90
CA ASP B 260 12.36 14.56 3.03
C ASP B 260 10.95 15.00 3.46
N ASP B 261 10.85 15.82 4.52
CA ASP B 261 9.53 16.30 4.98
C ASP B 261 8.81 17.01 3.85
N ASP B 262 9.60 17.75 3.07
CA ASP B 262 9.08 18.57 2.01
C ASP B 262 8.35 17.70 0.98
N MET B 263 8.99 16.60 0.55
CA MET B 263 8.41 15.73 -0.46
C MET B 263 7.28 14.86 0.09
N VAL B 264 7.36 14.54 1.37
CA VAL B 264 6.32 13.74 2.00
C VAL B 264 5.09 14.61 2.24
N ILE B 265 5.29 15.86 2.65
CA ILE B 265 4.14 16.69 3.04
C ILE B 265 3.47 17.37 1.83
N THR B 266 4.27 18.07 1.03
CA THR B 266 3.72 18.99 0.02
C THR B 266 3.11 18.22 -1.13
N GLY B 267 2.11 18.80 -1.80
CA GLY B 267 1.53 18.22 -3.01
C GLY B 267 2.49 18.26 -4.21
N LYS B 268 2.08 17.63 -5.30
CA LYS B 268 2.87 17.64 -6.53
C LYS B 268 1.94 17.93 -7.70
N ARG B 269 2.44 17.69 -8.91
CA ARG B 269 1.63 17.85 -10.11
C ARG B 269 0.68 16.67 -10.24
N HIS B 270 -0.60 16.99 -10.45
CA HIS B 270 -1.63 16.01 -10.80
C HIS B 270 -1.15 15.06 -11.92
N ASP B 271 -0.97 13.78 -11.58
CA ASP B 271 -0.85 12.71 -12.59
C ASP B 271 -2.20 12.43 -13.22
N PHE B 272 -2.19 12.13 -14.52
CA PHE B 272 -3.40 11.86 -15.29
C PHE B 272 -3.35 10.46 -15.95
N ARG B 273 -4.52 9.82 -16.04
CA ARG B 273 -4.77 8.85 -17.10
C ARG B 273 -5.61 9.58 -18.14
N ILE B 274 -5.17 9.52 -19.39
CA ILE B 274 -5.97 10.08 -20.48
C ILE B 274 -6.33 8.97 -21.45
N ARG B 275 -7.62 8.97 -21.79
CA ARG B 275 -8.22 8.01 -22.69
C ARG B 275 -8.81 8.87 -23.78
N TYR B 276 -8.57 8.49 -25.03
CA TYR B 276 -8.94 9.35 -26.16
C TYR B 276 -9.46 8.58 -27.35
N ARG B 277 -10.36 9.21 -28.11
CA ARG B 277 -10.73 8.73 -29.42
C ARG B 277 -10.63 9.93 -30.33
N ILE B 278 -9.90 9.80 -31.44
CA ILE B 278 -9.70 10.92 -32.36
C ILE B 278 -9.90 10.51 -33.82
N GLY B 279 -10.61 11.33 -34.59
CA GLY B 279 -10.95 10.98 -35.96
C GLY B 279 -10.68 12.03 -37.02
N ALA B 280 -10.30 11.58 -38.20
CA ALA B 280 -10.08 12.48 -39.32
C ALA B 280 -10.78 11.99 -40.56
N ASP B 281 -11.11 12.91 -41.45
CA ASP B 281 -11.52 12.57 -42.80
C ASP B 281 -10.29 12.09 -43.61
N ALA B 282 -10.51 11.77 -44.89
CA ALA B 282 -9.44 11.26 -45.75
C ALA B 282 -8.45 12.33 -46.25
N SER B 283 -8.81 13.61 -46.09
CA SER B 283 -7.86 14.70 -46.38
C SER B 283 -6.88 14.93 -45.21
N GLY B 284 -7.28 14.53 -44.01
CA GLY B 284 -6.41 14.64 -42.84
C GLY B 284 -6.87 15.73 -41.89
N LYS B 285 -8.01 16.32 -42.18
CA LYS B 285 -8.62 17.29 -41.29
C LYS B 285 -9.30 16.52 -40.18
N LEU B 286 -9.13 17.02 -38.95
CA LEU B 286 -9.77 16.42 -37.80
C LEU B 286 -11.27 16.54 -37.88
N LEU B 287 -11.96 15.47 -37.52
CA LEU B 287 -13.40 15.54 -37.40
C LEU B 287 -13.79 15.72 -35.96
N GLY B 288 -13.12 15.03 -35.06
CA GLY B 288 -13.55 15.03 -33.67
C GLY B 288 -12.57 14.35 -32.74
N ALA B 289 -12.69 14.71 -31.47
CA ALA B 289 -11.79 14.22 -30.45
C ALA B 289 -12.61 14.05 -29.19
N ASP B 290 -12.56 12.88 -28.60
CA ASP B 290 -13.26 12.63 -27.36
C ASP B 290 -12.29 12.22 -26.26
N PHE B 291 -12.22 13.00 -25.19
CA PHE B 291 -11.27 12.73 -24.11
C PHE B 291 -11.96 12.43 -22.83
N VAL B 292 -11.38 11.52 -22.06
CA VAL B 292 -11.74 11.39 -20.66
C VAL B 292 -10.48 11.58 -19.81
N HIS B 293 -10.58 12.49 -18.82
CA HIS B 293 -9.47 12.84 -17.92
C HIS B 293 -9.70 12.27 -16.54
N LEU B 294 -8.74 11.47 -16.09
CA LEU B 294 -8.71 10.98 -14.73
C LEU B 294 -7.50 11.59 -14.04
N ALA B 295 -7.78 12.51 -13.11
CA ALA B 295 -6.71 13.28 -12.47
C ALA B 295 -6.67 12.95 -11.00
N ARG B 296 -5.45 12.75 -10.49
CA ARG B 296 -5.20 12.47 -9.08
C ARG B 296 -5.04 13.74 -8.26
N CYS B 297 -5.99 14.02 -7.37
CA CYS B 297 -5.99 15.30 -6.66
C CYS B 297 -5.43 15.25 -5.26
N GLY B 298 -5.11 14.05 -4.81
CA GLY B 298 -4.77 13.87 -3.41
C GLY B 298 -5.99 14.01 -2.51
N TRP B 299 -5.69 14.21 -1.23
CA TRP B 299 -6.65 14.00 -0.17
C TRP B 299 -7.58 15.18 0.09
N SER B 300 -7.17 16.38 -0.33
CA SER B 300 -7.97 17.59 -0.15
C SER B 300 -7.96 18.39 -1.45
N ALA B 301 -8.92 19.31 -1.58
CA ALA B 301 -9.16 19.98 -2.86
C ALA B 301 -7.97 20.79 -3.37
N ASP B 302 -7.33 21.56 -2.47
CA ASP B 302 -6.24 22.49 -2.83
C ASP B 302 -6.63 23.34 -4.03
N LEU B 303 -5.89 23.23 -5.14
CA LEU B 303 -6.18 24.00 -6.35
C LEU B 303 -6.52 23.08 -7.52
N SER B 304 -6.77 21.81 -7.18
CA SER B 304 -7.25 20.79 -8.09
C SER B 304 -8.39 21.24 -9.04
N LEU B 305 -9.39 21.95 -8.52
CA LEU B 305 -10.51 22.39 -9.34
C LEU B 305 -10.03 23.23 -10.54
N PRO B 306 -9.28 24.32 -10.26
CA PRO B 306 -8.84 25.08 -11.42
C PRO B 306 -7.82 24.32 -12.27
N VAL B 307 -6.90 23.56 -11.66
CA VAL B 307 -5.91 22.82 -12.44
C VAL B 307 -6.61 21.99 -13.52
N CYS B 308 -7.58 21.20 -13.08
CA CYS B 308 -8.33 20.33 -13.96
C CYS B 308 -9.12 21.10 -15.00
N ASP B 309 -9.69 22.22 -14.60
CA ASP B 309 -10.31 23.13 -15.55
C ASP B 309 -9.36 23.55 -16.67
N ARG B 310 -8.07 23.65 -16.36
CA ARG B 310 -7.14 24.18 -17.36
C ARG B 310 -6.70 23.10 -18.33
N ALA B 311 -6.62 21.86 -17.84
CA ALA B 311 -6.38 20.71 -18.69
C ALA B 311 -7.48 20.65 -19.76
N MET B 312 -8.74 20.67 -19.32
CA MET B 312 -9.87 20.67 -20.24
C MET B 312 -9.69 21.76 -21.30
N LEU B 313 -9.53 23.00 -20.84
CA LEU B 313 -9.28 24.17 -21.71
C LEU B 313 -8.14 23.97 -22.72
N HIS B 314 -7.15 23.13 -22.38
CA HIS B 314 -5.99 22.89 -23.24
C HIS B 314 -6.00 21.58 -24.06
N ALA B 315 -7.18 20.93 -24.07
CA ALA B 315 -7.35 19.64 -24.73
C ALA B 315 -7.37 19.74 -26.26
N ASP B 316 -7.48 20.97 -26.78
CA ASP B 316 -7.43 21.24 -28.22
C ASP B 316 -6.00 21.23 -28.78
N GLY B 317 -5.01 21.16 -27.88
CA GLY B 317 -3.59 21.29 -28.28
C GLY B 317 -3.42 22.57 -29.10
N SER B 318 -2.85 22.43 -30.30
CA SER B 318 -2.74 23.58 -31.21
C SER B 318 -3.80 23.59 -32.32
N TYR B 319 -4.80 22.71 -32.21
CA TYR B 319 -5.58 22.34 -33.41
C TYR B 319 -7.04 22.71 -33.38
N PHE B 320 -7.55 23.15 -34.52
CA PHE B 320 -9.01 23.36 -34.66
C PHE B 320 -9.73 22.02 -34.73
N VAL B 321 -10.80 21.87 -33.94
CA VAL B 321 -11.53 20.61 -33.88
C VAL B 321 -13.03 20.88 -33.87
N PRO B 322 -13.76 20.40 -34.87
CA PRO B 322 -15.13 20.88 -34.99
C PRO B 322 -16.09 20.25 -33.98
N ALA B 323 -15.66 19.14 -33.37
CA ALA B 323 -16.44 18.50 -32.34
C ALA B 323 -15.49 17.91 -31.31
N LEU B 324 -15.71 18.27 -30.06
CA LEU B 324 -14.78 17.85 -29.03
C LEU B 324 -15.51 17.74 -27.71
N ARG B 325 -15.18 16.72 -26.92
CA ARG B 325 -15.77 16.57 -25.60
C ARG B 325 -14.72 16.15 -24.54
N ILE B 326 -14.81 16.72 -23.33
CA ILE B 326 -13.94 16.28 -22.24
C ILE B 326 -14.79 15.88 -21.03
N GLU B 327 -14.39 14.78 -20.38
CA GLU B 327 -15.03 14.33 -19.17
C GLU B 327 -13.96 14.27 -18.08
N SER B 328 -14.08 15.17 -17.13
CA SER B 328 -12.99 15.39 -16.23
C SER B 328 -13.35 14.91 -14.85
N HIS B 329 -12.69 13.84 -14.44
CA HIS B 329 -12.85 13.29 -13.11
C HIS B 329 -11.69 13.74 -12.25
N ARG B 330 -12.01 14.45 -11.20
CA ARG B 330 -11.00 14.91 -10.28
C ARG B 330 -11.14 14.01 -9.06
N LEU B 331 -10.33 12.97 -9.03
CA LEU B 331 -10.57 11.90 -8.07
C LEU B 331 -9.79 12.12 -6.80
N ARG B 332 -10.47 11.92 -5.68
CA ARG B 332 -9.84 11.98 -4.37
C ARG B 332 -9.06 10.70 -4.07
N THR B 333 -7.83 10.84 -3.56
CA THR B 333 -7.02 9.70 -3.10
C THR B 333 -6.32 10.03 -1.78
N ASN B 334 -5.96 9.01 -1.02
CA ASN B 334 -5.23 9.25 0.23
C ASN B 334 -3.75 9.42 -0.07
N THR B 335 -3.45 10.50 -0.76
CA THR B 335 -2.07 10.86 -1.09
C THR B 335 -1.99 12.38 -1.11
N GLN B 336 -0.74 12.85 -1.01
CA GLN B 336 -0.37 14.27 -1.22
C GLN B 336 -1.36 15.05 -2.07
N SER B 337 -2.02 16.04 -1.45
CA SER B 337 -2.95 16.94 -2.11
C SER B 337 -2.29 17.74 -3.23
N ASN B 338 -2.47 17.27 -4.46
CA ASN B 338 -1.81 17.91 -5.58
C ASN B 338 -2.23 19.36 -5.78
N THR B 339 -1.36 20.12 -6.42
CA THR B 339 -1.39 21.58 -6.36
C THR B 339 -0.95 22.15 -7.67
N ALA B 340 -0.65 23.44 -7.70
CA ALA B 340 -0.07 24.06 -8.89
C ALA B 340 1.36 23.64 -9.12
N PHE B 341 1.71 23.60 -10.41
CA PHE B 341 3.06 23.39 -10.92
C PHE B 341 3.05 23.97 -12.32
N ARG B 342 4.05 24.82 -12.61
CA ARG B 342 4.29 25.40 -13.93
C ARG B 342 3.48 24.71 -15.04
N GLY B 343 2.48 25.40 -15.57
CA GLY B 343 1.59 24.81 -16.57
C GLY B 343 0.16 24.64 -16.10
N PHE B 344 0.03 24.29 -14.81
CA PHE B 344 -1.28 24.32 -14.10
C PHE B 344 -2.40 23.52 -14.81
N GLY B 345 -2.18 22.23 -15.08
CA GLY B 345 -3.14 21.45 -15.86
C GLY B 345 -2.92 21.55 -17.36
N GLY B 346 -2.28 22.64 -17.78
CA GLY B 346 -2.08 22.91 -19.21
C GLY B 346 -1.35 21.82 -19.94
N PRO B 347 -0.15 21.45 -19.46
CA PRO B 347 0.65 20.47 -20.20
C PRO B 347 0.01 19.08 -20.25
N GLN B 348 -0.85 18.76 -19.27
CA GLN B 348 -1.53 17.46 -19.20
C GLN B 348 -2.56 17.30 -20.32
N GLY B 349 -3.52 18.23 -20.40
CA GLY B 349 -4.50 18.29 -21.47
C GLY B 349 -3.77 18.34 -22.80
N ALA B 350 -2.76 19.20 -22.89
CA ALA B 350 -2.00 19.37 -24.14
C ALA B 350 -1.40 18.06 -24.62
N LEU B 351 -0.74 17.34 -23.70
CA LEU B 351 -0.09 16.06 -24.00
C LEU B 351 -1.09 14.97 -24.41
N GLY B 352 -2.22 14.89 -23.70
CA GLY B 352 -3.32 14.01 -24.06
C GLY B 352 -3.64 14.15 -25.54
N MET B 353 -3.90 15.39 -25.98
CA MET B 353 -4.18 15.69 -27.38
C MET B 353 -2.98 15.41 -28.29
N GLU B 354 -1.78 15.77 -27.86
CA GLU B 354 -0.60 15.54 -28.70
C GLU B 354 -0.31 14.06 -28.91
N ARG B 355 -0.70 13.25 -27.94
CA ARG B 355 -0.55 11.81 -28.04
C ARG B 355 -1.57 11.28 -29.05
N ALA B 356 -2.82 11.73 -28.93
CA ALA B 356 -3.91 11.36 -29.82
C ALA B 356 -3.58 11.67 -31.29
N ILE B 357 -3.05 12.86 -31.55
CA ILE B 357 -2.74 13.25 -32.91
C ILE B 357 -1.52 12.50 -33.46
N GLU B 358 -0.61 12.11 -32.57
CA GLU B 358 0.52 11.27 -32.96
C GLU B 358 0.01 9.91 -33.42
N HIS B 359 -0.87 9.33 -32.60
CA HIS B 359 -1.54 8.07 -32.88
C HIS B 359 -2.19 8.12 -34.26
N LEU B 360 -3.18 8.98 -34.44
CA LEU B 360 -3.87 9.15 -35.73
C LEU B 360 -2.87 9.19 -36.89
N ALA B 361 -1.90 10.10 -36.81
CA ALA B 361 -0.83 10.20 -37.82
C ALA B 361 -0.17 8.87 -38.11
N ARG B 362 0.31 8.19 -37.07
CA ARG B 362 0.94 6.88 -37.23
C ARG B 362 -0.04 5.93 -37.89
N GLY B 363 -1.26 5.93 -37.38
CA GLY B 363 -2.31 5.00 -37.80
C GLY B 363 -2.76 5.13 -39.23
N MET B 364 -2.68 6.32 -39.81
CA MET B 364 -2.92 6.44 -41.23
C MET B 364 -1.61 6.55 -41.99
N GLY B 365 -0.50 6.21 -41.31
CA GLY B 365 0.83 6.26 -41.88
C GLY B 365 1.13 7.57 -42.58
N ARG B 366 0.87 8.67 -41.89
CA ARG B 366 1.18 10.00 -42.40
C ARG B 366 2.30 10.60 -41.55
N ASP B 367 3.02 11.57 -42.12
CA ASP B 367 4.02 12.34 -41.37
C ASP B 367 3.29 13.19 -40.31
N PRO B 368 3.65 13.01 -39.03
CA PRO B 368 2.87 13.64 -37.96
C PRO B 368 2.94 15.16 -38.06
N ALA B 369 4.14 15.67 -38.33
CA ALA B 369 4.36 17.10 -38.47
C ALA B 369 3.37 17.69 -39.47
N GLU B 370 3.34 17.13 -40.67
CA GLU B 370 2.41 17.57 -41.69
C GLU B 370 0.96 17.56 -41.22
N LEU B 371 0.56 16.49 -40.52
CA LEU B 371 -0.83 16.34 -40.04
C LEU B 371 -1.23 17.42 -39.02
N ARG B 372 -0.31 17.71 -38.10
CA ARG B 372 -0.45 18.85 -37.17
C ARG B 372 -0.56 20.17 -37.93
N ALA B 373 0.39 20.40 -38.85
CA ALA B 373 0.45 21.63 -39.61
C ALA B 373 -0.86 21.85 -40.37
N LEU B 374 -1.44 20.75 -40.83
CA LEU B 374 -2.73 20.75 -41.50
C LEU B 374 -3.89 21.16 -40.57
N ASN B 375 -3.69 21.03 -39.26
CA ASN B 375 -4.77 21.27 -38.31
C ASN B 375 -4.52 22.40 -37.30
N PHE B 376 -3.46 23.18 -37.50
CA PHE B 376 -3.30 24.40 -36.72
C PHE B 376 -4.53 25.28 -36.94
N TYR B 377 -4.88 26.09 -35.94
CA TYR B 377 -5.87 27.16 -36.14
C TYR B 377 -5.37 28.10 -37.23
N ASP B 378 -6.30 28.70 -37.98
CA ASP B 378 -5.93 29.58 -39.10
C ASP B 378 -5.14 30.77 -38.62
N PRO B 379 -4.22 31.26 -39.48
CA PRO B 379 -3.55 32.56 -39.37
C PRO B 379 -4.53 33.71 -39.11
N PRO B 380 -4.04 34.84 -38.58
CA PRO B 380 -4.94 35.95 -38.29
C PRO B 380 -5.38 36.68 -39.56
N GLU B 381 -6.69 36.99 -39.64
CA GLU B 381 -7.39 37.58 -40.80
C GLU B 381 -8.79 36.99 -41.00
N LYS B 398 -14.65 35.41 -43.38
CA LYS B 398 -15.76 35.23 -42.45
C LYS B 398 -15.36 34.67 -41.06
N LYS B 399 -16.33 34.68 -40.13
CA LYS B 399 -16.17 34.31 -38.71
C LYS B 399 -14.99 33.41 -38.31
N THR B 400 -14.14 33.95 -37.42
CA THR B 400 -12.92 33.31 -36.89
C THR B 400 -13.21 31.94 -36.27
N GLN B 401 -12.27 31.01 -36.43
CA GLN B 401 -12.34 29.73 -35.71
C GLN B 401 -12.38 29.94 -34.19
N THR B 402 -13.21 29.18 -33.49
CA THR B 402 -13.22 29.24 -32.04
C THR B 402 -12.58 27.99 -31.44
N THR B 403 -12.27 28.05 -30.15
CA THR B 403 -11.83 26.88 -29.39
C THR B 403 -13.07 26.06 -29.03
N HIS B 404 -12.87 24.90 -28.38
CA HIS B 404 -14.01 24.17 -27.84
C HIS B 404 -14.81 24.91 -26.80
N TYR B 405 -14.14 25.74 -26.00
CA TYR B 405 -14.86 26.60 -25.07
C TYR B 405 -15.44 27.84 -25.77
N GLY B 406 -15.13 27.99 -27.05
CA GLY B 406 -15.75 29.07 -27.82
C GLY B 406 -15.02 30.40 -27.81
N GLN B 407 -13.74 30.40 -27.46
CA GLN B 407 -12.92 31.60 -27.61
C GLN B 407 -12.33 31.66 -29.02
N GLU B 408 -12.57 32.79 -29.68
CA GLU B 408 -11.95 33.08 -30.96
C GLU B 408 -10.45 33.06 -30.87
N VAL B 409 -9.82 32.41 -31.83
CA VAL B 409 -8.36 32.33 -31.88
C VAL B 409 -7.86 33.22 -33.02
N ALA B 410 -7.41 34.43 -32.71
CA ALA B 410 -7.09 35.42 -33.74
C ALA B 410 -5.61 35.80 -33.80
N ASP B 411 -4.79 35.13 -32.99
CA ASP B 411 -3.37 35.44 -32.86
C ASP B 411 -2.49 34.27 -33.23
N CYS B 412 -3.08 33.26 -33.82
CA CYS B 412 -2.36 32.04 -34.13
C CYS B 412 -1.32 32.19 -35.23
N VAL B 413 -0.07 32.41 -34.83
CA VAL B 413 1.05 32.49 -35.80
C VAL B 413 1.73 31.15 -36.05
N LEU B 414 1.11 30.09 -35.52
CA LEU B 414 1.77 28.80 -35.44
C LEU B 414 2.23 28.21 -36.76
N GLY B 415 1.41 28.35 -37.80
CA GLY B 415 1.75 27.85 -39.13
C GLY B 415 3.10 28.36 -39.60
N GLU B 416 3.30 29.67 -39.46
CA GLU B 416 4.52 30.29 -39.98
C GLU B 416 5.74 30.00 -39.11
N LEU B 417 5.54 30.10 -37.80
CA LEU B 417 6.58 29.83 -36.82
C LEU B 417 7.18 28.44 -37.10
N VAL B 418 6.29 27.45 -37.22
CA VAL B 418 6.70 26.08 -37.48
C VAL B 418 7.48 25.97 -38.79
N THR B 419 7.03 26.67 -39.83
CA THR B 419 7.79 26.75 -41.10
C THR B 419 9.18 27.30 -40.86
N ARG B 420 9.26 28.47 -40.22
CA ARG B 420 10.53 29.12 -39.93
C ARG B 420 11.44 28.18 -39.12
N LEU B 421 10.85 27.48 -38.15
CA LEU B 421 11.63 26.65 -37.26
C LEU B 421 12.18 25.47 -38.03
N GLN B 422 11.33 24.91 -38.89
CA GLN B 422 11.68 23.74 -39.69
C GLN B 422 12.86 24.00 -40.62
N LYS B 423 12.86 25.10 -41.37
CA LYS B 423 14.06 25.42 -42.17
C LYS B 423 15.32 25.67 -41.34
N SER B 424 15.19 26.52 -40.31
CA SER B 424 16.36 26.90 -39.50
C SER B 424 16.93 25.74 -38.67
N ALA B 425 16.08 24.77 -38.31
CA ALA B 425 16.49 23.49 -37.68
C ALA B 425 17.00 22.42 -38.67
N ASN B 426 16.85 22.68 -39.97
CA ASN B 426 17.27 21.74 -41.02
C ASN B 426 16.45 20.44 -40.92
N PHE B 427 15.13 20.59 -40.77
CA PHE B 427 14.23 19.49 -40.34
C PHE B 427 14.15 18.33 -41.31
N THR B 428 13.77 18.60 -42.56
CA THR B 428 13.66 17.57 -43.59
C THR B 428 14.93 16.74 -43.69
N THR B 429 16.02 17.38 -44.11
CA THR B 429 17.30 16.69 -44.27
C THR B 429 17.60 15.78 -43.08
N ARG B 430 17.56 16.34 -41.87
CA ARG B 430 17.92 15.61 -40.66
C ARG B 430 17.13 14.30 -40.50
N ARG B 431 15.86 14.32 -40.91
CA ARG B 431 15.01 13.16 -40.74
C ARG B 431 15.52 12.01 -41.61
N ALA B 432 15.91 12.34 -42.85
CA ALA B 432 16.55 11.38 -43.74
C ALA B 432 17.85 10.90 -43.13
N GLU B 433 18.69 11.85 -42.70
CA GLU B 433 19.92 11.50 -42.00
C GLU B 433 19.69 10.47 -40.88
N ILE B 434 18.64 10.67 -40.08
CA ILE B 434 18.29 9.73 -39.00
C ILE B 434 17.84 8.35 -39.51
N ALA B 435 16.94 8.31 -40.49
CA ALA B 435 16.47 7.05 -41.12
C ALA B 435 17.66 6.16 -41.55
N ALA B 436 18.51 6.73 -42.42
CA ALA B 436 19.79 6.15 -42.82
C ALA B 436 20.59 5.60 -41.65
N TRP B 437 20.73 6.42 -40.61
CA TRP B 437 21.47 6.03 -39.43
C TRP B 437 20.81 4.81 -38.78
N ASN B 438 19.49 4.85 -38.61
CA ASN B 438 18.78 3.77 -37.95
C ASN B 438 19.00 2.47 -38.71
N SER B 439 18.83 2.55 -40.04
CA SER B 439 18.95 1.41 -40.96
C SER B 439 20.27 0.67 -40.84
N THR B 440 21.32 1.38 -40.43
CA THR B 440 22.66 0.82 -40.28
C THR B 440 22.90 0.36 -38.85
N ASN B 441 21.92 0.58 -37.97
CA ASN B 441 22.08 0.28 -36.55
C ASN B 441 21.07 -0.72 -36.05
N ARG B 442 21.44 -1.50 -35.04
CA ARG B 442 20.48 -2.41 -34.44
C ARG B 442 20.43 -2.39 -32.91
N THR B 443 21.42 -1.78 -32.28
CA THR B 443 21.42 -1.63 -30.82
C THR B 443 20.92 -0.25 -30.39
N LEU B 444 21.37 0.77 -31.12
CA LEU B 444 20.96 2.13 -30.82
C LEU B 444 19.98 2.58 -31.88
N ALA B 445 19.25 3.65 -31.61
CA ALA B 445 18.26 4.20 -32.55
C ALA B 445 17.86 5.63 -32.15
N ARG B 446 17.75 6.49 -33.17
CA ARG B 446 17.39 7.89 -33.02
C ARG B 446 15.96 8.18 -33.42
N GLY B 447 15.28 9.01 -32.62
CA GLY B 447 13.99 9.58 -33.02
C GLY B 447 14.03 11.09 -33.02
N ILE B 448 13.08 11.73 -33.71
CA ILE B 448 12.98 13.19 -33.74
C ILE B 448 11.51 13.61 -33.81
N ALA B 449 11.12 14.63 -33.05
CA ALA B 449 9.72 15.10 -33.08
C ALA B 449 9.61 16.61 -33.06
N LEU B 450 8.60 17.15 -33.73
CA LEU B 450 8.27 18.54 -33.60
C LEU B 450 6.94 18.64 -32.86
N SER B 451 6.83 19.49 -31.84
CA SER B 451 5.51 19.71 -31.18
C SER B 451 5.21 21.18 -30.93
N PRO B 452 3.96 21.60 -31.19
CA PRO B 452 3.61 23.01 -31.05
C PRO B 452 3.12 23.34 -29.64
N VAL B 453 2.90 24.63 -29.37
CA VAL B 453 2.35 25.09 -28.09
C VAL B 453 1.38 26.21 -28.35
N LYS B 454 0.24 26.12 -27.68
CA LYS B 454 -0.75 27.19 -27.62
C LYS B 454 -1.24 27.27 -26.17
N PHE B 455 -0.75 28.27 -25.43
CA PHE B 455 -1.07 28.41 -24.01
C PHE B 455 -1.90 29.68 -23.75
N GLY B 456 -3.03 29.53 -23.06
CA GLY B 456 -3.93 30.67 -22.78
C GLY B 456 -3.51 31.47 -21.55
N ILE B 457 -3.49 32.79 -21.66
CA ILE B 457 -2.96 33.65 -20.60
C ILE B 457 -4.03 34.37 -19.72
N SER B 458 -4.04 34.02 -18.42
CA SER B 458 -4.87 34.67 -17.40
C SER B 458 -5.42 33.66 -16.41
N PHE B 459 -5.55 34.05 -15.14
CA PHE B 459 -6.29 33.23 -14.17
C PHE B 459 -7.68 32.92 -14.70
N THR B 460 -8.01 31.63 -14.78
CA THR B 460 -9.36 31.21 -15.20
C THR B 460 -10.40 31.56 -14.15
N LEU B 461 -9.97 31.72 -12.90
CA LEU B 461 -10.75 32.43 -11.88
C LEU B 461 -10.57 33.94 -12.12
N THR B 462 -11.52 34.57 -12.82
CA THR B 462 -11.33 35.91 -13.42
C THR B 462 -10.94 37.06 -12.51
N HIS B 463 -11.63 37.20 -11.38
CA HIS B 463 -11.34 38.32 -10.48
C HIS B 463 -9.91 38.29 -9.89
N LEU B 464 -9.17 37.22 -10.13
CA LEU B 464 -7.76 37.21 -9.77
C LEU B 464 -6.89 37.99 -10.73
N ASN B 465 -7.49 38.51 -11.81
CA ASN B 465 -6.70 39.18 -12.85
C ASN B 465 -6.56 40.69 -12.58
N GLN B 466 -5.99 40.99 -11.39
CA GLN B 466 -5.73 42.36 -10.92
C GLN B 466 -4.32 42.40 -10.33
N ALA B 467 -3.69 43.56 -10.39
CA ALA B 467 -2.34 43.73 -9.84
C ALA B 467 -2.23 45.17 -9.40
N GLY B 468 -1.47 45.40 -8.32
CA GLY B 468 -1.20 46.75 -7.87
C GLY B 468 0.28 47.07 -7.76
N ALA B 469 0.63 48.36 -7.88
CA ALA B 469 2.00 48.84 -7.60
C ALA B 469 2.01 50.09 -6.75
N LEU B 470 3.08 50.32 -6.01
CA LEU B 470 3.27 51.59 -5.33
C LEU B 470 4.67 52.12 -5.65
N VAL B 471 4.76 53.38 -6.11
CA VAL B 471 6.06 54.03 -6.47
C VAL B 471 6.33 55.33 -5.69
N GLN B 472 7.55 55.44 -5.15
CA GLN B 472 8.00 56.70 -4.51
C GLN B 472 9.19 57.30 -5.26
N ILE B 473 9.16 58.62 -5.44
CA ILE B 473 10.34 59.34 -5.88
C ILE B 473 10.89 60.20 -4.74
N TYR B 474 12.16 59.96 -4.41
CA TYR B 474 12.82 60.70 -3.36
C TYR B 474 13.46 61.98 -3.90
N THR B 475 13.79 62.93 -3.00
CA THR B 475 14.31 64.25 -3.45
C THR B 475 15.65 64.23 -4.18
N ASP B 476 16.39 63.13 -4.11
CA ASP B 476 17.67 62.98 -4.80
C ASP B 476 17.45 62.36 -6.20
N GLY B 477 16.19 62.29 -6.61
CA GLY B 477 15.83 61.73 -7.89
C GLY B 477 15.76 60.22 -7.97
N SER B 478 16.11 59.52 -6.89
CA SER B 478 16.07 58.04 -6.89
C SER B 478 14.65 57.53 -6.66
N VAL B 479 14.37 56.33 -7.17
CA VAL B 479 13.00 55.80 -7.16
C VAL B 479 12.99 54.50 -6.42
N ALA B 480 12.01 54.34 -5.52
CA ALA B 480 11.70 53.06 -4.84
C ALA B 480 10.48 52.45 -5.47
N LEU B 481 10.68 51.27 -6.02
CA LEU B 481 9.63 50.50 -6.71
C LEU B 481 9.13 49.33 -5.88
N ASN B 482 7.81 49.12 -5.87
CA ASN B 482 7.16 48.04 -5.14
C ASN B 482 5.91 47.57 -5.84
N HIS B 483 5.75 46.25 -6.02
CA HIS B 483 4.54 45.70 -6.64
C HIS B 483 4.06 44.41 -5.93
N GLY B 484 2.89 43.90 -6.33
CA GLY B 484 2.37 42.66 -5.78
C GLY B 484 3.08 41.40 -6.26
N GLY B 485 3.82 41.48 -7.37
CA GLY B 485 4.46 40.28 -7.90
C GLY B 485 5.55 39.82 -6.96
N THR B 486 5.76 38.50 -6.87
CA THR B 486 6.87 37.91 -6.08
C THR B 486 7.93 37.28 -6.95
N GLU B 487 9.20 37.52 -6.60
CA GLU B 487 10.35 37.06 -7.38
C GLU B 487 10.80 35.68 -6.91
N MET B 488 10.76 34.74 -7.84
CA MET B 488 11.17 33.35 -7.58
C MET B 488 12.17 32.89 -8.65
N GLY B 489 12.76 33.84 -9.37
CA GLY B 489 13.85 33.53 -10.29
C GLY B 489 13.50 33.87 -11.73
N GLN B 490 12.25 34.29 -11.94
CA GLN B 490 11.71 34.42 -13.27
C GLN B 490 12.13 35.73 -13.88
N GLY B 491 12.84 36.55 -13.10
CA GLY B 491 13.33 37.86 -13.55
C GLY B 491 12.25 38.93 -13.54
N LEU B 492 11.22 38.73 -12.71
CA LEU B 492 10.08 39.63 -12.68
C LEU B 492 10.51 41.02 -12.28
N HIS B 493 11.23 41.09 -11.16
CA HIS B 493 11.70 42.37 -10.62
C HIS B 493 12.45 43.28 -11.59
N ALA B 494 13.36 42.73 -12.39
CA ALA B 494 14.10 43.49 -13.40
C ALA B 494 13.18 44.03 -14.47
N LYS B 495 12.20 43.23 -14.88
CA LYS B 495 11.26 43.69 -15.89
C LYS B 495 10.45 44.82 -15.30
N MET B 496 10.12 44.69 -14.02
CA MET B 496 9.36 45.73 -13.39
C MET B 496 10.23 46.98 -13.34
N VAL B 497 11.52 46.80 -13.06
CA VAL B 497 12.46 47.92 -13.05
C VAL B 497 12.53 48.58 -14.43
N GLN B 498 12.59 47.73 -15.46
CA GLN B 498 12.75 48.22 -16.82
C GLN B 498 11.55 49.03 -17.27
N VAL B 499 10.35 48.58 -16.90
CA VAL B 499 9.12 49.29 -17.23
C VAL B 499 9.17 50.68 -16.61
N ALA B 500 9.35 50.72 -15.29
CA ALA B 500 9.34 51.97 -14.57
C ALA B 500 10.42 52.93 -15.12
N ALA B 501 11.61 52.42 -15.35
CA ALA B 501 12.68 53.23 -15.93
C ALA B 501 12.22 53.77 -17.27
N ALA B 502 11.64 52.91 -18.10
CA ALA B 502 11.16 53.28 -19.41
C ALA B 502 10.07 54.35 -19.36
N VAL B 503 9.15 54.25 -18.39
CA VAL B 503 8.09 55.27 -18.28
C VAL B 503 8.55 56.64 -17.73
N LEU B 504 9.42 56.62 -16.72
CA LEU B 504 9.92 57.87 -16.15
C LEU B 504 11.02 58.50 -17.02
N GLY B 505 11.63 57.72 -17.90
CA GLY B 505 12.58 58.27 -18.84
C GLY B 505 13.91 58.44 -18.17
N ILE B 506 14.26 57.45 -17.37
CA ILE B 506 15.48 57.47 -16.55
C ILE B 506 16.16 56.11 -16.60
N ASP B 507 17.42 56.06 -16.17
CA ASP B 507 18.21 54.83 -16.17
C ASP B 507 17.75 53.91 -15.06
N PRO B 508 17.59 52.60 -15.36
CA PRO B 508 17.28 51.54 -14.41
C PRO B 508 17.97 51.72 -13.08
N VAL B 509 19.22 52.15 -13.15
CA VAL B 509 20.05 52.25 -11.95
C VAL B 509 19.37 53.13 -10.90
N GLN B 510 18.52 54.04 -11.35
CA GLN B 510 17.80 54.96 -10.47
C GLN B 510 16.60 54.32 -9.78
N VAL B 511 16.30 53.08 -10.16
CA VAL B 511 15.10 52.42 -9.65
C VAL B 511 15.50 51.23 -8.78
N ARG B 512 15.15 51.30 -7.50
CA ARG B 512 15.41 50.22 -6.55
C ARG B 512 14.14 49.43 -6.28
N ILE B 513 14.26 48.11 -6.23
CA ILE B 513 13.13 47.26 -5.94
C ILE B 513 13.08 46.90 -4.46
N THR B 514 11.89 46.97 -3.89
CA THR B 514 11.73 46.68 -2.48
C THR B 514 10.99 45.36 -2.29
N ALA B 515 11.18 44.69 -1.16
CA ALA B 515 10.45 43.46 -0.84
C ALA B 515 8.92 43.61 -1.00
N THR B 516 8.29 42.57 -1.56
CA THR B 516 6.83 42.44 -1.61
C THR B 516 6.27 42.42 -0.18
N ASP B 517 5.19 43.14 0.03
CA ASP B 517 4.76 43.48 1.35
C ASP B 517 3.28 43.84 1.35
N THR B 518 2.49 43.02 2.03
CA THR B 518 1.02 43.17 2.04
C THR B 518 0.56 44.51 2.56
N SER B 519 1.38 45.10 3.43
CA SER B 519 1.12 46.46 3.89
C SER B 519 1.51 47.57 2.90
N LYS B 520 2.20 47.25 1.80
CA LYS B 520 2.47 48.23 0.75
C LYS B 520 1.48 48.14 -0.41
N VAL B 521 1.38 46.97 -1.06
CA VAL B 521 0.32 46.71 -2.04
C VAL B 521 -0.60 45.60 -1.51
N PRO B 522 -1.89 45.89 -1.31
CA PRO B 522 -2.79 44.88 -0.72
C PRO B 522 -3.61 44.07 -1.73
N ASN B 523 -4.29 43.04 -1.21
CA ASN B 523 -5.26 42.26 -1.98
C ASN B 523 -4.73 41.69 -3.28
N THR B 524 -3.54 41.10 -3.21
CA THR B 524 -2.86 40.66 -4.42
C THR B 524 -3.13 39.17 -4.71
N SER B 525 -3.16 38.81 -6.01
CA SER B 525 -3.24 37.40 -6.42
C SER B 525 -1.90 36.71 -6.16
N ALA B 526 -1.87 35.40 -6.21
CA ALA B 526 -0.58 34.75 -6.23
C ALA B 526 0.16 35.15 -7.51
N THR B 527 1.47 34.92 -7.53
CA THR B 527 2.25 35.17 -8.72
C THR B 527 2.23 33.85 -9.49
N ALA B 528 1.32 33.79 -10.46
CA ALA B 528 0.97 32.51 -11.10
C ALA B 528 0.18 32.78 -12.38
N ALA B 529 -0.08 31.72 -13.15
CA ALA B 529 -0.76 31.83 -14.45
C ALA B 529 0.03 32.76 -15.39
N SER B 530 1.35 32.69 -15.30
CA SER B 530 2.27 33.53 -16.08
C SER B 530 1.73 34.97 -16.24
N SER B 531 1.08 35.48 -15.20
CA SER B 531 0.38 36.78 -15.26
C SER B 531 1.15 37.89 -14.55
N GLY B 532 2.12 37.51 -13.72
CA GLY B 532 2.94 38.43 -12.91
C GLY B 532 3.39 39.66 -13.64
N ALA B 533 4.30 39.48 -14.60
CA ALA B 533 4.80 40.61 -15.38
C ALA B 533 3.73 41.32 -16.22
N ASP B 534 2.75 40.58 -16.72
CA ASP B 534 1.68 41.16 -17.51
C ASP B 534 0.94 42.23 -16.72
N MET B 535 0.37 41.83 -15.58
CA MET B 535 -0.48 42.72 -14.77
C MET B 535 0.33 43.68 -13.91
N ASN B 536 1.39 43.20 -13.26
CA ASN B 536 2.23 44.10 -12.45
C ASN B 536 2.94 45.12 -13.32
N GLY B 537 3.45 44.66 -14.46
CA GLY B 537 3.90 45.56 -15.52
C GLY B 537 2.92 46.68 -15.81
N MET B 538 1.65 46.36 -16.02
CA MET B 538 0.64 47.41 -16.19
C MET B 538 0.48 48.28 -14.96
N ALA B 539 0.41 47.66 -13.77
CA ALA B 539 0.28 48.38 -12.50
C ALA B 539 1.43 49.38 -12.25
N VAL B 540 2.66 48.94 -12.51
CA VAL B 540 3.86 49.74 -12.33
C VAL B 540 3.86 50.93 -13.28
N LYS B 541 3.56 50.67 -14.55
CA LYS B 541 3.48 51.71 -15.56
C LYS B 541 2.36 52.71 -15.26
N ASP B 542 1.34 52.25 -14.55
CA ASP B 542 0.21 53.13 -14.24
C ASP B 542 0.57 54.17 -13.18
N ALA B 543 1.33 53.74 -12.17
CA ALA B 543 1.77 54.63 -11.09
C ALA B 543 2.83 55.54 -11.67
N CYS B 544 3.69 54.96 -12.49
CA CYS B 544 4.72 55.73 -13.18
C CYS B 544 4.19 56.86 -14.04
N GLU B 545 3.17 56.57 -14.83
CA GLU B 545 2.57 57.61 -15.65
C GLU B 545 1.93 58.65 -14.74
N THR B 546 1.29 58.23 -13.65
CA THR B 546 0.75 59.20 -12.72
C THR B 546 1.87 60.09 -12.27
N LEU B 547 2.98 59.51 -11.82
CA LEU B 547 4.09 60.33 -11.39
C LEU B 547 4.63 61.27 -12.50
N ARG B 548 4.85 60.74 -13.70
CA ARG B 548 5.26 61.59 -14.83
C ARG B 548 4.26 62.72 -15.13
N GLY B 549 2.98 62.40 -15.15
CA GLY B 549 1.95 63.38 -15.38
C GLY B 549 2.09 64.53 -14.42
N ARG B 550 2.40 64.24 -13.16
CA ARG B 550 2.59 65.31 -12.18
C ARG B 550 3.76 66.21 -12.51
N LEU B 551 4.87 65.62 -12.91
CA LEU B 551 6.07 66.39 -13.23
C LEU B 551 5.90 67.20 -14.50
N ALA B 552 5.22 66.64 -15.49
CA ALA B 552 5.01 67.33 -16.74
C ALA B 552 4.16 68.56 -16.48
N GLY B 553 3.07 68.37 -15.74
CA GLY B 553 2.10 69.43 -15.50
C GLY B 553 2.68 70.56 -14.70
N PHE B 554 3.67 70.23 -13.86
CA PHE B 554 4.38 71.19 -13.05
C PHE B 554 5.35 72.00 -13.90
N VAL B 555 6.16 71.28 -14.69
CA VAL B 555 7.14 71.87 -15.59
C VAL B 555 6.43 72.77 -16.59
N ALA B 556 5.38 72.24 -17.20
CA ALA B 556 4.65 72.96 -18.24
C ALA B 556 4.23 74.32 -17.72
N ALA B 557 3.64 74.33 -16.53
CA ALA B 557 3.18 75.57 -15.93
C ALA B 557 4.31 76.54 -15.55
N ARG B 558 5.49 76.01 -15.26
CA ARG B 558 6.60 76.87 -14.86
C ARG B 558 7.24 77.42 -16.13
N GLU B 559 7.39 76.55 -17.12
CA GLU B 559 8.07 76.90 -18.34
C GLU B 559 7.12 77.39 -19.43
N GLY B 560 5.84 77.57 -19.08
CA GLY B 560 4.81 77.97 -20.04
C GLY B 560 4.64 77.03 -21.21
N CYS B 561 3.71 76.09 -21.10
CA CYS B 561 3.36 75.28 -22.27
C CYS B 561 2.59 74.04 -21.87
N ALA B 562 2.43 73.12 -22.83
CA ALA B 562 1.62 71.92 -22.69
C ALA B 562 2.41 70.75 -22.09
N ALA B 563 1.78 70.02 -21.17
CA ALA B 563 2.45 68.93 -20.44
C ALA B 563 2.96 67.84 -21.38
N ARG B 564 2.18 67.55 -22.41
CA ARG B 564 2.51 66.55 -23.42
C ARG B 564 3.72 66.97 -24.22
N ASP B 565 4.13 68.21 -24.06
CA ASP B 565 5.32 68.70 -24.72
C ASP B 565 6.56 68.59 -23.85
N VAL B 566 6.39 68.16 -22.60
CA VAL B 566 7.54 67.97 -21.74
C VAL B 566 8.10 66.57 -21.99
N ILE B 567 9.41 66.49 -22.23
CA ILE B 567 10.03 65.20 -22.55
C ILE B 567 10.96 64.68 -21.44
N PHE B 568 10.75 63.41 -21.10
CA PHE B 568 11.54 62.68 -20.13
C PHE B 568 12.24 61.58 -20.89
N ASP B 569 13.54 61.68 -20.98
CA ASP B 569 14.29 60.70 -21.72
C ASP B 569 15.73 60.73 -21.28
N ALA B 570 16.32 59.55 -21.21
CA ALA B 570 17.74 59.42 -20.94
C ALA B 570 18.16 60.25 -19.74
N GLY B 571 17.31 60.24 -18.70
CA GLY B 571 17.65 60.85 -17.41
C GLY B 571 17.72 62.35 -17.48
N GLN B 572 17.26 62.90 -18.60
CA GLN B 572 17.13 64.33 -18.79
C GLN B 572 15.66 64.63 -19.00
N VAL B 573 15.22 65.84 -18.65
CA VAL B 573 13.87 66.36 -18.94
C VAL B 573 14.03 67.56 -19.87
N GLN B 574 13.12 67.69 -20.83
CA GLN B 574 13.21 68.82 -21.74
C GLN B 574 11.88 69.53 -21.97
N ALA B 575 11.92 70.85 -21.79
CA ALA B 575 10.77 71.71 -21.98
C ALA B 575 11.26 73.08 -22.41
N SER B 576 10.55 73.68 -23.38
CA SER B 576 10.78 75.06 -23.85
C SER B 576 12.21 75.33 -24.33
N GLY B 577 12.85 74.34 -24.96
CA GLY B 577 14.23 74.48 -25.40
C GLY B 577 15.29 74.40 -24.30
N LYS B 578 14.84 74.39 -23.05
CA LYS B 578 15.71 74.17 -21.90
C LYS B 578 15.72 72.69 -21.51
N SER B 579 16.79 72.24 -20.89
CA SER B 579 16.84 70.86 -20.43
C SER B 579 17.43 70.75 -19.02
N TRP B 580 16.90 69.83 -18.21
CA TRP B 580 17.40 69.59 -16.85
C TRP B 580 17.66 68.12 -16.63
N ARG B 581 18.34 67.82 -15.53
CA ARG B 581 18.39 66.47 -15.04
C ARG B 581 17.07 66.16 -14.35
N PHE B 582 16.65 64.90 -14.46
CA PHE B 582 15.45 64.39 -13.82
C PHE B 582 15.38 64.82 -12.36
N ALA B 583 16.52 64.73 -11.67
CA ALA B 583 16.65 65.13 -10.27
C ALA B 583 16.25 66.58 -10.09
N GLU B 584 16.92 67.48 -10.82
CA GLU B 584 16.63 68.92 -10.70
C GLU B 584 15.13 69.17 -10.79
N ILE B 585 14.46 68.49 -11.69
CA ILE B 585 13.01 68.64 -11.84
C ILE B 585 12.26 68.18 -10.56
N VAL B 586 12.66 67.02 -10.04
CA VAL B 586 12.04 66.44 -8.85
C VAL B 586 12.22 67.33 -7.61
N ALA B 587 13.44 67.85 -7.41
CA ALA B 587 13.69 68.73 -6.28
C ALA B 587 12.80 69.95 -6.44
N ALA B 588 12.59 70.37 -7.69
CA ALA B 588 11.75 71.51 -7.98
C ALA B 588 10.29 71.22 -7.66
N ALA B 589 9.79 70.06 -8.07
CA ALA B 589 8.40 69.68 -7.69
C ALA B 589 8.30 69.39 -6.19
N TYR B 590 9.41 69.02 -5.55
CA TYR B 590 9.41 68.87 -4.09
C TYR B 590 9.14 70.21 -3.42
N MET B 591 9.95 71.19 -3.80
CA MET B 591 9.80 72.55 -3.30
C MET B 591 8.44 73.16 -3.64
N ALA B 592 7.91 72.85 -4.82
CA ALA B 592 6.60 73.33 -5.23
C ALA B 592 5.42 72.58 -4.57
N ARG B 593 5.72 71.57 -3.74
CA ARG B 593 4.72 70.82 -2.95
C ARG B 593 3.79 69.94 -3.82
N ILE B 594 4.46 69.10 -4.58
CA ILE B 594 3.85 68.21 -5.51
C ILE B 594 4.12 66.78 -5.04
N SER B 595 3.07 66.00 -4.78
CA SER B 595 3.24 64.66 -4.23
C SER B 595 4.11 63.77 -5.13
N LEU B 596 5.17 63.22 -4.56
CA LEU B 596 6.05 62.33 -5.30
C LEU B 596 5.85 60.88 -4.92
N SER B 597 4.60 60.56 -4.57
CA SER B 597 4.17 59.18 -4.33
C SER B 597 2.92 58.83 -5.15
N ALA B 598 2.83 57.60 -5.65
CA ALA B 598 1.64 57.16 -6.44
C ALA B 598 1.36 55.69 -6.32
N THR B 599 0.09 55.32 -6.17
CA THR B 599 -0.28 53.91 -6.29
C THR B 599 -0.57 53.62 -7.75
N GLY B 600 -0.49 52.36 -8.14
CA GLY B 600 -0.90 51.95 -9.49
C GLY B 600 -1.65 50.62 -9.47
N PHE B 601 -2.58 50.45 -10.40
CA PHE B 601 -3.48 49.28 -10.37
C PHE B 601 -3.85 48.85 -11.78
N TYR B 602 -4.02 47.54 -11.97
CA TYR B 602 -4.45 46.99 -13.26
C TYR B 602 -5.37 45.74 -13.13
N ALA B 603 -6.43 45.74 -13.94
CA ALA B 603 -7.34 44.62 -14.08
C ALA B 603 -7.36 44.25 -15.56
N THR B 604 -7.13 42.97 -15.91
CA THR B 604 -7.12 42.53 -17.33
C THR B 604 -8.51 42.62 -17.93
N PRO B 605 -8.64 43.27 -19.10
CA PRO B 605 -9.90 43.53 -19.79
C PRO B 605 -10.37 42.30 -20.58
N LYS B 606 -11.63 42.35 -21.04
CA LYS B 606 -12.20 41.41 -22.04
C LYS B 606 -12.50 39.98 -21.55
N LEU B 607 -12.27 39.72 -20.28
CA LEU B 607 -12.41 38.36 -19.77
C LEU B 607 -13.80 38.09 -19.23
N SER B 608 -14.40 37.01 -19.72
CA SER B 608 -15.74 36.57 -19.28
C SER B 608 -15.93 35.14 -19.76
N TRP B 609 -16.29 34.24 -18.84
CA TRP B 609 -16.55 32.85 -19.22
C TRP B 609 -17.32 32.05 -18.16
N ASP B 610 -18.00 31.00 -18.62
CA ASP B 610 -18.75 30.13 -17.72
C ASP B 610 -18.01 28.84 -17.51
N ARG B 611 -17.54 28.69 -16.29
CA ARG B 611 -16.77 27.56 -15.87
C ARG B 611 -17.57 26.28 -16.09
N LEU B 612 -18.81 26.27 -15.58
CA LEU B 612 -19.72 25.14 -15.67
C LEU B 612 -20.18 24.77 -17.08
N ARG B 613 -20.64 25.75 -17.84
CA ARG B 613 -21.11 25.51 -19.21
C ARG B 613 -19.99 25.35 -20.22
N GLY B 614 -18.76 25.62 -19.79
CA GLY B 614 -17.57 25.48 -20.62
C GLY B 614 -17.50 26.45 -21.79
N GLN B 615 -18.18 27.59 -21.65
CA GLN B 615 -18.24 28.61 -22.71
C GLN B 615 -17.74 29.96 -22.22
N GLY B 616 -17.05 30.69 -23.10
CA GLY B 616 -16.68 32.09 -22.86
C GLY B 616 -15.30 32.47 -23.41
N ARG B 617 -14.80 33.61 -22.92
CA ARG B 617 -13.44 34.10 -23.17
C ARG B 617 -12.71 34.17 -21.83
N PRO B 618 -12.03 33.07 -21.44
CA PRO B 618 -11.33 33.15 -20.17
C PRO B 618 -9.93 33.75 -20.35
N PHE B 619 -9.41 33.76 -21.58
CA PHE B 619 -8.03 34.17 -21.84
C PHE B 619 -7.98 35.50 -22.57
N LEU B 620 -6.93 36.28 -22.31
CA LEU B 620 -6.71 37.50 -23.07
C LEU B 620 -6.05 37.22 -24.42
N TYR B 621 -5.09 36.30 -24.42
CA TYR B 621 -4.39 35.93 -25.64
C TYR B 621 -3.70 34.58 -25.42
N PHE B 622 -3.08 34.05 -26.48
CA PHE B 622 -2.36 32.80 -26.39
C PHE B 622 -0.90 33.02 -26.65
N ALA B 623 -0.08 32.16 -26.05
CA ALA B 623 1.35 32.23 -26.19
C ALA B 623 1.69 30.97 -26.94
N TYR B 624 2.47 31.14 -28.00
CA TYR B 624 2.72 30.06 -28.93
C TYR B 624 4.18 29.76 -28.95
N GLY B 625 4.52 28.61 -29.54
CA GLY B 625 5.90 28.20 -29.77
C GLY B 625 5.94 26.84 -30.45
N ALA B 626 7.15 26.38 -30.77
CA ALA B 626 7.37 25.03 -31.23
C ALA B 626 8.81 24.59 -30.92
N ALA B 627 8.97 23.28 -30.70
CA ALA B 627 10.29 22.68 -30.49
C ALA B 627 10.47 21.41 -31.36
N ILE B 628 11.73 21.08 -31.62
CA ILE B 628 12.12 19.91 -32.40
C ILE B 628 13.22 19.21 -31.60
N THR B 629 12.85 18.17 -30.87
CA THR B 629 13.84 17.42 -30.09
C THR B 629 14.38 16.22 -30.89
N GLU B 630 15.69 15.99 -30.80
CA GLU B 630 16.30 14.76 -31.32
C GLU B 630 16.99 13.95 -30.20
N VAL B 631 16.75 12.63 -30.23
CA VAL B 631 17.19 11.74 -29.14
C VAL B 631 17.84 10.45 -29.65
N VAL B 632 18.42 9.68 -28.73
CA VAL B 632 18.85 8.31 -29.00
C VAL B 632 18.49 7.35 -27.87
N ILE B 633 18.14 6.12 -28.25
CA ILE B 633 17.78 5.09 -27.28
C ILE B 633 18.65 3.83 -27.46
N ASP B 634 18.95 3.20 -26.32
CA ASP B 634 19.64 1.93 -26.26
C ASP B 634 18.56 0.85 -26.26
N ARG B 635 18.53 0.06 -27.33
CA ARG B 635 17.48 -0.94 -27.54
C ARG B 635 17.52 -2.11 -26.58
N LEU B 636 18.64 -2.30 -25.90
CA LEU B 636 18.77 -3.35 -24.90
C LEU B 636 18.26 -2.93 -23.52
N THR B 637 18.59 -1.71 -23.09
CA THR B 637 18.31 -1.25 -21.71
C THR B 637 17.26 -0.15 -21.59
N GLY B 638 17.13 0.70 -22.61
CA GLY B 638 16.16 1.79 -22.59
C GLY B 638 16.79 3.13 -22.28
N GLU B 639 18.09 3.10 -21.96
CA GLU B 639 18.90 4.29 -21.69
C GLU B 639 18.85 5.26 -22.86
N ASN B 640 19.00 6.55 -22.58
CA ASN B 640 18.72 7.54 -23.62
C ASN B 640 19.18 8.97 -23.35
N ARG B 641 19.32 9.73 -24.42
CA ARG B 641 19.82 11.08 -24.35
C ARG B 641 19.12 12.00 -25.35
N ILE B 642 18.89 13.25 -24.98
CA ILE B 642 18.52 14.22 -25.99
C ILE B 642 19.85 14.68 -26.60
N LEU B 643 19.91 14.75 -27.93
CA LEU B 643 21.15 15.15 -28.58
C LEU B 643 21.04 16.57 -29.05
N ARG B 644 19.86 16.94 -29.54
CA ARG B 644 19.65 18.29 -30.05
C ARG B 644 18.22 18.79 -29.87
N THR B 645 18.08 20.10 -29.61
CA THR B 645 16.77 20.74 -29.50
C THR B 645 16.78 22.06 -30.24
N ASP B 646 15.66 22.39 -30.88
CA ASP B 646 15.53 23.64 -31.63
C ASP B 646 14.18 24.32 -31.31
N ILE B 647 14.23 25.42 -30.56
CA ILE B 647 13.02 26.11 -30.14
C ILE B 647 12.81 27.43 -30.85
N LEU B 648 11.60 27.65 -31.36
CA LEU B 648 11.16 28.99 -31.72
C LEU B 648 9.93 29.34 -30.89
N HIS B 649 10.01 30.44 -30.14
CA HIS B 649 8.95 30.76 -29.19
C HIS B 649 8.60 32.22 -29.22
N ASP B 650 7.31 32.48 -29.01
CA ASP B 650 6.72 33.82 -29.13
C ASP B 650 6.61 34.52 -27.77
N ALA B 651 7.49 35.49 -27.52
CA ALA B 651 7.46 36.24 -26.26
C ALA B 651 6.73 37.56 -26.41
N GLY B 652 5.96 37.70 -27.48
CA GLY B 652 5.54 39.01 -27.95
C GLY B 652 6.73 39.88 -28.32
N ALA B 653 6.54 41.19 -28.23
CA ALA B 653 7.68 42.08 -28.11
C ALA B 653 8.25 41.83 -26.70
N SER B 654 9.19 40.89 -26.60
CA SER B 654 9.85 40.57 -25.32
C SER B 654 10.28 41.80 -24.53
N LEU B 655 9.94 41.83 -23.24
CA LEU B 655 10.40 42.90 -22.33
C LEU B 655 11.87 42.72 -21.96
N ASN B 656 12.34 41.48 -21.97
CA ASN B 656 13.75 41.20 -21.74
C ASN B 656 14.14 39.88 -22.43
N PRO B 657 14.80 40.00 -23.59
CA PRO B 657 15.13 38.86 -24.46
C PRO B 657 16.09 37.88 -23.79
N ALA B 658 17.04 38.40 -23.02
CA ALA B 658 17.94 37.53 -22.25
C ALA B 658 17.14 36.74 -21.22
N LEU B 659 16.47 37.47 -20.32
CA LEU B 659 15.60 36.85 -19.33
C LEU B 659 14.60 35.87 -19.99
N ASP B 660 14.06 36.23 -21.15
CA ASP B 660 13.15 35.31 -21.85
C ASP B 660 13.78 34.01 -22.39
N ILE B 661 14.93 34.12 -23.06
CA ILE B 661 15.64 32.94 -23.51
C ILE B 661 15.87 32.08 -22.25
N GLY B 662 16.25 32.73 -21.16
CA GLY B 662 16.45 32.03 -19.90
C GLY B 662 15.24 31.22 -19.45
N GLN B 663 14.07 31.83 -19.46
CA GLN B 663 12.86 31.14 -19.00
C GLN B 663 12.57 29.93 -19.87
N ILE B 664 12.63 30.14 -21.19
CA ILE B 664 12.42 29.07 -22.19
C ILE B 664 13.40 27.91 -21.99
N GLU B 665 14.70 28.19 -21.88
CA GLU B 665 15.71 27.13 -21.68
C GLU B 665 15.39 26.37 -20.40
N GLY B 666 15.06 27.11 -19.34
CA GLY B 666 14.73 26.54 -18.06
C GLY B 666 13.45 25.73 -18.08
N ALA B 667 12.44 26.28 -18.77
CA ALA B 667 11.11 25.67 -18.86
C ALA B 667 11.15 24.37 -19.65
N TYR B 668 11.86 24.39 -20.77
CA TYR B 668 12.00 23.22 -21.62
C TYR B 668 12.63 22.07 -20.84
N VAL B 669 13.71 22.34 -20.14
CA VAL B 669 14.44 21.30 -19.45
C VAL B 669 13.54 20.68 -18.35
N GLN B 670 12.68 21.49 -17.77
CA GLN B 670 11.80 21.03 -16.71
C GLN B 670 10.65 20.20 -17.32
N GLY B 671 10.18 20.61 -18.48
CA GLY B 671 9.14 19.89 -19.21
C GLY B 671 9.59 18.53 -19.68
N ALA B 672 10.69 18.54 -20.43
CA ALA B 672 11.36 17.31 -20.84
C ALA B 672 11.66 16.42 -19.63
N GLY B 673 12.15 17.00 -18.53
CA GLY B 673 12.42 16.24 -17.29
C GLY B 673 11.17 15.53 -16.76
N TRP B 674 10.04 16.22 -16.83
CA TRP B 674 8.78 15.64 -16.42
C TRP B 674 8.39 14.38 -17.22
N LEU B 675 8.80 14.31 -18.49
CA LEU B 675 8.41 13.19 -19.35
C LEU B 675 9.51 12.14 -19.53
N THR B 676 10.52 12.18 -18.66
CA THR B 676 11.68 11.31 -18.81
C THR B 676 12.14 10.70 -17.50
N THR B 677 13.14 11.28 -16.86
CA THR B 677 13.65 10.59 -15.66
C THR B 677 12.85 10.86 -14.36
N GLU B 678 11.85 11.75 -14.43
CA GLU B 678 11.15 12.16 -13.20
C GLU B 678 9.92 11.29 -12.84
N GLU B 679 10.00 10.53 -11.76
CA GLU B 679 8.95 9.56 -11.47
C GLU B 679 8.56 9.47 -10.00
N LEU B 680 7.27 9.66 -9.73
CA LEU B 680 6.77 9.53 -8.36
C LEU B 680 6.29 8.14 -8.12
N VAL B 681 6.60 7.59 -6.95
CA VAL B 681 6.32 6.20 -6.66
C VAL B 681 5.85 6.00 -5.21
N TRP B 682 4.63 5.49 -5.06
CA TRP B 682 4.13 5.11 -3.73
C TRP B 682 4.14 3.61 -3.56
N ASP B 683 4.27 3.16 -2.31
CA ASP B 683 4.14 1.74 -2.01
C ASP B 683 2.66 1.45 -1.85
N HIS B 684 2.34 0.22 -1.48
CA HIS B 684 0.97 -0.26 -1.39
C HIS B 684 0.26 0.23 -0.14
N CYS B 685 1.00 0.77 0.82
CA CYS B 685 0.38 1.39 1.99
C CYS B 685 0.21 2.90 1.84
N GLY B 686 0.48 3.39 0.63
CA GLY B 686 0.45 4.82 0.33
C GLY B 686 1.70 5.62 0.67
N ARG B 687 2.79 4.96 1.00
CA ARG B 687 4.02 5.66 1.38
C ARG B 687 4.81 6.12 0.16
N LEU B 688 5.15 7.40 0.12
CA LEU B 688 5.99 7.92 -0.95
C LEU B 688 7.42 7.34 -0.88
N MET B 689 7.82 6.63 -1.93
CA MET B 689 9.13 5.98 -1.97
C MET B 689 10.18 6.87 -2.63
N THR B 690 9.69 7.79 -3.47
CA THR B 690 10.52 8.78 -4.12
C THR B 690 10.39 10.08 -3.35
N HIS B 691 11.22 10.26 -2.33
CA HIS B 691 11.03 11.34 -1.35
C HIS B 691 12.36 12.07 -0.99
N ALA B 692 13.34 11.94 -1.87
CA ALA B 692 14.63 12.58 -1.69
C ALA B 692 15.30 12.74 -3.06
N PRO B 693 16.41 13.50 -3.11
CA PRO B 693 17.14 13.66 -4.37
C PRO B 693 17.75 12.37 -4.92
N SER B 694 18.13 11.43 -4.05
CA SER B 694 18.71 10.17 -4.52
C SER B 694 17.68 9.30 -5.22
N THR B 695 16.41 9.39 -4.80
CA THR B 695 15.35 8.59 -5.42
C THR B 695 14.52 9.35 -6.45
N TYR B 696 14.40 10.69 -6.32
CA TYR B 696 13.69 11.50 -7.34
C TYR B 696 14.70 12.30 -8.14
N LYS B 697 14.62 12.17 -9.46
CA LYS B 697 15.73 12.44 -10.39
C LYS B 697 15.38 13.53 -11.42
N ILE B 698 15.78 14.76 -11.12
CA ILE B 698 15.57 15.89 -12.03
C ILE B 698 16.76 16.02 -12.99
N PRO B 699 16.59 16.68 -14.15
CA PRO B 699 17.69 16.76 -15.12
C PRO B 699 19.00 17.19 -14.48
N ALA B 700 20.03 16.34 -14.54
CA ALA B 700 21.35 16.71 -14.11
C ALA B 700 22.06 17.46 -15.24
N PHE B 701 23.21 18.07 -14.95
CA PHE B 701 23.90 18.96 -15.88
C PHE B 701 24.00 18.45 -17.33
N SER B 702 24.61 17.30 -17.47
CA SER B 702 24.84 16.76 -18.77
C SER B 702 23.57 16.20 -19.37
N ASP B 703 22.44 16.46 -18.73
CA ASP B 703 21.14 16.21 -19.37
C ASP B 703 20.68 17.31 -20.34
N ARG B 704 21.26 18.50 -20.25
CA ARG B 704 20.94 19.56 -21.24
C ARG B 704 21.05 19.01 -22.66
N PRO B 705 20.14 19.40 -23.57
CA PRO B 705 20.32 19.03 -24.98
C PRO B 705 21.72 19.41 -25.48
N ARG B 706 22.49 18.43 -25.96
CA ARG B 706 23.87 18.68 -26.43
C ARG B 706 24.02 19.83 -27.40
N ILE B 707 23.01 20.01 -28.24
CA ILE B 707 22.84 21.26 -28.97
C ILE B 707 21.50 21.84 -28.58
N PHE B 708 21.54 23.09 -28.10
CA PHE B 708 20.37 23.79 -27.54
C PHE B 708 20.16 25.10 -28.28
N ASN B 709 19.29 25.11 -29.28
CA ASN B 709 19.01 26.33 -30.02
C ASN B 709 17.66 26.91 -29.76
N VAL B 710 17.66 28.09 -29.18
CA VAL B 710 16.46 28.76 -28.80
C VAL B 710 16.42 30.10 -29.52
N ALA B 711 15.29 30.43 -30.13
CA ALA B 711 15.17 31.72 -30.80
C ALA B 711 13.76 32.28 -30.57
N LEU B 712 13.65 33.58 -30.37
CA LEU B 712 12.37 34.15 -30.09
C LEU B 712 11.65 34.53 -31.38
N TRP B 713 10.43 34.03 -31.53
CA TRP B 713 9.50 34.62 -32.47
C TRP B 713 9.25 36.01 -31.93
N ASP B 714 9.68 37.01 -32.68
CA ASP B 714 9.54 38.38 -32.23
C ASP B 714 8.54 39.18 -33.05
N GLN B 715 7.39 39.37 -32.44
CA GLN B 715 6.24 39.98 -33.09
C GLN B 715 5.33 40.48 -31.97
N PRO B 716 4.95 41.75 -32.05
CA PRO B 716 4.17 42.32 -30.95
C PRO B 716 2.81 41.65 -30.80
N ASN B 717 2.26 41.70 -29.59
CA ASN B 717 0.94 41.17 -29.27
C ASN B 717 -0.12 42.08 -29.89
N ARG B 718 -1.21 41.48 -30.39
CA ARG B 718 -2.37 42.22 -30.91
C ARG B 718 -3.07 42.95 -29.79
N GLU B 719 -3.16 42.30 -28.63
CA GLU B 719 -3.85 42.86 -27.47
C GLU B 719 -2.92 43.81 -26.74
N GLU B 720 -3.52 44.75 -26.02
CA GLU B 720 -2.77 45.79 -25.33
C GLU B 720 -2.18 45.35 -24.00
N THR B 721 -1.19 44.48 -24.06
CA THR B 721 -0.40 44.12 -22.90
C THR B 721 0.78 45.07 -22.76
N ILE B 722 1.48 44.95 -21.62
CA ILE B 722 2.62 45.81 -21.30
C ILE B 722 3.71 45.84 -22.39
N PHE B 723 3.81 46.97 -23.06
CA PHE B 723 4.66 47.17 -24.25
C PHE B 723 4.59 46.03 -25.28
N ARG B 724 3.38 45.51 -25.48
CA ARG B 724 3.07 44.44 -26.46
C ARG B 724 3.88 43.16 -26.32
N SER B 725 4.29 42.86 -25.08
CA SER B 725 4.95 41.59 -24.73
C SER B 725 3.93 40.52 -24.46
N LYS B 726 4.43 39.35 -24.10
CA LYS B 726 3.64 38.17 -23.81
C LYS B 726 4.31 37.45 -22.66
N ALA B 727 3.48 36.95 -21.75
CA ALA B 727 3.91 36.05 -20.70
C ALA B 727 4.73 34.90 -21.27
N VAL B 728 5.87 34.66 -20.66
CA VAL B 728 6.75 33.57 -21.06
C VAL B 728 6.98 32.63 -19.87
N GLY B 729 6.23 32.83 -18.81
CA GLY B 729 6.45 32.07 -17.58
C GLY B 729 6.21 30.58 -17.73
N GLU B 730 5.04 30.22 -18.26
CA GLU B 730 4.65 28.81 -18.36
C GLU B 730 4.69 28.20 -19.77
N PRO B 731 4.10 28.90 -20.78
CA PRO B 731 4.08 28.39 -22.15
C PRO B 731 5.27 27.48 -22.57
N PRO B 732 6.53 27.94 -22.39
CA PRO B 732 7.68 27.13 -22.83
C PRO B 732 7.90 25.81 -22.08
N PHE B 733 7.21 25.60 -20.95
CA PHE B 733 7.25 24.30 -20.30
C PHE B 733 6.67 23.20 -21.19
N LEU B 734 5.60 23.49 -21.92
CA LEU B 734 4.96 22.47 -22.78
C LEU B 734 5.81 22.08 -24.00
N LEU B 735 6.90 22.79 -24.25
CA LEU B 735 7.80 22.44 -25.34
C LEU B 735 8.52 21.13 -25.01
N GLY B 736 8.40 20.66 -23.77
CA GLY B 736 9.05 19.42 -23.32
C GLY B 736 8.39 18.16 -23.90
N ILE B 737 7.16 18.32 -24.36
CA ILE B 737 6.43 17.26 -25.04
C ILE B 737 7.25 16.80 -26.25
N SER B 738 7.68 17.76 -27.06
CA SER B 738 8.67 17.55 -28.10
C SER B 738 9.67 16.42 -27.80
N ALA B 739 10.15 16.35 -26.57
CA ALA B 739 11.10 15.31 -26.20
C ALA B 739 10.43 13.96 -26.12
N PHE B 740 9.31 13.87 -25.42
CA PHE B 740 8.61 12.60 -25.25
C PHE B 740 8.17 12.01 -26.58
N LEU B 741 7.73 12.90 -27.46
CA LEU B 741 7.29 12.53 -28.80
C LEU B 741 8.43 11.96 -29.61
N ALA B 742 9.61 12.57 -29.47
CA ALA B 742 10.84 12.18 -30.21
C ALA B 742 11.30 10.82 -29.74
N LEU B 743 11.20 10.60 -28.42
CA LEU B 743 11.56 9.35 -27.78
C LEU B 743 10.68 8.23 -28.37
N HIS B 744 9.37 8.49 -28.46
CA HIS B 744 8.44 7.53 -29.07
C HIS B 744 8.74 7.30 -30.55
N ASP B 745 9.22 8.33 -31.22
CA ASP B 745 9.65 8.20 -32.62
C ASP B 745 10.84 7.24 -32.76
N ALA B 746 11.75 7.23 -31.79
CA ALA B 746 12.86 6.26 -31.79
C ALA B 746 12.34 4.81 -31.68
N CYS B 747 11.44 4.56 -30.73
CA CYS B 747 10.73 3.26 -30.62
C CYS B 747 10.03 2.77 -31.90
N ALA B 748 9.21 3.66 -32.49
CA ALA B 748 8.49 3.38 -33.73
C ALA B 748 9.40 3.04 -34.91
N ALA B 749 10.71 3.11 -34.70
CA ALA B 749 11.67 2.72 -35.72
C ALA B 749 12.34 1.39 -35.33
N CYS B 750 11.81 0.74 -34.31
CA CYS B 750 12.31 -0.57 -33.90
C CYS B 750 11.33 -1.68 -34.27
N GLY B 751 10.21 -1.31 -34.88
CA GLY B 751 9.22 -2.27 -35.26
C GLY B 751 8.03 -1.70 -36.01
N PRO B 752 7.12 -2.59 -36.42
CA PRO B 752 5.91 -2.17 -37.12
C PRO B 752 4.74 -1.87 -36.18
N HIS B 753 4.88 -2.24 -34.91
CA HIS B 753 3.80 -2.05 -33.95
C HIS B 753 3.79 -0.67 -33.29
N TRP B 754 2.61 -0.29 -32.82
CA TRP B 754 2.40 0.88 -31.98
C TRP B 754 3.14 0.64 -30.67
N PRO B 755 4.13 1.51 -30.35
CA PRO B 755 4.96 1.30 -29.17
C PRO B 755 4.20 1.50 -27.85
N ASP B 756 3.13 2.30 -27.90
CA ASP B 756 2.38 2.78 -26.70
C ASP B 756 3.23 3.18 -25.49
N LEU B 757 4.11 4.17 -25.69
CA LEU B 757 4.98 4.68 -24.64
C LEU B 757 4.16 5.41 -23.57
N GLN B 758 4.44 5.07 -22.31
CA GLN B 758 3.86 5.77 -21.15
C GLN B 758 4.80 6.86 -20.57
N ALA B 759 4.20 7.85 -19.89
CA ALA B 759 4.94 8.93 -19.24
C ALA B 759 4.98 8.73 -17.72
N PRO B 760 6.14 8.96 -17.08
CA PRO B 760 7.39 9.41 -17.70
C PRO B 760 8.00 8.31 -18.53
N ALA B 761 8.72 8.68 -19.58
CA ALA B 761 9.51 7.72 -20.37
C ALA B 761 10.86 7.39 -19.72
N THR B 762 10.84 6.74 -18.56
CA THR B 762 12.08 6.26 -17.93
C THR B 762 12.75 5.29 -18.91
N PRO B 763 14.02 4.89 -18.67
CA PRO B 763 14.59 3.81 -19.50
C PRO B 763 13.70 2.53 -19.51
N GLU B 764 13.30 2.06 -18.33
CA GLU B 764 12.35 0.95 -18.22
C GLU B 764 11.16 1.15 -19.16
N ALA B 765 10.51 2.31 -19.08
CA ALA B 765 9.33 2.57 -19.91
C ALA B 765 9.66 2.70 -21.40
N VAL B 766 10.87 3.16 -21.72
CA VAL B 766 11.32 3.16 -23.12
C VAL B 766 11.58 1.73 -23.60
N LEU B 767 12.26 0.93 -22.78
CA LEU B 767 12.50 -0.48 -23.12
C LEU B 767 11.20 -1.22 -23.41
N ALA B 768 10.20 -1.03 -22.55
CA ALA B 768 8.90 -1.66 -22.71
C ALA B 768 8.26 -1.25 -24.04
N ALA B 769 8.29 0.04 -24.34
CA ALA B 769 7.71 0.57 -25.58
C ALA B 769 8.49 0.12 -26.81
N VAL B 770 9.79 -0.15 -26.65
CA VAL B 770 10.59 -0.65 -27.76
C VAL B 770 10.16 -2.08 -28.01
N ARG B 771 10.07 -2.85 -26.93
CA ARG B 771 9.72 -4.25 -27.04
C ARG B 771 8.35 -4.49 -27.70
N ARG B 772 7.36 -3.65 -27.36
CA ARG B 772 6.05 -3.68 -28.03
C ARG B 772 6.20 -3.47 -29.52
N ALA B 773 6.98 -2.44 -29.89
CA ALA B 773 7.15 -2.03 -31.28
C ALA B 773 7.82 -3.13 -32.10
N GLU B 774 8.78 -3.80 -31.46
CA GLU B 774 9.39 -5.02 -31.99
C GLU B 774 8.39 -6.18 -31.93
N GLY B 775 7.47 -6.11 -30.97
CA GLY B 775 6.41 -7.12 -30.86
C GLY B 775 6.88 -8.40 -30.19
N ARG B 776 7.34 -8.28 -28.94
CA ARG B 776 7.78 -9.43 -28.15
C ARG B 776 7.35 -9.28 -26.69
N ALA B 777 6.45 -10.16 -26.24
CA ALA B 777 5.82 -10.09 -24.89
C ALA B 777 5.33 -8.68 -24.51
N MET C 1 27.72 31.67 43.53
CA MET C 1 26.62 31.82 44.54
C MET C 1 25.23 31.97 43.91
N GLU C 2 24.24 31.30 44.51
CA GLU C 2 22.89 31.20 43.93
C GLU C 2 21.74 31.66 44.84
N ILE C 3 20.78 32.41 44.26
CA ILE C 3 19.62 32.92 45.01
C ILE C 3 18.28 32.57 44.38
N ALA C 4 17.21 32.80 45.13
CA ALA C 4 15.87 32.52 44.64
C ALA C 4 14.90 33.62 45.03
N PHE C 5 14.05 34.00 44.09
CA PHE C 5 13.05 35.02 44.30
C PHE C 5 11.89 34.69 43.42
N LEU C 6 10.70 35.12 43.83
CA LEU C 6 9.52 34.98 43.00
C LEU C 6 9.45 36.13 41.98
N LEU C 7 9.42 35.80 40.70
CA LEU C 7 9.35 36.81 39.66
C LEU C 7 8.01 36.75 38.95
N ASN C 8 7.15 37.73 39.25
CA ASN C 8 5.80 37.81 38.69
C ASN C 8 5.00 36.55 38.93
N GLY C 9 5.01 36.08 40.17
CA GLY C 9 4.26 34.89 40.56
C GLY C 9 4.97 33.57 40.35
N GLU C 10 6.15 33.59 39.73
CA GLU C 10 6.86 32.35 39.46
C GLU C 10 8.20 32.32 40.12
N THR C 11 8.65 31.13 40.48
CA THR C 11 9.93 30.91 41.16
C THR C 11 11.11 30.90 40.20
N ARG C 12 12.19 31.54 40.62
CA ARG C 12 13.32 31.78 39.76
C ARG C 12 14.64 31.70 40.53
N ARG C 13 15.54 30.83 40.07
CA ARG C 13 16.83 30.61 40.70
C ARG C 13 17.94 31.10 39.79
N VAL C 14 18.61 32.16 40.23
CA VAL C 14 19.64 32.82 39.45
C VAL C 14 20.98 32.62 40.12
N ARG C 15 21.99 32.36 39.29
CA ARG C 15 23.31 32.04 39.77
C ARG C 15 24.20 33.27 39.64
N ILE C 16 24.45 33.94 40.75
CA ILE C 16 25.15 35.22 40.74
C ILE C 16 26.64 35.07 40.44
N GLU C 17 27.09 35.77 39.41
CA GLU C 17 28.51 35.84 39.09
C GLU C 17 29.02 37.25 39.27
N ASP C 18 28.13 38.21 39.00
CA ASP C 18 28.37 39.64 39.06
C ASP C 18 27.46 40.20 40.17
N PRO C 19 27.97 40.27 41.41
CA PRO C 19 27.10 40.55 42.55
C PRO C 19 26.60 41.99 42.53
N THR C 20 27.31 42.81 41.77
CA THR C 20 27.08 44.24 41.71
C THR C 20 26.15 44.63 40.56
N GLN C 21 25.71 43.64 39.78
CA GLN C 21 24.83 43.89 38.65
C GLN C 21 23.46 44.32 39.13
N SER C 22 22.85 45.25 38.40
CA SER C 22 21.58 45.82 38.80
C SER C 22 20.38 45.02 38.29
N LEU C 23 19.31 45.04 39.06
CA LEU C 23 18.04 44.41 38.71
C LEU C 23 17.55 44.90 37.35
N LEU C 24 17.76 46.18 37.06
CA LEU C 24 17.44 46.76 35.77
C LEU C 24 18.21 46.11 34.60
N GLU C 25 19.53 45.90 34.74
CA GLU C 25 20.30 45.20 33.67
C GLU C 25 19.77 43.81 33.50
N TRP C 26 19.60 43.15 34.64
CA TRP C 26 19.20 41.76 34.66
C TRP C 26 17.85 41.59 33.97
N LEU C 27 16.82 42.25 34.48
CA LEU C 27 15.50 42.20 33.89
C LEU C 27 15.49 42.47 32.38
N ARG C 28 16.18 43.53 31.98
CA ARG C 28 16.24 43.88 30.58
C ARG C 28 17.01 42.84 29.72
N ALA C 29 18.07 42.25 30.28
CA ALA C 29 18.76 41.16 29.56
C ALA C 29 17.83 39.96 29.47
N GLU C 30 17.06 39.71 30.54
CA GLU C 30 16.07 38.63 30.54
C GLU C 30 15.12 38.75 29.38
N GLY C 31 14.90 39.96 28.92
CA GLY C 31 13.94 40.25 27.88
C GLY C 31 12.72 40.89 28.48
N LEU C 32 12.75 41.07 29.80
CA LEU C 32 11.65 41.74 30.53
C LEU C 32 11.80 43.24 30.33
N THR C 33 11.16 43.70 29.26
CA THR C 33 11.52 44.92 28.56
C THR C 33 10.69 46.13 28.98
N GLY C 34 9.63 45.88 29.77
CA GLY C 34 8.70 46.93 30.18
C GLY C 34 9.29 47.85 31.20
N THR C 35 10.22 47.33 32.00
CA THR C 35 10.98 48.15 32.95
C THR C 35 11.97 48.99 32.16
N LYS C 36 11.83 50.30 32.30
CA LYS C 36 12.55 51.25 31.44
C LYS C 36 13.78 51.86 32.09
N GLU C 37 14.76 52.22 31.28
CA GLU C 37 15.83 53.11 31.77
C GLU C 37 15.64 54.58 31.36
N GLY C 38 15.49 55.44 32.36
CA GLY C 38 15.31 56.87 32.15
C GLY C 38 16.48 57.72 32.64
N CYS C 39 17.37 57.16 33.45
CA CYS C 39 18.46 57.95 34.00
C CYS C 39 19.57 57.11 34.63
N ASN C 40 19.22 55.91 35.10
CA ASN C 40 20.14 54.98 35.76
C ASN C 40 20.81 55.59 37.01
N GLU C 41 20.13 56.56 37.60
CA GLU C 41 20.71 57.40 38.61
C GLU C 41 19.86 57.51 39.88
N GLY C 42 18.69 56.88 39.87
CA GLY C 42 17.78 56.89 41.00
C GLY C 42 16.69 57.92 40.92
N ASP C 43 16.83 58.86 39.99
CA ASP C 43 16.04 60.09 39.99
C ASP C 43 14.66 60.07 39.34
N CYS C 44 14.48 59.32 38.28
CA CYS C 44 13.29 59.51 37.43
C CYS C 44 12.10 58.56 37.63
N GLY C 45 12.36 57.34 38.11
CA GLY C 45 11.31 56.36 38.43
C GLY C 45 10.86 55.44 37.31
N ALA C 46 11.55 55.50 36.17
CA ALA C 46 11.16 54.74 34.99
C ALA C 46 11.38 53.24 35.18
N CYS C 47 12.25 52.92 36.13
CA CYS C 47 12.59 51.52 36.42
C CYS C 47 11.93 50.99 37.69
N THR C 48 10.89 51.65 38.15
CA THR C 48 10.20 51.28 39.36
C THR C 48 9.69 49.85 39.36
N VAL C 49 10.18 49.07 40.32
CA VAL C 49 9.67 47.73 40.56
C VAL C 49 9.08 47.60 41.96
N MET C 50 8.17 46.64 42.11
CA MET C 50 7.55 46.41 43.41
C MET C 50 8.07 45.14 44.05
N ILE C 51 8.62 45.25 45.25
CA ILE C 51 9.10 44.06 45.92
C ILE C 51 8.29 43.72 47.16
N ARG C 52 8.40 42.49 47.61
CA ARG C 52 7.66 42.04 48.80
C ARG C 52 8.44 41.02 49.60
N ASP C 53 8.30 41.10 50.91
CA ASP C 53 8.79 40.10 51.84
C ASP C 53 7.87 40.09 53.08
N ALA C 54 8.37 39.65 54.23
CA ALA C 54 7.54 39.54 55.44
C ALA C 54 6.99 40.88 55.93
N ALA C 55 7.73 41.97 55.69
CA ALA C 55 7.30 43.30 56.06
C ALA C 55 6.20 43.89 55.16
N GLY C 56 5.83 43.16 54.11
CA GLY C 56 4.79 43.60 53.16
C GLY C 56 5.39 44.03 51.82
N SER C 57 4.69 44.88 51.10
CA SER C 57 5.18 45.27 49.78
C SER C 57 5.67 46.73 49.73
N ARG C 58 6.51 47.02 48.74
CA ARG C 58 7.06 48.37 48.55
C ARG C 58 7.57 48.57 47.12
N ALA C 59 7.36 49.77 46.58
CA ALA C 59 7.87 50.10 45.25
C ALA C 59 9.30 50.66 45.34
N VAL C 60 10.17 50.20 44.45
CA VAL C 60 11.58 50.62 44.45
C VAL C 60 12.17 50.85 43.04
N ASN C 61 13.30 51.54 42.98
CA ASN C 61 14.07 51.70 41.75
C ASN C 61 14.99 50.52 41.47
N ALA C 62 14.70 49.80 40.40
CA ALA C 62 15.46 48.63 40.02
C ALA C 62 16.93 48.93 39.67
N CYS C 63 17.25 50.15 39.26
CA CYS C 63 18.62 50.45 38.84
C CYS C 63 19.54 50.64 40.02
N LEU C 64 18.97 51.08 41.14
CA LEU C 64 19.74 51.23 42.35
C LEU C 64 19.90 49.88 43.05
N MET C 65 19.12 48.89 42.62
CA MET C 65 19.04 47.63 43.32
C MET C 65 19.88 46.54 42.66
N MET C 66 20.69 45.87 43.46
CA MET C 66 21.47 44.74 42.98
C MET C 66 20.79 43.43 43.36
N LEU C 67 21.07 42.37 42.59
CA LEU C 67 20.36 41.10 42.69
C LEU C 67 20.35 40.42 44.08
N PRO C 68 21.53 40.34 44.77
CA PRO C 68 21.63 39.67 46.07
C PRO C 68 20.61 40.14 47.08
N GLN C 69 20.08 41.33 46.86
CA GLN C 69 19.13 41.92 47.79
C GLN C 69 17.69 41.44 47.62
N ILE C 70 17.36 40.86 46.47
CA ILE C 70 15.98 40.45 46.25
C ILE C 70 15.80 38.99 46.61
N ALA C 71 16.88 38.42 47.14
CA ALA C 71 16.93 37.04 47.62
C ALA C 71 15.92 36.78 48.73
N GLY C 72 15.09 35.76 48.52
CA GLY C 72 14.04 35.39 49.44
C GLY C 72 12.74 36.16 49.20
N LYS C 73 12.81 37.17 48.35
CA LYS C 73 11.72 38.14 48.19
C LYS C 73 10.85 37.85 46.96
N ALA C 74 9.72 38.55 46.85
CA ALA C 74 8.82 38.41 45.73
C ALA C 74 8.79 39.66 44.82
N LEU C 75 9.33 39.51 43.61
CA LEU C 75 9.47 40.60 42.63
C LEU C 75 8.26 40.78 41.70
N ARG C 76 7.72 41.99 41.66
CA ARG C 76 6.70 42.36 40.68
C ARG C 76 7.16 43.46 39.70
N THR C 77 7.23 43.15 38.42
CA THR C 77 7.48 44.20 37.41
C THR C 77 6.18 44.58 36.68
N ILE C 78 6.25 45.53 35.75
CA ILE C 78 5.06 46.00 35.05
C ILE C 78 4.33 44.85 34.35
N GLU C 79 5.12 43.94 33.79
CA GLU C 79 4.57 42.81 33.09
C GLU C 79 3.83 41.86 34.04
N GLY C 80 3.96 42.07 35.35
CA GLY C 80 3.25 41.25 36.32
C GLY C 80 2.09 41.92 37.04
N ILE C 81 1.68 43.10 36.59
CA ILE C 81 0.72 43.93 37.34
C ILE C 81 -0.70 43.62 36.95
N ALA C 82 -0.85 43.04 35.77
CA ALA C 82 -2.14 42.54 35.33
C ALA C 82 -2.34 41.13 35.88
N ALA C 83 -3.61 40.73 36.02
CA ALA C 83 -3.99 39.39 36.47
C ALA C 83 -3.54 38.32 35.47
N PRO C 84 -3.27 37.08 35.96
CA PRO C 84 -2.78 35.97 35.11
C PRO C 84 -3.72 35.65 33.95
N ASP C 85 -5.01 35.73 34.23
CA ASP C 85 -6.03 35.50 33.22
C ASP C 85 -6.30 36.78 32.43
N GLY C 86 -5.30 37.66 32.35
CA GLY C 86 -5.35 38.81 31.44
C GLY C 86 -6.04 40.09 31.89
N ARG C 87 -6.90 40.01 32.89
CA ARG C 87 -7.55 41.18 33.44
C ARG C 87 -6.54 42.28 33.92
N LEU C 88 -6.88 43.53 33.69
CA LEU C 88 -6.01 44.63 34.07
C LEU C 88 -6.23 44.97 35.53
N HIS C 89 -5.18 45.46 36.19
CA HIS C 89 -5.28 46.03 37.53
C HIS C 89 -6.14 47.29 37.48
N PRO C 90 -6.93 47.57 38.53
CA PRO C 90 -7.74 48.81 38.56
C PRO C 90 -6.96 50.10 38.24
N VAL C 91 -5.69 50.13 38.62
CA VAL C 91 -4.78 51.21 38.32
C VAL C 91 -4.53 51.34 36.79
N GLN C 92 -4.21 50.23 36.15
CA GLN C 92 -4.07 50.18 34.69
C GLN C 92 -5.30 50.66 33.93
N GLN C 93 -6.46 50.17 34.35
CA GLN C 93 -7.69 50.58 33.75
C GLN C 93 -7.91 52.04 34.03
N ALA C 94 -7.62 52.45 35.27
CA ALA C 94 -7.84 53.84 35.64
C ALA C 94 -7.05 54.73 34.69
N MET C 95 -5.78 54.38 34.50
CA MET C 95 -4.87 55.19 33.70
C MET C 95 -5.31 55.32 32.27
N ILE C 96 -5.94 54.27 31.75
CA ILE C 96 -6.56 54.36 30.44
C ILE C 96 -7.77 55.31 30.44
N ASP C 97 -8.63 55.22 31.46
CA ASP C 97 -9.88 55.98 31.48
C ASP C 97 -9.68 57.48 31.69
N HIS C 98 -8.61 57.83 32.39
CA HIS C 98 -8.30 59.20 32.66
C HIS C 98 -7.12 59.74 31.89
N HIS C 99 -6.65 59.01 30.88
CA HIS C 99 -5.61 59.52 29.98
C HIS C 99 -4.31 59.86 30.69
N GLY C 100 -3.91 59.03 31.64
CA GLY C 100 -2.74 59.33 32.44
C GLY C 100 -1.44 58.98 31.77
N SER C 101 -1.47 58.86 30.45
CA SER C 101 -0.26 58.59 29.67
C SER C 101 -0.38 59.22 28.31
N GLN C 102 0.77 59.61 27.77
CA GLN C 102 0.87 60.26 26.48
C GLN C 102 1.92 59.56 25.62
N CYS C 103 3.19 59.76 25.91
CA CYS C 103 4.22 59.01 25.19
C CYS C 103 4.38 57.62 25.76
N GLY C 104 3.94 57.45 27.02
CA GLY C 104 3.94 56.16 27.70
C GLY C 104 5.23 55.61 28.30
N PHE C 105 6.35 56.33 28.17
CA PHE C 105 7.64 55.82 28.63
C PHE C 105 7.81 55.66 30.14
N CYS C 106 7.22 56.58 30.86
CA CYS C 106 7.24 56.60 32.30
C CYS C 106 6.03 55.86 32.89
N THR C 107 5.19 55.29 32.03
CA THR C 107 3.93 54.71 32.50
C THR C 107 4.09 53.44 33.30
N PRO C 108 4.97 52.51 32.84
CA PRO C 108 5.23 51.32 33.65
C PRO C 108 5.64 51.65 35.07
N GLY C 109 6.55 52.62 35.23
CA GLY C 109 7.02 53.08 36.52
C GLY C 109 5.92 53.63 37.38
N PHE C 110 5.09 54.48 36.79
CA PHE C 110 3.89 54.96 37.45
C PHE C 110 2.96 53.81 37.87
N ILE C 111 2.63 52.94 36.91
CA ILE C 111 1.74 51.83 37.17
C ILE C 111 2.24 51.01 38.35
N VAL C 112 3.54 50.71 38.36
CA VAL C 112 4.12 49.93 39.46
C VAL C 112 4.00 50.68 40.81
N SER C 113 4.24 51.99 40.81
CA SER C 113 4.12 52.81 42.02
C SER C 113 2.68 52.84 42.52
N MET C 114 1.77 52.84 41.56
CA MET C 114 0.37 52.99 41.86
C MET C 114 -0.19 51.68 42.38
N ALA C 115 0.18 50.58 41.72
CA ALA C 115 -0.18 49.27 42.20
C ALA C 115 0.37 49.10 43.62
N ALA C 116 1.63 49.50 43.83
CA ALA C 116 2.27 49.29 45.11
C ALA C 116 1.49 50.02 46.18
N ALA C 117 1.09 51.25 45.88
CA ALA C 117 0.31 52.06 46.80
C ALA C 117 -1.06 51.43 47.05
N HIS C 118 -1.61 50.80 46.02
CA HIS C 118 -2.94 50.24 46.08
C HIS C 118 -2.97 49.03 46.99
N ASP C 119 -1.95 48.17 46.83
CA ASP C 119 -1.74 47.02 47.67
C ASP C 119 -1.88 47.36 49.13
N ARG C 120 -1.35 48.52 49.54
CA ARG C 120 -1.31 48.90 50.94
C ARG C 120 -2.22 50.08 51.29
N ASP C 121 -3.23 50.33 50.44
CA ASP C 121 -4.23 51.37 50.69
C ASP C 121 -3.65 52.76 51.02
N ARG C 122 -2.46 53.03 50.51
CA ARG C 122 -1.78 54.32 50.73
C ARG C 122 -2.23 55.40 49.74
N LYS C 123 -2.44 56.61 50.25
CA LYS C 123 -3.18 57.63 49.50
C LYS C 123 -2.46 58.98 49.38
N ASP C 124 -1.26 59.07 49.96
CA ASP C 124 -0.48 60.29 49.90
C ASP C 124 0.30 60.33 48.58
N TYR C 125 -0.42 60.64 47.51
CA TYR C 125 0.07 60.46 46.15
C TYR C 125 1.22 61.36 45.76
N ASP C 126 1.20 62.59 46.24
CA ASP C 126 2.27 63.54 45.95
C ASP C 126 3.61 63.03 46.40
N ASP C 127 3.61 62.25 47.47
CA ASP C 127 4.84 61.73 48.03
C ASP C 127 5.19 60.40 47.41
N LEU C 128 4.22 59.49 47.35
CA LEU C 128 4.39 58.22 46.67
C LEU C 128 4.94 58.46 45.28
N LEU C 129 4.42 59.46 44.61
CA LEU C 129 4.77 59.69 43.22
C LEU C 129 5.85 60.76 42.95
N ALA C 130 6.45 61.31 44.00
CA ALA C 130 7.53 62.31 43.84
C ALA C 130 8.65 61.86 42.88
N GLY C 131 9.00 60.59 42.95
CA GLY C 131 10.12 60.07 42.21
C GLY C 131 9.71 59.45 40.90
N ASN C 132 8.49 59.73 40.45
CA ASN C 132 8.07 59.28 39.14
C ASN C 132 7.89 60.50 38.25
N LEU C 133 8.90 60.82 37.44
CA LEU C 133 8.86 62.00 36.58
C LEU C 133 8.04 61.74 35.35
N CYS C 134 7.32 62.76 34.92
CA CYS C 134 6.60 62.68 33.67
C CYS C 134 6.72 64.01 32.95
N ARG C 135 7.21 64.00 31.72
CA ARG C 135 7.36 65.20 30.94
C ARG C 135 6.11 65.63 30.12
N CYS C 136 5.13 64.76 29.95
CA CYS C 136 4.00 65.09 29.06
C CYS C 136 2.71 65.47 29.75
N THR C 137 2.35 64.80 30.84
CA THR C 137 0.93 64.84 31.24
C THR C 137 0.47 66.06 32.02
N GLY C 138 1.36 66.61 32.83
CA GLY C 138 1.01 67.63 33.81
C GLY C 138 0.59 66.95 35.10
N TYR C 139 0.78 65.63 35.19
CA TYR C 139 0.49 64.84 36.43
C TYR C 139 -1.01 64.78 36.82
N ALA C 140 -1.75 65.83 36.51
CA ALA C 140 -3.17 65.90 36.86
C ALA C 140 -4.03 64.68 36.46
N PRO C 141 -3.89 64.19 35.22
CA PRO C 141 -4.57 62.94 34.83
C PRO C 141 -4.21 61.76 35.72
N ILE C 142 -2.94 61.65 36.11
CA ILE C 142 -2.45 60.57 36.97
C ILE C 142 -3.07 60.65 38.38
N LEU C 143 -3.19 61.86 38.92
CA LEU C 143 -3.86 62.03 40.19
C LEU C 143 -5.30 61.52 40.12
N ARG C 144 -6.00 61.83 39.03
CA ARG C 144 -7.35 61.35 38.83
C ARG C 144 -7.40 59.84 38.75
N ALA C 145 -6.43 59.26 38.05
CA ALA C 145 -6.35 57.82 37.94
C ALA C 145 -6.20 57.18 39.31
N ALA C 146 -5.28 57.71 40.12
CA ALA C 146 -5.01 57.15 41.44
C ALA C 146 -6.27 57.18 42.31
N GLU C 147 -6.95 58.33 42.30
CA GLU C 147 -8.11 58.58 43.10
C GLU C 147 -9.31 57.71 42.70
N ALA C 148 -9.44 57.44 41.40
CA ALA C 148 -10.51 56.59 40.92
C ALA C 148 -10.20 55.12 41.26
N ALA C 149 -8.92 54.76 41.14
CA ALA C 149 -8.49 53.38 41.39
C ALA C 149 -8.71 52.95 42.83
N ALA C 150 -8.62 53.93 43.74
CA ALA C 150 -8.70 53.70 45.18
C ALA C 150 -10.05 53.10 45.55
N GLY C 151 -11.10 53.46 44.79
CA GLY C 151 -12.41 52.85 44.95
C GLY C 151 -12.39 51.33 44.93
N GLU C 152 -11.70 50.78 43.93
CA GLU C 152 -11.66 49.35 43.66
C GLU C 152 -10.97 48.55 44.76
N PRO C 153 -11.44 47.31 45.02
CA PRO C 153 -10.80 46.41 46.00
C PRO C 153 -9.44 45.86 45.51
N PRO C 154 -8.52 45.52 46.44
CA PRO C 154 -7.15 45.17 46.03
C PRO C 154 -7.05 43.93 45.14
N ALA C 155 -6.07 43.94 44.25
CA ALA C 155 -5.76 42.78 43.44
C ALA C 155 -5.21 41.67 44.33
N ASP C 156 -5.88 40.51 44.36
CA ASP C 156 -5.44 39.41 45.21
C ASP C 156 -4.29 38.64 44.62
N TRP C 157 -4.18 38.65 43.29
CA TRP C 157 -3.07 37.97 42.61
C TRP C 157 -1.70 38.51 43.02
N LEU C 158 -1.68 39.79 43.40
CA LEU C 158 -0.49 40.44 43.93
C LEU C 158 -0.28 40.10 45.40
N GLN C 159 -1.37 40.16 46.17
CA GLN C 159 -1.36 39.69 47.56
C GLN C 159 -0.87 38.25 47.70
N ALA C 160 -1.30 37.39 46.77
CA ALA C 160 -0.86 36.00 46.68
C ALA C 160 0.63 35.76 46.93
N ASP C 161 1.47 36.72 46.56
CA ASP C 161 2.91 36.58 46.70
C ASP C 161 3.40 36.53 48.15
N ALA C 162 2.54 36.93 49.09
CA ALA C 162 2.84 36.84 50.53
C ALA C 162 3.27 35.43 50.93
N ALA C 163 2.67 34.43 50.28
CA ALA C 163 2.94 33.02 50.51
C ALA C 163 4.41 32.63 50.42
N PHE C 164 5.15 33.31 49.55
CA PHE C 164 6.53 32.94 49.21
C PHE C 164 7.56 33.00 50.36
N THR C 165 8.54 32.09 50.26
CA THR C 165 9.57 31.76 51.29
C THR C 165 9.06 31.36 52.69
N LEU C 166 7.78 31.62 52.94
CA LEU C 166 7.15 31.25 54.19
C LEU C 166 6.81 29.76 54.15
N PRO C 179 31.29 35.27 45.96
CA PRO C 179 30.91 36.44 45.17
C PRO C 179 30.57 37.68 46.02
N ALA C 180 29.74 37.49 47.06
CA ALA C 180 29.37 38.56 47.98
C ALA C 180 28.91 37.97 49.31
N PHE C 181 29.34 38.58 50.40
CA PHE C 181 28.99 38.07 51.73
C PHE C 181 27.64 38.62 52.14
N LEU C 182 26.77 37.75 52.64
CA LEU C 182 25.44 38.19 53.05
C LEU C 182 25.11 37.82 54.50
N PRO C 183 25.61 38.63 55.45
CA PRO C 183 25.47 38.39 56.89
C PRO C 183 24.05 38.40 57.41
N GLU C 184 23.78 37.50 58.34
CA GLU C 184 22.44 37.32 58.87
C GLU C 184 22.26 38.07 60.18
N THR C 185 23.37 38.31 60.86
CA THR C 185 23.35 38.99 62.14
C THR C 185 24.50 39.97 62.27
N SER C 186 24.34 40.91 63.20
CA SER C 186 25.36 41.89 63.51
C SER C 186 26.70 41.22 63.82
N ASP C 187 26.67 40.10 64.54
CA ASP C 187 27.86 39.30 64.85
C ASP C 187 28.58 38.83 63.59
N ALA C 188 27.87 38.08 62.76
CA ALA C 188 28.44 37.53 61.53
C ALA C 188 29.18 38.63 60.81
N LEU C 189 28.49 39.76 60.62
CA LEU C 189 29.07 40.92 59.97
C LEU C 189 30.32 41.40 60.71
N ALA C 190 30.18 41.62 62.01
CA ALA C 190 31.25 42.14 62.85
C ALA C 190 32.51 41.32 62.75
N ASP C 191 32.37 40.01 62.57
CA ASP C 191 33.52 39.14 62.38
C ASP C 191 34.15 39.36 61.02
N TRP C 192 33.31 39.34 59.99
CA TRP C 192 33.75 39.29 58.61
C TRP C 192 34.46 40.57 58.22
N TYR C 193 33.88 41.69 58.65
CA TYR C 193 34.44 42.99 58.33
C TYR C 193 35.74 43.22 59.09
N LEU C 194 35.84 42.61 60.27
CA LEU C 194 37.08 42.62 61.07
C LEU C 194 38.21 41.93 60.30
N ALA C 195 37.86 40.89 59.56
CA ALA C 195 38.79 40.17 58.69
C ALA C 195 39.00 40.89 57.37
N HIS C 196 38.06 41.76 56.99
CA HIS C 196 38.11 42.40 55.69
C HIS C 196 37.79 43.88 55.77
N PRO C 197 38.69 44.67 56.36
CA PRO C 197 38.44 46.10 56.54
C PRO C 197 38.31 46.86 55.20
N GLU C 198 39.01 46.38 54.18
CA GLU C 198 39.03 47.00 52.86
C GLU C 198 37.74 46.70 52.06
N ALA C 199 36.78 46.05 52.72
CA ALA C 199 35.53 45.64 52.08
C ALA C 199 34.52 46.78 51.87
N THR C 200 33.77 46.67 50.78
CA THR C 200 32.68 47.60 50.48
C THR C 200 31.37 47.06 51.02
N LEU C 201 30.90 47.64 52.12
CA LEU C 201 29.59 47.31 52.65
C LEU C 201 28.51 48.00 51.82
N ILE C 202 27.44 47.29 51.52
CA ILE C 202 26.33 47.89 50.81
C ILE C 202 25.07 47.65 51.58
N ALA C 203 24.43 48.74 52.00
CA ALA C 203 23.16 48.67 52.68
C ALA C 203 22.04 48.81 51.64
N GLY C 204 21.51 50.02 51.47
CA GLY C 204 20.56 50.29 50.41
C GLY C 204 21.26 50.34 49.08
N GLY C 205 22.51 50.78 49.08
CA GLY C 205 23.29 50.92 47.87
C GLY C 205 22.72 51.96 46.92
N THR C 206 22.15 53.02 47.49
CA THR C 206 21.57 54.11 46.71
C THR C 206 22.62 55.18 46.48
N ASP C 207 23.69 55.13 47.28
CA ASP C 207 24.85 55.96 46.99
C ASP C 207 25.78 55.11 46.16
N VAL C 208 26.11 53.91 46.65
CA VAL C 208 27.13 53.04 46.06
C VAL C 208 26.89 52.67 44.60
N SER C 209 25.66 52.31 44.28
CA SER C 209 25.40 51.81 42.95
C SER C 209 25.69 52.86 41.87
N LEU C 210 25.67 54.14 42.25
CA LEU C 210 26.07 55.23 41.34
C LEU C 210 27.57 55.31 41.05
N TRP C 211 28.39 54.66 41.88
CA TRP C 211 29.81 54.47 41.58
C TRP C 211 29.95 53.50 40.41
N VAL C 212 29.10 52.46 40.41
CA VAL C 212 29.08 51.50 39.31
C VAL C 212 28.36 52.01 38.03
N THR C 213 27.19 52.65 38.18
CA THR C 213 26.44 53.16 37.01
C THR C 213 27.13 54.35 36.34
N LYS C 214 27.34 55.44 37.07
CA LYS C 214 27.86 56.66 36.46
C LYS C 214 29.40 56.77 36.46
N ALA C 215 30.02 56.41 37.58
CA ALA C 215 31.48 56.35 37.62
C ALA C 215 32.01 55.11 36.93
N LEU C 216 31.12 54.20 36.57
CA LEU C 216 31.51 52.93 35.94
C LEU C 216 32.69 52.27 36.69
N ARG C 217 32.51 52.08 38.00
CA ARG C 217 33.57 51.53 38.84
C ARG C 217 33.37 50.04 39.09
N ASP C 218 34.47 49.37 39.46
CA ASP C 218 34.46 47.97 39.86
C ASP C 218 34.74 47.83 41.36
N LEU C 219 33.89 47.06 42.04
CA LEU C 219 33.94 46.92 43.49
C LEU C 219 34.18 45.47 43.90
N PRO C 220 35.46 45.06 44.04
CA PRO C 220 35.78 43.75 44.64
C PRO C 220 35.63 43.78 46.17
N GLU C 221 35.27 42.63 46.76
CA GLU C 221 34.99 42.49 48.21
C GLU C 221 33.73 43.23 48.70
N VAL C 222 32.62 42.50 48.75
CA VAL C 222 31.31 43.10 48.98
C VAL C 222 30.49 42.39 50.05
N ALA C 223 29.77 43.18 50.83
CA ALA C 223 28.86 42.67 51.84
C ALA C 223 27.52 43.42 51.79
N PHE C 224 26.44 42.66 51.72
CA PHE C 224 25.11 43.26 51.77
C PHE C 224 24.55 43.19 53.16
N LEU C 225 24.09 44.32 53.67
CA LEU C 225 23.60 44.38 55.02
C LEU C 225 22.07 44.34 55.08
N SER C 226 21.42 44.51 53.94
CA SER C 226 19.98 44.63 53.92
C SER C 226 19.28 43.37 54.43
N HIS C 227 20.02 42.27 54.55
CA HIS C 227 19.42 40.99 54.94
C HIS C 227 19.66 40.68 56.40
N CYS C 228 20.23 41.65 57.09
CA CYS C 228 20.65 41.46 58.45
C CYS C 228 19.65 42.09 59.41
N LYS C 229 18.82 41.24 60.02
CA LYS C 229 17.62 41.65 60.74
C LYS C 229 17.86 42.53 61.97
N ASP C 230 18.84 42.16 62.79
CA ASP C 230 19.02 42.84 64.08
C ASP C 230 19.71 44.22 63.97
N LEU C 231 20.21 44.52 62.78
CA LEU C 231 20.84 45.80 62.50
C LEU C 231 19.81 46.88 62.06
N ALA C 232 18.59 46.45 61.77
CA ALA C 232 17.55 47.35 61.29
C ALA C 232 16.41 47.49 62.28
N GLN C 233 16.73 47.68 63.56
CA GLN C 233 15.74 47.68 64.62
C GLN C 233 15.53 49.05 65.24
N ILE C 234 14.30 49.35 65.62
CA ILE C 234 14.02 50.49 66.50
C ILE C 234 13.68 49.94 67.87
N ARG C 235 14.54 50.25 68.84
CA ARG C 235 14.43 49.73 70.20
C ARG C 235 14.36 50.85 71.22
N GLU C 236 13.58 50.65 72.27
CA GLU C 236 13.40 51.65 73.32
C GLU C 236 14.47 51.42 74.40
N THR C 237 15.16 52.49 74.75
CA THR C 237 16.27 52.46 75.70
C THR C 237 15.92 53.41 76.85
N PRO C 238 16.69 53.36 77.96
CA PRO C 238 16.44 54.31 79.07
C PRO C 238 16.40 55.77 78.62
N ASP C 239 17.45 56.21 77.92
CA ASP C 239 17.58 57.61 77.46
C ASP C 239 16.72 57.98 76.26
N GLY C 240 16.34 56.99 75.45
CA GLY C 240 15.44 57.23 74.35
C GLY C 240 15.22 56.08 73.39
N TYR C 241 15.68 56.28 72.15
CA TYR C 241 15.42 55.35 71.06
C TYR C 241 16.70 54.97 70.34
N GLY C 242 17.06 53.70 70.40
CA GLY C 242 18.22 53.19 69.70
C GLY C 242 17.85 52.72 68.31
N ILE C 243 18.22 53.51 67.31
CA ILE C 243 17.86 53.23 65.92
C ILE C 243 19.02 52.57 65.20
N GLY C 244 18.77 51.36 64.69
CA GLY C 244 19.79 50.54 64.02
C GLY C 244 20.21 51.11 62.68
N ALA C 245 21.42 50.78 62.26
CA ALA C 245 21.97 51.36 61.06
C ALA C 245 21.19 50.97 59.78
N GLY C 246 20.67 49.74 59.76
CA GLY C 246 19.93 49.24 58.61
C GLY C 246 18.48 49.67 58.54
N VAL C 247 18.05 50.49 59.49
CA VAL C 247 16.72 51.06 59.48
C VAL C 247 16.63 52.03 58.30
N THR C 248 15.59 51.87 57.48
CA THR C 248 15.42 52.70 56.28
C THR C 248 14.85 54.08 56.59
N ILE C 249 15.20 55.05 55.76
CA ILE C 249 14.70 56.42 55.85
C ILE C 249 13.16 56.47 55.90
N ALA C 250 12.51 55.59 55.14
CA ALA C 250 11.06 55.43 55.21
C ALA C 250 10.61 54.91 56.59
N ALA C 251 11.30 53.87 57.07
CA ALA C 251 11.04 53.27 58.39
C ALA C 251 11.27 54.28 59.50
N LEU C 252 12.38 54.99 59.41
CA LEU C 252 12.67 56.05 60.36
C LEU C 252 11.61 57.15 60.33
N ARG C 253 11.15 57.52 59.13
CA ARG C 253 10.17 58.59 58.98
C ARG C 253 8.86 58.18 59.63
N ALA C 254 8.53 56.91 59.49
CA ALA C 254 7.29 56.39 60.03
C ALA C 254 7.32 56.43 61.54
N PHE C 255 8.42 55.97 62.13
CA PHE C 255 8.55 55.97 63.57
C PHE C 255 8.60 57.38 64.12
N ALA C 256 9.24 58.28 63.38
CA ALA C 256 9.50 59.65 63.86
C ALA C 256 8.25 60.50 63.96
N GLU C 257 7.19 60.09 63.29
CA GLU C 257 5.96 60.86 63.29
C GLU C 257 5.33 61.02 64.68
N GLY C 258 5.74 60.19 65.63
CA GLY C 258 5.28 60.29 67.00
C GLY C 258 6.12 61.24 67.82
N PRO C 259 7.32 60.80 68.23
CA PRO C 259 8.18 61.60 69.11
C PRO C 259 9.05 62.67 68.42
N HIS C 260 9.04 62.74 67.09
CA HIS C 260 9.88 63.70 66.38
C HIS C 260 9.27 64.18 65.06
N PRO C 261 8.08 64.81 65.14
CA PRO C 261 7.44 65.35 63.93
C PRO C 261 8.37 66.18 63.02
N ALA C 262 9.26 66.96 63.60
CA ALA C 262 10.15 67.77 62.80
C ALA C 262 11.09 66.89 61.97
N LEU C 263 11.64 65.83 62.59
CA LEU C 263 12.45 64.88 61.86
C LEU C 263 11.65 64.21 60.73
N ALA C 264 10.44 63.77 61.05
CA ALA C 264 9.61 63.05 60.08
C ALA C 264 9.20 63.95 58.93
N GLY C 265 8.99 65.24 59.25
CA GLY C 265 8.63 66.24 58.26
C GLY C 265 9.79 66.56 57.32
N LEU C 266 11.01 66.53 57.88
CA LEU C 266 12.22 66.67 57.10
C LEU C 266 12.39 65.51 56.15
N LEU C 267 12.23 64.30 56.67
CA LEU C 267 12.45 63.08 55.89
C LEU C 267 11.47 62.85 54.76
N ARG C 268 10.30 63.50 54.82
CA ARG C 268 9.34 63.43 53.75
C ARG C 268 9.99 63.98 52.48
N ARG C 269 10.92 64.90 52.64
CA ARG C 269 11.59 65.51 51.51
C ARG C 269 13.04 65.02 51.38
N PHE C 270 13.29 63.82 51.90
CA PHE C 270 14.55 63.13 51.69
C PHE C 270 14.28 62.22 50.52
N ALA C 271 15.01 62.43 49.42
CA ALA C 271 14.84 61.67 48.19
C ALA C 271 13.36 61.47 47.79
N SER C 272 13.09 60.31 47.20
CA SER C 272 11.73 59.85 46.87
C SER C 272 11.34 58.68 47.78
N GLU C 273 10.06 58.35 47.78
CA GLU C 273 9.56 57.13 48.42
C GLU C 273 10.36 55.89 48.03
N GLN C 274 10.59 55.70 46.72
CA GLN C 274 11.34 54.55 46.22
C GLN C 274 12.73 54.41 46.81
N VAL C 275 13.38 55.55 47.03
CA VAL C 275 14.74 55.57 47.53
C VAL C 275 14.67 55.40 49.02
N ARG C 276 13.78 56.20 49.62
CA ARG C 276 13.50 56.15 51.06
C ARG C 276 13.22 54.72 51.54
N GLN C 277 12.57 53.93 50.68
CA GLN C 277 12.28 52.54 50.98
C GLN C 277 13.48 51.63 51.15
N VAL C 278 14.63 51.99 50.59
CA VAL C 278 15.78 51.08 50.61
C VAL C 278 17.01 51.66 51.32
N ALA C 279 17.10 52.98 51.34
CA ALA C 279 18.22 53.69 51.90
C ALA C 279 18.17 53.67 53.42
N THR C 280 19.34 53.53 54.03
CA THR C 280 19.42 53.48 55.48
C THR C 280 20.04 54.76 56.05
N ILE C 281 19.73 55.10 57.32
CA ILE C 281 20.45 56.20 58.02
C ILE C 281 21.89 55.84 58.30
N GLY C 282 22.14 54.55 58.50
CA GLY C 282 23.50 54.04 58.66
C GLY C 282 24.36 54.47 57.50
N GLY C 283 23.93 54.10 56.29
CA GLY C 283 24.60 54.51 55.04
C GLY C 283 24.61 56.01 54.78
N ASN C 284 23.51 56.70 55.12
CA ASN C 284 23.47 58.16 55.08
C ASN C 284 24.60 58.81 55.90
N ILE C 285 24.82 58.30 57.12
CA ILE C 285 25.87 58.79 57.99
C ILE C 285 27.23 58.35 57.45
N ALA C 286 27.33 57.07 57.11
CA ALA C 286 28.58 56.47 56.67
C ALA C 286 29.02 56.96 55.29
N ASN C 287 28.07 57.43 54.50
CA ASN C 287 28.43 58.09 53.26
C ASN C 287 29.30 59.30 53.58
N GLY C 288 28.85 60.10 54.54
CA GLY C 288 29.62 61.22 55.06
C GLY C 288 29.49 62.51 54.26
N SER C 289 28.44 62.62 53.43
CA SER C 289 28.27 63.79 52.57
C SER C 289 27.85 65.02 53.35
N PRO C 290 28.39 66.19 52.95
CA PRO C 290 28.09 67.45 53.63
C PRO C 290 26.70 67.95 53.33
N ILE C 291 26.03 67.34 52.35
CA ILE C 291 24.66 67.70 52.06
C ILE C 291 23.66 66.59 52.35
N GLY C 292 24.08 65.57 53.11
CA GLY C 292 23.13 64.61 53.63
C GLY C 292 22.14 65.25 54.60
N ASP C 293 20.88 64.86 54.49
CA ASP C 293 19.82 65.43 55.34
C ASP C 293 19.70 64.84 56.75
N GLY C 294 20.12 63.59 56.92
CA GLY C 294 20.16 62.97 58.24
C GLY C 294 20.94 63.69 59.33
N PRO C 295 22.27 63.88 59.13
CA PRO C 295 23.12 64.38 60.20
C PRO C 295 22.78 65.79 60.75
N PRO C 296 22.56 66.79 59.87
CA PRO C 296 22.17 68.05 60.50
C PRO C 296 20.98 67.86 61.45
N ALA C 297 20.00 67.06 61.08
CA ALA C 297 18.80 66.91 61.89
C ALA C 297 19.11 66.25 63.22
N LEU C 298 19.87 65.16 63.15
CA LEU C 298 20.21 64.40 64.33
C LEU C 298 21.15 65.13 65.27
N ILE C 299 22.10 65.88 64.70
CA ILE C 299 22.96 66.75 65.48
C ILE C 299 22.12 67.76 66.26
N ALA C 300 21.23 68.46 65.57
CA ALA C 300 20.42 69.47 66.22
C ALA C 300 19.63 68.91 67.40
N MET C 301 19.05 67.72 67.24
CA MET C 301 18.27 67.16 68.34
C MET C 301 19.16 66.38 69.31
N GLY C 302 20.46 66.41 69.08
CA GLY C 302 21.42 65.85 70.02
C GLY C 302 21.60 64.35 70.03
N ALA C 303 21.36 63.68 68.91
CA ALA C 303 21.56 62.25 68.80
C ALA C 303 23.01 61.85 68.98
N SER C 304 23.23 60.58 69.31
CA SER C 304 24.58 60.03 69.43
C SER C 304 24.73 58.84 68.49
N LEU C 305 25.97 58.51 68.15
CA LEU C 305 26.28 57.46 67.20
C LEU C 305 27.11 56.37 67.85
N THR C 306 26.76 55.12 67.56
CA THR C 306 27.53 53.98 68.04
C THR C 306 28.28 53.29 66.90
N LEU C 307 29.60 53.27 66.99
CA LEU C 307 30.43 52.47 66.08
C LEU C 307 30.78 51.11 66.69
N ARG C 308 31.16 50.17 65.83
CA ARG C 308 31.50 48.83 66.27
C ARG C 308 32.63 48.23 65.44
N ARG C 309 33.67 47.77 66.14
CA ARG C 309 34.80 47.14 65.49
C ARG C 309 34.97 45.76 66.12
N GLY C 310 34.43 44.77 65.44
CA GLY C 310 34.33 43.41 65.96
C GLY C 310 33.58 43.42 67.26
N GLN C 311 34.28 43.01 68.31
CA GLN C 311 33.70 42.92 69.64
C GLN C 311 33.52 44.29 70.28
N GLU C 312 34.24 45.28 69.78
CA GLU C 312 34.35 46.59 70.41
C GLU C 312 33.25 47.57 70.02
N ARG C 313 32.91 48.48 70.93
CA ARG C 313 31.83 49.42 70.72
C ARG C 313 32.15 50.85 71.21
N ARG C 314 32.20 51.80 70.29
CA ARG C 314 32.43 53.22 70.59
C ARG C 314 31.13 53.98 70.55
N ARG C 315 31.03 55.02 71.36
CA ARG C 315 29.86 55.86 71.37
C ARG C 315 30.37 57.30 71.33
N MET C 316 29.65 58.19 70.65
CA MET C 316 30.04 59.60 70.57
C MET C 316 28.88 60.45 70.07
N PRO C 317 28.95 61.78 70.25
CA PRO C 317 27.96 62.65 69.61
C PRO C 317 28.16 62.66 68.11
N LEU C 318 27.06 62.53 67.36
CA LEU C 318 27.12 62.33 65.90
C LEU C 318 27.99 63.37 65.17
N GLU C 319 27.91 64.63 65.60
CA GLU C 319 28.70 65.70 65.01
C GLU C 319 30.22 65.47 65.05
N ASP C 320 30.70 64.65 65.98
CA ASP C 320 32.12 64.37 66.14
C ASP C 320 32.63 63.31 65.18
N PHE C 321 31.70 62.65 64.49
CA PHE C 321 32.04 61.59 63.53
C PHE C 321 32.64 62.16 62.26
N PHE C 322 32.16 63.34 61.88
CA PHE C 322 32.53 63.99 60.64
C PHE C 322 33.74 64.91 60.83
N LEU C 323 34.87 64.54 60.25
CA LEU C 323 36.10 65.26 60.51
C LEU C 323 36.35 66.33 59.45
N GLU C 324 36.56 65.89 58.22
CA GLU C 324 36.73 66.80 57.08
C GLU C 324 35.94 66.24 55.91
N TYR C 325 35.71 67.05 54.88
CA TYR C 325 35.08 66.56 53.66
C TYR C 325 35.80 65.28 53.25
N ARG C 326 35.04 64.20 53.08
CA ARG C 326 35.60 62.89 52.73
C ARG C 326 36.49 62.28 53.81
N LYS C 327 36.19 62.55 55.07
CA LYS C 327 37.03 62.10 56.16
C LYS C 327 36.20 61.94 57.43
N GLN C 328 36.06 60.71 57.87
CA GLN C 328 35.24 60.42 59.05
C GLN C 328 36.05 59.72 60.11
N ASP C 329 35.61 59.87 61.36
CA ASP C 329 36.25 59.20 62.49
C ASP C 329 35.91 57.70 62.49
N ARG C 330 36.60 56.96 61.65
CA ARG C 330 36.32 55.54 61.45
C ARG C 330 37.60 54.73 61.28
N ARG C 331 37.77 53.72 62.12
CA ARG C 331 38.92 52.86 62.05
C ARG C 331 38.64 51.75 61.05
N PRO C 332 39.69 51.18 60.41
CA PRO C 332 39.50 49.94 59.63
C PRO C 332 38.83 48.80 60.45
N GLY C 333 37.86 48.14 59.83
CA GLY C 333 37.10 47.07 60.48
C GLY C 333 35.95 47.56 61.34
N GLU C 334 35.70 48.85 61.32
CA GLU C 334 34.65 49.45 62.12
C GLU C 334 33.46 49.83 61.23
N PHE C 335 32.24 49.61 61.69
CA PHE C 335 31.06 50.02 60.95
C PHE C 335 30.07 50.77 61.83
N VAL C 336 29.13 51.48 61.22
CA VAL C 336 28.09 52.20 61.95
C VAL C 336 27.07 51.17 62.38
N GLU C 337 26.74 51.12 63.67
CA GLU C 337 25.82 50.11 64.19
C GLU C 337 24.43 50.66 64.50
N SER C 338 24.41 51.87 65.04
CA SER C 338 23.16 52.51 65.47
C SER C 338 23.37 53.99 65.79
N VAL C 339 22.27 54.73 65.85
CA VAL C 339 22.25 56.03 66.47
C VAL C 339 21.18 56.04 67.54
N THR C 340 21.41 56.79 68.61
CA THR C 340 20.41 56.91 69.68
C THR C 340 19.80 58.31 69.69
N LEU C 341 18.48 58.37 69.71
CA LEU C 341 17.76 59.64 69.78
C LEU C 341 17.15 59.78 71.17
N PRO C 342 17.07 61.03 71.69
CA PRO C 342 16.35 61.25 72.94
C PRO C 342 14.89 60.89 72.80
N LYS C 343 14.21 60.72 73.92
CA LYS C 343 12.80 60.43 73.91
C LYS C 343 12.00 61.58 73.28
N SER C 344 12.53 62.79 73.38
CA SER C 344 11.82 63.98 72.95
C SER C 344 12.74 65.18 72.76
N ALA C 345 12.32 66.10 71.88
CA ALA C 345 13.00 67.35 71.60
C ALA C 345 12.01 68.30 70.94
N PRO C 346 11.06 68.85 71.73
CA PRO C 346 9.97 69.58 71.08
C PRO C 346 10.34 70.97 70.54
N GLY C 347 11.63 71.29 70.56
CA GLY C 347 12.08 72.59 70.05
C GLY C 347 12.66 72.51 68.65
N LEU C 348 13.02 71.30 68.23
CA LEU C 348 13.65 71.08 66.95
C LEU C 348 12.78 71.57 65.81
N ARG C 349 13.41 72.29 64.89
CA ARG C 349 12.84 72.62 63.59
C ARG C 349 13.88 72.32 62.54
N CYS C 350 13.40 71.83 61.40
CA CYS C 350 14.25 71.38 60.29
C CYS C 350 13.87 72.00 58.96
N TYR C 351 14.78 72.78 58.40
CA TYR C 351 14.54 73.45 57.13
C TYR C 351 15.42 72.86 56.04
N LYS C 352 14.80 72.46 54.94
CA LYS C 352 15.55 72.04 53.77
C LYS C 352 15.35 73.11 52.70
N LEU C 353 16.41 73.54 52.06
CA LEU C 353 16.25 74.51 50.98
C LEU C 353 16.92 74.07 49.69
N SER C 354 16.10 73.87 48.67
CA SER C 354 16.52 73.38 47.36
C SER C 354 15.81 74.12 46.22
N LYS C 355 16.15 73.82 44.98
CA LYS C 355 15.56 74.52 43.84
C LYS C 355 14.09 74.07 43.61
N ARG C 356 13.86 72.77 43.74
CA ARG C 356 12.53 72.20 43.72
C ARG C 356 12.23 71.68 45.15
N PHE C 357 10.95 71.65 45.52
CA PHE C 357 10.56 71.09 46.81
C PHE C 357 10.86 69.61 46.93
N ASP C 358 10.48 68.85 45.90
CA ASP C 358 10.56 67.39 45.95
C ASP C 358 11.75 66.74 45.24
N GLN C 359 12.14 65.58 45.76
CA GLN C 359 13.37 64.90 45.40
C GLN C 359 14.43 65.83 44.84
N ASP C 360 14.99 66.65 45.71
CA ASP C 360 16.07 67.51 45.34
C ASP C 360 17.09 67.39 46.44
N ILE C 361 18.32 67.80 46.16
CA ILE C 361 19.27 67.79 47.24
C ILE C 361 19.37 69.21 47.74
N SER C 362 19.67 69.36 49.02
CA SER C 362 19.73 70.66 49.68
C SER C 362 20.88 71.54 49.22
N ALA C 363 20.60 72.83 49.10
CA ALA C 363 21.65 73.84 49.02
C ALA C 363 22.01 74.20 50.46
N VAL C 364 20.98 74.49 51.26
CA VAL C 364 21.13 74.66 52.68
C VAL C 364 20.11 73.84 53.42
N CYS C 365 20.58 73.13 54.43
CA CYS C 365 19.74 72.44 55.37
C CYS C 365 20.05 72.94 56.76
N GLY C 366 19.08 73.56 57.41
CA GLY C 366 19.29 74.11 58.73
C GLY C 366 18.38 73.52 59.76
N CYS C 367 18.97 73.02 60.83
CA CYS C 367 18.22 72.47 61.91
C CYS C 367 18.52 73.21 63.19
N LEU C 368 17.47 73.63 63.87
CA LEU C 368 17.62 74.44 65.06
C LEU C 368 16.79 73.88 66.21
N ASN C 369 17.42 73.82 67.37
CA ASN C 369 16.80 73.31 68.57
C ASN C 369 17.25 74.12 69.78
N LEU C 370 16.34 74.94 70.28
CA LEU C 370 16.63 75.80 71.41
C LEU C 370 15.74 75.44 72.60
N THR C 371 16.29 75.58 73.81
CA THR C 371 15.52 75.42 75.03
C THR C 371 15.33 76.77 75.70
N LEU C 372 14.15 76.97 76.26
CA LEU C 372 13.80 78.24 76.90
C LEU C 372 13.53 78.13 78.41
N LYS C 373 14.46 78.63 79.22
CA LYS C 373 14.16 78.94 80.62
C LYS C 373 13.25 80.18 80.61
N GLY C 374 11.96 79.95 80.40
CA GLY C 374 10.95 81.01 80.31
C GLY C 374 11.41 82.27 79.60
N SER C 375 11.36 82.27 78.27
CA SER C 375 11.80 83.41 77.45
C SER C 375 13.33 83.63 77.40
N LYS C 376 14.09 82.88 78.20
CA LYS C 376 15.54 82.95 78.17
C LYS C 376 16.10 81.75 77.40
N ILE C 377 16.98 82.01 76.44
CA ILE C 377 17.62 80.93 75.69
C ILE C 377 18.56 80.17 76.62
N GLU C 378 18.17 78.94 76.94
CA GLU C 378 18.94 78.07 77.81
C GLU C 378 20.03 77.33 77.05
N THR C 379 19.63 76.44 76.14
CA THR C 379 20.55 75.76 75.24
C THR C 379 20.16 76.05 73.80
N ALA C 380 21.15 75.96 72.92
CA ALA C 380 20.93 76.14 71.50
C ALA C 380 21.73 75.13 70.73
N ARG C 381 21.02 74.29 69.98
CA ARG C 381 21.63 73.39 69.03
C ARG C 381 21.19 73.81 67.63
N ILE C 382 22.15 74.35 66.89
CA ILE C 382 21.93 74.90 65.56
C ILE C 382 22.97 74.29 64.63
N ALA C 383 22.50 73.42 63.74
CA ALA C 383 23.36 72.67 62.85
C ALA C 383 23.02 72.90 61.38
N PHE C 384 24.05 72.82 60.53
CA PHE C 384 23.88 73.04 59.12
C PHE C 384 24.46 71.95 58.22
N GLY C 385 23.75 71.67 57.14
CA GLY C 385 24.29 70.95 56.00
C GLY C 385 24.39 71.91 54.83
N GLY C 386 25.26 71.58 53.89
CA GLY C 386 25.41 72.35 52.66
C GLY C 386 26.24 73.61 52.80
N MET C 387 26.70 73.87 54.02
CA MET C 387 27.39 75.10 54.37
C MET C 387 28.88 74.94 54.53
N ALA C 388 29.35 73.70 54.63
CA ALA C 388 30.75 73.40 54.91
C ALA C 388 31.08 71.98 54.45
N GLY C 389 32.35 71.59 54.50
CA GLY C 389 32.76 70.24 54.09
C GLY C 389 32.21 69.09 54.93
N VAL C 390 31.79 69.41 56.14
CA VAL C 390 31.13 68.45 57.02
C VAL C 390 29.86 69.10 57.56
N PRO C 391 28.88 68.30 58.01
CA PRO C 391 27.78 68.91 58.76
C PRO C 391 28.27 69.35 60.13
N LYS C 392 27.86 70.54 60.58
CA LYS C 392 28.40 71.09 61.82
C LYS C 392 27.50 72.11 62.51
N ARG C 393 27.72 72.23 63.81
CA ARG C 393 27.05 73.24 64.62
C ARG C 393 27.65 74.62 64.34
N ALA C 394 26.83 75.64 64.49
CA ALA C 394 27.28 77.02 64.37
C ALA C 394 27.66 77.47 65.78
N ALA C 395 28.91 77.21 66.16
CA ALA C 395 29.39 77.47 67.50
C ALA C 395 29.26 78.93 67.90
N ALA C 396 29.79 79.83 67.07
CA ALA C 396 29.76 81.27 67.35
C ALA C 396 28.33 81.79 67.50
N PHE C 397 27.48 81.44 66.54
CA PHE C 397 26.09 81.85 66.57
C PHE C 397 25.34 81.23 67.76
N GLU C 398 25.62 79.97 68.06
CA GLU C 398 25.07 79.30 69.24
C GLU C 398 25.51 80.03 70.50
N ALA C 399 26.82 80.19 70.64
CA ALA C 399 27.42 80.83 71.81
C ALA C 399 26.78 82.19 72.13
N ALA C 400 26.65 83.03 71.11
CA ALA C 400 26.11 84.38 71.27
C ALA C 400 24.67 84.42 71.70
N LEU C 401 23.99 83.28 71.66
CA LEU C 401 22.56 83.26 71.81
C LEU C 401 22.14 82.93 73.23
N ILE C 402 22.99 82.18 73.93
CA ILE C 402 22.68 81.71 75.28
C ILE C 402 22.49 82.90 76.21
N GLY C 403 21.47 82.83 77.07
CA GLY C 403 21.15 83.87 78.05
C GLY C 403 20.27 84.99 77.51
N GLN C 404 20.22 85.09 76.19
CA GLN C 404 19.47 86.15 75.54
C GLN C 404 17.99 85.88 75.55
N ASP C 405 17.23 86.90 75.17
CA ASP C 405 15.81 86.77 74.98
C ASP C 405 15.46 86.18 73.63
N PHE C 406 14.53 85.24 73.65
CA PHE C 406 14.00 84.67 72.42
C PHE C 406 13.01 85.63 71.76
N ARG C 407 13.55 86.58 71.02
CA ARG C 407 12.77 87.48 70.19
C ARG C 407 13.54 87.66 68.91
N GLU C 408 12.88 88.23 67.89
CA GLU C 408 13.48 88.31 66.59
C GLU C 408 14.68 89.25 66.52
N ASP C 409 14.57 90.39 67.17
CA ASP C 409 15.62 91.41 67.14
C ASP C 409 16.91 90.94 67.81
N THR C 410 16.78 90.03 68.78
CA THR C 410 17.93 89.35 69.35
C THR C 410 18.64 88.61 68.23
N ILE C 411 17.98 87.58 67.72
CA ILE C 411 18.50 86.75 66.63
C ILE C 411 19.05 87.59 65.47
N ALA C 412 18.27 88.58 65.06
CA ALA C 412 18.67 89.56 64.04
C ALA C 412 20.07 90.10 64.26
N ALA C 413 20.35 90.48 65.50
CA ALA C 413 21.61 91.10 65.86
C ALA C 413 22.76 90.11 65.82
N ALA C 414 22.49 88.85 66.16
CA ALA C 414 23.51 87.80 66.21
C ALA C 414 23.86 87.22 64.84
N LEU C 415 23.02 87.52 63.85
CA LEU C 415 23.11 86.96 62.50
C LEU C 415 24.48 86.97 61.85
N PRO C 416 25.19 88.13 61.90
CA PRO C 416 26.51 88.17 61.28
C PRO C 416 27.42 87.05 61.73
N LEU C 417 27.21 86.56 62.95
CA LEU C 417 28.10 85.53 63.51
C LEU C 417 28.12 84.21 62.74
N LEU C 418 27.04 83.93 62.01
CA LEU C 418 26.96 82.79 61.11
C LEU C 418 28.00 82.91 60.00
N ALA C 419 28.22 84.13 59.51
CA ALA C 419 29.24 84.40 58.50
C ALA C 419 30.63 84.08 59.03
N GLN C 420 30.76 84.11 60.34
CA GLN C 420 32.01 83.68 60.97
C GLN C 420 32.09 82.17 61.07
N ASP C 421 30.95 81.53 61.32
CA ASP C 421 30.89 80.06 61.44
C ASP C 421 31.09 79.32 60.11
N PHE C 422 30.48 79.84 59.04
CA PHE C 422 30.58 79.21 57.72
C PHE C 422 31.02 80.18 56.64
N THR C 423 31.83 79.68 55.71
CA THR C 423 32.14 80.37 54.48
C THR C 423 31.74 79.44 53.34
N PRO C 424 30.46 79.53 52.94
CA PRO C 424 29.87 78.63 51.96
C PRO C 424 30.46 78.78 50.57
N LEU C 425 30.36 77.71 49.78
CA LEU C 425 30.79 77.67 48.41
C LEU C 425 29.66 77.95 47.42
N SER C 426 30.01 78.13 46.15
CA SER C 426 29.02 78.28 45.09
C SER C 426 29.05 77.11 44.15
N ASP C 427 27.90 76.77 43.59
CA ASP C 427 27.81 75.69 42.61
C ASP C 427 26.52 75.81 41.83
N MET C 428 26.22 74.81 41.01
CA MET C 428 25.04 74.86 40.16
C MET C 428 23.74 75.00 40.95
N ARG C 429 23.74 74.61 42.21
CA ARG C 429 22.50 74.58 42.99
C ARG C 429 22.21 75.94 43.55
N ALA C 430 23.26 76.65 43.94
CA ALA C 430 23.14 77.96 44.58
C ALA C 430 24.51 78.66 44.65
N SER C 431 24.48 79.99 44.69
CA SER C 431 25.68 80.76 44.98
C SER C 431 25.92 80.86 46.49
N ALA C 432 27.18 81.04 46.89
CA ALA C 432 27.56 81.24 48.30
C ALA C 432 26.76 82.35 49.00
N ALA C 433 26.59 83.48 48.33
CA ALA C 433 25.82 84.58 48.86
C ALA C 433 24.42 84.10 49.27
N TYR C 434 23.81 83.30 48.40
CA TYR C 434 22.50 82.78 48.65
C TYR C 434 22.52 81.78 49.82
N ARG C 435 23.48 80.87 49.78
CA ARG C 435 23.69 79.93 50.85
C ARG C 435 23.80 80.61 52.21
N MET C 436 24.66 81.60 52.30
CA MET C 436 24.79 82.36 53.53
C MET C 436 23.47 82.97 53.93
N ASN C 437 23.00 83.91 53.14
CA ASN C 437 21.76 84.59 53.42
C ASN C 437 20.60 83.65 53.87
N ALA C 438 20.52 82.47 53.28
CA ALA C 438 19.43 81.55 53.56
C ALA C 438 19.63 80.89 54.91
N ALA C 439 20.88 80.56 55.23
CA ALA C 439 21.24 80.12 56.57
C ALA C 439 20.77 81.13 57.61
N GLN C 440 21.12 82.39 57.42
CA GLN C 440 20.63 83.42 58.31
C GLN C 440 19.11 83.45 58.37
N ALA C 441 18.48 83.51 57.21
CA ALA C 441 17.01 83.59 57.10
C ALA C 441 16.29 82.49 57.85
N MET C 442 16.98 81.36 58.01
CA MET C 442 16.40 80.21 58.71
C MET C 442 16.25 80.48 60.19
N ALA C 443 17.23 81.19 60.75
CA ALA C 443 17.19 81.61 62.13
C ALA C 443 15.94 82.44 62.32
N LEU C 444 15.74 83.41 61.44
CA LEU C 444 14.57 84.26 61.52
C LEU C 444 13.27 83.50 61.34
N ARG C 445 13.31 82.45 60.52
CA ARG C 445 12.12 81.65 60.31
C ARG C 445 11.78 80.93 61.61
N TYR C 446 12.83 80.48 62.30
CA TYR C 446 12.71 79.77 63.58
C TYR C 446 12.02 80.57 64.69
N VAL C 447 12.41 81.83 64.92
CA VAL C 447 11.68 82.62 65.90
C VAL C 447 10.24 82.76 65.48
N ARG C 448 10.00 83.35 64.30
CA ARG C 448 8.64 83.61 63.79
C ARG C 448 7.72 82.39 63.86
N GLU C 449 8.29 81.22 63.57
CA GLU C 449 7.51 80.00 63.60
C GLU C 449 7.12 79.68 65.05
N LEU C 450 8.10 79.78 65.94
CA LEU C 450 7.89 79.44 67.35
C LEU C 450 6.99 80.44 68.07
N SER C 451 6.68 81.54 67.41
CA SER C 451 5.70 82.49 67.92
C SER C 451 4.45 82.60 67.05
N GLY C 452 4.11 81.52 66.35
CA GLY C 452 2.82 81.36 65.67
C GLY C 452 2.63 82.17 64.40
N GLU C 453 3.71 82.67 63.82
CA GLU C 453 3.60 83.36 62.55
C GLU C 453 3.60 82.39 61.37
N ALA C 454 2.78 82.68 60.36
CA ALA C 454 2.77 81.92 59.09
C ALA C 454 4.08 82.15 58.35
N VAL C 455 4.67 81.05 57.90
CA VAL C 455 6.07 81.07 57.57
C VAL C 455 6.42 80.15 56.38
N ALA C 456 5.64 79.07 56.24
CA ALA C 456 5.95 77.99 55.33
C ALA C 456 5.01 77.93 54.13
N VAL C 457 5.58 78.10 52.94
CA VAL C 457 4.85 78.06 51.67
C VAL C 457 4.00 76.79 51.55
N LEU C 458 4.57 75.67 51.99
CA LEU C 458 3.97 74.36 51.80
C LEU C 458 2.76 74.03 52.68
N GLU C 459 2.27 75.00 53.46
CA GLU C 459 1.09 74.81 54.31
C GLU C 459 -0.02 75.78 53.91
N VAL C 460 0.22 76.51 52.82
CA VAL C 460 -0.73 77.48 52.29
C VAL C 460 -1.78 76.73 51.46
N MET C 461 -3.05 77.04 51.71
CA MET C 461 -4.15 76.35 51.06
C MET C 461 -4.49 77.02 49.74
N PRO C 462 -4.44 76.27 48.63
CA PRO C 462 -4.53 76.73 47.24
C PRO C 462 -5.46 77.91 47.00
N SER D 2 -16.09 60.08 13.68
CA SER D 2 -15.49 59.70 14.99
C SER D 2 -14.68 60.86 15.58
N VAL D 3 -14.17 61.72 14.70
CA VAL D 3 -13.59 63.03 15.05
C VAL D 3 -14.36 63.75 16.16
N GLY D 4 -13.68 64.22 17.19
CA GLY D 4 -14.32 65.04 18.23
C GLY D 4 -14.83 64.32 19.48
N LYS D 5 -14.82 62.99 19.42
CA LYS D 5 -15.04 62.15 20.60
C LYS D 5 -13.78 62.19 21.46
N PRO D 6 -13.93 62.07 22.79
CA PRO D 6 -12.78 62.03 23.67
C PRO D 6 -12.15 60.64 23.76
N LEU D 7 -11.65 60.10 22.66
CA LEU D 7 -11.07 58.74 22.66
C LEU D 7 -9.64 58.69 23.19
N PRO D 8 -9.26 57.61 23.89
CA PRO D 8 -7.89 57.46 24.38
C PRO D 8 -6.77 57.32 23.31
N HIS D 9 -5.54 57.63 23.70
CA HIS D 9 -4.33 57.41 22.90
C HIS D 9 -4.33 56.00 22.33
N ASP D 10 -3.91 55.86 21.06
CA ASP D 10 -3.94 54.59 20.31
C ASP D 10 -3.26 53.47 21.03
N SER D 11 -2.40 53.83 21.97
CA SER D 11 -1.49 52.89 22.60
C SER D 11 -1.59 52.88 24.13
N ALA D 12 -2.63 53.50 24.65
CA ALA D 12 -2.86 53.56 26.09
C ALA D 12 -2.72 52.19 26.79
N ARG D 13 -3.38 51.18 26.24
CA ARG D 13 -3.29 49.86 26.79
C ARG D 13 -1.89 49.33 26.76
N ALA D 14 -1.22 49.47 25.63
CA ALA D 14 0.12 48.93 25.50
C ALA D 14 1.11 49.68 26.39
N HIS D 15 0.82 50.96 26.65
CA HIS D 15 1.58 51.76 27.59
C HIS D 15 1.41 51.25 29.00
N VAL D 16 0.18 50.92 29.37
CA VAL D 16 -0.18 50.64 30.77
C VAL D 16 0.19 49.23 31.25
N THR D 17 0.50 48.34 30.32
CA THR D 17 0.94 47.01 30.64
C THR D 17 2.37 46.76 30.20
N GLY D 18 3.05 47.81 29.77
CA GLY D 18 4.45 47.73 29.38
C GLY D 18 4.70 46.90 28.13
N GLN D 19 3.75 46.92 27.20
CA GLN D 19 3.92 46.15 25.99
C GLN D 19 4.38 47.00 24.81
N ALA D 20 4.15 48.30 24.88
CA ALA D 20 4.61 49.19 23.85
C ALA D 20 6.14 49.09 23.81
N ARG D 21 6.69 48.87 22.62
CA ARG D 21 8.14 48.77 22.43
C ARG D 21 8.69 50.10 21.94
N TYR D 22 9.79 50.54 22.53
CA TYR D 22 10.57 51.70 22.12
C TYR D 22 11.88 51.18 21.49
N LEU D 23 12.65 52.01 20.79
CA LEU D 23 13.82 51.51 20.06
C LEU D 23 14.65 50.48 20.80
N ASP D 24 15.12 50.84 21.99
CA ASP D 24 15.88 49.91 22.81
C ASP D 24 15.11 48.68 23.29
N ASP D 25 13.78 48.63 23.10
CA ASP D 25 13.01 47.41 23.44
C ASP D 25 12.95 46.42 22.29
N LEU D 26 13.26 46.88 21.07
CA LEU D 26 13.19 46.03 19.87
C LEU D 26 14.09 44.82 20.02
N PRO D 27 13.58 43.64 19.65
CA PRO D 27 14.46 42.48 19.69
C PRO D 27 15.47 42.64 18.59
N CYS D 28 16.73 42.30 18.81
CA CYS D 28 17.66 42.36 17.69
C CYS D 28 18.65 41.20 17.63
N PRO D 29 19.34 41.06 16.48
CA PRO D 29 20.18 39.88 16.31
C PRO D 29 21.26 39.83 17.36
N ALA D 30 21.74 38.63 17.68
CA ALA D 30 22.65 38.43 18.80
C ALA D 30 23.98 39.10 18.57
N ASN D 31 24.39 39.22 17.31
CA ASN D 31 25.65 39.89 16.97
C ASN D 31 25.62 41.44 16.95
N THR D 32 24.54 42.05 17.45
CA THR D 32 24.39 43.50 17.40
C THR D 32 25.49 44.17 18.20
N LEU D 33 26.06 45.22 17.63
CA LEU D 33 27.07 46.01 18.29
C LEU D 33 26.46 47.22 18.96
N HIS D 34 27.25 47.85 19.83
CA HIS D 34 26.72 48.90 20.68
C HIS D 34 27.71 50.02 20.66
N LEU D 35 27.21 51.25 20.56
CA LEU D 35 28.08 52.41 20.29
C LEU D 35 28.02 53.53 21.32
N ALA D 36 29.20 54.12 21.56
CA ALA D 36 29.37 55.34 22.31
C ALA D 36 30.35 56.28 21.59
N PHE D 37 30.11 57.57 21.76
CA PHE D 37 31.01 58.59 21.33
C PHE D 37 32.04 58.84 22.42
N GLY D 38 33.24 59.21 22.00
CA GLY D 38 34.23 59.78 22.91
C GLY D 38 34.13 61.28 22.68
N LEU D 39 34.09 62.04 23.76
CA LEU D 39 33.78 63.46 23.68
C LEU D 39 34.96 64.40 23.95
N SER D 40 34.88 65.59 23.36
CA SER D 40 35.77 66.69 23.70
C SER D 40 35.68 67.08 25.17
N THR D 41 36.84 67.23 25.79
CA THR D 41 36.93 67.87 27.09
C THR D 41 37.18 69.37 26.98
N GLU D 42 37.26 69.92 25.76
CA GLU D 42 37.63 71.32 25.57
C GLU D 42 36.49 72.13 24.95
N ALA D 43 36.34 73.40 25.31
CA ALA D 43 35.36 74.28 24.68
C ALA D 43 35.80 74.68 23.27
N SER D 44 37.11 74.85 23.06
CA SER D 44 37.64 75.31 21.79
C SER D 44 39.14 75.05 21.67
N ALA D 45 39.51 74.15 20.78
CA ALA D 45 40.88 73.71 20.69
C ALA D 45 41.10 73.04 19.36
N ALA D 46 42.36 72.88 19.01
CA ALA D 46 42.72 72.06 17.87
C ALA D 46 43.17 70.71 18.41
N ILE D 47 42.95 69.65 17.64
CA ILE D 47 43.35 68.33 18.11
C ILE D 47 44.75 67.99 17.62
N THR D 48 45.69 67.89 18.55
CA THR D 48 47.11 67.75 18.24
C THR D 48 47.50 66.30 18.05
N GLY D 49 46.85 65.43 18.83
CA GLY D 49 47.16 64.02 18.91
C GLY D 49 45.95 63.25 19.40
N LEU D 50 45.81 62.03 18.90
CA LEU D 50 44.62 61.22 19.10
C LEU D 50 45.05 59.76 19.18
N ASP D 51 45.46 59.33 20.38
CA ASP D 51 45.86 57.95 20.62
C ASP D 51 44.66 57.12 21.07
N LEU D 52 44.13 56.36 20.12
CA LEU D 52 42.95 55.54 20.34
C LEU D 52 43.35 54.12 20.63
N GLU D 53 44.57 53.96 21.11
CA GLU D 53 45.12 52.65 21.34
C GLU D 53 44.49 51.96 22.55
N PRO D 54 44.49 52.63 23.72
CA PRO D 54 43.79 52.06 24.85
C PRO D 54 42.31 51.82 24.56
N VAL D 55 41.76 52.52 23.58
CA VAL D 55 40.35 52.33 23.24
C VAL D 55 40.15 50.99 22.51
N ARG D 56 40.96 50.75 21.48
CA ARG D 56 40.94 49.48 20.75
C ARG D 56 41.21 48.30 21.67
N GLU D 57 42.12 48.49 22.62
CA GLU D 57 42.52 47.45 23.56
C GLU D 57 41.46 47.14 24.64
N SER D 58 40.50 48.02 24.85
CA SER D 58 39.51 47.81 25.91
C SER D 58 38.68 46.56 25.59
N PRO D 59 38.24 45.84 26.64
CA PRO D 59 37.43 44.63 26.48
C PRO D 59 36.14 44.85 25.66
N GLY D 60 35.81 43.89 24.81
CA GLY D 60 34.58 43.96 24.05
C GLY D 60 34.59 44.83 22.81
N VAL D 61 35.63 45.64 22.61
CA VAL D 61 35.73 46.56 21.45
C VAL D 61 35.96 45.87 20.10
N ILE D 62 35.22 46.31 19.09
CA ILE D 62 35.24 45.68 17.78
C ILE D 62 35.84 46.64 16.77
N ALA D 63 35.43 47.90 16.85
CA ALA D 63 35.85 48.93 15.90
C ALA D 63 35.85 50.27 16.57
N VAL D 64 36.73 51.15 16.09
CA VAL D 64 36.85 52.51 16.59
C VAL D 64 36.95 53.42 15.39
N PHE D 65 36.20 54.51 15.41
CA PHE D 65 36.10 55.39 14.25
C PHE D 65 36.49 56.81 14.51
N THR D 66 36.95 57.46 13.45
CA THR D 66 37.43 58.82 13.47
C THR D 66 36.83 59.51 12.25
N ALA D 67 36.85 60.84 12.23
CA ALA D 67 36.43 61.57 11.04
C ALA D 67 37.15 61.04 9.81
N ALA D 68 38.43 60.72 9.96
CA ALA D 68 39.21 60.09 8.88
C ALA D 68 38.57 58.80 8.43
N ASP D 69 37.97 58.08 9.37
CA ASP D 69 37.36 56.81 9.04
C ASP D 69 36.01 56.93 8.35
N LEU D 70 35.42 58.12 8.35
CA LEU D 70 34.11 58.26 7.72
C LEU D 70 34.22 58.09 6.22
N PRO D 71 33.47 57.12 5.68
CA PRO D 71 33.61 56.85 4.26
C PRO D 71 33.28 58.07 3.40
N HIS D 72 32.18 58.76 3.72
CA HIS D 72 31.66 59.86 2.88
C HIS D 72 31.46 61.16 3.67
N ASP D 73 30.30 61.80 3.53
CA ASP D 73 30.00 63.02 4.29
C ASP D 73 30.10 62.85 5.81
N ASN D 74 30.60 63.91 6.46
CA ASN D 74 30.62 64.06 7.92
C ASN D 74 29.79 65.28 8.29
N ASP D 75 28.49 65.21 8.02
CA ASP D 75 27.60 66.35 8.17
C ASP D 75 26.25 65.89 8.74
N ALA D 76 25.99 66.27 10.00
CA ALA D 76 24.74 65.92 10.67
C ALA D 76 23.70 67.05 10.65
N SER D 77 24.12 68.19 10.12
CA SER D 77 23.37 69.44 10.21
C SER D 77 22.03 69.43 9.48
N PRO D 78 20.96 69.93 10.15
CA PRO D 78 19.69 70.18 9.47
C PRO D 78 19.79 71.44 8.57
N ALA D 79 20.90 72.17 8.71
CA ALA D 79 21.16 73.44 8.01
C ALA D 79 22.18 73.26 6.86
N PRO D 80 22.17 74.20 5.86
CA PRO D 80 23.12 74.13 4.72
C PRO D 80 24.59 74.12 5.12
N SER D 81 24.92 74.79 6.24
CA SER D 81 26.28 74.79 6.82
C SER D 81 26.72 73.40 7.32
N PRO D 82 27.98 72.98 7.03
CA PRO D 82 28.42 71.67 7.52
C PRO D 82 28.43 71.58 9.05
N GLU D 83 28.10 70.42 9.59
CA GLU D 83 28.24 70.16 11.01
C GLU D 83 28.67 68.72 11.24
N PRO D 84 29.96 68.53 11.55
CA PRO D 84 30.50 67.18 11.60
C PRO D 84 29.80 66.29 12.62
N VAL D 85 29.77 65.00 12.34
CA VAL D 85 29.37 64.03 13.33
C VAL D 85 30.61 63.72 14.17
N LEU D 86 31.75 63.49 13.52
CA LEU D 86 33.03 63.39 14.23
C LEU D 86 33.91 64.62 13.96
N ALA D 87 34.54 65.11 15.03
CA ALA D 87 35.36 66.33 14.98
C ALA D 87 36.47 66.25 13.94
N THR D 88 36.46 67.21 13.03
CA THR D 88 37.41 67.26 11.94
C THR D 88 38.58 68.17 12.31
N GLY D 89 39.51 67.65 13.11
CA GLY D 89 40.76 68.37 13.45
C GLY D 89 40.73 69.31 14.64
N GLU D 90 39.53 69.75 15.04
CA GLU D 90 39.38 70.74 16.10
C GLU D 90 38.05 70.56 16.84
N VAL D 91 37.94 71.09 18.05
CA VAL D 91 36.71 70.93 18.84
C VAL D 91 36.04 72.26 19.14
N HIS D 92 34.71 72.29 19.22
CA HIS D 92 33.97 73.55 19.42
C HIS D 92 33.06 73.63 20.63
N PHE D 93 32.92 72.54 21.37
CA PHE D 93 32.29 72.59 22.68
C PHE D 93 32.70 71.39 23.51
N VAL D 94 32.46 71.46 24.82
CA VAL D 94 32.75 70.34 25.72
C VAL D 94 31.57 69.37 25.62
N GLY D 95 31.79 68.25 24.94
CA GLY D 95 30.71 67.32 24.59
C GLY D 95 30.76 66.86 23.13
N GLN D 96 31.50 67.62 22.31
CA GLN D 96 31.59 67.32 20.89
C GLN D 96 32.19 65.97 20.68
N PRO D 97 31.44 65.10 19.97
CA PRO D 97 31.96 63.80 19.53
C PRO D 97 33.19 63.92 18.63
N ILE D 98 34.25 63.22 19.04
CA ILE D 98 35.53 63.18 18.37
C ILE D 98 35.69 61.82 17.68
N PHE D 99 35.48 60.75 18.44
CA PHE D 99 35.52 59.38 17.91
C PHE D 99 34.31 58.51 18.30
N LEU D 100 34.25 57.31 17.72
CA LEU D 100 33.12 56.38 17.83
C LEU D 100 33.52 54.93 18.08
N VAL D 101 33.15 54.43 19.27
CA VAL D 101 33.40 53.06 19.72
C VAL D 101 32.24 52.13 19.40
N ALA D 102 32.55 50.92 18.93
CA ALA D 102 31.61 49.85 18.70
C ALA D 102 32.09 48.62 19.45
N ALA D 103 31.30 48.16 20.41
CA ALA D 103 31.69 47.10 21.32
C ALA D 103 30.55 46.13 21.46
N THR D 104 30.80 45.01 22.12
CA THR D 104 29.80 43.97 22.30
C THR D 104 28.68 44.30 23.32
N SER D 105 28.85 45.37 24.10
CA SER D 105 27.76 45.87 24.94
C SER D 105 27.88 47.39 25.10
N HIS D 106 26.75 48.01 25.43
CA HIS D 106 26.69 49.42 25.75
C HIS D 106 27.75 49.75 26.82
N ARG D 107 27.73 49.01 27.92
CA ARG D 107 28.73 49.23 28.97
C ARG D 107 30.16 49.25 28.48
N ALA D 108 30.54 48.23 27.72
CA ALA D 108 31.86 48.17 27.13
C ALA D 108 32.20 49.46 26.35
N ALA D 109 31.29 49.87 25.45
CA ALA D 109 31.46 51.06 24.63
C ALA D 109 31.66 52.29 25.48
N ARG D 110 30.82 52.46 26.49
CA ARG D 110 30.96 53.57 27.41
C ARG D 110 32.33 53.56 28.10
N ILE D 111 32.68 52.42 28.69
CA ILE D 111 33.92 52.31 29.40
C ILE D 111 35.06 52.56 28.43
N ALA D 112 34.95 52.00 27.23
CA ALA D 112 36.02 52.17 26.25
C ALA D 112 36.16 53.61 25.81
N ALA D 113 35.05 54.34 25.77
CA ALA D 113 35.05 55.70 25.25
C ALA D 113 35.90 56.62 26.12
N ARG D 114 36.03 56.25 27.39
CA ARG D 114 36.77 57.04 28.36
C ARG D 114 38.28 56.88 28.33
N LYS D 115 38.83 56.13 27.38
CA LYS D 115 40.25 55.75 27.48
C LYS D 115 41.19 56.32 26.42
N ALA D 116 40.72 57.28 25.63
CA ALA D 116 41.59 57.90 24.63
C ALA D 116 42.62 58.83 25.29
N ARG D 117 43.85 58.83 24.76
CA ARG D 117 44.79 59.91 25.07
C ARG D 117 44.61 60.95 24.03
N ILE D 118 44.16 62.13 24.46
CA ILE D 118 43.96 63.22 23.52
C ILE D 118 44.82 64.41 23.92
N THR D 119 45.55 64.98 22.95
CA THR D 119 46.21 66.26 23.16
C THR D 119 45.51 67.31 22.31
N TYR D 120 45.18 68.43 22.95
CA TYR D 120 44.52 69.55 22.30
C TYR D 120 45.49 70.71 22.21
N ALA D 121 45.22 71.65 21.31
CA ALA D 121 45.88 72.93 21.35
C ALA D 121 44.81 73.97 21.68
N PRO D 122 44.60 74.23 22.98
CA PRO D 122 43.50 75.08 23.40
C PRO D 122 43.46 76.45 22.75
N ARG D 123 42.26 76.96 22.55
CA ARG D 123 42.00 78.29 22.03
C ARG D 123 41.09 79.05 23.03
N PRO D 124 41.07 80.39 22.96
CA PRO D 124 40.14 81.09 23.83
C PRO D 124 38.70 80.79 23.41
N ALA D 125 37.87 80.40 24.36
CA ALA D 125 36.51 80.00 24.07
C ALA D 125 35.53 81.13 24.33
N ILE D 126 34.57 81.28 23.44
CA ILE D 126 33.54 82.30 23.57
C ILE D 126 32.29 81.68 24.24
N LEU D 127 32.02 82.04 25.49
CA LEU D 127 31.05 81.26 26.26
C LEU D 127 29.80 82.02 26.68
N THR D 128 29.87 83.35 26.71
CA THR D 128 28.70 84.19 27.00
C THR D 128 28.31 85.04 25.81
N LEU D 129 27.08 85.56 25.86
CA LEU D 129 26.51 86.44 24.81
C LEU D 129 27.40 87.64 24.53
N ASP D 130 27.77 88.35 25.59
CA ASP D 130 28.63 89.51 25.50
C ASP D 130 29.93 89.14 24.82
N GLN D 131 30.56 88.07 25.31
CA GLN D 131 31.74 87.57 24.66
C GLN D 131 31.53 87.47 23.16
N ALA D 132 30.38 86.92 22.76
CA ALA D 132 30.07 86.67 21.36
C ALA D 132 29.86 88.01 20.65
N LEU D 133 29.05 88.85 21.27
CA LEU D 133 28.81 90.22 20.80
C LEU D 133 30.16 90.93 20.64
N ALA D 134 30.93 90.99 21.73
CA ALA D 134 32.28 91.54 21.72
C ALA D 134 33.13 91.05 20.55
N ALA D 135 33.11 89.75 20.27
CA ALA D 135 34.03 89.18 19.30
C ALA D 135 33.44 89.14 17.89
N ASP D 136 32.25 89.73 17.71
CA ASP D 136 31.43 89.54 16.51
C ASP D 136 31.29 88.05 16.10
N SER D 137 31.02 87.21 17.08
CA SER D 137 30.80 85.79 16.86
C SER D 137 29.33 85.53 16.70
N ARG D 138 28.92 85.22 15.47
CA ARG D 138 27.52 85.05 15.17
C ARG D 138 27.26 84.18 13.95
N PHE D 139 25.99 84.06 13.59
CA PHE D 139 25.59 83.38 12.37
C PHE D 139 24.88 84.43 11.56
N GLU D 140 24.73 84.15 10.26
CA GLU D 140 24.15 85.06 9.26
C GLU D 140 25.03 86.29 8.94
N GLY D 141 25.99 86.60 9.81
CA GLY D 141 26.79 87.81 9.69
C GLY D 141 25.89 89.01 9.89
N GLY D 142 26.01 89.66 11.04
CA GLY D 142 25.15 90.79 11.41
C GLY D 142 23.74 90.39 11.78
N PRO D 143 23.05 91.23 12.55
CA PRO D 143 21.73 90.89 13.08
C PRO D 143 20.67 90.90 11.99
N VAL D 144 19.44 90.53 12.34
CA VAL D 144 18.28 90.67 11.44
C VAL D 144 17.43 91.78 12.05
N ILE D 145 16.99 92.73 11.21
CA ILE D 145 16.19 93.87 11.69
C ILE D 145 14.87 94.02 10.92
N TRP D 146 13.76 94.01 11.65
CA TRP D 146 12.47 94.36 11.08
C TRP D 146 11.95 95.60 11.78
N ALA D 147 11.19 96.39 11.03
CA ALA D 147 10.70 97.69 11.44
C ALA D 147 9.34 97.91 10.82
N ARG D 148 8.41 98.42 11.61
CA ARG D 148 7.08 98.72 11.14
C ARG D 148 6.80 100.13 11.61
N GLY D 149 6.67 101.05 10.66
CA GLY D 149 6.48 102.45 10.98
C GLY D 149 7.78 103.06 11.48
N ASP D 150 7.66 104.06 12.35
CA ASP D 150 8.81 104.71 12.96
C ASP D 150 8.69 104.64 14.48
N VAL D 151 9.56 103.84 15.12
CA VAL D 151 9.52 103.72 16.58
C VAL D 151 10.17 104.90 17.28
N GLU D 152 11.32 105.31 16.76
CA GLU D 152 12.05 106.46 17.28
C GLU D 152 11.06 107.59 17.52
N THR D 153 10.41 108.01 16.43
CA THR D 153 9.36 109.00 16.46
C THR D 153 8.30 108.66 17.50
N ALA D 154 7.62 107.54 17.29
CA ALA D 154 6.48 107.17 18.12
C ALA D 154 6.80 107.13 19.62
N LEU D 155 7.96 106.57 19.98
CA LEU D 155 8.40 106.50 21.38
C LEU D 155 8.73 107.87 21.94
N ALA D 156 9.53 108.63 21.18
CA ALA D 156 9.90 110.02 21.48
C ALA D 156 8.73 110.90 21.90
N GLY D 157 7.54 110.65 21.34
CA GLY D 157 6.36 111.45 21.67
C GLY D 157 5.35 110.73 22.54
N ALA D 158 5.80 109.71 23.28
CA ALA D 158 4.87 108.85 24.01
C ALA D 158 4.61 109.32 25.45
N ALA D 159 3.34 109.30 25.85
CA ALA D 159 2.90 109.73 27.18
C ALA D 159 3.53 108.90 28.32
N HIS D 160 3.68 107.61 28.09
CA HIS D 160 4.29 106.69 29.05
C HIS D 160 5.31 105.79 28.34
N LEU D 161 6.41 105.47 29.00
CA LEU D 161 7.48 104.67 28.39
C LEU D 161 8.16 103.74 29.41
N ALA D 162 8.58 102.55 28.97
CA ALA D 162 9.39 101.66 29.81
C ALA D 162 10.60 101.11 29.07
N GLU D 163 11.76 101.18 29.73
CA GLU D 163 12.98 100.52 29.26
C GLU D 163 13.36 99.44 30.25
N GLY D 164 13.92 98.36 29.73
CA GLY D 164 14.40 97.29 30.57
C GLY D 164 15.05 96.28 29.67
N CYS D 165 15.83 95.41 30.29
CA CYS D 165 16.19 94.17 29.64
C CYS D 165 16.06 93.07 30.70
N PHE D 166 16.22 91.81 30.29
CA PHE D 166 16.19 90.69 31.24
C PHE D 166 16.69 89.39 30.63
N GLU D 167 17.30 88.54 31.45
CA GLU D 167 17.80 87.25 30.99
C GLU D 167 16.65 86.25 30.88
N ILE D 168 16.74 85.35 29.91
CA ILE D 168 15.74 84.31 29.69
C ILE D 168 16.53 83.05 29.44
N GLY D 169 16.31 82.04 30.26
CA GLY D 169 17.12 80.84 30.18
C GLY D 169 16.73 79.82 29.13
N GLY D 170 17.67 78.92 28.86
CA GLY D 170 17.37 77.80 27.98
C GLY D 170 16.53 76.76 28.70
N GLN D 171 16.36 75.62 28.05
CA GLN D 171 15.59 74.50 28.59
C GLN D 171 16.18 73.20 28.04
N GLU D 172 16.33 72.20 28.92
CA GLU D 172 16.65 70.86 28.47
C GLU D 172 15.34 70.08 28.29
N HIS D 173 15.22 69.33 27.18
CA HIS D 173 13.94 68.72 26.77
C HIS D 173 13.44 67.70 27.80
N PHE D 174 14.35 66.81 28.21
CA PHE D 174 14.10 65.73 29.16
C PHE D 174 12.93 64.83 28.80
N TYR D 175 12.86 64.46 27.52
CA TYR D 175 12.07 63.33 27.05
C TYR D 175 12.53 62.12 27.88
N LEU D 176 11.60 61.33 28.39
CA LEU D 176 11.97 60.21 29.24
C LEU D 176 12.73 59.10 28.48
N GLU D 177 12.40 58.87 27.22
CA GLU D 177 13.28 58.03 26.42
C GLU D 177 14.34 58.93 25.74
N GLY D 178 15.60 58.59 25.89
CA GLY D 178 16.64 59.40 25.27
C GLY D 178 16.76 59.21 23.77
N GLN D 179 17.84 59.75 23.21
CA GLN D 179 18.15 59.56 21.81
C GLN D 179 18.59 58.11 21.65
N ALA D 180 18.03 57.43 20.65
CA ALA D 180 18.46 56.07 20.28
C ALA D 180 18.24 55.74 18.77
N ALA D 181 19.12 54.88 18.25
CA ALA D 181 19.10 54.47 16.87
C ALA D 181 19.62 53.03 16.69
N LEU D 182 19.22 52.43 15.56
CA LEU D 182 19.56 51.05 15.24
C LEU D 182 19.65 50.90 13.72
N ALA D 183 20.81 50.52 13.20
CA ALA D 183 20.99 50.33 11.76
C ALA D 183 21.20 48.86 11.42
N LEU D 184 20.39 48.37 10.47
CA LEU D 184 20.44 47.00 10.03
C LEU D 184 20.86 46.92 8.56
N PRO D 185 22.06 46.41 8.27
CA PRO D 185 22.47 46.29 6.88
C PRO D 185 21.65 45.27 6.13
N ALA D 186 21.14 45.67 4.97
CA ALA D 186 20.24 44.85 4.19
C ALA D 186 20.60 44.94 2.71
N GLU D 187 21.45 44.02 2.28
CA GLU D 187 21.77 43.80 0.87
C GLU D 187 22.00 45.08 0.09
N GLY D 188 23.17 45.68 0.33
CA GLY D 188 23.54 46.90 -0.33
C GLY D 188 22.98 48.16 0.29
N GLY D 189 21.98 48.05 1.17
CA GLY D 189 21.36 49.24 1.77
C GLY D 189 21.35 49.20 3.28
N VAL D 190 20.60 50.11 3.91
CA VAL D 190 20.38 50.01 5.34
C VAL D 190 18.93 50.19 5.71
N VAL D 191 18.56 49.62 6.85
CA VAL D 191 17.29 49.95 7.47
C VAL D 191 17.56 50.61 8.81
N ILE D 192 16.95 51.78 9.01
CA ILE D 192 17.08 52.54 10.26
C ILE D 192 15.79 52.55 11.09
N HIS D 193 15.87 52.00 12.28
CA HIS D 193 14.88 52.26 13.28
C HIS D 193 15.51 53.26 14.22
N CYS D 194 14.76 54.30 14.62
CA CYS D 194 15.28 55.30 15.54
C CYS D 194 14.16 56.03 16.26
N SER D 195 14.52 56.77 17.30
CA SER D 195 13.57 57.56 18.05
C SER D 195 13.70 58.99 17.55
N SER D 196 12.91 59.33 16.53
CA SER D 196 13.07 60.59 15.80
C SER D 196 11.75 61.21 15.36
N GLN D 197 11.72 62.55 15.40
CA GLN D 197 10.61 63.33 14.85
C GLN D 197 10.73 63.57 13.36
N HIS D 198 11.85 63.15 12.77
CA HIS D 198 12.07 63.47 11.36
C HIS D 198 12.79 62.38 10.58
N PRO D 199 12.08 61.30 10.26
CA PRO D 199 12.61 60.18 9.54
C PRO D 199 13.17 60.54 8.17
N SER D 200 12.45 61.29 7.35
CA SER D 200 12.97 61.67 6.03
C SER D 200 14.36 62.34 6.07
N GLU D 201 14.57 63.25 7.02
CA GLU D 201 15.90 63.77 7.25
C GLU D 201 16.91 62.71 7.71
N ILE D 202 16.50 61.78 8.58
CA ILE D 202 17.38 60.69 8.94
C ILE D 202 17.88 60.05 7.65
N GLN D 203 16.95 59.64 6.81
CA GLN D 203 17.25 58.97 5.55
C GLN D 203 18.31 59.75 4.74
N HIS D 204 18.03 61.03 4.55
CA HIS D 204 18.86 61.99 3.81
C HIS D 204 20.29 61.94 4.32
N LYS D 205 20.43 62.07 5.63
CA LYS D 205 21.71 62.17 6.31
C LYS D 205 22.48 60.86 6.30
N VAL D 206 21.77 59.78 6.62
CA VAL D 206 22.32 58.43 6.61
C VAL D 206 22.80 58.11 5.20
N ALA D 207 21.94 58.35 4.21
CA ALA D 207 22.30 58.25 2.78
C ALA D 207 23.60 58.92 2.41
N HIS D 208 23.78 60.17 2.85
CA HIS D 208 24.97 60.90 2.47
C HIS D 208 26.19 60.37 3.19
N ALA D 209 25.98 59.74 4.33
CA ALA D 209 27.08 59.27 5.13
C ALA D 209 27.59 57.97 4.56
N LEU D 210 26.70 57.21 3.95
CA LEU D 210 27.08 55.94 3.34
C LEU D 210 27.48 56.08 1.86
N GLY D 211 27.15 57.20 1.24
CA GLY D 211 27.37 57.34 -0.18
C GLY D 211 26.33 56.56 -0.95
N LEU D 212 25.11 56.54 -0.41
CA LEU D 212 23.99 55.87 -1.05
C LEU D 212 22.93 56.85 -1.58
N ALA D 213 22.15 56.40 -2.56
CA ALA D 213 21.00 57.17 -3.01
C ALA D 213 19.87 56.95 -2.02
N PHE D 214 18.90 57.87 -2.02
CA PHE D 214 17.88 57.87 -0.97
C PHE D 214 17.10 56.57 -0.92
N HIS D 215 16.85 55.98 -2.10
CA HIS D 215 16.11 54.73 -2.24
C HIS D 215 16.81 53.46 -1.69
N ASP D 216 18.02 53.58 -1.14
CA ASP D 216 18.73 52.44 -0.52
C ASP D 216 18.73 52.50 0.97
N VAL D 217 18.05 53.52 1.50
CA VAL D 217 17.98 53.78 2.94
C VAL D 217 16.54 53.88 3.36
N ARG D 218 16.12 53.03 4.29
CA ARG D 218 14.75 53.01 4.72
C ARG D 218 14.65 53.28 6.22
N VAL D 219 13.78 54.21 6.62
CA VAL D 219 13.69 54.62 8.03
C VAL D 219 12.28 54.41 8.58
N GLU D 220 12.19 53.55 9.60
CA GLU D 220 10.91 53.22 10.22
C GLU D 220 10.96 53.69 11.63
N MET D 221 9.85 54.29 12.05
CA MET D 221 9.80 54.96 13.32
C MET D 221 8.39 54.82 13.93
N ARG D 222 8.20 53.80 14.77
CA ARG D 222 6.87 53.51 15.35
C ARG D 222 6.43 54.49 16.43
N ARG D 223 7.29 54.84 17.39
CA ARG D 223 6.88 55.78 18.46
C ARG D 223 8.07 56.36 19.18
N MET D 224 7.89 57.52 19.84
CA MET D 224 8.90 58.11 20.72
C MET D 224 8.42 58.25 22.15
N GLY D 225 9.34 58.07 23.08
CA GLY D 225 9.13 58.45 24.46
C GLY D 225 9.38 59.93 24.64
N GLY D 226 8.56 60.74 23.99
CA GLY D 226 8.77 62.19 23.98
C GLY D 226 9.82 62.69 22.98
N GLY D 227 9.58 63.90 22.44
CA GLY D 227 10.52 64.57 21.53
C GLY D 227 10.65 66.03 21.90
N PHE D 228 9.51 66.72 21.93
CA PHE D 228 9.42 68.15 22.27
C PHE D 228 10.30 69.04 21.40
N GLY D 229 10.76 68.51 20.27
CA GLY D 229 11.59 69.27 19.36
C GLY D 229 13.02 68.80 19.40
N GLY D 230 13.36 68.10 20.48
CA GLY D 230 14.69 67.57 20.71
C GLY D 230 15.03 66.35 19.86
N LYS D 231 14.08 65.89 19.07
CA LYS D 231 14.36 64.81 18.13
C LYS D 231 14.15 65.25 16.67
N GLU D 232 13.93 66.56 16.51
CA GLU D 232 13.83 67.18 15.21
C GLU D 232 15.13 67.08 14.40
N SER D 233 16.29 67.17 15.05
CA SER D 233 17.56 66.95 14.35
C SER D 233 18.65 66.28 15.15
N GLN D 234 18.47 66.17 16.44
CA GLN D 234 19.48 65.54 17.27
C GLN D 234 19.62 64.06 17.01
N GLY D 235 18.66 63.47 16.31
CA GLY D 235 18.72 62.05 16.01
C GLY D 235 19.75 61.70 14.96
N ASN D 236 20.11 62.72 14.15
CA ASN D 236 21.00 62.53 13.00
C ASN D 236 22.31 61.87 13.34
N HIS D 237 22.90 62.28 14.46
CA HIS D 237 24.22 61.77 14.87
C HIS D 237 24.25 60.30 15.17
N LEU D 238 23.26 59.82 15.90
CA LEU D 238 23.17 58.42 16.26
C LEU D 238 22.87 57.62 15.02
N ALA D 239 21.89 58.08 14.24
CA ALA D 239 21.60 57.40 12.98
C ALA D 239 22.86 57.25 12.09
N ILE D 240 23.60 58.33 11.83
CA ILE D 240 24.80 58.25 10.99
C ILE D 240 25.81 57.29 11.61
N ALA D 241 26.01 57.39 12.93
CA ALA D 241 27.00 56.54 13.59
C ALA D 241 26.63 55.09 13.43
N CYS D 242 25.38 54.73 13.73
CA CYS D 242 24.95 53.34 13.59
C CYS D 242 25.16 52.83 12.16
N ALA D 243 24.75 53.60 11.17
CA ALA D 243 24.94 53.23 9.77
C ALA D 243 26.40 53.08 9.31
N VAL D 244 27.30 53.92 9.80
CA VAL D 244 28.69 53.80 9.40
C VAL D 244 29.35 52.60 10.07
N ALA D 245 29.14 52.44 11.37
CA ALA D 245 29.65 51.25 12.06
C ALA D 245 29.04 49.99 11.46
N ALA D 246 27.75 50.03 11.12
CA ALA D 246 27.16 48.84 10.51
C ALA D 246 27.84 48.50 9.20
N ARG D 247 28.03 49.49 8.32
CA ARG D 247 28.72 49.25 7.07
C ARG D 247 30.11 48.67 7.30
N ALA D 248 30.88 49.34 8.14
CA ALA D 248 32.25 48.95 8.46
C ALA D 248 32.35 47.56 9.02
N THR D 249 31.47 47.19 9.97
CA THR D 249 31.61 45.91 10.67
C THR D 249 30.75 44.82 10.07
N GLY D 250 29.84 45.20 9.19
CA GLY D 250 28.89 44.25 8.59
C GLY D 250 27.84 43.73 9.54
N ARG D 251 27.80 44.31 10.73
CA ARG D 251 26.96 43.83 11.83
C ARG D 251 25.94 44.87 12.20
N PRO D 252 24.80 44.44 12.79
CA PRO D 252 23.81 45.38 13.31
C PRO D 252 24.39 46.28 14.40
N CYS D 253 24.08 47.57 14.35
CA CYS D 253 24.64 48.53 15.31
C CYS D 253 23.54 49.32 15.93
N LYS D 254 23.67 49.53 17.24
CA LYS D 254 22.76 50.28 18.05
C LYS D 254 23.52 51.32 18.84
N MET D 255 22.92 52.50 19.00
CA MET D 255 23.42 53.54 19.91
C MET D 255 22.25 54.11 20.65
N ARG D 256 22.35 54.14 21.96
CA ARG D 256 21.50 54.99 22.77
C ARG D 256 22.38 55.88 23.65
N TYR D 257 22.01 57.15 23.76
CA TYR D 257 22.63 58.01 24.71
C TYR D 257 22.18 57.71 26.15
N ASP D 258 23.17 57.58 26.99
CA ASP D 258 23.02 57.73 28.41
C ASP D 258 22.58 59.15 28.70
N ARG D 259 21.87 59.33 29.81
CA ARG D 259 21.40 60.68 30.17
C ARG D 259 22.47 61.79 30.18
N ASP D 260 23.64 61.55 30.77
CA ASP D 260 24.73 62.56 30.77
C ASP D 260 25.12 62.88 29.37
N ASP D 261 25.38 61.85 28.57
CA ASP D 261 25.75 62.03 27.19
C ASP D 261 24.63 62.79 26.52
N ASP D 262 23.40 62.39 26.82
CA ASP D 262 22.27 63.07 26.20
C ASP D 262 22.35 64.56 26.46
N MET D 263 22.46 64.96 27.73
CA MET D 263 22.49 66.37 28.15
C MET D 263 23.74 67.16 27.80
N VAL D 264 24.82 66.47 27.53
CA VAL D 264 26.05 67.16 27.21
C VAL D 264 26.15 67.33 25.68
N ILE D 265 25.74 66.32 24.91
CA ILE D 265 25.91 66.37 23.48
C ILE D 265 24.77 67.13 22.82
N THR D 266 23.54 66.92 23.28
CA THR D 266 22.39 67.48 22.56
C THR D 266 22.15 68.97 22.81
N GLY D 267 21.27 69.57 21.99
CA GLY D 267 20.99 70.99 22.06
C GLY D 267 19.86 71.30 23.03
N LYS D 268 19.64 72.59 23.27
CA LYS D 268 18.63 73.02 24.23
C LYS D 268 17.82 74.13 23.62
N ARG D 269 16.81 74.61 24.34
CA ARG D 269 16.11 75.80 23.95
C ARG D 269 17.11 76.93 23.93
N HIS D 270 16.88 77.87 23.01
CA HIS D 270 17.64 79.11 22.93
C HIS D 270 17.31 80.02 24.11
N ASP D 271 18.28 80.25 24.98
CA ASP D 271 18.18 81.34 25.95
C ASP D 271 18.37 82.70 25.27
N PHE D 272 17.73 83.70 25.84
CA PHE D 272 17.67 85.01 25.24
C PHE D 272 18.04 86.09 26.24
N ARG D 273 18.63 87.18 25.75
CA ARG D 273 18.65 88.45 26.50
C ARG D 273 17.78 89.38 25.68
N ILE D 274 16.80 89.98 26.34
CA ILE D 274 15.84 90.80 25.62
C ILE D 274 15.78 92.18 26.24
N ARG D 275 16.10 93.18 25.41
CA ARG D 275 16.04 94.61 25.77
C ARG D 275 14.86 95.26 25.05
N TYR D 276 14.16 96.12 25.77
CA TYR D 276 12.95 96.70 25.21
C TYR D 276 12.77 98.18 25.56
N ARG D 277 12.08 98.89 24.68
CA ARG D 277 11.58 100.20 24.95
C ARG D 277 10.18 100.15 24.41
N ILE D 278 9.21 100.47 25.27
CA ILE D 278 7.84 100.42 24.84
C ILE D 278 7.06 101.62 25.41
N GLY D 279 6.22 102.19 24.55
CA GLY D 279 5.44 103.36 24.91
C GLY D 279 3.95 103.21 24.67
N ALA D 280 3.15 103.76 25.58
CA ALA D 280 1.73 103.91 25.36
C ALA D 280 1.35 105.40 25.33
N ASP D 281 0.15 105.69 24.80
CA ASP D 281 -0.40 107.02 24.98
C ASP D 281 -1.13 107.09 26.32
N ALA D 282 -1.63 108.27 26.66
CA ALA D 282 -2.20 108.52 27.97
C ALA D 282 -3.55 107.84 28.23
N SER D 283 -4.16 107.27 27.18
CA SER D 283 -5.34 106.45 27.37
C SER D 283 -4.93 104.99 27.54
N GLY D 284 -3.67 104.69 27.25
CA GLY D 284 -3.14 103.35 27.46
C GLY D 284 -2.88 102.52 26.22
N LYS D 285 -3.15 103.08 25.04
CA LYS D 285 -2.93 102.36 23.81
C LYS D 285 -1.46 102.35 23.45
N LEU D 286 -1.03 101.26 22.81
CA LEU D 286 0.38 101.10 22.49
C LEU D 286 0.74 102.01 21.32
N LEU D 287 1.83 102.74 21.47
CA LEU D 287 2.29 103.61 20.40
C LEU D 287 3.39 102.95 19.59
N GLY D 288 4.25 102.18 20.24
CA GLY D 288 5.39 101.58 19.58
C GLY D 288 6.23 100.72 20.50
N ALA D 289 6.95 99.78 19.91
CA ALA D 289 7.77 98.86 20.69
C ALA D 289 9.09 98.56 20.01
N ASP D 290 10.21 98.77 20.72
CA ASP D 290 11.51 98.46 20.14
C ASP D 290 12.28 97.42 20.93
N PHE D 291 12.66 96.34 20.24
CA PHE D 291 13.20 95.14 20.86
C PHE D 291 14.55 94.76 20.31
N VAL D 292 15.42 94.32 21.22
CA VAL D 292 16.71 93.74 20.85
C VAL D 292 16.74 92.34 21.46
N HIS D 293 16.91 91.37 20.57
CA HIS D 293 17.04 89.97 20.89
C HIS D 293 18.49 89.52 20.76
N LEU D 294 19.01 89.00 21.86
CA LEU D 294 20.28 88.30 21.85
C LEU D 294 19.95 86.85 22.13
N ALA D 295 20.43 85.96 21.27
CA ALA D 295 20.09 84.56 21.35
C ALA D 295 21.36 83.75 21.25
N ARG D 296 21.55 82.85 22.21
CA ARG D 296 22.70 81.97 22.24
C ARG D 296 22.39 80.73 21.41
N CYS D 297 23.15 80.54 20.34
CA CYS D 297 22.83 79.51 19.36
C CYS D 297 23.76 78.36 19.47
N GLY D 298 24.81 78.52 20.27
CA GLY D 298 25.82 77.49 20.41
C GLY D 298 26.67 77.39 19.17
N TRP D 299 27.45 76.32 19.09
CA TRP D 299 28.59 76.24 18.20
C TRP D 299 28.26 76.03 16.72
N SER D 300 27.01 75.73 16.39
CA SER D 300 26.66 75.46 15.01
C SER D 300 25.23 75.88 14.75
N ALA D 301 24.92 76.10 13.49
CA ALA D 301 23.64 76.67 13.09
C ALA D 301 22.41 75.90 13.62
N ASP D 302 22.41 74.59 13.45
CA ASP D 302 21.21 73.77 13.65
C ASP D 302 19.92 74.39 13.09
N LEU D 303 18.94 74.67 13.95
CA LEU D 303 17.65 75.21 13.55
C LEU D 303 17.48 76.64 14.06
N SER D 304 18.62 77.24 14.41
CA SER D 304 18.66 78.58 14.97
C SER D 304 18.07 79.68 14.09
N LEU D 305 18.34 79.65 12.78
CA LEU D 305 17.80 80.69 11.91
C LEU D 305 16.29 80.69 12.04
N PRO D 306 15.64 79.53 11.82
CA PRO D 306 14.18 79.59 11.91
C PRO D 306 13.64 79.86 13.34
N VAL D 307 14.23 79.29 14.38
CA VAL D 307 13.78 79.56 15.76
C VAL D 307 13.73 81.08 15.97
N CYS D 308 14.86 81.71 15.61
CA CYS D 308 15.07 83.12 15.77
C CYS D 308 14.10 83.97 14.96
N ASP D 309 13.82 83.57 13.71
CA ASP D 309 12.74 84.18 12.96
C ASP D 309 11.44 84.15 13.74
N ARG D 310 11.15 83.04 14.41
CA ARG D 310 9.84 82.87 15.07
C ARG D 310 9.72 83.71 16.34
N ALA D 311 10.81 83.87 17.08
CA ALA D 311 10.85 84.83 18.17
C ALA D 311 10.47 86.22 17.65
N MET D 312 11.11 86.65 16.57
CA MET D 312 10.78 87.93 15.93
C MET D 312 9.31 87.97 15.56
N LEU D 313 8.87 86.92 14.88
CA LEU D 313 7.49 86.78 14.47
C LEU D 313 6.52 86.93 15.63
N HIS D 314 6.90 86.50 16.84
CA HIS D 314 5.97 86.58 17.96
C HIS D 314 6.21 87.73 18.94
N ALA D 315 7.16 88.62 18.61
CA ALA D 315 7.47 89.80 19.45
C ALA D 315 6.34 90.82 19.62
N ASP D 316 5.21 90.61 18.95
CA ASP D 316 4.02 91.42 19.18
C ASP D 316 3.22 90.94 20.41
N GLY D 317 3.50 89.73 20.85
CA GLY D 317 2.63 89.09 21.82
C GLY D 317 1.22 89.00 21.25
N SER D 318 0.24 89.37 22.07
CA SER D 318 -1.16 89.40 21.66
C SER D 318 -1.61 90.81 21.22
N TYR D 319 -0.65 91.71 20.99
CA TYR D 319 -0.99 93.12 20.97
C TYR D 319 -0.70 93.79 19.65
N PHE D 320 -1.68 94.59 19.22
CA PHE D 320 -1.48 95.48 18.07
C PHE D 320 -0.57 96.67 18.45
N VAL D 321 0.56 96.78 17.77
CA VAL D 321 1.51 97.85 18.01
C VAL D 321 1.73 98.53 16.67
N PRO D 322 1.32 99.79 16.55
CA PRO D 322 1.34 100.41 15.25
C PRO D 322 2.75 100.84 14.82
N ALA D 323 3.72 100.77 15.73
CA ALA D 323 5.13 100.85 15.35
C ALA D 323 5.96 99.90 16.21
N LEU D 324 6.67 99.00 15.54
CA LEU D 324 7.38 97.96 16.25
C LEU D 324 8.64 97.59 15.50
N ARG D 325 9.73 97.35 16.22
CA ARG D 325 10.97 96.89 15.61
C ARG D 325 11.79 95.88 16.42
N ILE D 326 12.29 94.85 15.74
CA ILE D 326 13.14 93.85 16.37
C ILE D 326 14.50 93.84 15.70
N GLU D 327 15.55 93.76 16.51
CA GLU D 327 16.91 93.52 16.02
C GLU D 327 17.46 92.25 16.71
N SER D 328 17.79 91.26 15.89
CA SER D 328 17.95 89.90 16.37
C SER D 328 19.35 89.36 16.13
N HIS D 329 20.12 89.24 17.20
CA HIS D 329 21.46 88.71 17.06
C HIS D 329 21.44 87.24 17.35
N ARG D 330 21.86 86.47 16.35
CA ARG D 330 21.96 85.04 16.50
C ARG D 330 23.43 84.70 16.72
N LEU D 331 23.81 84.86 17.98
CA LEU D 331 25.19 84.70 18.41
C LEU D 331 25.72 83.25 18.46
N ARG D 332 26.95 83.09 17.99
CA ARG D 332 27.61 81.81 18.06
C ARG D 332 28.42 81.68 19.35
N THR D 333 28.31 80.53 20.04
CA THR D 333 29.10 80.24 21.27
C THR D 333 29.64 78.83 21.25
N ASN D 334 30.72 78.60 21.99
CA ASN D 334 31.28 77.26 22.09
C ASN D 334 30.51 76.49 23.15
N THR D 335 29.26 76.17 22.82
CA THR D 335 28.35 75.45 23.71
C THR D 335 27.37 74.68 22.86
N GLN D 336 26.63 73.78 23.54
CA GLN D 336 25.70 72.89 22.88
C GLN D 336 24.98 73.68 21.82
N SER D 337 24.99 73.19 20.60
CA SER D 337 24.23 73.84 19.53
C SER D 337 22.73 73.78 19.80
N ASN D 338 22.17 74.91 20.20
CA ASN D 338 20.75 75.00 20.48
C ASN D 338 19.84 74.61 19.29
N THR D 339 18.64 74.14 19.60
CA THR D 339 17.86 73.41 18.62
C THR D 339 16.39 73.77 18.73
N ALA D 340 15.52 73.00 18.08
CA ALA D 340 14.08 73.07 18.29
C ALA D 340 13.64 72.73 19.73
N PHE D 341 12.69 73.49 20.27
CA PHE D 341 12.04 73.17 21.54
C PHE D 341 10.62 73.76 21.49
N ARG D 342 9.63 72.92 21.76
CA ARG D 342 8.23 73.29 21.89
C ARG D 342 7.94 74.77 22.03
N GLY D 343 7.40 75.37 21.00
CA GLY D 343 7.31 76.82 20.93
C GLY D 343 8.24 77.40 19.86
N PHE D 344 9.42 76.79 19.68
CA PHE D 344 10.35 77.11 18.61
C PHE D 344 10.68 78.63 18.48
N GLY D 345 11.24 79.24 19.54
CA GLY D 345 11.53 80.67 19.62
C GLY D 345 10.33 81.54 19.94
N GLY D 346 9.14 81.03 19.64
CA GLY D 346 7.90 81.76 19.86
C GLY D 346 7.70 82.24 21.28
N PRO D 347 7.98 81.39 22.30
CA PRO D 347 7.83 81.76 23.72
C PRO D 347 8.74 82.90 24.12
N GLN D 348 10.01 82.81 23.71
CA GLN D 348 10.96 83.88 23.95
C GLN D 348 10.47 85.23 23.40
N GLY D 349 10.07 85.24 22.12
CA GLY D 349 9.55 86.45 21.48
C GLY D 349 8.31 87.01 22.16
N ALA D 350 7.44 86.13 22.63
CA ALA D 350 6.26 86.58 23.36
C ALA D 350 6.58 87.01 24.78
N LEU D 351 7.57 86.36 25.39
CA LEU D 351 7.94 86.70 26.77
C LEU D 351 8.52 88.10 26.80
N GLY D 352 9.29 88.44 25.77
CA GLY D 352 9.80 89.79 25.59
C GLY D 352 8.71 90.83 25.64
N MET D 353 7.63 90.64 24.88
CA MET D 353 6.53 91.60 24.86
C MET D 353 5.81 91.68 26.21
N GLU D 354 5.69 90.54 26.88
CA GLU D 354 4.94 90.47 28.13
C GLU D 354 5.67 91.14 29.30
N ARG D 355 6.98 90.95 29.41
CA ARG D 355 7.75 91.73 30.39
C ARG D 355 7.50 93.20 30.12
N ALA D 356 7.92 93.65 28.93
CA ALA D 356 7.74 95.02 28.46
C ALA D 356 6.39 95.66 28.80
N ILE D 357 5.30 94.98 28.45
CA ILE D 357 3.96 95.50 28.73
C ILE D 357 3.62 95.47 30.22
N GLU D 358 4.13 94.50 30.96
CA GLU D 358 3.99 94.44 32.42
C GLU D 358 4.72 95.64 33.05
N HIS D 359 5.98 95.82 32.64
CA HIS D 359 6.78 96.95 33.07
C HIS D 359 6.12 98.29 32.79
N LEU D 360 5.58 98.44 31.57
CA LEU D 360 4.83 99.62 31.23
C LEU D 360 3.61 99.79 32.16
N ALA D 361 2.82 98.72 32.34
CA ALA D 361 1.63 98.78 33.23
C ALA D 361 1.98 99.21 34.64
N ARG D 362 2.95 98.53 35.23
CA ARG D 362 3.52 98.90 36.53
C ARG D 362 3.93 100.36 36.54
N GLY D 363 4.63 100.79 35.47
CA GLY D 363 5.04 102.17 35.30
C GLY D 363 3.88 103.13 35.49
N MET D 364 2.91 103.04 34.60
CA MET D 364 1.82 104.01 34.59
C MET D 364 0.72 103.72 35.62
N GLY D 365 1.10 103.02 36.69
CA GLY D 365 0.20 102.72 37.80
C GLY D 365 -1.10 102.07 37.39
N ARG D 366 -1.08 101.40 36.23
CA ARG D 366 -2.27 100.78 35.67
C ARG D 366 -2.23 99.26 35.90
N ASP D 367 -3.41 98.63 35.90
CA ASP D 367 -3.50 97.18 36.13
C ASP D 367 -3.23 96.41 34.84
N PRO D 368 -2.18 95.57 34.85
CA PRO D 368 -1.68 94.90 33.66
C PRO D 368 -2.78 94.25 32.84
N ALA D 369 -3.70 93.54 33.50
CA ALA D 369 -4.75 92.77 32.84
C ALA D 369 -5.60 93.66 31.96
N GLU D 370 -5.79 94.88 32.46
CA GLU D 370 -6.60 95.87 31.80
C GLU D 370 -5.85 96.41 30.59
N LEU D 371 -4.67 96.97 30.83
CA LEU D 371 -3.81 97.45 29.77
C LEU D 371 -3.75 96.44 28.62
N ARG D 372 -3.54 95.17 28.97
CA ARG D 372 -3.57 94.07 28.01
C ARG D 372 -4.88 93.93 27.26
N ALA D 373 -5.99 93.90 27.99
CA ALA D 373 -7.34 93.84 27.42
C ALA D 373 -7.48 94.94 26.38
N LEU D 374 -6.94 96.11 26.71
CA LEU D 374 -7.02 97.30 25.88
C LEU D 374 -6.25 97.22 24.56
N ASN D 375 -5.30 96.28 24.46
CA ASN D 375 -4.34 96.29 23.36
C ASN D 375 -4.31 95.05 22.47
N PHE D 376 -5.16 94.07 22.76
CA PHE D 376 -5.34 92.93 21.86
C PHE D 376 -5.76 93.44 20.50
N TYR D 377 -5.30 92.77 19.45
CA TYR D 377 -5.93 92.89 18.13
C TYR D 377 -7.47 92.91 18.19
N ASP D 378 -8.12 93.64 17.28
CA ASP D 378 -9.58 93.72 17.22
C ASP D 378 -10.21 92.37 16.92
N PRO D 379 -11.44 92.12 17.43
CA PRO D 379 -12.14 90.87 17.08
C PRO D 379 -12.55 90.88 15.61
N PRO D 380 -12.93 89.71 15.04
CA PRO D 380 -13.24 89.63 13.62
C PRO D 380 -14.33 90.62 13.17
N GLU D 381 -14.10 91.25 12.01
CA GLU D 381 -14.86 92.42 11.49
C GLU D 381 -13.93 93.59 11.21
N LYS D 398 -13.86 97.52 8.43
CA LYS D 398 -13.01 97.95 7.33
C LYS D 398 -11.56 98.05 7.77
N LYS D 399 -10.66 97.69 6.85
CA LYS D 399 -9.20 97.67 7.08
C LYS D 399 -8.77 96.99 8.40
N THR D 400 -8.52 95.68 8.33
CA THR D 400 -8.22 94.91 9.53
C THR D 400 -6.73 95.01 9.86
N GLN D 401 -6.41 95.17 11.15
CA GLN D 401 -5.05 95.34 11.64
C GLN D 401 -4.14 94.24 11.17
N THR D 402 -2.92 94.59 10.83
CA THR D 402 -1.98 93.57 10.49
C THR D 402 -1.03 93.44 11.66
N THR D 403 -0.27 92.36 11.67
CA THR D 403 0.85 92.23 12.57
C THR D 403 2.00 93.06 12.04
N HIS D 404 3.07 93.11 12.82
CA HIS D 404 4.22 93.91 12.48
C HIS D 404 4.95 93.32 11.30
N TYR D 405 4.52 92.19 10.80
CA TYR D 405 5.11 91.63 9.60
C TYR D 405 4.09 91.73 8.48
N GLY D 406 3.02 92.47 8.74
CA GLY D 406 2.04 92.72 7.71
C GLY D 406 1.07 91.60 7.43
N GLN D 407 0.87 90.69 8.38
CA GLN D 407 -0.16 89.68 8.23
C GLN D 407 -1.43 90.06 8.98
N GLU D 408 -2.55 90.12 8.26
CA GLU D 408 -3.85 90.47 8.84
C GLU D 408 -4.31 89.47 9.89
N VAL D 409 -5.10 89.95 10.85
CA VAL D 409 -5.56 89.12 11.99
C VAL D 409 -7.11 89.07 12.03
N ALA D 410 -7.66 88.08 11.35
CA ALA D 410 -9.07 88.06 11.10
C ALA D 410 -9.76 87.14 12.10
N ASP D 411 -8.96 86.55 12.99
CA ASP D 411 -9.46 85.49 13.85
C ASP D 411 -9.24 85.70 15.34
N CYS D 412 -8.84 86.90 15.73
CA CYS D 412 -8.42 87.09 17.10
C CYS D 412 -9.61 87.12 18.04
N VAL D 413 -9.64 86.17 18.97
CA VAL D 413 -10.79 86.01 19.85
C VAL D 413 -10.44 86.26 21.32
N LEU D 414 -9.25 86.80 21.55
CA LEU D 414 -8.76 87.06 22.90
C LEU D 414 -9.71 87.89 23.76
N GLY D 415 -10.28 88.93 23.16
CA GLY D 415 -11.22 89.79 23.85
C GLY D 415 -12.25 88.97 24.62
N GLU D 416 -13.15 88.34 23.88
CA GLU D 416 -14.23 87.57 24.48
C GLU D 416 -13.71 86.51 25.46
N LEU D 417 -12.74 85.73 25.00
CA LEU D 417 -12.17 84.64 25.74
C LEU D 417 -11.60 85.08 27.09
N VAL D 418 -10.76 86.12 27.07
CA VAL D 418 -10.11 86.61 28.27
C VAL D 418 -11.13 87.09 29.30
N THR D 419 -12.22 87.68 28.83
CA THR D 419 -13.34 88.09 29.69
C THR D 419 -14.06 86.87 30.26
N ARG D 420 -14.25 85.85 29.44
CA ARG D 420 -14.91 84.62 29.88
C ARG D 420 -14.04 83.96 30.94
N LEU D 421 -12.73 83.99 30.75
CA LEU D 421 -11.82 83.34 31.69
C LEU D 421 -11.76 84.04 33.03
N GLN D 422 -11.61 85.36 33.03
CA GLN D 422 -11.50 86.10 34.27
C GLN D 422 -12.75 85.92 35.13
N LYS D 423 -13.92 85.91 34.48
CA LYS D 423 -15.19 85.76 35.18
C LYS D 423 -15.32 84.37 35.74
N SER D 424 -15.09 83.37 34.90
CA SER D 424 -15.19 82.02 35.39
C SER D 424 -14.13 81.72 36.44
N ALA D 425 -12.95 82.34 36.33
CA ALA D 425 -11.86 82.11 37.29
C ALA D 425 -12.01 82.94 38.55
N ASN D 426 -13.06 83.76 38.58
CA ASN D 426 -13.38 84.66 39.70
C ASN D 426 -12.21 85.62 39.97
N PHE D 427 -11.70 86.22 38.91
CA PHE D 427 -10.42 86.91 38.90
C PHE D 427 -10.38 88.14 39.80
N THR D 428 -11.27 89.08 39.52
CA THR D 428 -11.42 90.33 40.28
C THR D 428 -11.46 90.10 41.79
N THR D 429 -12.53 89.44 42.28
CA THR D 429 -12.64 89.12 43.72
C THR D 429 -11.36 88.48 44.30
N ARG D 430 -10.85 87.45 43.63
CA ARG D 430 -9.61 86.79 44.05
C ARG D 430 -8.45 87.77 44.18
N ARG D 431 -8.34 88.71 43.25
CA ARG D 431 -7.31 89.73 43.29
C ARG D 431 -7.39 90.56 44.58
N ALA D 432 -8.61 90.98 44.95
CA ALA D 432 -8.88 91.78 46.13
C ALA D 432 -8.50 91.01 47.38
N GLU D 433 -8.98 89.78 47.48
CA GLU D 433 -8.64 88.89 48.59
C GLU D 433 -7.13 88.69 48.78
N ILE D 434 -6.37 88.76 47.69
CA ILE D 434 -4.91 88.61 47.74
C ILE D 434 -4.24 89.80 48.42
N ALA D 435 -4.62 90.98 47.96
CA ALA D 435 -4.15 92.24 48.54
C ALA D 435 -4.42 92.16 50.03
N ALA D 436 -5.68 91.98 50.37
CA ALA D 436 -6.10 91.77 51.74
C ALA D 436 -5.14 90.83 52.46
N TRP D 437 -5.02 89.60 51.96
CA TRP D 437 -4.16 88.58 52.57
C TRP D 437 -2.69 89.05 52.80
N ASN D 438 -2.08 89.63 51.76
CA ASN D 438 -0.69 90.09 51.89
C ASN D 438 -0.50 91.14 52.97
N SER D 439 -1.54 91.95 53.19
CA SER D 439 -1.43 92.99 54.20
C SER D 439 -1.25 92.38 55.58
N THR D 440 -1.76 91.16 55.76
CA THR D 440 -1.67 90.40 57.02
C THR D 440 -0.39 89.61 57.19
N ASN D 441 0.34 89.37 56.10
CA ASN D 441 1.54 88.53 56.19
C ASN D 441 2.75 89.35 55.97
N ARG D 442 3.89 88.85 56.41
CA ARG D 442 5.14 89.54 56.19
C ARG D 442 6.25 88.57 55.81
N THR D 443 5.96 87.29 55.97
CA THR D 443 6.88 86.27 55.52
C THR D 443 6.41 85.66 54.21
N LEU D 444 5.11 85.64 53.97
CA LEU D 444 4.57 85.07 52.76
C LEU D 444 3.83 86.11 51.97
N ALA D 445 3.84 85.96 50.65
CA ALA D 445 3.09 86.85 49.75
C ALA D 445 2.48 86.06 48.60
N ARG D 446 1.25 86.42 48.23
CA ARG D 446 0.58 85.81 47.09
C ARG D 446 0.75 86.67 45.85
N GLY D 447 0.58 86.07 44.67
CA GLY D 447 0.62 86.78 43.41
C GLY D 447 -0.31 86.11 42.41
N ILE D 448 -1.12 86.90 41.73
CA ILE D 448 -1.94 86.38 40.65
C ILE D 448 -1.57 87.11 39.36
N ALA D 449 -1.75 86.47 38.20
CA ALA D 449 -1.51 87.13 36.91
C ALA D 449 -2.23 86.43 35.78
N LEU D 450 -2.69 87.21 34.81
CA LEU D 450 -3.26 86.64 33.61
C LEU D 450 -2.30 86.84 32.45
N SER D 451 -2.09 85.82 31.63
CA SER D 451 -1.34 86.06 30.40
C SER D 451 -2.04 85.45 29.19
N PRO D 452 -1.90 86.09 28.01
CA PRO D 452 -2.57 85.60 26.80
C PRO D 452 -1.57 85.01 25.85
N VAL D 453 -2.08 84.14 24.96
CA VAL D 453 -1.31 83.57 23.85
C VAL D 453 -1.91 83.89 22.51
N LYS D 454 -1.05 84.27 21.58
CA LYS D 454 -1.39 84.32 20.18
C LYS D 454 -0.25 83.67 19.40
N PHE D 455 -0.52 82.50 18.81
CA PHE D 455 0.52 81.69 18.18
C PHE D 455 0.19 81.33 16.74
N GLY D 456 1.15 81.60 15.85
CA GLY D 456 1.02 81.31 14.41
C GLY D 456 1.36 79.89 14.02
N ILE D 457 0.54 79.31 13.15
CA ILE D 457 0.61 77.91 12.77
C ILE D 457 1.11 77.73 11.33
N SER D 458 2.23 77.02 11.17
CA SER D 458 2.84 76.64 9.88
C SER D 458 4.36 76.78 9.93
N PHE D 459 5.09 75.90 9.23
CA PHE D 459 6.53 76.11 9.09
C PHE D 459 6.77 77.38 8.29
N THR D 460 7.50 78.29 8.90
CA THR D 460 7.82 79.55 8.28
C THR D 460 8.74 79.35 7.07
N LEU D 461 9.23 78.15 6.88
CA LEU D 461 9.86 77.79 5.63
C LEU D 461 8.80 77.07 4.83
N THR D 462 7.99 77.87 4.12
CA THR D 462 6.76 77.46 3.45
C THR D 462 6.62 76.06 2.86
N HIS D 463 7.59 75.63 2.07
CA HIS D 463 7.45 74.32 1.40
C HIS D 463 7.47 73.10 2.38
N LEU D 464 7.74 73.35 3.66
CA LEU D 464 7.65 72.27 4.64
C LEU D 464 6.20 71.91 4.95
N ASN D 465 5.31 72.84 4.61
CA ASN D 465 3.87 72.66 4.82
C ASN D 465 3.25 71.74 3.77
N GLN D 466 3.72 70.48 3.80
CA GLN D 466 3.20 69.32 3.03
C GLN D 466 3.13 68.02 3.84
N ALA D 467 2.09 67.22 3.61
CA ALA D 467 1.95 65.93 4.29
C ALA D 467 1.36 64.90 3.33
N GLY D 468 1.60 63.62 3.60
CA GLY D 468 1.08 62.53 2.79
C GLY D 468 0.60 61.34 3.62
N ALA D 469 -0.15 60.44 2.98
CA ALA D 469 -0.73 59.28 3.62
C ALA D 469 -0.95 58.18 2.61
N LEU D 470 -0.93 56.94 3.13
CA LEU D 470 -1.18 55.75 2.36
C LEU D 470 -2.15 54.89 3.15
N VAL D 471 -3.28 54.55 2.55
CA VAL D 471 -4.33 53.82 3.24
C VAL D 471 -4.67 52.57 2.47
N GLN D 472 -4.87 51.47 3.22
CA GLN D 472 -5.10 50.13 2.66
C GLN D 472 -6.41 49.60 3.21
N ILE D 473 -7.27 49.09 2.34
CA ILE D 473 -8.40 48.30 2.81
C ILE D 473 -8.27 46.84 2.40
N TYR D 474 -8.17 45.97 3.41
CA TYR D 474 -8.14 44.51 3.16
C TYR D 474 -9.52 43.89 2.94
N THR D 475 -9.56 42.69 2.36
CA THR D 475 -10.84 42.13 1.94
C THR D 475 -11.73 41.65 3.07
N ASP D 476 -11.28 41.75 4.33
CA ASP D 476 -12.18 41.52 5.44
C ASP D 476 -12.78 42.84 5.92
N GLY D 477 -12.32 43.95 5.35
CA GLY D 477 -12.88 45.27 5.65
C GLY D 477 -12.05 46.01 6.69
N SER D 478 -10.95 45.41 7.09
CA SER D 478 -10.04 46.12 7.96
C SER D 478 -9.19 47.11 7.12
N VAL D 479 -8.67 48.09 7.83
CA VAL D 479 -8.01 49.20 7.21
C VAL D 479 -6.69 49.43 7.91
N ALA D 480 -5.63 49.49 7.11
CA ALA D 480 -4.31 49.91 7.59
C ALA D 480 -4.20 51.35 7.22
N LEU D 481 -3.91 52.18 8.23
CA LEU D 481 -3.59 53.59 8.05
C LEU D 481 -2.10 53.84 8.22
N ASN D 482 -1.58 54.71 7.36
CA ASN D 482 -0.19 55.13 7.42
C ASN D 482 -0.12 56.58 6.99
N HIS D 483 0.63 57.38 7.73
CA HIS D 483 0.91 58.78 7.34
C HIS D 483 2.34 59.16 7.73
N GLY D 484 2.78 60.31 7.23
CA GLY D 484 4.14 60.78 7.48
C GLY D 484 4.42 61.33 8.86
N GLY D 485 3.39 61.56 9.66
CA GLY D 485 3.54 62.10 11.02
C GLY D 485 4.09 61.11 12.02
N THR D 486 4.88 61.61 12.97
CA THR D 486 5.54 60.77 13.99
C THR D 486 4.92 60.96 15.37
N GLU D 487 4.79 59.83 16.07
CA GLU D 487 4.05 59.80 17.33
C GLU D 487 5.01 59.92 18.49
N MET D 488 4.78 60.90 19.33
CA MET D 488 5.66 61.11 20.45
C MET D 488 4.88 61.29 21.76
N GLY D 489 3.57 61.06 21.74
CA GLY D 489 2.73 61.21 22.89
C GLY D 489 1.65 62.27 22.74
N GLN D 490 1.69 62.99 21.63
CA GLN D 490 0.73 64.07 21.43
C GLN D 490 -0.64 63.53 21.01
N GLY D 491 -0.73 62.24 20.73
CA GLY D 491 -1.99 61.65 20.35
C GLY D 491 -2.24 61.75 18.87
N LEU D 492 -1.17 61.91 18.08
CA LEU D 492 -1.32 62.14 16.66
C LEU D 492 -2.04 60.98 16.01
N HIS D 493 -1.51 59.77 16.21
CA HIS D 493 -2.08 58.56 15.65
C HIS D 493 -3.58 58.29 15.98
N ALA D 494 -4.06 58.61 17.18
CA ALA D 494 -5.49 58.38 17.46
C ALA D 494 -6.35 59.33 16.64
N LYS D 495 -5.89 60.58 16.54
CA LYS D 495 -6.57 61.60 15.75
C LYS D 495 -6.61 61.19 14.28
N MET D 496 -5.59 60.47 13.83
CA MET D 496 -5.54 60.14 12.43
C MET D 496 -6.51 58.99 12.17
N VAL D 497 -6.61 58.13 13.17
CA VAL D 497 -7.56 57.05 13.12
C VAL D 497 -8.96 57.68 13.08
N GLN D 498 -9.27 58.55 14.03
CA GLN D 498 -10.56 59.22 14.07
C GLN D 498 -11.04 59.90 12.78
N VAL D 499 -10.11 60.55 12.06
CA VAL D 499 -10.35 61.12 10.74
C VAL D 499 -10.73 60.01 9.74
N ALA D 500 -9.81 59.08 9.54
CA ALA D 500 -10.03 57.93 8.66
C ALA D 500 -11.39 57.24 8.90
N ALA D 501 -11.65 56.91 10.16
CA ALA D 501 -12.88 56.21 10.53
C ALA D 501 -14.09 57.06 10.15
N ALA D 502 -14.00 58.35 10.46
CA ALA D 502 -15.07 59.29 10.16
C ALA D 502 -15.29 59.32 8.68
N VAL D 503 -14.24 59.65 7.91
CA VAL D 503 -14.36 59.80 6.45
C VAL D 503 -14.91 58.54 5.79
N LEU D 504 -14.54 57.37 6.31
CA LEU D 504 -14.93 56.10 5.72
C LEU D 504 -16.21 55.56 6.34
N GLY D 505 -16.67 56.16 7.43
CA GLY D 505 -17.97 55.80 8.00
C GLY D 505 -18.01 54.49 8.77
N ILE D 506 -16.95 54.21 9.53
CA ILE D 506 -16.75 52.92 10.21
C ILE D 506 -16.22 53.10 11.63
N ASP D 507 -16.37 52.09 12.47
CA ASP D 507 -15.86 52.17 13.83
C ASP D 507 -14.33 52.24 13.72
N PRO D 508 -13.72 53.17 14.48
CA PRO D 508 -12.27 53.38 14.58
C PRO D 508 -11.49 52.10 14.80
N VAL D 509 -12.12 51.11 15.41
CA VAL D 509 -11.54 49.80 15.70
C VAL D 509 -11.19 49.01 14.42
N GLN D 510 -11.75 49.42 13.29
CA GLN D 510 -11.43 48.83 12.00
C GLN D 510 -10.11 49.36 11.41
N VAL D 511 -9.64 50.48 11.93
CA VAL D 511 -8.46 51.16 11.42
C VAL D 511 -7.25 50.85 12.29
N ARG D 512 -6.14 50.42 11.68
CA ARG D 512 -4.91 50.10 12.43
C ARG D 512 -3.83 51.04 11.94
N ILE D 513 -3.19 51.74 12.85
CA ILE D 513 -2.02 52.59 12.53
C ILE D 513 -0.78 51.74 12.26
N THR D 514 -0.01 52.12 11.25
CA THR D 514 1.30 51.50 11.03
C THR D 514 2.41 52.49 11.39
N ALA D 515 3.59 52.00 11.70
CA ALA D 515 4.76 52.85 11.98
C ALA D 515 5.09 53.75 10.81
N THR D 516 5.60 54.94 11.12
CA THR D 516 6.04 55.84 10.10
C THR D 516 7.16 55.11 9.37
N ASP D 517 7.09 55.12 8.04
CA ASP D 517 8.08 54.41 7.25
C ASP D 517 8.39 55.14 5.94
N THR D 518 9.65 55.51 5.76
CA THR D 518 10.01 56.33 4.58
C THR D 518 9.73 55.64 3.21
N SER D 519 9.68 54.31 3.19
CA SER D 519 9.36 53.58 1.96
C SER D 519 7.84 53.43 1.71
N LYS D 520 7.03 54.11 2.52
CA LYS D 520 5.58 54.10 2.43
C LYS D 520 5.02 55.51 2.22
N VAL D 521 5.55 56.50 2.94
CA VAL D 521 5.26 57.90 2.63
C VAL D 521 6.58 58.69 2.47
N PRO D 522 6.90 59.10 1.22
CA PRO D 522 8.21 59.72 0.87
C PRO D 522 8.29 61.22 1.13
N ASN D 523 9.49 61.74 1.38
CA ASN D 523 9.72 63.17 1.41
C ASN D 523 8.89 63.92 2.45
N THR D 524 8.86 63.42 3.68
CA THR D 524 8.13 64.13 4.73
C THR D 524 8.94 65.19 5.47
N SER D 525 8.20 66.11 6.09
CA SER D 525 8.71 67.14 6.97
C SER D 525 8.79 66.61 8.37
N ALA D 526 9.49 67.28 9.27
CA ALA D 526 9.46 66.87 10.67
C ALA D 526 8.03 66.93 11.23
N THR D 527 7.71 66.11 12.21
CA THR D 527 6.53 66.42 12.99
C THR D 527 6.96 67.51 13.94
N ALA D 528 6.48 68.71 13.68
CA ALA D 528 6.91 69.92 14.36
C ALA D 528 5.97 71.00 13.92
N ALA D 529 6.11 72.18 14.52
CA ALA D 529 5.32 73.36 14.17
C ALA D 529 3.85 73.16 14.51
N SER D 530 3.57 72.14 15.31
CA SER D 530 2.20 71.74 15.65
C SER D 530 1.42 71.43 14.38
N SER D 531 2.14 71.05 13.33
CA SER D 531 1.57 70.92 12.00
C SER D 531 1.05 69.51 11.77
N GLY D 532 1.54 68.59 12.61
CA GLY D 532 1.28 67.16 12.52
C GLY D 532 -0.12 66.72 12.22
N ALA D 533 -1.08 67.13 13.04
CA ALA D 533 -2.46 66.75 12.82
C ALA D 533 -3.04 67.47 11.63
N ASP D 534 -2.75 68.77 11.57
CA ASP D 534 -3.36 69.68 10.62
C ASP D 534 -3.22 69.11 9.20
N MET D 535 -1.98 68.75 8.85
CA MET D 535 -1.63 68.40 7.49
C MET D 535 -1.79 66.90 7.22
N ASN D 536 -1.30 66.06 8.12
CA ASN D 536 -1.48 64.63 7.93
C ASN D 536 -2.98 64.32 7.98
N GLY D 537 -3.69 64.90 8.95
CA GLY D 537 -5.16 64.84 8.98
C GLY D 537 -5.82 64.97 7.62
N MET D 538 -5.41 66.01 6.88
CA MET D 538 -5.95 66.37 5.55
C MET D 538 -5.54 65.35 4.49
N ALA D 539 -4.25 64.98 4.51
CA ALA D 539 -3.70 63.97 3.61
C ALA D 539 -4.42 62.64 3.76
N VAL D 540 -4.78 62.31 5.01
CA VAL D 540 -5.52 61.09 5.32
C VAL D 540 -6.97 61.13 4.78
N LYS D 541 -7.67 62.21 5.12
CA LYS D 541 -9.00 62.46 4.61
C LYS D 541 -9.00 62.39 3.08
N ASP D 542 -7.93 62.92 2.48
CA ASP D 542 -7.69 62.84 1.05
C ASP D 542 -7.64 61.38 0.51
N ALA D 543 -6.78 60.55 1.10
CA ALA D 543 -6.70 59.14 0.71
C ALA D 543 -8.06 58.47 0.92
N CYS D 544 -8.60 58.63 2.12
CA CYS D 544 -9.89 58.05 2.49
C CYS D 544 -11.04 58.38 1.57
N GLU D 545 -11.16 59.67 1.20
CA GLU D 545 -12.20 60.12 0.30
C GLU D 545 -12.02 59.46 -1.07
N THR D 546 -10.76 59.20 -1.43
CA THR D 546 -10.49 58.58 -2.71
C THR D 546 -11.07 57.20 -2.68
N LEU D 547 -10.74 56.48 -1.61
CA LEU D 547 -11.22 55.13 -1.47
C LEU D 547 -12.76 55.08 -1.42
N ARG D 548 -13.36 55.84 -0.52
CA ARG D 548 -14.83 55.96 -0.46
C ARG D 548 -15.49 56.28 -1.82
N GLY D 549 -14.78 57.04 -2.66
CA GLY D 549 -15.25 57.38 -3.98
C GLY D 549 -15.27 56.19 -4.93
N ARG D 550 -14.23 55.36 -4.85
CA ARG D 550 -14.20 54.18 -5.68
C ARG D 550 -15.35 53.28 -5.22
N LEU D 551 -15.41 53.01 -3.92
CA LEU D 551 -16.46 52.19 -3.36
C LEU D 551 -17.87 52.68 -3.74
N ALA D 552 -18.08 54.00 -3.81
CA ALA D 552 -19.42 54.54 -4.08
C ALA D 552 -19.77 54.38 -5.55
N GLY D 553 -18.81 54.70 -6.42
CA GLY D 553 -18.96 54.51 -7.85
C GLY D 553 -19.32 53.06 -8.11
N PHE D 554 -18.63 52.16 -7.41
CA PHE D 554 -18.89 50.76 -7.57
C PHE D 554 -20.36 50.48 -7.27
N VAL D 555 -20.80 50.83 -6.07
CA VAL D 555 -22.18 50.58 -5.65
C VAL D 555 -23.18 51.22 -6.59
N ALA D 556 -22.90 52.47 -6.97
CA ALA D 556 -23.79 53.23 -7.84
C ALA D 556 -24.03 52.49 -9.17
N ALA D 557 -22.94 52.04 -9.79
CA ALA D 557 -22.98 51.28 -11.02
C ALA D 557 -23.77 49.98 -10.85
N ARG D 558 -23.49 49.27 -9.78
CA ARG D 558 -24.05 47.94 -9.55
C ARG D 558 -25.54 48.06 -9.19
N GLU D 559 -25.85 49.02 -8.33
CA GLU D 559 -27.24 49.29 -7.95
C GLU D 559 -27.88 50.30 -8.89
N GLY D 560 -27.15 50.69 -9.94
CA GLY D 560 -27.59 51.71 -10.91
C GLY D 560 -28.21 52.91 -10.24
N CYS D 561 -27.39 53.93 -9.95
CA CYS D 561 -27.87 55.23 -9.46
C CYS D 561 -26.67 56.12 -9.20
N ALA D 562 -26.91 57.35 -8.79
CA ALA D 562 -25.81 58.31 -8.56
C ALA D 562 -24.86 57.85 -7.43
N ALA D 563 -23.61 58.30 -7.48
CA ALA D 563 -22.65 57.91 -6.46
C ALA D 563 -22.85 58.66 -5.13
N ARG D 564 -23.38 59.88 -5.21
CA ARG D 564 -23.62 60.72 -4.03
C ARG D 564 -24.79 60.22 -3.19
N ASP D 565 -25.47 59.19 -3.67
CA ASP D 565 -26.57 58.58 -2.93
C ASP D 565 -26.13 57.31 -2.21
N VAL D 566 -24.84 57.02 -2.25
CA VAL D 566 -24.29 55.93 -1.48
C VAL D 566 -23.80 56.51 -0.16
N ILE D 567 -24.39 56.09 0.95
CA ILE D 567 -24.03 56.62 2.26
C ILE D 567 -23.20 55.59 3.01
N PHE D 568 -22.10 56.05 3.59
CA PHE D 568 -21.25 55.21 4.44
C PHE D 568 -21.38 55.77 5.84
N ASP D 569 -21.95 55.01 6.75
CA ASP D 569 -22.17 55.46 8.12
C ASP D 569 -22.36 54.28 9.05
N ALA D 570 -21.68 54.34 10.20
CA ALA D 570 -21.93 53.35 11.25
C ALA D 570 -21.76 51.91 10.75
N GLY D 571 -20.73 51.68 9.93
CA GLY D 571 -20.39 50.32 9.47
C GLY D 571 -21.28 49.71 8.42
N GLN D 572 -22.28 50.47 7.98
CA GLN D 572 -23.23 50.05 6.96
C GLN D 572 -23.01 50.93 5.73
N VAL D 573 -23.38 50.41 4.58
CA VAL D 573 -23.35 51.23 3.37
C VAL D 573 -24.77 51.22 2.83
N GLN D 574 -25.25 52.38 2.36
CA GLN D 574 -26.64 52.55 1.92
C GLN D 574 -26.78 53.18 0.53
N ALA D 575 -27.77 52.69 -0.22
CA ALA D 575 -28.18 53.20 -1.54
C ALA D 575 -29.45 52.46 -1.97
N SER D 576 -30.27 53.10 -2.82
CA SER D 576 -31.50 52.47 -3.34
C SER D 576 -32.31 51.72 -2.28
N GLY D 577 -32.37 52.28 -1.07
CA GLY D 577 -33.13 51.66 0.01
C GLY D 577 -32.66 50.26 0.40
N LYS D 578 -31.39 49.96 0.17
CA LYS D 578 -30.77 48.74 0.71
C LYS D 578 -29.50 49.08 1.51
N SER D 579 -29.17 48.22 2.48
CA SER D 579 -27.90 48.35 3.20
C SER D 579 -27.08 47.07 3.15
N TRP D 580 -25.84 47.18 3.57
CA TRP D 580 -24.90 46.09 3.54
C TRP D 580 -23.90 46.46 4.60
N ARG D 581 -23.16 45.49 5.08
CA ARG D 581 -21.98 45.82 5.84
C ARG D 581 -20.83 46.34 4.97
N PHE D 582 -20.10 47.32 5.50
CA PHE D 582 -18.92 47.85 4.86
C PHE D 582 -18.06 46.72 4.26
N ALA D 583 -17.84 45.66 5.05
CA ALA D 583 -17.03 44.53 4.64
C ALA D 583 -17.60 43.82 3.42
N GLU D 584 -18.93 43.81 3.31
CA GLU D 584 -19.56 43.17 2.17
C GLU D 584 -19.33 43.97 0.92
N ILE D 585 -19.40 45.30 1.03
CA ILE D 585 -19.15 46.12 -0.13
C ILE D 585 -17.69 45.95 -0.54
N VAL D 586 -16.79 45.92 0.45
CA VAL D 586 -15.35 45.83 0.16
C VAL D 586 -14.99 44.49 -0.54
N ALA D 587 -15.63 43.43 -0.06
CA ALA D 587 -15.47 42.14 -0.67
C ALA D 587 -16.00 42.21 -2.09
N ALA D 588 -17.18 42.80 -2.26
CA ALA D 588 -17.77 42.91 -3.58
C ALA D 588 -16.89 43.79 -4.52
N ALA D 589 -16.31 44.86 -3.96
CA ALA D 589 -15.42 45.72 -4.72
C ALA D 589 -14.14 44.98 -5.14
N TYR D 590 -13.61 44.14 -4.24
CA TYR D 590 -12.46 43.32 -4.53
C TYR D 590 -12.66 42.46 -5.78
N MET D 591 -13.75 41.68 -5.78
CA MET D 591 -14.08 40.80 -6.88
C MET D 591 -14.42 41.56 -8.14
N ALA D 592 -14.99 42.75 -7.99
CA ALA D 592 -15.21 43.66 -9.10
C ALA D 592 -13.87 44.27 -9.61
N ARG D 593 -12.77 43.92 -8.96
CA ARG D 593 -11.42 44.43 -9.30
C ARG D 593 -11.26 45.97 -9.27
N ILE D 594 -11.62 46.55 -8.13
CA ILE D 594 -11.50 47.96 -7.89
C ILE D 594 -10.41 48.16 -6.86
N SER D 595 -9.39 48.95 -7.17
CA SER D 595 -8.27 49.19 -6.26
C SER D 595 -8.70 49.64 -4.85
N LEU D 596 -8.10 49.05 -3.82
CA LEU D 596 -8.40 49.43 -2.44
C LEU D 596 -7.18 50.03 -1.71
N SER D 597 -6.32 50.65 -2.51
CA SER D 597 -5.13 51.31 -2.02
C SER D 597 -5.06 52.70 -2.63
N ALA D 598 -5.02 53.71 -1.76
CA ALA D 598 -4.92 55.11 -2.13
C ALA D 598 -3.83 55.82 -1.34
N THR D 599 -3.09 56.70 -2.02
CA THR D 599 -2.26 57.66 -1.33
C THR D 599 -3.10 58.92 -1.13
N GLY D 600 -2.57 59.87 -0.35
CA GLY D 600 -3.22 61.16 -0.07
C GLY D 600 -2.19 62.19 0.32
N PHE D 601 -2.52 63.45 0.13
CA PHE D 601 -1.50 64.46 0.15
C PHE D 601 -2.17 65.79 0.37
N TYR D 602 -1.49 66.67 1.10
CA TYR D 602 -1.98 68.00 1.39
C TYR D 602 -0.82 68.96 1.49
N ALA D 603 -1.06 70.18 1.05
CA ALA D 603 -0.11 71.27 1.13
C ALA D 603 -0.91 72.48 1.57
N THR D 604 -0.45 73.19 2.58
CA THR D 604 -1.21 74.27 3.17
C THR D 604 -1.24 75.47 2.23
N PRO D 605 -2.45 76.01 1.95
CA PRO D 605 -2.64 77.14 1.05
C PRO D 605 -2.39 78.50 1.73
N LYS D 606 -2.62 79.58 0.99
CA LYS D 606 -2.54 80.98 1.47
C LYS D 606 -1.20 81.47 1.99
N LEU D 607 -0.17 80.62 2.01
CA LEU D 607 1.10 80.99 2.64
C LEU D 607 2.06 81.68 1.69
N SER D 608 2.67 82.77 2.14
CA SER D 608 3.74 83.40 1.36
C SER D 608 4.34 84.57 2.10
N TRP D 609 5.65 84.58 2.26
CA TRP D 609 6.23 85.64 3.05
C TRP D 609 7.70 85.78 2.80
N ASP D 610 8.26 86.95 3.10
CA ASP D 610 9.66 87.26 2.78
C ASP D 610 10.49 87.47 4.04
N ARG D 611 11.23 86.43 4.39
CA ARG D 611 12.11 86.38 5.56
C ARG D 611 12.93 87.64 5.78
N LEU D 612 13.55 88.13 4.70
CA LEU D 612 14.54 89.18 4.79
C LEU D 612 13.98 90.59 5.01
N ARG D 613 12.78 90.87 4.52
CA ARG D 613 12.14 92.13 4.89
C ARG D 613 11.05 91.96 5.92
N GLY D 614 10.85 90.73 6.40
CA GLY D 614 9.80 90.42 7.37
C GLY D 614 8.43 90.87 6.94
N GLN D 615 8.01 90.43 5.76
CA GLN D 615 6.72 90.83 5.19
C GLN D 615 6.02 89.63 4.54
N GLY D 616 4.72 89.47 4.80
CA GLY D 616 3.89 88.50 4.09
C GLY D 616 2.87 87.79 4.97
N ARG D 617 2.43 86.62 4.49
CA ARG D 617 1.69 85.66 5.32
C ARG D 617 2.51 84.37 5.58
N PRO D 618 3.22 84.28 6.72
CA PRO D 618 3.81 82.98 6.98
C PRO D 618 2.87 82.00 7.69
N PHE D 619 1.72 82.43 8.19
CA PHE D 619 0.84 81.52 8.93
C PHE D 619 -0.55 81.37 8.36
N LEU D 620 -1.11 80.16 8.43
CA LEU D 620 -2.48 79.96 7.98
C LEU D 620 -3.44 80.60 8.96
N TYR D 621 -3.21 80.38 10.25
CA TYR D 621 -4.08 80.93 11.29
C TYR D 621 -3.34 81.14 12.61
N PHE D 622 -4.02 81.74 13.57
CA PHE D 622 -3.45 81.87 14.88
C PHE D 622 -4.27 81.09 15.90
N ALA D 623 -3.56 80.40 16.77
CA ALA D 623 -4.15 79.75 17.91
C ALA D 623 -4.06 80.74 19.08
N TYR D 624 -5.15 80.83 19.83
CA TYR D 624 -5.25 81.76 20.96
C TYR D 624 -5.55 81.01 22.22
N GLY D 625 -5.43 81.70 23.34
CA GLY D 625 -5.73 81.14 24.66
C GLY D 625 -5.18 82.01 25.77
N ALA D 626 -5.52 81.64 27.00
CA ALA D 626 -5.27 82.47 28.17
C ALA D 626 -5.20 81.68 29.47
N ALA D 627 -4.35 82.13 30.39
CA ALA D 627 -4.22 81.47 31.69
C ALA D 627 -4.11 82.46 32.84
N ILE D 628 -4.73 82.12 33.96
CA ILE D 628 -4.50 82.87 35.16
C ILE D 628 -3.79 81.94 36.12
N THR D 629 -2.64 82.37 36.62
CA THR D 629 -1.89 81.60 37.59
C THR D 629 -1.82 82.36 38.91
N GLU D 630 -2.01 81.61 40.00
CA GLU D 630 -1.83 82.11 41.36
C GLU D 630 -0.71 81.37 42.11
N VAL D 631 0.18 82.15 42.70
CA VAL D 631 1.35 81.62 43.41
C VAL D 631 1.44 82.17 44.85
N VAL D 632 2.28 81.53 45.65
CA VAL D 632 2.74 82.04 46.96
C VAL D 632 4.23 81.92 47.05
N ILE D 633 4.85 82.94 47.66
CA ILE D 633 6.30 82.96 47.81
C ILE D 633 6.71 83.21 49.25
N ASP D 634 7.77 82.52 49.64
CA ASP D 634 8.41 82.74 50.91
C ASP D 634 9.36 83.92 50.74
N ARG D 635 9.07 84.96 51.50
CA ARG D 635 9.81 86.20 51.45
C ARG D 635 11.21 86.06 51.99
N LEU D 636 11.46 85.05 52.81
CA LEU D 636 12.80 84.85 53.34
C LEU D 636 13.78 84.12 52.42
N THR D 637 13.30 83.09 51.71
CA THR D 637 14.19 82.16 51.00
C THR D 637 14.02 82.13 49.49
N GLY D 638 12.84 82.55 49.04
CA GLY D 638 12.54 82.51 47.63
C GLY D 638 11.62 81.38 47.25
N GLU D 639 11.61 80.32 48.05
CA GLU D 639 10.73 79.14 47.86
C GLU D 639 9.32 79.54 47.51
N ASN D 640 8.69 78.76 46.62
CA ASN D 640 7.42 79.13 46.05
C ASN D 640 6.61 77.94 45.53
N ARG D 641 5.34 78.18 45.23
CA ARG D 641 4.43 77.15 44.75
C ARG D 641 3.32 77.74 43.90
N ILE D 642 2.89 77.01 42.89
CA ILE D 642 1.71 77.38 42.11
C ILE D 642 0.48 76.85 42.84
N LEU D 643 -0.33 77.77 43.33
CA LEU D 643 -1.53 77.38 44.04
C LEU D 643 -2.67 77.02 43.08
N ARG D 644 -2.82 77.81 42.02
CA ARG D 644 -3.97 77.65 41.16
C ARG D 644 -3.76 78.19 39.75
N THR D 645 -4.14 77.37 38.77
CA THR D 645 -4.15 77.77 37.39
C THR D 645 -5.54 77.51 36.82
N ASP D 646 -6.01 78.47 36.02
CA ASP D 646 -7.25 78.39 35.29
C ASP D 646 -6.89 78.73 33.83
N ILE D 647 -7.19 77.81 32.91
CA ILE D 647 -6.89 78.02 31.49
C ILE D 647 -8.15 77.90 30.62
N LEU D 648 -8.38 78.90 29.79
CA LEU D 648 -9.30 78.75 28.68
C LEU D 648 -8.52 78.87 27.38
N HIS D 649 -8.58 77.83 26.56
CA HIS D 649 -7.73 77.74 25.37
C HIS D 649 -8.48 77.33 24.12
N ASP D 650 -8.03 77.89 23.00
CA ASP D 650 -8.65 77.69 21.69
C ASP D 650 -7.96 76.61 20.86
N ALA D 651 -8.72 75.53 20.65
CA ALA D 651 -8.34 74.37 19.86
C ALA D 651 -9.21 74.26 18.58
N GLY D 652 -9.85 75.36 18.19
CA GLY D 652 -10.84 75.34 17.11
C GLY D 652 -11.98 74.40 17.48
N ALA D 653 -12.44 73.65 16.49
CA ALA D 653 -13.30 72.51 16.73
C ALA D 653 -12.41 71.29 16.92
N SER D 654 -11.97 71.08 18.16
CA SER D 654 -11.08 69.99 18.52
C SER D 654 -11.34 68.68 17.76
N LEU D 655 -10.29 67.98 17.33
CA LEU D 655 -10.36 66.60 16.82
C LEU D 655 -10.58 65.54 17.94
N ASN D 656 -10.22 65.89 19.18
CA ASN D 656 -10.29 64.99 20.31
C ASN D 656 -10.02 65.77 21.61
N PRO D 657 -11.11 66.17 22.30
CA PRO D 657 -11.02 67.05 23.47
C PRO D 657 -10.18 66.48 24.61
N ALA D 658 -10.27 65.18 24.85
CA ALA D 658 -9.44 64.53 25.85
C ALA D 658 -7.96 64.70 25.53
N LEU D 659 -7.60 64.51 24.27
CA LEU D 659 -6.20 64.56 23.89
C LEU D 659 -5.68 65.99 23.98
N ASP D 660 -6.58 66.93 23.76
CA ASP D 660 -6.26 68.34 23.74
C ASP D 660 -6.05 68.94 25.12
N ILE D 661 -7.04 68.76 25.98
CA ILE D 661 -6.92 69.08 27.39
C ILE D 661 -5.61 68.51 27.94
N GLY D 662 -5.26 67.31 27.48
CA GLY D 662 -4.00 66.70 27.91
C GLY D 662 -2.79 67.45 27.39
N GLN D 663 -2.82 67.84 26.13
CA GLN D 663 -1.71 68.61 25.57
C GLN D 663 -1.53 69.95 26.31
N ILE D 664 -2.66 70.57 26.71
CA ILE D 664 -2.64 71.85 27.37
C ILE D 664 -2.09 71.71 28.79
N GLU D 665 -2.67 70.79 29.56
CA GLU D 665 -2.19 70.51 30.92
C GLU D 665 -0.69 70.31 30.93
N GLY D 666 -0.22 69.51 29.97
CA GLY D 666 1.18 69.15 29.89
C GLY D 666 2.02 70.33 29.50
N ALA D 667 1.60 71.04 28.45
CA ALA D 667 2.35 72.18 27.95
C ALA D 667 2.49 73.20 29.03
N TYR D 668 1.38 73.45 29.74
CA TYR D 668 1.38 74.47 30.79
C TYR D 668 2.42 74.15 31.86
N VAL D 669 2.46 72.91 32.30
CA VAL D 669 3.40 72.49 33.34
C VAL D 669 4.85 72.61 32.84
N GLN D 670 5.03 72.47 31.53
CA GLN D 670 6.35 72.51 30.94
C GLN D 670 6.82 73.95 30.73
N GLY D 671 5.88 74.81 30.35
CA GLY D 671 6.20 76.23 30.14
C GLY D 671 6.50 76.92 31.44
N ALA D 672 5.71 76.58 32.47
CA ALA D 672 5.92 77.07 33.81
C ALA D 672 7.25 76.55 34.35
N GLY D 673 7.56 75.29 34.09
CA GLY D 673 8.82 74.70 34.54
C GLY D 673 10.00 75.50 34.03
N TRP D 674 9.94 75.83 32.74
CA TRP D 674 10.93 76.61 32.02
C TRP D 674 11.29 77.89 32.71
N LEU D 675 10.28 78.53 33.30
CA LEU D 675 10.42 79.84 33.93
C LEU D 675 10.53 79.80 35.45
N THR D 676 10.64 78.60 36.02
CA THR D 676 10.79 78.47 37.47
C THR D 676 12.02 77.65 37.89
N THR D 677 11.93 76.32 37.89
CA THR D 677 12.97 75.46 38.47
C THR D 677 14.00 74.89 37.47
N GLU D 678 13.73 75.02 36.19
CA GLU D 678 14.65 74.51 35.20
C GLU D 678 15.73 75.55 34.91
N GLU D 679 16.97 75.23 35.29
CA GLU D 679 18.08 76.13 35.09
C GLU D 679 19.31 75.41 34.56
N LEU D 680 19.88 75.98 33.50
CA LEU D 680 21.10 75.42 32.93
C LEU D 680 22.34 76.17 33.43
N VAL D 681 23.40 75.45 33.82
CA VAL D 681 24.64 76.08 34.29
C VAL D 681 25.90 75.48 33.65
N TRP D 682 26.74 76.35 33.08
CA TRP D 682 28.09 76.00 32.63
C TRP D 682 29.13 76.64 33.54
N ASP D 683 30.25 75.97 33.77
CA ASP D 683 31.35 76.58 34.50
C ASP D 683 32.27 77.43 33.60
N HIS D 684 33.34 77.95 34.19
CA HIS D 684 34.35 78.76 33.47
C HIS D 684 34.95 78.11 32.20
N CYS D 685 35.06 76.78 32.20
CA CYS D 685 35.57 76.03 31.04
C CYS D 685 34.54 75.80 29.97
N GLY D 686 33.29 76.06 30.30
CA GLY D 686 32.19 75.73 29.42
C GLY D 686 31.66 74.31 29.58
N ARG D 687 32.09 73.61 30.62
CA ARG D 687 31.48 72.33 31.01
C ARG D 687 30.09 72.60 31.56
N LEU D 688 29.16 71.71 31.24
CA LEU D 688 27.79 71.84 31.70
C LEU D 688 27.67 71.21 33.07
N MET D 689 27.35 72.01 34.06
CA MET D 689 27.23 71.48 35.43
C MET D 689 25.93 70.70 35.63
N THR D 690 24.91 71.08 34.89
CA THR D 690 23.60 70.49 35.05
C THR D 690 23.33 69.46 33.93
N HIS D 691 23.90 68.27 34.07
CA HIS D 691 23.76 67.19 33.07
C HIS D 691 23.00 65.91 33.50
N ALA D 692 22.26 65.98 34.60
CA ALA D 692 21.46 64.86 35.13
C ALA D 692 20.24 65.38 35.89
N PRO D 693 19.18 64.55 35.99
CA PRO D 693 17.99 64.89 36.78
C PRO D 693 18.31 65.22 38.23
N SER D 694 19.40 64.66 38.72
CA SER D 694 19.97 65.05 39.99
C SER D 694 20.19 66.57 40.13
N THR D 695 20.55 67.25 39.05
CA THR D 695 20.92 68.70 39.08
C THR D 695 20.12 69.61 38.13
N TYR D 696 19.36 69.00 37.22
CA TYR D 696 18.46 69.72 36.37
C TYR D 696 17.03 69.38 36.81
N LYS D 697 16.31 70.37 37.32
CA LYS D 697 15.03 70.19 38.05
C LYS D 697 13.74 70.49 37.25
N ILE D 698 13.22 69.50 36.53
CA ILE D 698 11.91 69.59 35.85
C ILE D 698 10.75 69.43 36.85
N PRO D 699 9.54 69.91 36.48
CA PRO D 699 8.45 69.84 37.44
C PRO D 699 8.22 68.43 37.96
N ALA D 700 8.01 68.31 39.26
CA ALA D 700 7.71 67.00 39.85
C ALA D 700 6.21 66.89 40.16
N PHE D 701 5.75 65.70 40.53
CA PHE D 701 4.36 65.46 40.74
C PHE D 701 3.63 66.57 41.52
N SER D 702 4.14 66.98 42.67
CA SER D 702 3.43 68.02 43.41
C SER D 702 3.62 69.45 42.89
N ASP D 703 4.55 69.69 41.96
CA ASP D 703 4.70 71.03 41.39
C ASP D 703 3.51 71.44 40.54
N ARG D 704 2.66 70.48 40.16
CA ARG D 704 1.46 70.78 39.36
C ARG D 704 0.56 71.73 40.17
N PRO D 705 -0.17 72.64 39.49
CA PRO D 705 -1.08 73.55 40.17
C PRO D 705 -2.04 72.77 41.07
N ARG D 706 -2.17 73.20 42.32
CA ARG D 706 -2.99 72.51 43.32
C ARG D 706 -4.43 72.46 42.86
N ILE D 707 -4.91 73.56 42.32
CA ILE D 707 -6.19 73.61 41.65
C ILE D 707 -5.83 73.87 40.17
N PHE D 708 -6.31 72.99 39.30
CA PHE D 708 -5.90 73.02 37.91
C PHE D 708 -7.11 72.89 37.00
N ASN D 709 -7.65 74.03 36.58
CA ASN D 709 -8.82 74.06 35.72
C ASN D 709 -8.50 74.43 34.28
N VAL D 710 -8.70 73.48 33.37
CA VAL D 710 -8.50 73.74 31.93
C VAL D 710 -9.83 73.63 31.18
N ALA D 711 -10.12 74.62 30.35
CA ALA D 711 -11.30 74.56 29.50
C ALA D 711 -10.98 74.99 28.06
N LEU D 712 -11.77 74.46 27.13
CA LEU D 712 -11.54 74.65 25.72
C LEU D 712 -12.52 75.65 25.14
N TRP D 713 -11.99 76.57 24.33
CA TRP D 713 -12.78 77.52 23.56
C TRP D 713 -13.27 76.73 22.37
N ASP D 714 -14.56 76.47 22.35
CA ASP D 714 -15.10 75.54 21.38
C ASP D 714 -15.74 76.32 20.24
N GLN D 715 -14.94 76.68 19.25
CA GLN D 715 -15.41 77.49 18.14
C GLN D 715 -14.64 77.13 16.88
N PRO D 716 -15.36 76.72 15.81
CA PRO D 716 -14.62 76.25 14.61
C PRO D 716 -13.68 77.31 14.06
N ASN D 717 -12.57 76.86 13.49
CA ASN D 717 -11.60 77.72 12.82
C ASN D 717 -12.24 78.31 11.58
N ARG D 718 -11.98 79.60 11.32
CA ARG D 718 -12.34 80.24 10.03
C ARG D 718 -11.67 79.61 8.81
N GLU D 719 -10.47 79.04 8.99
CA GLU D 719 -9.74 78.38 7.92
C GLU D 719 -10.20 76.95 7.73
N GLU D 720 -10.07 76.43 6.51
CA GLU D 720 -10.61 75.12 6.20
C GLU D 720 -9.62 74.03 6.53
N THR D 721 -9.21 74.02 7.81
CA THR D 721 -8.35 73.00 8.39
C THR D 721 -9.16 71.73 8.55
N ILE D 722 -8.45 70.62 8.80
CA ILE D 722 -9.10 69.34 9.00
C ILE D 722 -10.18 69.42 10.07
N PHE D 723 -11.44 69.26 9.65
CA PHE D 723 -12.62 69.42 10.50
C PHE D 723 -12.67 70.67 11.37
N ARG D 724 -12.07 71.75 10.86
CA ARG D 724 -12.06 73.06 11.53
C ARG D 724 -11.41 72.99 12.90
N SER D 725 -10.51 72.04 13.09
CA SER D 725 -9.72 72.00 14.30
C SER D 725 -8.62 73.06 14.21
N LYS D 726 -7.95 73.28 15.33
CA LYS D 726 -6.76 74.12 15.36
C LYS D 726 -5.69 73.28 15.99
N ALA D 727 -4.45 73.57 15.65
CA ALA D 727 -3.29 72.97 16.30
C ALA D 727 -3.22 73.33 17.80
N VAL D 728 -2.73 72.39 18.60
CA VAL D 728 -2.72 72.52 20.04
C VAL D 728 -1.43 72.02 20.66
N GLY D 729 -0.47 71.60 19.84
CA GLY D 729 0.78 71.06 20.36
C GLY D 729 1.67 72.05 21.08
N GLU D 730 1.85 73.22 20.47
CA GLU D 730 2.83 74.19 20.96
C GLU D 730 2.23 75.41 21.63
N PRO D 731 1.08 75.90 21.11
CA PRO D 731 0.56 77.14 21.65
C PRO D 731 0.43 77.16 23.17
N PRO D 732 -0.13 76.10 23.81
CA PRO D 732 -0.34 76.17 25.26
C PRO D 732 0.93 76.21 26.10
N PHE D 733 2.09 75.89 25.53
CA PHE D 733 3.35 76.07 26.26
C PHE D 733 3.46 77.50 26.75
N LEU D 734 2.93 78.44 25.96
CA LEU D 734 3.06 79.86 26.26
C LEU D 734 2.22 80.35 27.42
N LEU D 735 1.19 79.58 27.78
CA LEU D 735 0.38 79.86 28.97
C LEU D 735 1.22 79.84 30.23
N GLY D 736 2.32 79.11 30.22
CA GLY D 736 3.25 79.09 31.36
C GLY D 736 3.81 80.47 31.72
N ILE D 737 3.63 81.44 30.85
CA ILE D 737 4.08 82.80 31.13
C ILE D 737 3.26 83.42 32.30
N SER D 738 2.01 83.01 32.47
CA SER D 738 1.23 83.54 33.60
C SER D 738 1.84 83.10 34.91
N ALA D 739 2.55 81.99 34.92
CA ALA D 739 3.21 81.56 36.14
C ALA D 739 4.31 82.55 36.48
N PHE D 740 5.12 82.92 35.49
CA PHE D 740 6.23 83.85 35.68
C PHE D 740 5.74 85.21 36.16
N LEU D 741 4.72 85.74 35.48
CA LEU D 741 4.13 87.04 35.83
C LEU D 741 3.58 87.10 37.26
N ALA D 742 2.78 86.11 37.65
CA ALA D 742 2.19 86.05 38.98
C ALA D 742 3.29 86.03 40.03
N LEU D 743 4.37 85.36 39.71
CA LEU D 743 5.53 85.27 40.56
C LEU D 743 6.23 86.64 40.64
N HIS D 744 6.21 87.40 39.55
CA HIS D 744 6.70 88.80 39.57
C HIS D 744 5.78 89.73 40.39
N ASP D 745 4.48 89.47 40.32
CA ASP D 745 3.47 90.21 41.03
C ASP D 745 3.52 89.92 42.51
N ALA D 746 3.84 88.69 42.87
CA ALA D 746 4.04 88.36 44.28
C ALA D 746 5.26 89.06 44.86
N CYS D 747 6.25 89.36 44.00
CA CYS D 747 7.40 90.20 44.38
C CYS D 747 6.98 91.66 44.57
N ALA D 748 6.24 92.16 43.59
CA ALA D 748 5.72 93.51 43.59
C ALA D 748 4.97 93.85 44.87
N ALA D 749 4.48 92.84 45.57
CA ALA D 749 3.72 93.06 46.77
C ALA D 749 4.63 93.42 47.96
N CYS D 750 5.90 93.04 47.90
CA CYS D 750 6.79 93.26 49.04
C CYS D 750 7.39 94.63 49.16
N GLY D 751 7.22 95.47 48.15
CA GLY D 751 7.78 96.81 48.19
C GLY D 751 7.54 97.64 46.96
N PRO D 752 7.80 98.95 47.05
CA PRO D 752 7.38 99.90 46.04
C PRO D 752 8.25 99.83 44.79
N HIS D 753 9.36 99.11 44.88
CA HIS D 753 10.34 99.07 43.81
C HIS D 753 10.07 97.98 42.76
N TRP D 754 10.61 98.23 41.57
CA TRP D 754 10.49 97.33 40.44
C TRP D 754 11.38 96.15 40.74
N PRO D 755 10.77 94.94 40.86
CA PRO D 755 11.45 93.74 41.32
C PRO D 755 12.54 93.28 40.36
N ASP D 756 12.34 93.57 39.08
CA ASP D 756 13.19 93.09 38.00
C ASP D 756 13.57 91.59 38.12
N LEU D 757 12.54 90.75 38.12
CA LEU D 757 12.72 89.29 38.15
C LEU D 757 13.19 88.74 36.82
N GLN D 758 14.15 87.81 36.92
CA GLN D 758 14.81 87.19 35.79
C GLN D 758 14.25 85.80 35.56
N ALA D 759 14.44 85.28 34.34
CA ALA D 759 14.10 83.89 34.04
C ALA D 759 15.40 83.10 34.01
N PRO D 760 15.40 81.88 34.57
CA PRO D 760 14.33 81.22 35.31
C PRO D 760 14.14 81.79 36.68
N ALA D 761 12.89 82.00 37.06
CA ALA D 761 12.54 82.39 38.42
C ALA D 761 12.76 81.25 39.44
N THR D 762 14.00 80.82 39.65
CA THR D 762 14.32 79.88 40.72
C THR D 762 14.08 80.56 42.09
N PRO D 763 14.08 79.79 43.19
CA PRO D 763 13.92 80.44 44.53
C PRO D 763 15.02 81.48 44.84
N GLU D 764 16.23 81.27 44.34
CA GLU D 764 17.31 82.26 44.43
C GLU D 764 16.94 83.53 43.65
N ALA D 765 16.42 83.34 42.44
CA ALA D 765 15.94 84.45 41.61
C ALA D 765 14.76 85.16 42.26
N VAL D 766 13.76 84.42 42.71
CA VAL D 766 12.61 85.03 43.39
C VAL D 766 13.05 85.87 44.58
N LEU D 767 13.96 85.35 45.40
CA LEU D 767 14.50 86.11 46.54
C LEU D 767 15.21 87.39 46.13
N ALA D 768 16.13 87.28 45.17
CA ALA D 768 16.81 88.45 44.62
C ALA D 768 15.82 89.54 44.22
N ALA D 769 14.71 89.15 43.58
CA ALA D 769 13.69 90.11 43.16
C ALA D 769 12.87 90.65 44.32
N VAL D 770 12.61 89.82 45.32
CA VAL D 770 11.91 90.30 46.54
C VAL D 770 12.72 91.42 47.20
N ARG D 771 14.04 91.21 47.30
CA ARG D 771 14.90 92.17 47.97
C ARG D 771 15.05 93.47 47.18
N ARG D 772 14.97 93.36 45.86
CA ARG D 772 14.91 94.53 45.02
C ARG D 772 13.62 95.32 45.27
N ALA D 773 12.48 94.65 45.28
CA ALA D 773 11.20 95.32 45.53
C ALA D 773 11.22 95.96 46.90
N GLU D 774 11.78 95.24 47.86
CA GLU D 774 11.93 95.68 49.23
C GLU D 774 13.04 96.71 49.44
N GLY D 775 13.72 97.09 48.37
CA GLY D 775 14.76 98.11 48.49
C GLY D 775 16.03 97.70 49.23
N ARG D 776 16.09 96.45 49.69
CA ARG D 776 17.31 95.86 50.25
C ARG D 776 18.41 95.69 49.19
N ALA D 777 19.63 95.40 49.64
CA ALA D 777 20.82 95.39 48.75
C ALA D 777 20.73 94.33 47.63
N MET E 1 -16.14 -60.79 -43.67
CA MET E 1 -15.44 -60.01 -44.75
C MET E 1 -14.63 -58.84 -44.20
N GLU E 2 -13.36 -58.78 -44.58
CA GLU E 2 -12.43 -57.84 -43.99
C GLU E 2 -12.06 -56.73 -44.96
N ILE E 3 -12.03 -55.49 -44.45
CA ILE E 3 -11.62 -54.29 -45.21
C ILE E 3 -10.42 -53.61 -44.56
N ALA E 4 -9.86 -52.63 -45.28
CA ALA E 4 -8.68 -51.89 -44.83
C ALA E 4 -8.72 -50.40 -45.21
N PHE E 5 -8.32 -49.56 -44.27
CA PHE E 5 -8.36 -48.11 -44.43
C PHE E 5 -7.30 -47.54 -43.52
N LEU E 6 -6.90 -46.30 -43.81
CA LEU E 6 -5.88 -45.62 -43.02
C LEU E 6 -6.60 -44.73 -42.01
N LEU E 7 -6.28 -44.85 -40.72
CA LEU E 7 -6.94 -44.06 -39.69
C LEU E 7 -5.93 -43.19 -38.98
N ASN E 8 -6.03 -41.88 -39.20
CA ASN E 8 -5.11 -40.91 -38.60
C ASN E 8 -3.65 -41.29 -38.87
N GLY E 9 -3.34 -41.61 -40.12
CA GLY E 9 -1.98 -42.00 -40.51
C GLY E 9 -1.48 -43.39 -40.12
N GLU E 10 -2.36 -44.21 -39.57
CA GLU E 10 -2.04 -45.62 -39.31
C GLU E 10 -2.94 -46.50 -40.18
N THR E 11 -2.45 -47.69 -40.54
CA THR E 11 -3.26 -48.60 -41.36
C THR E 11 -4.08 -49.55 -40.51
N ARG E 12 -5.34 -49.72 -40.91
CA ARG E 12 -6.27 -50.51 -40.13
C ARG E 12 -7.04 -51.44 -41.05
N ARG E 13 -6.88 -52.74 -40.80
CA ARG E 13 -7.69 -53.76 -41.44
C ARG E 13 -8.75 -54.14 -40.43
N VAL E 14 -10.02 -54.11 -40.84
CA VAL E 14 -11.10 -54.46 -39.92
C VAL E 14 -12.07 -55.51 -40.49
N ARG E 15 -12.24 -56.58 -39.73
CA ARG E 15 -13.15 -57.65 -40.08
C ARG E 15 -14.59 -57.15 -39.89
N ILE E 16 -15.33 -57.04 -40.98
CA ILE E 16 -16.73 -56.62 -40.90
C ILE E 16 -17.64 -57.83 -40.64
N GLU E 17 -18.64 -57.64 -39.79
CA GLU E 17 -19.61 -58.67 -39.45
C GLU E 17 -20.99 -58.10 -39.20
N ASP E 18 -21.14 -56.82 -39.50
CA ASP E 18 -22.35 -56.03 -39.24
C ASP E 18 -22.27 -54.82 -40.20
N PRO E 19 -22.62 -55.02 -41.49
CA PRO E 19 -22.23 -54.03 -42.49
C PRO E 19 -22.91 -52.69 -42.24
N THR E 20 -23.98 -52.76 -41.43
CA THR E 20 -24.88 -51.67 -41.20
C THR E 20 -24.40 -50.77 -40.06
N GLN E 21 -23.45 -51.25 -39.26
CA GLN E 21 -22.90 -50.42 -38.19
C GLN E 21 -22.32 -49.10 -38.73
N SER E 22 -22.29 -48.07 -37.88
CA SER E 22 -21.76 -46.75 -38.29
C SER E 22 -20.33 -46.44 -37.80
N LEU E 23 -19.60 -45.72 -38.66
CA LEU E 23 -18.25 -45.23 -38.35
C LEU E 23 -18.25 -44.57 -36.94
N LEU E 24 -19.27 -43.75 -36.67
CA LEU E 24 -19.45 -43.15 -35.35
C LEU E 24 -19.45 -44.21 -34.22
N GLU E 25 -20.29 -45.25 -34.31
CA GLU E 25 -20.31 -46.32 -33.27
C GLU E 25 -18.94 -46.98 -33.20
N TRP E 26 -18.41 -47.25 -34.39
CA TRP E 26 -17.12 -47.88 -34.52
C TRP E 26 -15.98 -47.12 -33.78
N LEU E 27 -15.79 -45.85 -34.09
CA LEU E 27 -14.70 -45.06 -33.49
C LEU E 27 -14.85 -45.04 -31.99
N ARG E 28 -16.09 -44.78 -31.54
CA ARG E 28 -16.36 -44.63 -30.12
C ARG E 28 -16.14 -45.95 -29.40
N ALA E 29 -16.53 -47.06 -30.05
CA ALA E 29 -16.15 -48.38 -29.55
C ALA E 29 -14.60 -48.48 -29.44
N GLU E 30 -13.87 -48.02 -30.45
CA GLU E 30 -12.40 -48.08 -30.38
C GLU E 30 -11.86 -47.22 -29.23
N GLY E 31 -12.67 -46.30 -28.74
CA GLY E 31 -12.26 -45.46 -27.62
C GLY E 31 -11.66 -44.15 -28.09
N LEU E 32 -11.79 -43.90 -29.40
CA LEU E 32 -11.48 -42.65 -30.07
C LEU E 32 -12.59 -41.62 -29.79
N THR E 33 -12.67 -41.25 -28.53
CA THR E 33 -13.81 -40.62 -27.92
C THR E 33 -14.11 -39.18 -28.41
N GLY E 34 -13.22 -38.66 -29.25
CA GLY E 34 -13.32 -37.26 -29.67
C GLY E 34 -14.43 -36.94 -30.64
N THR E 35 -14.77 -37.89 -31.50
CA THR E 35 -15.89 -37.72 -32.42
C THR E 35 -17.14 -37.90 -31.57
N LYS E 36 -18.04 -36.90 -31.60
CA LYS E 36 -19.17 -36.80 -30.66
C LYS E 36 -20.54 -37.07 -31.32
N GLU E 37 -21.49 -37.68 -30.59
CA GLU E 37 -22.84 -37.87 -31.12
C GLU E 37 -23.75 -36.75 -30.65
N GLY E 38 -24.30 -35.99 -31.58
CA GLY E 38 -25.21 -34.91 -31.21
C GLY E 38 -26.67 -35.10 -31.63
N CYS E 39 -26.95 -36.09 -32.46
CA CYS E 39 -28.29 -36.29 -32.97
C CYS E 39 -28.44 -37.67 -33.61
N ASN E 40 -27.30 -38.31 -33.93
CA ASN E 40 -27.21 -39.59 -34.66
C ASN E 40 -28.09 -39.64 -35.94
N GLU E 41 -28.21 -38.51 -36.63
CA GLU E 41 -29.31 -38.27 -37.54
C GLU E 41 -28.96 -37.40 -38.74
N GLY E 42 -27.73 -36.88 -38.76
CA GLY E 42 -27.22 -36.13 -39.90
C GLY E 42 -27.17 -34.61 -39.76
N ASP E 43 -28.03 -34.08 -38.89
CA ASP E 43 -28.31 -32.63 -38.81
C ASP E 43 -27.24 -31.76 -38.15
N CYS E 44 -26.52 -32.29 -37.17
CA CYS E 44 -25.77 -31.42 -36.26
C CYS E 44 -24.25 -31.26 -36.47
N GLY E 45 -23.62 -32.18 -37.19
CA GLY E 45 -22.22 -32.07 -37.52
C GLY E 45 -21.24 -32.54 -36.46
N ALA E 46 -21.72 -32.80 -35.25
CA ALA E 46 -20.79 -33.11 -34.12
C ALA E 46 -19.86 -34.29 -34.37
N CYS E 47 -20.22 -35.15 -35.31
CA CYS E 47 -19.46 -36.36 -35.61
C CYS E 47 -18.67 -36.19 -36.90
N THR E 48 -18.60 -34.96 -37.38
CA THR E 48 -17.93 -34.67 -38.63
C THR E 48 -16.53 -35.27 -38.69
N VAL E 49 -16.33 -36.24 -39.57
CA VAL E 49 -15.00 -36.74 -39.88
C VAL E 49 -14.52 -36.35 -41.29
N MET E 50 -13.24 -36.57 -41.53
CA MET E 50 -12.64 -36.26 -42.82
C MET E 50 -12.16 -37.52 -43.53
N ILE E 51 -12.66 -37.74 -44.74
CA ILE E 51 -12.14 -38.81 -45.58
C ILE E 51 -11.39 -38.25 -46.77
N ARG E 52 -10.35 -38.98 -47.17
CA ARG E 52 -9.57 -38.63 -48.36
C ARG E 52 -9.31 -39.88 -49.20
N ASP E 53 -9.81 -39.86 -50.43
CA ASP E 53 -9.49 -40.93 -51.37
C ASP E 53 -8.84 -40.35 -52.64
N ALA E 54 -9.07 -40.98 -53.78
CA ALA E 54 -8.45 -40.55 -55.03
C ALA E 54 -9.02 -39.22 -55.55
N ALA E 55 -10.28 -38.94 -55.23
CA ALA E 55 -10.94 -37.71 -55.67
C ALA E 55 -10.57 -36.50 -54.79
N GLY E 56 -9.78 -36.74 -53.74
CA GLY E 56 -9.41 -35.69 -52.80
C GLY E 56 -9.88 -35.98 -51.38
N SER E 57 -9.92 -34.93 -50.56
CA SER E 57 -10.42 -35.07 -49.20
C SER E 57 -11.70 -34.26 -49.01
N ARG E 58 -12.52 -34.68 -48.05
CA ARG E 58 -13.78 -34.02 -47.74
C ARG E 58 -14.22 -34.28 -46.32
N ALA E 59 -15.16 -33.48 -45.85
CA ALA E 59 -15.69 -33.65 -44.51
C ALA E 59 -17.06 -34.31 -44.62
N VAL E 60 -17.25 -35.39 -43.84
CA VAL E 60 -18.55 -36.08 -43.81
C VAL E 60 -18.98 -36.43 -42.38
N ASN E 61 -20.26 -36.79 -42.23
CA ASN E 61 -20.82 -37.23 -40.96
C ASN E 61 -20.53 -38.69 -40.68
N ALA E 62 -19.75 -38.97 -39.63
CA ALA E 62 -19.47 -40.36 -39.27
C ALA E 62 -20.73 -41.16 -38.87
N CYS E 63 -21.88 -40.52 -38.78
CA CYS E 63 -23.08 -41.21 -38.32
C CYS E 63 -23.85 -41.77 -39.52
N LEU E 64 -24.05 -40.93 -40.54
CA LEU E 64 -24.73 -41.32 -41.78
C LEU E 64 -23.92 -42.33 -42.61
N MET E 65 -22.66 -42.52 -42.22
CA MET E 65 -21.71 -43.34 -42.99
C MET E 65 -21.39 -44.67 -42.34
N MET E 66 -21.45 -45.75 -43.12
CA MET E 66 -21.14 -47.09 -42.62
C MET E 66 -19.70 -47.51 -42.98
N LEU E 67 -19.16 -48.51 -42.26
CA LEU E 67 -17.74 -48.94 -42.37
C LEU E 67 -17.26 -49.46 -43.74
N PRO E 68 -18.08 -50.29 -44.43
CA PRO E 68 -17.72 -50.69 -45.80
C PRO E 68 -17.45 -49.52 -46.76
N GLN E 69 -18.07 -48.37 -46.48
CA GLN E 69 -17.93 -47.15 -47.30
C GLN E 69 -16.52 -46.59 -47.30
N ILE E 70 -15.77 -46.82 -46.23
CA ILE E 70 -14.49 -46.17 -46.09
C ILE E 70 -13.33 -47.05 -46.52
N ALA E 71 -13.65 -48.27 -46.97
CA ALA E 71 -12.62 -49.22 -47.43
C ALA E 71 -11.65 -48.57 -48.43
N GLY E 72 -10.38 -48.81 -48.24
CA GLY E 72 -9.37 -48.25 -49.14
C GLY E 72 -9.39 -46.73 -49.16
N LYS E 73 -9.76 -46.11 -48.04
CA LYS E 73 -9.70 -44.65 -47.92
C LYS E 73 -8.90 -44.24 -46.69
N ALA E 74 -8.45 -42.99 -46.69
CA ALA E 74 -7.70 -42.44 -45.57
C ALA E 74 -8.69 -41.65 -44.70
N LEU E 75 -8.69 -41.98 -43.40
CA LEU E 75 -9.62 -41.46 -42.43
C LEU E 75 -8.94 -40.55 -41.42
N ARG E 76 -9.45 -39.34 -41.34
CA ARG E 76 -8.96 -38.38 -40.38
C ARG E 76 -10.11 -37.96 -39.44
N THR E 77 -9.87 -38.07 -38.14
CA THR E 77 -10.86 -37.64 -37.14
C THR E 77 -10.26 -36.49 -36.35
N ILE E 78 -11.04 -35.93 -35.42
CA ILE E 78 -10.51 -34.87 -34.59
C ILE E 78 -9.19 -35.31 -34.01
N GLU E 79 -9.18 -36.48 -33.37
CA GLU E 79 -8.00 -36.88 -32.60
C GLU E 79 -6.69 -36.98 -33.42
N GLY E 80 -6.76 -36.74 -34.73
CA GLY E 80 -5.56 -36.75 -35.56
C GLY E 80 -5.38 -35.56 -36.48
N ILE E 81 -5.79 -34.37 -36.00
CA ILE E 81 -5.70 -33.11 -36.75
C ILE E 81 -4.44 -32.34 -36.35
N ALA E 82 -4.03 -32.50 -35.09
CA ALA E 82 -2.74 -32.02 -34.64
C ALA E 82 -1.66 -32.93 -35.25
N ALA E 83 -0.46 -32.37 -35.45
CA ALA E 83 0.65 -33.07 -36.08
C ALA E 83 1.17 -34.16 -35.15
N PRO E 84 1.97 -35.11 -35.67
CA PRO E 84 2.43 -36.22 -34.84
C PRO E 84 3.27 -35.74 -33.66
N ASP E 85 4.19 -34.82 -33.93
CA ASP E 85 5.08 -34.26 -32.90
C ASP E 85 4.35 -33.38 -31.89
N GLY E 86 3.02 -33.27 -32.01
CA GLY E 86 2.20 -32.51 -31.06
C GLY E 86 1.64 -31.17 -31.54
N ARG E 87 2.32 -30.52 -32.49
CA ARG E 87 1.89 -29.19 -32.93
C ARG E 87 0.42 -29.18 -33.34
N LEU E 88 -0.28 -28.13 -32.93
CA LEU E 88 -1.66 -27.91 -33.32
C LEU E 88 -1.76 -27.64 -34.81
N HIS E 89 -2.98 -27.42 -35.29
CA HIS E 89 -3.25 -27.09 -36.67
C HIS E 89 -3.58 -25.59 -36.74
N PRO E 90 -3.14 -24.88 -37.80
CA PRO E 90 -3.48 -23.44 -37.84
C PRO E 90 -4.93 -23.20 -37.43
N VAL E 91 -5.84 -24.06 -37.90
CA VAL E 91 -7.26 -24.00 -37.56
C VAL E 91 -7.51 -24.17 -36.04
N GLN E 92 -6.93 -25.20 -35.45
CA GLN E 92 -7.03 -25.41 -34.01
C GLN E 92 -6.44 -24.25 -33.19
N GLN E 93 -5.28 -23.72 -33.60
CA GLN E 93 -4.69 -22.56 -32.90
C GLN E 93 -5.62 -21.37 -33.04
N ALA E 94 -6.11 -21.13 -34.25
CA ALA E 94 -7.03 -20.03 -34.48
C ALA E 94 -8.20 -20.09 -33.48
N MET E 95 -8.92 -21.21 -33.43
CA MET E 95 -10.02 -21.39 -32.47
C MET E 95 -9.66 -21.00 -31.04
N ILE E 96 -8.47 -21.36 -30.58
CA ILE E 96 -8.01 -20.92 -29.25
C ILE E 96 -7.86 -19.39 -29.14
N ASP E 97 -7.21 -18.79 -30.13
CA ASP E 97 -7.02 -17.32 -30.21
C ASP E 97 -8.31 -16.52 -30.28
N HIS E 98 -9.20 -16.95 -31.16
CA HIS E 98 -10.40 -16.18 -31.43
C HIS E 98 -11.62 -16.64 -30.64
N HIS E 99 -11.38 -17.54 -29.68
CA HIS E 99 -12.40 -18.02 -28.74
C HIS E 99 -13.57 -18.73 -29.44
N GLY E 100 -13.28 -19.53 -30.47
CA GLY E 100 -14.31 -20.15 -31.30
C GLY E 100 -14.93 -21.39 -30.70
N SER E 101 -14.99 -21.43 -29.37
CA SER E 101 -15.34 -22.62 -28.61
C SER E 101 -15.80 -22.13 -27.23
N GLN E 102 -16.87 -22.69 -26.70
CA GLN E 102 -17.30 -22.35 -25.32
C GLN E 102 -17.53 -23.56 -24.43
N CYS E 103 -18.52 -24.40 -24.77
CA CYS E 103 -18.79 -25.63 -24.02
C CYS E 103 -17.93 -26.78 -24.57
N GLY E 104 -17.43 -26.61 -25.79
CA GLY E 104 -16.49 -27.54 -26.43
C GLY E 104 -17.10 -28.65 -27.29
N PHE E 105 -18.34 -29.04 -26.95
CA PHE E 105 -18.98 -30.23 -27.55
C PHE E 105 -19.04 -30.30 -29.08
N CYS E 106 -18.98 -29.18 -29.77
CA CYS E 106 -19.10 -29.20 -31.23
C CYS E 106 -17.81 -28.78 -31.92
N THR E 107 -16.81 -28.46 -31.08
CA THR E 107 -15.54 -27.99 -31.59
C THR E 107 -14.87 -29.01 -32.49
N PRO E 108 -14.75 -30.32 -32.07
CA PRO E 108 -14.19 -31.32 -33.01
C PRO E 108 -14.93 -31.35 -34.33
N GLY E 109 -16.25 -31.25 -34.27
CA GLY E 109 -17.08 -31.11 -35.48
C GLY E 109 -16.59 -30.00 -36.38
N PHE E 110 -16.35 -28.83 -35.79
CA PHE E 110 -15.93 -27.66 -36.55
C PHE E 110 -14.47 -27.80 -37.06
N ILE E 111 -13.55 -28.03 -36.11
CA ILE E 111 -12.13 -28.26 -36.36
C ILE E 111 -11.91 -29.12 -37.58
N VAL E 112 -12.63 -30.23 -37.67
CA VAL E 112 -12.55 -31.16 -38.78
C VAL E 112 -13.10 -30.48 -40.06
N SER E 113 -14.34 -29.93 -39.98
CA SER E 113 -14.94 -29.21 -41.13
C SER E 113 -14.01 -28.12 -41.65
N MET E 114 -13.34 -27.46 -40.70
CA MET E 114 -12.46 -26.37 -41.04
C MET E 114 -11.23 -26.94 -41.71
N ALA E 115 -10.47 -27.75 -40.98
CA ALA E 115 -9.32 -28.43 -41.52
C ALA E 115 -9.57 -28.87 -42.97
N ALA E 116 -10.62 -29.62 -43.22
CA ALA E 116 -10.88 -30.09 -44.59
C ALA E 116 -10.92 -28.94 -45.58
N ALA E 117 -11.66 -27.89 -45.24
CA ALA E 117 -11.79 -26.75 -46.12
C ALA E 117 -10.44 -26.05 -46.27
N HIS E 118 -9.59 -26.20 -45.26
CA HIS E 118 -8.25 -25.66 -45.27
C HIS E 118 -7.37 -26.46 -46.23
N ASP E 119 -7.57 -27.78 -46.22
CA ASP E 119 -6.85 -28.70 -47.09
C ASP E 119 -7.11 -28.36 -48.56
N ARG E 120 -8.35 -28.04 -48.89
CA ARG E 120 -8.70 -27.74 -50.27
C ARG E 120 -8.91 -26.25 -50.47
N ASP E 121 -8.31 -25.47 -49.57
CA ASP E 121 -8.27 -24.02 -49.65
C ASP E 121 -9.62 -23.43 -50.03
N ARG E 122 -10.64 -23.89 -49.32
CA ARG E 122 -12.03 -23.50 -49.54
C ARG E 122 -12.38 -22.35 -48.61
N LYS E 123 -13.22 -21.45 -49.11
CA LYS E 123 -13.44 -20.18 -48.41
C LYS E 123 -14.91 -19.84 -48.21
N ASP E 124 -15.81 -20.65 -48.73
CA ASP E 124 -17.24 -20.44 -48.53
C ASP E 124 -17.71 -21.06 -47.21
N TYR E 125 -17.26 -20.42 -46.14
CA TYR E 125 -17.51 -20.85 -44.78
C TYR E 125 -18.97 -21.04 -44.41
N ASP E 126 -19.82 -20.14 -44.87
CA ASP E 126 -21.26 -20.25 -44.62
C ASP E 126 -21.85 -21.53 -45.20
N ASP E 127 -21.29 -22.00 -46.29
CA ASP E 127 -21.78 -23.25 -46.83
C ASP E 127 -21.04 -24.44 -46.20
N LEU E 128 -19.72 -24.38 -46.21
CA LEU E 128 -18.91 -25.42 -45.58
C LEU E 128 -19.38 -25.75 -44.18
N LEU E 129 -19.87 -24.77 -43.45
CA LEU E 129 -20.14 -24.99 -42.04
C LEU E 129 -21.62 -24.96 -41.66
N ALA E 130 -22.50 -24.75 -42.63
CA ALA E 130 -23.96 -24.84 -42.39
C ALA E 130 -24.30 -26.03 -41.50
N GLY E 131 -23.82 -27.21 -41.86
CA GLY E 131 -24.04 -28.41 -41.08
C GLY E 131 -23.23 -28.57 -39.81
N ASN E 132 -22.58 -27.52 -39.34
CA ASN E 132 -22.03 -27.58 -37.99
C ASN E 132 -22.82 -26.60 -37.11
N LEU E 133 -23.61 -27.14 -36.18
CA LEU E 133 -24.41 -26.31 -35.30
C LEU E 133 -23.64 -26.01 -34.05
N CYS E 134 -23.90 -24.84 -33.50
CA CYS E 134 -23.30 -24.47 -32.24
C CYS E 134 -24.32 -23.64 -31.49
N ARG E 135 -24.47 -23.90 -30.20
CA ARG E 135 -25.54 -23.30 -29.47
C ARG E 135 -25.03 -22.13 -28.63
N CYS E 136 -23.71 -22.07 -28.40
CA CYS E 136 -23.11 -21.08 -27.47
C CYS E 136 -22.54 -19.83 -28.12
N THR E 137 -21.68 -20.02 -29.13
CA THR E 137 -20.82 -18.94 -29.60
C THR E 137 -21.50 -17.91 -30.49
N GLY E 138 -22.59 -18.26 -31.14
CA GLY E 138 -23.20 -17.34 -32.09
C GLY E 138 -22.39 -17.26 -33.38
N TYR E 139 -21.47 -18.21 -33.56
CA TYR E 139 -20.79 -18.42 -34.84
C TYR E 139 -19.72 -17.39 -35.21
N ALA E 140 -19.89 -16.16 -34.78
CA ALA E 140 -18.99 -15.09 -35.14
C ALA E 140 -17.51 -15.43 -34.84
N PRO E 141 -17.21 -15.89 -33.61
CA PRO E 141 -15.82 -16.18 -33.28
C PRO E 141 -15.25 -17.22 -34.21
N ILE E 142 -16.08 -18.20 -34.56
CA ILE E 142 -15.65 -19.30 -35.44
C ILE E 142 -15.25 -18.75 -36.80
N LEU E 143 -16.08 -17.89 -37.38
CA LEU E 143 -15.80 -17.28 -38.68
C LEU E 143 -14.39 -16.69 -38.65
N ARG E 144 -14.14 -15.77 -37.71
CA ARG E 144 -12.82 -15.16 -37.52
C ARG E 144 -11.71 -16.23 -37.52
N ALA E 145 -11.77 -17.17 -36.57
CA ALA E 145 -10.74 -18.20 -36.52
C ALA E 145 -10.47 -18.79 -37.92
N ALA E 146 -11.51 -18.93 -38.72
CA ALA E 146 -11.41 -19.58 -40.00
C ALA E 146 -10.60 -18.71 -40.96
N GLU E 147 -10.99 -17.46 -41.06
CA GLU E 147 -10.28 -16.47 -41.85
C GLU E 147 -8.80 -16.39 -41.39
N ALA E 148 -8.59 -16.25 -40.09
CA ALA E 148 -7.24 -16.18 -39.55
C ALA E 148 -6.36 -17.36 -40.00
N ALA E 149 -6.86 -18.58 -39.89
CA ALA E 149 -6.09 -19.77 -40.30
C ALA E 149 -5.93 -19.93 -41.82
N ALA E 150 -6.75 -19.22 -42.58
CA ALA E 150 -6.63 -19.18 -44.03
C ALA E 150 -5.28 -18.54 -44.36
N GLY E 151 -4.81 -17.69 -43.44
CA GLY E 151 -3.51 -17.02 -43.55
C GLY E 151 -2.39 -18.03 -43.67
N GLU E 152 -2.33 -18.96 -42.72
CA GLU E 152 -1.28 -19.97 -42.59
C GLU E 152 -1.29 -21.06 -43.67
N PRO E 153 -0.12 -21.70 -43.94
CA PRO E 153 -0.05 -22.75 -44.98
C PRO E 153 -0.57 -24.11 -44.49
N PRO E 154 -1.03 -24.98 -45.42
CA PRO E 154 -1.62 -26.28 -45.13
C PRO E 154 -0.70 -27.24 -44.35
N ALA E 155 -1.30 -28.10 -43.54
CA ALA E 155 -0.56 -29.15 -42.84
C ALA E 155 -0.14 -30.20 -43.86
N ASP E 156 1.18 -30.37 -43.98
CA ASP E 156 1.76 -31.41 -44.83
C ASP E 156 1.36 -32.79 -44.36
N TRP E 157 1.24 -32.95 -43.03
CA TRP E 157 0.89 -34.25 -42.45
C TRP E 157 -0.50 -34.77 -42.83
N LEU E 158 -1.44 -33.88 -43.07
CA LEU E 158 -2.73 -34.27 -43.57
C LEU E 158 -2.64 -34.66 -45.04
N GLN E 159 -1.80 -33.94 -45.75
CA GLN E 159 -1.63 -34.19 -47.18
C GLN E 159 -0.92 -35.49 -47.49
N ALA E 160 0.00 -35.92 -46.60
CA ALA E 160 0.68 -37.21 -46.72
C ALA E 160 -0.26 -38.33 -47.16
N ASP E 161 -1.37 -38.46 -46.44
CA ASP E 161 -2.39 -39.51 -46.69
C ASP E 161 -2.85 -39.70 -48.16
N ALA E 162 -2.27 -38.92 -49.09
CA ALA E 162 -2.53 -39.10 -50.54
C ALA E 162 -1.94 -40.40 -51.09
N ALA E 163 -0.86 -40.85 -50.47
CA ALA E 163 -0.13 -42.01 -50.92
C ALA E 163 -0.66 -43.36 -50.38
N PHE E 164 -1.90 -43.41 -49.89
CA PHE E 164 -2.48 -44.69 -49.42
C PHE E 164 -3.13 -45.51 -50.54
N THR E 165 -3.04 -46.83 -50.39
CA THR E 165 -3.41 -47.87 -51.38
C THR E 165 -2.66 -47.74 -52.73
N LEU E 166 -1.93 -46.63 -52.88
CA LEU E 166 -1.04 -46.40 -54.02
C LEU E 166 0.27 -47.19 -53.87
N PRO E 179 -20.86 -60.89 -46.13
CA PRO E 179 -21.59 -60.04 -45.19
C PRO E 179 -22.38 -58.94 -45.91
N ALA E 180 -21.71 -58.17 -46.76
CA ALA E 180 -22.40 -57.29 -47.71
C ALA E 180 -21.63 -57.11 -49.01
N PHE E 181 -22.38 -56.88 -50.07
CA PHE E 181 -21.88 -56.89 -51.43
C PHE E 181 -21.30 -55.54 -51.84
N LEU E 182 -20.06 -55.53 -52.35
CA LEU E 182 -19.45 -54.32 -52.86
C LEU E 182 -19.15 -54.33 -54.36
N PRO E 183 -20.18 -54.13 -55.20
CA PRO E 183 -20.02 -54.14 -56.66
C PRO E 183 -19.10 -53.06 -57.21
N GLU E 184 -18.26 -53.45 -58.16
CA GLU E 184 -17.23 -52.60 -58.75
C GLU E 184 -17.71 -51.88 -60.01
N THR E 185 -18.77 -52.38 -60.63
CA THR E 185 -19.29 -51.86 -61.90
C THR E 185 -20.77 -52.18 -62.07
N SER E 186 -21.48 -51.30 -62.78
CA SER E 186 -22.93 -51.46 -63.01
C SER E 186 -23.23 -52.90 -63.39
N ASP E 187 -22.67 -53.29 -64.53
CA ASP E 187 -22.62 -54.67 -64.99
C ASP E 187 -22.70 -55.62 -63.78
N ALA E 188 -21.63 -55.64 -62.99
CA ALA E 188 -21.51 -56.50 -61.79
C ALA E 188 -22.77 -56.43 -60.91
N LEU E 189 -23.15 -55.21 -60.54
CA LEU E 189 -24.31 -54.98 -59.68
C LEU E 189 -25.57 -55.51 -60.35
N ALA E 190 -25.80 -55.02 -61.57
CA ALA E 190 -27.00 -55.33 -62.38
C ALA E 190 -27.27 -56.82 -62.36
N ASP E 191 -26.20 -57.61 -62.35
CA ASP E 191 -26.29 -59.05 -62.21
C ASP E 191 -26.88 -59.42 -60.85
N TRP E 192 -26.14 -59.01 -59.82
CA TRP E 192 -26.39 -59.45 -58.44
C TRP E 192 -27.75 -58.99 -57.92
N TYR E 193 -28.15 -57.78 -58.30
CA TYR E 193 -29.43 -57.23 -57.86
C TYR E 193 -30.54 -57.98 -58.54
N LEU E 194 -30.36 -58.22 -59.86
CA LEU E 194 -31.25 -59.07 -60.64
C LEU E 194 -31.51 -60.38 -59.91
N ALA E 195 -30.46 -60.89 -59.25
CA ALA E 195 -30.55 -62.09 -58.43
C ALA E 195 -31.32 -61.90 -57.12
N HIS E 196 -31.09 -60.79 -56.41
CA HIS E 196 -31.70 -60.58 -55.10
C HIS E 196 -32.61 -59.34 -55.04
N PRO E 197 -33.74 -59.37 -55.79
CA PRO E 197 -34.55 -58.15 -56.07
C PRO E 197 -35.12 -57.39 -54.86
N GLU E 198 -34.95 -57.93 -53.66
CA GLU E 198 -35.44 -57.32 -52.41
C GLU E 198 -34.26 -56.85 -51.54
N ALA E 199 -33.14 -56.61 -52.21
CA ALA E 199 -31.91 -56.21 -51.54
C ALA E 199 -31.93 -54.74 -51.14
N THR E 200 -31.39 -54.47 -49.96
CA THR E 200 -31.09 -53.11 -49.53
C THR E 200 -29.86 -52.59 -50.29
N LEU E 201 -30.08 -51.74 -51.29
CA LEU E 201 -28.98 -51.02 -51.93
C LEU E 201 -28.67 -49.74 -51.14
N ILE E 202 -27.40 -49.53 -50.85
CA ILE E 202 -27.01 -48.33 -50.16
C ILE E 202 -25.99 -47.54 -50.98
N ALA E 203 -26.38 -46.33 -51.38
CA ALA E 203 -25.48 -45.40 -52.02
C ALA E 203 -24.76 -44.60 -50.94
N GLY E 204 -25.24 -43.39 -50.65
CA GLY E 204 -24.62 -42.53 -49.66
C GLY E 204 -25.06 -42.81 -48.25
N GLY E 205 -26.16 -43.57 -48.14
CA GLY E 205 -26.65 -44.01 -46.84
C GLY E 205 -27.15 -42.90 -45.95
N THR E 206 -27.41 -41.74 -46.55
CA THR E 206 -27.89 -40.58 -45.81
C THR E 206 -29.39 -40.66 -45.59
N ASP E 207 -30.07 -41.53 -46.32
CA ASP E 207 -31.49 -41.78 -46.06
C ASP E 207 -31.67 -43.09 -45.29
N VAL E 208 -30.98 -44.13 -45.75
CA VAL E 208 -31.08 -45.48 -45.21
C VAL E 208 -30.62 -45.62 -43.77
N SER E 209 -29.48 -45.03 -43.43
CA SER E 209 -28.92 -45.22 -42.09
C SER E 209 -29.81 -44.70 -40.96
N LEU E 210 -30.75 -43.81 -41.30
CA LEU E 210 -31.79 -43.37 -40.35
C LEU E 210 -32.77 -44.48 -40.00
N TRP E 211 -33.02 -45.37 -40.97
CA TRP E 211 -33.80 -46.58 -40.73
C TRP E 211 -33.14 -47.37 -39.62
N VAL E 212 -31.82 -47.45 -39.69
CA VAL E 212 -31.03 -48.12 -38.66
C VAL E 212 -31.04 -47.35 -37.34
N THR E 213 -30.88 -46.03 -37.40
CA THR E 213 -30.66 -45.27 -36.16
C THR E 213 -31.93 -44.86 -35.44
N LYS E 214 -32.81 -44.11 -36.10
CA LYS E 214 -33.99 -43.56 -35.45
C LYS E 214 -35.21 -44.49 -35.45
N ALA E 215 -35.39 -45.20 -36.56
CA ALA E 215 -36.41 -46.26 -36.69
C ALA E 215 -35.92 -47.60 -36.17
N LEU E 216 -34.69 -47.63 -35.64
CA LEU E 216 -34.04 -48.86 -35.17
C LEU E 216 -34.41 -50.12 -35.98
N ARG E 217 -34.38 -50.01 -37.32
CA ARG E 217 -34.70 -51.15 -38.18
C ARG E 217 -33.50 -52.04 -38.46
N ASP E 218 -33.78 -53.20 -39.05
CA ASP E 218 -32.75 -54.16 -39.40
C ASP E 218 -32.82 -54.56 -40.88
N LEU E 219 -31.71 -54.32 -41.56
CA LEU E 219 -31.60 -54.52 -43.00
C LEU E 219 -30.85 -55.80 -43.36
N PRO E 220 -31.53 -56.74 -44.02
CA PRO E 220 -30.88 -57.92 -44.61
C PRO E 220 -30.36 -57.58 -46.02
N GLU E 221 -29.61 -58.50 -46.63
CA GLU E 221 -29.26 -58.40 -48.06
C GLU E 221 -28.88 -56.98 -48.48
N VAL E 222 -27.60 -56.61 -48.28
CA VAL E 222 -27.15 -55.23 -48.47
C VAL E 222 -26.07 -55.11 -49.55
N ALA E 223 -26.12 -54.01 -50.31
CA ALA E 223 -25.12 -53.72 -51.33
C ALA E 223 -24.68 -52.26 -51.29
N PHE E 224 -23.36 -52.02 -51.25
CA PHE E 224 -22.82 -50.68 -51.24
C PHE E 224 -22.30 -50.24 -52.59
N LEU E 225 -23.04 -49.32 -53.21
CA LEU E 225 -22.77 -48.85 -54.57
C LEU E 225 -21.54 -47.92 -54.68
N SER E 226 -21.46 -46.94 -53.77
CA SER E 226 -20.38 -45.94 -53.74
C SER E 226 -18.97 -46.43 -54.11
N HIS E 227 -18.74 -47.74 -54.08
CA HIS E 227 -17.44 -48.29 -54.49
C HIS E 227 -17.46 -48.76 -55.95
N CYS E 228 -17.97 -47.91 -56.84
CA CYS E 228 -18.18 -48.29 -58.24
C CYS E 228 -18.06 -47.09 -59.19
N LYS E 229 -16.91 -46.96 -59.85
CA LYS E 229 -16.64 -45.76 -60.63
C LYS E 229 -17.65 -45.42 -61.72
N ASP E 230 -18.10 -46.42 -62.47
CA ASP E 230 -18.88 -46.13 -63.69
C ASP E 230 -20.34 -45.75 -63.46
N LEU E 231 -20.85 -45.97 -62.25
CA LEU E 231 -22.23 -45.58 -61.94
C LEU E 231 -22.33 -44.09 -61.58
N ALA E 232 -21.19 -43.50 -61.23
CA ALA E 232 -21.10 -42.16 -60.69
C ALA E 232 -20.46 -41.18 -61.67
N GLN E 233 -20.87 -41.24 -62.94
CA GLN E 233 -20.20 -40.50 -64.01
C GLN E 233 -21.03 -39.38 -64.59
N ILE E 234 -20.40 -38.24 -64.83
CA ILE E 234 -21.03 -37.19 -65.62
C ILE E 234 -20.41 -37.21 -67.01
N ARG E 235 -21.18 -37.68 -67.99
CA ARG E 235 -20.72 -37.74 -69.37
C ARG E 235 -21.60 -36.94 -70.31
N GLU E 236 -21.01 -36.46 -71.39
CA GLU E 236 -21.72 -35.65 -72.36
C GLU E 236 -22.23 -36.49 -73.55
N THR E 237 -23.45 -36.21 -73.97
CA THR E 237 -24.14 -36.90 -75.07
C THR E 237 -24.81 -35.84 -75.96
N PRO E 238 -24.98 -36.12 -77.27
CA PRO E 238 -25.49 -35.14 -78.25
C PRO E 238 -26.68 -34.28 -77.78
N ASP E 239 -27.61 -34.90 -77.04
CA ASP E 239 -28.82 -34.22 -76.51
C ASP E 239 -28.58 -33.31 -75.28
N GLY E 240 -27.90 -33.84 -74.26
CA GLY E 240 -27.60 -33.10 -73.04
C GLY E 240 -26.51 -33.80 -72.24
N TYR E 241 -26.41 -33.47 -70.95
CA TYR E 241 -25.38 -34.07 -70.09
C TYR E 241 -25.93 -35.26 -69.31
N GLY E 242 -25.15 -36.35 -69.29
CA GLY E 242 -25.55 -37.60 -68.64
C GLY E 242 -24.90 -37.78 -67.28
N ILE E 243 -25.76 -37.93 -66.27
CA ILE E 243 -25.34 -37.91 -64.86
C ILE E 243 -25.65 -39.26 -64.21
N GLY E 244 -24.58 -39.98 -63.86
CA GLY E 244 -24.70 -41.31 -63.26
C GLY E 244 -25.37 -41.25 -61.90
N ALA E 245 -26.22 -42.25 -61.63
CA ALA E 245 -26.98 -42.28 -60.38
C ALA E 245 -26.12 -42.08 -59.12
N GLY E 246 -24.88 -42.58 -59.16
CA GLY E 246 -23.93 -42.46 -58.05
C GLY E 246 -23.16 -41.15 -57.94
N VAL E 247 -23.58 -40.14 -58.70
CA VAL E 247 -22.96 -38.81 -58.59
C VAL E 247 -23.48 -38.09 -57.33
N THR E 248 -22.55 -37.62 -56.52
CA THR E 248 -22.85 -36.92 -55.27
C THR E 248 -23.45 -35.56 -55.53
N ILE E 249 -24.38 -35.16 -54.67
CA ILE E 249 -25.06 -33.87 -54.80
C ILE E 249 -24.06 -32.71 -54.87
N ALA E 250 -22.90 -32.89 -54.25
CA ALA E 250 -21.90 -31.84 -54.27
C ALA E 250 -21.26 -31.77 -55.67
N ALA E 251 -20.75 -32.92 -56.13
CA ALA E 251 -20.18 -33.09 -57.48
C ALA E 251 -21.13 -32.62 -58.56
N LEU E 252 -22.42 -32.93 -58.39
CA LEU E 252 -23.44 -32.42 -59.30
C LEU E 252 -23.54 -30.89 -59.25
N ARG E 253 -23.55 -30.33 -58.04
CA ARG E 253 -23.64 -28.86 -57.89
C ARG E 253 -22.40 -28.16 -58.47
N ALA E 254 -21.26 -28.80 -58.32
CA ALA E 254 -20.02 -28.32 -58.92
C ALA E 254 -20.24 -28.23 -60.43
N PHE E 255 -20.56 -29.36 -61.03
CA PHE E 255 -20.79 -29.42 -62.46
C PHE E 255 -21.95 -28.55 -62.91
N ALA E 256 -22.97 -28.43 -62.06
CA ALA E 256 -24.18 -27.66 -62.39
C ALA E 256 -23.87 -26.19 -62.60
N GLU E 257 -22.83 -25.72 -61.91
CA GLU E 257 -22.52 -24.29 -61.81
C GLU E 257 -22.13 -23.66 -63.15
N GLY E 258 -21.59 -24.49 -64.06
CA GLY E 258 -21.27 -24.06 -65.42
C GLY E 258 -22.57 -23.86 -66.18
N PRO E 259 -23.11 -24.94 -66.77
CA PRO E 259 -24.26 -24.88 -67.69
C PRO E 259 -25.65 -24.73 -67.06
N HIS E 260 -25.74 -24.84 -65.73
CA HIS E 260 -27.05 -24.86 -65.05
C HIS E 260 -27.09 -24.14 -63.70
N PRO E 261 -26.61 -22.88 -63.64
CA PRO E 261 -26.73 -22.02 -62.46
C PRO E 261 -27.90 -22.32 -61.53
N ALA E 262 -29.12 -22.29 -62.06
CA ALA E 262 -30.30 -22.39 -61.21
C ALA E 262 -30.26 -23.66 -60.35
N LEU E 263 -29.83 -24.78 -60.94
CA LEU E 263 -29.69 -26.03 -60.20
C LEU E 263 -28.61 -25.88 -59.13
N ALA E 264 -27.41 -25.49 -59.55
CA ALA E 264 -26.30 -25.24 -58.64
C ALA E 264 -26.76 -24.41 -57.44
N GLY E 265 -27.42 -23.28 -57.74
CA GLY E 265 -27.97 -22.38 -56.73
C GLY E 265 -28.89 -23.11 -55.78
N LEU E 266 -29.82 -23.89 -56.35
CA LEU E 266 -30.73 -24.70 -55.55
C LEU E 266 -29.96 -25.68 -54.66
N LEU E 267 -29.13 -26.50 -55.29
CA LEU E 267 -28.41 -27.58 -54.61
C LEU E 267 -27.51 -27.08 -53.48
N ARG E 268 -27.32 -25.76 -53.43
CA ARG E 268 -26.51 -25.16 -52.41
C ARG E 268 -27.26 -25.23 -51.07
N ARG E 269 -28.60 -25.21 -51.17
CA ARG E 269 -29.47 -25.23 -50.00
C ARG E 269 -30.10 -26.61 -49.79
N PHE E 270 -29.38 -27.63 -50.27
CA PHE E 270 -29.77 -29.01 -50.20
C PHE E 270 -28.88 -29.60 -49.13
N ALA E 271 -29.46 -29.85 -47.95
CA ALA E 271 -28.76 -30.45 -46.82
C ALA E 271 -27.52 -29.64 -46.43
N SER E 272 -26.49 -30.29 -45.90
CA SER E 272 -25.24 -29.61 -45.61
C SER E 272 -24.17 -29.95 -46.67
N GLU E 273 -22.99 -29.34 -46.53
CA GLU E 273 -21.81 -29.75 -47.28
C GLU E 273 -21.55 -31.23 -47.01
N GLN E 274 -21.45 -31.60 -45.73
CA GLN E 274 -21.17 -32.99 -45.33
C GLN E 274 -22.14 -34.01 -45.93
N VAL E 275 -23.41 -33.62 -46.03
CA VAL E 275 -24.38 -34.52 -46.64
C VAL E 275 -24.16 -34.52 -48.16
N ARG E 276 -24.07 -33.33 -48.75
CA ARG E 276 -23.84 -33.20 -50.22
C ARG E 276 -22.64 -34.00 -50.69
N GLN E 277 -21.65 -34.11 -49.82
CA GLN E 277 -20.40 -34.86 -50.07
C GLN E 277 -20.54 -36.37 -50.23
N VAL E 278 -21.69 -36.93 -49.85
CA VAL E 278 -21.90 -38.38 -49.88
C VAL E 278 -23.22 -38.78 -50.52
N ALA E 279 -24.27 -38.00 -50.26
CA ALA E 279 -25.57 -38.23 -50.84
C ALA E 279 -25.48 -38.23 -52.36
N THR E 280 -26.35 -38.99 -53.02
CA THR E 280 -26.40 -39.04 -54.48
C THR E 280 -27.77 -38.62 -54.97
N ILE E 281 -27.86 -38.21 -56.25
CA ILE E 281 -29.15 -37.97 -56.94
C ILE E 281 -29.89 -39.26 -57.27
N GLY E 282 -29.13 -40.34 -57.45
CA GLY E 282 -29.70 -41.69 -57.58
C GLY E 282 -30.60 -41.98 -56.40
N GLY E 283 -29.99 -42.00 -55.20
CA GLY E 283 -30.70 -42.18 -53.95
C GLY E 283 -31.75 -41.11 -53.74
N ASN E 284 -31.43 -39.88 -54.12
CA ASN E 284 -32.42 -38.84 -54.01
C ASN E 284 -33.67 -39.21 -54.79
N ILE E 285 -33.50 -39.54 -56.07
CA ILE E 285 -34.63 -39.88 -56.96
C ILE E 285 -35.33 -41.18 -56.52
N ALA E 286 -34.53 -42.22 -56.27
CA ALA E 286 -35.04 -43.51 -55.87
C ALA E 286 -35.85 -43.40 -54.58
N ASN E 287 -35.33 -42.64 -53.62
CA ASN E 287 -36.02 -42.46 -52.34
C ASN E 287 -37.46 -41.98 -52.53
N GLY E 288 -37.70 -41.19 -53.56
CA GLY E 288 -39.05 -40.80 -53.95
C GLY E 288 -39.82 -39.92 -52.98
N SER E 289 -39.11 -39.11 -52.20
CA SER E 289 -39.74 -38.16 -51.28
C SER E 289 -40.52 -37.08 -52.02
N PRO E 290 -41.77 -36.87 -51.65
CA PRO E 290 -42.46 -35.75 -52.29
C PRO E 290 -41.78 -34.42 -51.93
N ILE E 291 -40.79 -34.48 -51.04
CA ILE E 291 -40.04 -33.27 -50.68
C ILE E 291 -38.54 -33.30 -51.01
N GLY E 292 -38.09 -34.28 -51.77
CA GLY E 292 -36.73 -34.24 -52.31
C GLY E 292 -36.56 -33.07 -53.26
N ASP E 293 -35.51 -32.29 -53.06
CA ASP E 293 -35.27 -31.09 -53.85
C ASP E 293 -34.64 -31.32 -55.22
N GLY E 294 -34.14 -32.53 -55.46
CA GLY E 294 -33.70 -32.91 -56.80
C GLY E 294 -34.80 -32.92 -57.85
N PRO E 295 -35.80 -33.81 -57.70
CA PRO E 295 -36.83 -33.99 -58.73
C PRO E 295 -37.44 -32.73 -59.31
N PRO E 296 -38.06 -31.87 -58.49
CA PRO E 296 -38.73 -30.76 -59.15
C PRO E 296 -37.77 -30.00 -60.07
N ALA E 297 -36.54 -29.79 -59.62
CA ALA E 297 -35.55 -29.08 -60.42
C ALA E 297 -35.43 -29.69 -61.80
N LEU E 298 -35.09 -30.97 -61.86
CA LEU E 298 -34.91 -31.68 -63.12
C LEU E 298 -36.19 -31.68 -63.96
N ILE E 299 -37.32 -32.03 -63.32
CA ILE E 299 -38.61 -32.05 -64.01
C ILE E 299 -38.87 -30.72 -64.74
N ALA E 300 -38.62 -29.60 -64.06
CA ALA E 300 -38.80 -28.29 -64.70
C ALA E 300 -37.87 -28.07 -65.88
N MET E 301 -36.69 -28.67 -65.86
CA MET E 301 -35.77 -28.51 -66.99
C MET E 301 -35.84 -29.72 -67.94
N GLY E 302 -37.00 -30.37 -67.97
CA GLY E 302 -37.25 -31.52 -68.85
C GLY E 302 -36.28 -32.70 -68.85
N ALA E 303 -35.68 -33.00 -67.69
CA ALA E 303 -34.71 -34.08 -67.60
C ALA E 303 -35.36 -35.48 -67.68
N SER E 304 -34.55 -36.46 -68.09
CA SER E 304 -35.00 -37.84 -68.29
C SER E 304 -34.21 -38.84 -67.44
N LEU E 305 -34.88 -39.91 -67.05
CA LEU E 305 -34.33 -40.88 -66.14
C LEU E 305 -34.13 -42.21 -66.85
N THR E 306 -33.06 -42.90 -66.49
CA THR E 306 -32.70 -44.20 -67.07
C THR E 306 -32.71 -45.29 -65.99
N LEU E 307 -33.72 -46.15 -66.03
CA LEU E 307 -33.74 -47.34 -65.17
C LEU E 307 -32.98 -48.47 -65.85
N ARG E 308 -32.49 -49.41 -65.07
CA ARG E 308 -31.80 -50.57 -65.63
C ARG E 308 -32.04 -51.84 -64.82
N ARG E 309 -32.68 -52.82 -65.46
CA ARG E 309 -33.03 -54.07 -64.81
C ARG E 309 -32.15 -55.19 -65.40
N GLY E 310 -31.01 -55.43 -64.76
CA GLY E 310 -30.12 -56.54 -65.13
C GLY E 310 -29.30 -56.34 -66.39
N GLN E 311 -29.99 -56.03 -67.48
CA GLN E 311 -29.36 -55.88 -68.79
C GLN E 311 -30.21 -54.97 -69.68
N GLU E 312 -31.53 -55.15 -69.58
CA GLU E 312 -32.52 -54.26 -70.17
C GLU E 312 -32.38 -52.87 -69.57
N ARG E 313 -32.86 -51.85 -70.29
CA ARG E 313 -32.60 -50.46 -69.92
C ARG E 313 -33.71 -49.54 -70.44
N ARG E 314 -34.53 -49.00 -69.53
CA ARG E 314 -35.67 -48.13 -69.91
C ARG E 314 -35.25 -46.66 -70.09
N ARG E 315 -36.24 -45.79 -70.21
CA ARG E 315 -35.96 -44.36 -70.34
C ARG E 315 -37.26 -43.58 -70.25
N MET E 316 -37.33 -42.66 -69.30
CA MET E 316 -38.57 -41.92 -69.11
C MET E 316 -38.33 -40.48 -68.66
N PRO E 317 -39.33 -39.60 -68.91
CA PRO E 317 -39.37 -38.25 -68.36
C PRO E 317 -39.50 -38.34 -66.84
N LEU E 318 -38.51 -37.79 -66.14
CA LEU E 318 -38.34 -37.99 -64.69
C LEU E 318 -39.64 -38.04 -63.90
N GLU E 319 -40.54 -37.10 -64.17
CA GLU E 319 -41.81 -37.02 -63.44
C GLU E 319 -42.54 -38.36 -63.36
N ASP E 320 -42.73 -38.99 -64.52
CA ASP E 320 -43.44 -40.27 -64.65
C ASP E 320 -42.85 -41.45 -63.87
N PHE E 321 -41.71 -41.26 -63.22
CA PHE E 321 -41.19 -42.28 -62.31
C PHE E 321 -41.99 -42.28 -60.99
N PHE E 322 -42.51 -41.12 -60.62
CA PHE E 322 -43.24 -40.95 -59.37
C PHE E 322 -44.74 -41.14 -59.58
N LEU E 323 -45.26 -42.27 -59.09
CA LEU E 323 -46.66 -42.63 -59.29
C LEU E 323 -47.56 -42.12 -58.16
N GLU E 324 -47.51 -42.80 -57.02
CA GLU E 324 -48.22 -42.37 -55.82
C GLU E 324 -47.24 -42.13 -54.70
N TYR E 325 -47.73 -41.58 -53.59
CA TYR E 325 -46.89 -41.42 -52.40
C TYR E 325 -46.39 -42.79 -51.98
N ARG E 326 -45.07 -42.89 -51.89
CA ARG E 326 -44.36 -44.11 -51.52
C ARG E 326 -44.39 -45.19 -52.61
N LYS E 327 -44.80 -44.82 -53.81
CA LYS E 327 -44.96 -45.77 -54.90
C LYS E 327 -44.30 -45.24 -56.17
N GLN E 328 -43.24 -45.91 -56.62
CA GLN E 328 -42.54 -45.50 -57.84
C GLN E 328 -42.80 -46.45 -59.00
N ASP E 329 -42.34 -46.06 -60.19
CA ASP E 329 -42.36 -46.92 -61.37
C ASP E 329 -41.02 -47.66 -61.51
N ARG E 330 -40.88 -48.75 -60.74
CA ARG E 330 -39.64 -49.49 -60.65
C ARG E 330 -39.93 -50.98 -60.51
N ARG E 331 -39.32 -51.81 -61.36
CA ARG E 331 -39.64 -53.24 -61.38
C ARG E 331 -38.79 -53.99 -60.38
N PRO E 332 -39.24 -55.19 -59.96
CA PRO E 332 -38.35 -56.09 -59.22
C PRO E 332 -37.01 -56.23 -59.92
N GLY E 333 -35.91 -56.03 -59.21
CA GLY E 333 -34.57 -56.20 -59.75
C GLY E 333 -34.05 -54.99 -60.50
N GLU E 334 -34.90 -53.97 -60.67
CA GLU E 334 -34.53 -52.73 -61.36
C GLU E 334 -33.85 -51.71 -60.43
N PHE E 335 -32.89 -50.96 -60.99
CA PHE E 335 -32.18 -49.90 -60.25
C PHE E 335 -31.95 -48.63 -61.08
N VAL E 336 -32.02 -47.48 -60.40
CA VAL E 336 -31.76 -46.17 -61.01
C VAL E 336 -30.31 -46.08 -61.44
N GLU E 337 -30.09 -45.84 -62.73
CA GLU E 337 -28.74 -45.90 -63.30
C GLU E 337 -28.17 -44.56 -63.71
N SER E 338 -29.02 -43.68 -64.21
CA SER E 338 -28.57 -42.32 -64.48
C SER E 338 -29.72 -41.44 -64.93
N VAL E 339 -29.44 -40.14 -64.95
CA VAL E 339 -30.34 -39.13 -65.49
C VAL E 339 -29.57 -38.35 -66.52
N THR E 340 -30.30 -37.73 -67.44
CA THR E 340 -29.71 -36.85 -68.41
C THR E 340 -30.53 -35.56 -68.44
N LEU E 341 -29.84 -34.43 -68.43
CA LEU E 341 -30.50 -33.14 -68.53
C LEU E 341 -30.06 -32.51 -69.85
N PRO E 342 -30.82 -31.51 -70.35
CA PRO E 342 -30.47 -30.76 -71.55
C PRO E 342 -29.15 -30.00 -71.37
N LYS E 343 -28.52 -29.64 -72.48
CA LYS E 343 -27.31 -28.83 -72.44
C LYS E 343 -27.59 -27.49 -71.76
N SER E 344 -28.80 -26.98 -71.93
CA SER E 344 -29.11 -25.61 -71.55
C SER E 344 -30.60 -25.38 -71.22
N ALA E 345 -30.85 -24.55 -70.22
CA ALA E 345 -32.19 -24.26 -69.73
C ALA E 345 -32.34 -22.81 -69.23
N PRO E 346 -31.84 -21.83 -70.00
CA PRO E 346 -31.82 -20.48 -69.45
C PRO E 346 -33.24 -19.96 -69.23
N GLY E 347 -33.78 -20.20 -68.05
CA GLY E 347 -35.14 -19.83 -67.75
C GLY E 347 -35.51 -20.52 -66.46
N LEU E 348 -34.87 -21.66 -66.22
CA LEU E 348 -35.08 -22.40 -65.01
C LEU E 348 -34.87 -21.41 -63.87
N ARG E 349 -35.80 -21.42 -62.94
CA ARG E 349 -35.57 -20.81 -61.64
C ARG E 349 -36.00 -21.86 -60.60
N CYS E 350 -35.27 -21.89 -59.50
CA CYS E 350 -35.47 -22.87 -58.44
C CYS E 350 -35.69 -22.23 -57.08
N TYR E 351 -36.85 -22.49 -56.50
CA TYR E 351 -37.22 -21.82 -55.27
C TYR E 351 -37.41 -22.81 -54.14
N LYS E 352 -36.52 -22.76 -53.16
CA LYS E 352 -36.70 -23.51 -51.92
C LYS E 352 -37.24 -22.58 -50.85
N LEU E 353 -38.34 -23.00 -50.20
CA LEU E 353 -38.91 -22.24 -49.11
C LEU E 353 -39.05 -23.12 -47.86
N SER E 354 -38.35 -22.73 -46.78
CA SER E 354 -38.30 -23.48 -45.54
C SER E 354 -38.51 -22.52 -44.36
N LYS E 355 -38.31 -22.98 -43.12
CA LYS E 355 -38.38 -22.10 -41.95
C LYS E 355 -37.05 -21.37 -41.79
N ARG E 356 -36.00 -22.04 -42.25
CA ARG E 356 -34.64 -21.57 -42.13
C ARG E 356 -33.98 -21.81 -43.50
N PHE E 357 -33.12 -20.89 -43.90
CA PHE E 357 -32.44 -20.97 -45.20
C PHE E 357 -31.53 -22.20 -45.39
N ASP E 358 -30.64 -22.45 -44.42
CA ASP E 358 -29.64 -23.51 -44.56
C ASP E 358 -29.93 -24.73 -43.74
N GLN E 359 -29.45 -25.88 -44.22
CA GLN E 359 -29.86 -27.21 -43.75
C GLN E 359 -31.30 -27.28 -43.21
N ASP E 360 -32.27 -27.16 -44.11
CA ASP E 360 -33.67 -27.37 -43.79
C ASP E 360 -34.31 -28.15 -44.92
N ILE E 361 -35.43 -28.83 -44.65
CA ILE E 361 -36.17 -29.40 -45.76
C ILE E 361 -37.34 -28.48 -46.13
N SER E 362 -37.73 -28.47 -47.40
CA SER E 362 -38.68 -27.50 -47.93
C SER E 362 -40.08 -27.70 -47.40
N ALA E 363 -40.83 -26.61 -47.30
CA ALA E 363 -42.27 -26.67 -47.17
C ALA E 363 -42.84 -26.70 -48.60
N VAL E 364 -42.27 -25.86 -49.45
CA VAL E 364 -42.59 -25.81 -50.87
C VAL E 364 -41.31 -25.59 -51.62
N CYS E 365 -41.22 -26.28 -52.75
CA CYS E 365 -40.11 -26.14 -53.63
C CYS E 365 -40.67 -25.90 -55.02
N GLY E 366 -40.41 -24.73 -55.56
CA GLY E 366 -40.99 -24.40 -56.85
C GLY E 366 -39.95 -24.24 -57.92
N CYS E 367 -39.98 -25.14 -58.89
CA CYS E 367 -39.13 -25.02 -60.04
C CYS E 367 -39.96 -24.63 -61.23
N LEU E 368 -39.73 -23.43 -61.74
CA LEU E 368 -40.40 -22.93 -62.92
C LEU E 368 -39.40 -22.74 -64.04
N ASN E 369 -39.87 -22.97 -65.27
CA ASN E 369 -39.06 -22.86 -66.49
C ASN E 369 -39.92 -22.61 -67.73
N LEU E 370 -39.86 -21.38 -68.23
CA LEU E 370 -40.64 -21.01 -69.41
C LEU E 370 -39.76 -20.68 -70.62
N THR E 371 -40.40 -20.70 -71.79
CA THR E 371 -39.75 -20.47 -73.07
C THR E 371 -40.62 -19.52 -73.84
N LEU E 372 -40.05 -18.41 -74.29
CA LEU E 372 -40.84 -17.33 -74.87
C LEU E 372 -40.62 -17.12 -76.36
N LYS E 373 -41.72 -17.07 -77.10
CA LYS E 373 -41.74 -16.55 -78.46
C LYS E 373 -41.96 -15.05 -78.29
N GLY E 374 -40.87 -14.35 -77.96
CA GLY E 374 -40.88 -12.92 -77.60
C GLY E 374 -42.22 -12.27 -77.27
N SER E 375 -42.43 -11.94 -76.00
CA SER E 375 -43.67 -11.30 -75.51
C SER E 375 -44.79 -12.30 -75.14
N LYS E 376 -44.77 -13.47 -75.78
CA LYS E 376 -45.74 -14.52 -75.50
C LYS E 376 -45.07 -15.80 -75.00
N ILE E 377 -45.78 -16.53 -74.13
CA ILE E 377 -45.25 -17.73 -73.50
C ILE E 377 -45.44 -18.96 -74.39
N GLU E 378 -44.33 -19.51 -74.90
CA GLU E 378 -44.38 -20.81 -75.58
C GLU E 378 -44.52 -21.93 -74.58
N THR E 379 -43.39 -22.46 -74.13
CA THR E 379 -43.38 -23.55 -73.16
C THR E 379 -43.37 -23.02 -71.73
N ALA E 380 -43.99 -23.79 -70.84
CA ALA E 380 -44.09 -23.44 -69.43
C ALA E 380 -44.03 -24.69 -68.59
N ARG E 381 -42.81 -25.14 -68.29
CA ARG E 381 -42.56 -26.24 -67.35
C ARG E 381 -42.55 -25.75 -65.91
N ILE E 382 -43.51 -26.22 -65.12
CA ILE E 382 -43.70 -25.74 -63.75
C ILE E 382 -43.90 -26.94 -62.81
N ALA E 383 -42.87 -27.20 -61.99
CA ALA E 383 -42.84 -28.36 -61.09
C ALA E 383 -42.89 -27.97 -59.60
N PHE E 384 -43.52 -28.81 -58.78
CA PHE E 384 -43.56 -28.60 -57.33
C PHE E 384 -43.15 -29.75 -56.44
N GLY E 385 -42.33 -29.40 -55.44
CA GLY E 385 -42.06 -30.25 -54.30
C GLY E 385 -42.91 -29.84 -53.10
N GLY E 386 -43.24 -30.79 -52.25
CA GLY E 386 -43.96 -30.53 -51.01
C GLY E 386 -45.41 -30.16 -51.16
N MET E 387 -45.95 -30.31 -52.38
CA MET E 387 -47.32 -29.87 -52.69
C MET E 387 -48.40 -30.95 -52.79
N ALA E 388 -47.96 -32.22 -52.76
CA ALA E 388 -48.80 -33.43 -52.72
C ALA E 388 -47.94 -34.71 -52.46
N GLY E 389 -48.46 -35.89 -52.80
CA GLY E 389 -47.76 -37.14 -52.49
C GLY E 389 -46.62 -37.52 -53.41
N VAL E 390 -46.39 -36.70 -54.42
CA VAL E 390 -45.43 -37.00 -55.48
C VAL E 390 -44.96 -35.68 -56.07
N PRO E 391 -43.65 -35.58 -56.41
CA PRO E 391 -43.20 -34.40 -57.15
C PRO E 391 -43.89 -34.33 -58.53
N LYS E 392 -44.77 -33.36 -58.73
CA LYS E 392 -45.52 -33.26 -59.96
C LYS E 392 -45.57 -31.87 -60.61
N ARG E 393 -45.99 -31.82 -61.87
CA ARG E 393 -46.10 -30.56 -62.62
C ARG E 393 -47.40 -29.86 -62.28
N ALA E 394 -47.54 -28.60 -62.68
CA ALA E 394 -48.75 -27.80 -62.40
C ALA E 394 -49.75 -27.76 -63.56
N ALA E 395 -50.08 -28.94 -64.08
CA ALA E 395 -50.95 -29.13 -65.28
C ALA E 395 -51.86 -27.96 -65.66
N ALA E 396 -52.92 -27.73 -64.89
CA ALA E 396 -53.88 -26.67 -65.19
C ALA E 396 -53.19 -25.32 -65.33
N PHE E 397 -52.37 -24.95 -64.33
CA PHE E 397 -51.56 -23.71 -64.36
C PHE E 397 -50.67 -23.59 -65.59
N GLU E 398 -49.73 -24.53 -65.76
CA GLU E 398 -48.90 -24.61 -66.97
C GLU E 398 -49.69 -24.28 -68.24
N ALA E 399 -50.80 -25.02 -68.44
CA ALA E 399 -51.60 -24.94 -69.67
C ALA E 399 -52.34 -23.63 -69.85
N ALA E 400 -52.82 -23.05 -68.75
CA ALA E 400 -53.58 -21.81 -68.80
C ALA E 400 -52.70 -20.63 -69.23
N LEU E 401 -51.39 -20.83 -69.12
CA LEU E 401 -50.41 -19.82 -69.49
C LEU E 401 -50.16 -19.81 -70.99
N ILE E 402 -49.77 -20.98 -71.52
CA ILE E 402 -49.23 -21.13 -72.86
C ILE E 402 -49.97 -20.26 -73.89
N GLY E 403 -49.21 -19.40 -74.55
CA GLY E 403 -49.76 -18.48 -75.55
C GLY E 403 -49.97 -17.07 -75.03
N GLN E 404 -50.22 -16.94 -73.73
CA GLN E 404 -50.51 -15.66 -73.09
C GLN E 404 -49.30 -14.74 -73.04
N ASP E 405 -49.56 -13.48 -72.74
CA ASP E 405 -48.52 -12.48 -72.56
C ASP E 405 -47.78 -12.67 -71.24
N PHE E 406 -46.46 -12.75 -71.29
CA PHE E 406 -45.63 -12.93 -70.10
C PHE E 406 -45.54 -11.66 -69.22
N ARG E 407 -46.67 -11.01 -68.99
CA ARG E 407 -46.74 -9.93 -68.02
C ARG E 407 -46.99 -10.53 -66.64
N GLU E 408 -47.08 -9.68 -65.62
CA GLU E 408 -47.39 -10.17 -64.28
C GLU E 408 -48.88 -10.43 -64.06
N ASP E 409 -49.68 -9.40 -64.31
CA ASP E 409 -51.16 -9.48 -64.25
C ASP E 409 -51.75 -10.73 -64.92
N THR E 410 -51.06 -11.21 -65.96
CA THR E 410 -51.36 -12.49 -66.59
C THR E 410 -51.34 -13.53 -65.46
N ILE E 411 -50.12 -13.95 -65.10
CA ILE E 411 -49.86 -14.91 -64.03
C ILE E 411 -50.87 -14.75 -62.90
N ALA E 412 -51.11 -13.49 -62.52
CA ALA E 412 -51.96 -13.14 -61.40
C ALA E 412 -53.38 -13.73 -61.50
N ALA E 413 -54.01 -13.61 -62.67
CA ALA E 413 -55.35 -14.15 -62.85
C ALA E 413 -55.31 -15.66 -63.06
N ALA E 414 -54.18 -16.16 -63.58
CA ALA E 414 -53.95 -17.60 -63.71
C ALA E 414 -53.90 -18.34 -62.36
N LEU E 415 -53.61 -17.60 -61.28
CA LEU E 415 -53.25 -18.15 -59.97
C LEU E 415 -54.22 -19.14 -59.33
N PRO E 416 -55.53 -18.79 -59.26
CA PRO E 416 -56.50 -19.71 -58.63
C PRO E 416 -56.37 -21.14 -59.15
N LEU E 417 -55.98 -21.27 -60.41
CA LEU E 417 -55.82 -22.57 -61.05
C LEU E 417 -54.81 -23.47 -60.36
N LEU E 418 -53.90 -22.89 -59.58
CA LEU E 418 -52.94 -23.68 -58.80
C LEU E 418 -53.61 -24.49 -57.66
N ALA E 419 -54.71 -23.96 -57.14
CA ALA E 419 -55.52 -24.67 -56.12
C ALA E 419 -56.45 -25.67 -56.79
N GLN E 420 -56.34 -25.74 -58.11
CA GLN E 420 -56.93 -26.83 -58.87
C GLN E 420 -55.90 -27.93 -59.03
N ASP E 421 -54.64 -27.57 -59.23
CA ASP E 421 -53.61 -28.57 -59.38
C ASP E 421 -53.28 -29.27 -58.06
N PHE E 422 -53.37 -28.53 -56.96
CA PHE E 422 -52.96 -29.05 -55.65
C PHE E 422 -53.99 -28.76 -54.59
N THR E 423 -53.96 -29.59 -53.56
CA THR E 423 -54.64 -29.32 -52.32
C THR E 423 -53.73 -29.95 -51.28
N PRO E 424 -52.73 -29.18 -50.83
CA PRO E 424 -51.65 -29.72 -50.03
C PRO E 424 -51.99 -29.75 -48.54
N LEU E 425 -51.13 -30.38 -47.77
CA LEU E 425 -51.38 -30.68 -46.36
C LEU E 425 -50.80 -29.63 -45.40
N SER E 426 -51.15 -29.79 -44.12
CA SER E 426 -50.49 -29.08 -43.06
C SER E 426 -49.63 -30.06 -42.29
N ASP E 427 -48.44 -29.64 -41.90
CA ASP E 427 -47.63 -30.42 -40.97
C ASP E 427 -46.96 -29.44 -40.04
N MET E 428 -45.91 -29.90 -39.34
CA MET E 428 -45.25 -29.05 -38.37
C MET E 428 -44.42 -27.94 -39.02
N ARG E 429 -44.15 -28.10 -40.32
CA ARG E 429 -43.34 -27.15 -41.05
C ARG E 429 -44.10 -25.96 -41.60
N ALA E 430 -45.38 -26.14 -41.92
CA ALA E 430 -46.18 -25.09 -42.56
C ALA E 430 -47.61 -25.56 -42.70
N SER E 431 -48.56 -24.64 -42.61
CA SER E 431 -49.94 -24.95 -42.92
C SER E 431 -50.25 -25.03 -44.43
N ALA E 432 -51.24 -25.86 -44.76
CA ALA E 432 -51.82 -25.94 -46.09
C ALA E 432 -52.00 -24.56 -46.75
N ALA E 433 -52.67 -23.66 -46.03
CA ALA E 433 -52.92 -22.32 -46.52
C ALA E 433 -51.59 -21.64 -46.88
N TYR E 434 -50.62 -21.71 -45.98
CA TYR E 434 -49.32 -21.11 -46.24
C TYR E 434 -48.67 -21.77 -47.47
N ARG E 435 -48.71 -23.09 -47.50
CA ARG E 435 -48.10 -23.86 -48.58
C ARG E 435 -48.65 -23.44 -49.93
N MET E 436 -49.96 -23.51 -50.06
CA MET E 436 -50.68 -23.08 -51.26
C MET E 436 -50.32 -21.66 -51.69
N ASN E 437 -50.69 -20.68 -50.86
CA ASN E 437 -50.31 -19.30 -51.13
C ASN E 437 -48.85 -19.20 -51.60
N ALA E 438 -47.95 -19.87 -50.89
CA ALA E 438 -46.53 -19.86 -51.21
C ALA E 438 -46.25 -20.21 -52.67
N ALA E 439 -46.95 -21.22 -53.17
CA ALA E 439 -46.74 -21.70 -54.53
C ALA E 439 -47.05 -20.62 -55.53
N GLN E 440 -48.15 -19.91 -55.33
CA GLN E 440 -48.56 -18.84 -56.22
C GLN E 440 -47.63 -17.65 -56.13
N ALA E 441 -47.16 -17.39 -54.91
CA ALA E 441 -46.21 -16.32 -54.66
C ALA E 441 -44.99 -16.53 -55.55
N MET E 442 -44.59 -17.80 -55.72
CA MET E 442 -43.48 -18.18 -56.61
C MET E 442 -43.78 -17.87 -58.10
N ALA E 443 -45.06 -17.95 -58.48
CA ALA E 443 -45.46 -17.54 -59.81
C ALA E 443 -45.06 -16.09 -59.99
N LEU E 444 -45.58 -15.24 -59.12
CA LEU E 444 -45.26 -13.81 -59.15
C LEU E 444 -43.75 -13.54 -59.05
N ARG E 445 -43.08 -14.10 -58.05
CA ARG E 445 -41.64 -13.94 -57.93
C ARG E 445 -40.95 -14.18 -59.27
N TYR E 446 -41.49 -15.11 -60.06
CA TYR E 446 -40.85 -15.52 -61.32
C TYR E 446 -40.94 -14.43 -62.38
N VAL E 447 -42.13 -13.88 -62.59
CA VAL E 447 -42.26 -12.76 -63.50
C VAL E 447 -41.27 -11.70 -63.04
N ARG E 448 -41.52 -11.14 -61.85
CA ARG E 448 -40.70 -10.08 -61.27
C ARG E 448 -39.19 -10.28 -61.48
N GLU E 449 -38.68 -11.46 -61.11
CA GLU E 449 -37.26 -11.76 -61.24
C GLU E 449 -36.83 -11.65 -62.69
N LEU E 450 -37.66 -12.18 -63.58
CA LEU E 450 -37.34 -12.15 -65.01
C LEU E 450 -37.43 -10.75 -65.59
N SER E 451 -38.22 -9.89 -64.94
CA SER E 451 -38.29 -8.48 -65.32
C SER E 451 -37.29 -7.64 -64.52
N GLY E 452 -36.20 -8.27 -64.10
CA GLY E 452 -35.07 -7.60 -63.40
C GLY E 452 -35.39 -6.86 -62.12
N GLU E 453 -36.56 -7.16 -61.54
CA GLU E 453 -36.91 -6.60 -60.23
C GLU E 453 -36.17 -7.30 -59.09
N ALA E 454 -35.94 -6.56 -58.00
CA ALA E 454 -35.23 -7.10 -56.83
C ALA E 454 -36.19 -7.91 -55.97
N VAL E 455 -35.75 -9.10 -55.62
CA VAL E 455 -36.67 -10.15 -55.19
C VAL E 455 -36.20 -11.04 -54.03
N ALA E 456 -34.91 -11.35 -53.98
CA ALA E 456 -34.32 -12.38 -53.11
C ALA E 456 -33.61 -11.84 -51.86
N VAL E 457 -34.21 -12.05 -50.69
CA VAL E 457 -33.59 -11.69 -49.39
C VAL E 457 -32.10 -12.02 -49.31
N LEU E 458 -31.70 -13.15 -49.88
CA LEU E 458 -30.34 -13.73 -49.70
C LEU E 458 -29.21 -13.07 -50.49
N GLU E 459 -29.58 -12.16 -51.40
CA GLU E 459 -28.65 -11.44 -52.24
C GLU E 459 -28.54 -9.96 -51.82
N VAL E 460 -29.26 -9.61 -50.74
CA VAL E 460 -29.25 -8.27 -50.15
C VAL E 460 -28.00 -8.12 -49.28
N MET E 461 -27.37 -6.94 -49.36
CA MET E 461 -26.10 -6.64 -48.69
C MET E 461 -26.38 -6.18 -47.27
N PRO E 462 -25.43 -6.43 -46.34
CA PRO E 462 -25.64 -6.13 -44.92
C PRO E 462 -25.83 -4.64 -44.64
N SER F 2 -5.01 -11.01 -12.31
CA SER F 2 -5.18 -11.60 -13.67
C SER F 2 -6.59 -11.36 -14.20
N VAL F 3 -7.48 -11.05 -13.25
CA VAL F 3 -8.81 -10.55 -13.49
C VAL F 3 -8.77 -9.49 -14.58
N GLY F 4 -9.80 -9.45 -15.42
CA GLY F 4 -9.93 -8.37 -16.40
C GLY F 4 -9.13 -8.56 -17.66
N LYS F 5 -8.23 -9.53 -17.68
CA LYS F 5 -7.50 -9.87 -18.91
C LYS F 5 -8.44 -10.69 -19.80
N PRO F 6 -8.19 -10.68 -21.13
CA PRO F 6 -8.99 -11.46 -22.07
C PRO F 6 -8.42 -12.85 -22.33
N LEU F 7 -8.18 -13.63 -21.26
CA LEU F 7 -7.59 -14.98 -21.34
C LEU F 7 -8.63 -15.97 -21.85
N PRO F 8 -8.18 -17.06 -22.52
CA PRO F 8 -9.14 -18.01 -23.08
C PRO F 8 -9.74 -19.00 -22.04
N HIS F 9 -10.79 -19.71 -22.48
CA HIS F 9 -11.51 -20.71 -21.68
C HIS F 9 -10.56 -21.78 -21.14
N ASP F 10 -10.76 -22.22 -19.90
CA ASP F 10 -9.85 -23.16 -19.22
C ASP F 10 -9.56 -24.42 -19.99
N SER F 11 -10.46 -24.87 -20.87
CA SER F 11 -10.27 -26.11 -21.56
C SER F 11 -10.17 -25.93 -23.08
N ALA F 12 -9.75 -24.74 -23.49
CA ALA F 12 -9.75 -24.43 -24.92
C ALA F 12 -8.87 -25.34 -25.79
N ARG F 13 -7.69 -25.73 -25.29
CA ARG F 13 -6.87 -26.67 -26.04
C ARG F 13 -7.47 -28.06 -26.01
N ALA F 14 -7.97 -28.46 -24.85
CA ALA F 14 -8.69 -29.74 -24.69
C ALA F 14 -9.95 -29.84 -25.59
N HIS F 15 -10.69 -28.75 -25.72
CA HIS F 15 -11.78 -28.66 -26.69
C HIS F 15 -11.23 -28.89 -28.08
N VAL F 16 -10.39 -27.97 -28.53
CA VAL F 16 -9.93 -27.93 -29.91
C VAL F 16 -9.22 -29.21 -30.45
N THR F 17 -8.70 -30.05 -29.56
CA THR F 17 -8.04 -31.33 -29.94
C THR F 17 -8.85 -32.58 -29.60
N GLY F 18 -10.08 -32.39 -29.13
CA GLY F 18 -10.95 -33.52 -28.81
C GLY F 18 -10.43 -34.35 -27.64
N GLN F 19 -9.77 -33.70 -26.70
CA GLN F 19 -9.30 -34.40 -25.54
C GLN F 19 -10.19 -34.14 -24.33
N ALA F 20 -10.99 -33.08 -24.38
CA ALA F 20 -11.92 -32.82 -23.28
C ALA F 20 -12.96 -33.94 -23.21
N ARG F 21 -13.16 -34.45 -22.00
CA ARG F 21 -14.11 -35.55 -21.85
C ARG F 21 -15.41 -35.07 -21.26
N TYR F 22 -16.50 -35.48 -21.91
CA TYR F 22 -17.86 -35.35 -21.40
C TYR F 22 -18.25 -36.72 -20.84
N LEU F 23 -19.40 -36.81 -20.17
CA LEU F 23 -19.79 -38.03 -19.44
C LEU F 23 -19.75 -39.30 -20.27
N ASP F 24 -20.27 -39.24 -21.49
CA ASP F 24 -20.21 -40.40 -22.37
C ASP F 24 -18.78 -40.74 -22.81
N ASP F 25 -17.81 -39.88 -22.55
CA ASP F 25 -16.41 -40.20 -22.94
C ASP F 25 -15.71 -40.97 -21.84
N LEU F 26 -16.21 -40.82 -20.63
CA LEU F 26 -15.53 -41.40 -19.48
C LEU F 26 -15.29 -42.87 -19.75
N PRO F 27 -14.03 -43.32 -19.62
CA PRO F 27 -13.80 -44.76 -19.76
C PRO F 27 -14.45 -45.39 -18.55
N CYS F 28 -15.04 -46.57 -18.70
CA CYS F 28 -15.68 -47.21 -17.52
C CYS F 28 -15.60 -48.72 -17.56
N PRO F 29 -16.00 -49.40 -16.47
CA PRO F 29 -15.80 -50.86 -16.38
C PRO F 29 -16.57 -51.58 -17.47
N ALA F 30 -16.08 -52.74 -17.89
CA ALA F 30 -16.58 -53.32 -19.13
C ALA F 30 -17.98 -53.89 -18.90
N ASN F 31 -18.28 -54.19 -17.64
CA ASN F 31 -19.59 -54.66 -17.24
C ASN F 31 -20.65 -53.59 -17.01
N THR F 32 -20.39 -52.36 -17.46
CA THR F 32 -21.33 -51.27 -17.33
C THR F 32 -22.59 -51.51 -18.15
N LEU F 33 -23.75 -51.28 -17.55
CA LEU F 33 -25.02 -51.41 -18.25
C LEU F 33 -25.48 -50.10 -18.87
N HIS F 34 -26.43 -50.17 -19.80
CA HIS F 34 -26.94 -48.99 -20.48
C HIS F 34 -28.46 -48.94 -20.42
N LEU F 35 -29.04 -47.76 -20.14
CA LEU F 35 -30.48 -47.69 -19.82
C LEU F 35 -31.36 -46.93 -20.82
N ALA F 36 -32.65 -47.28 -20.84
CA ALA F 36 -33.64 -46.48 -21.53
C ALA F 36 -34.98 -46.47 -20.81
N PHE F 37 -35.73 -45.40 -21.03
CA PHE F 37 -37.05 -45.34 -20.53
C PHE F 37 -37.96 -45.90 -21.60
N GLY F 38 -39.07 -46.50 -21.17
CA GLY F 38 -40.15 -46.80 -22.07
C GLY F 38 -41.14 -45.69 -21.84
N LEU F 39 -41.60 -45.05 -22.90
CA LEU F 39 -42.45 -43.86 -22.73
C LEU F 39 -43.96 -44.02 -22.98
N SER F 40 -44.77 -43.25 -22.26
CA SER F 40 -46.22 -43.19 -22.46
C SER F 40 -46.58 -42.61 -23.80
N THR F 41 -47.47 -43.27 -24.51
CA THR F 41 -47.95 -42.78 -25.78
C THR F 41 -49.30 -42.06 -25.64
N GLU F 42 -49.76 -41.89 -24.41
CA GLU F 42 -51.02 -41.19 -24.12
C GLU F 42 -50.78 -39.89 -23.39
N ALA F 43 -51.53 -38.84 -23.75
CA ALA F 43 -51.43 -37.55 -23.09
C ALA F 43 -52.01 -37.59 -21.68
N SER F 44 -53.03 -38.43 -21.48
CA SER F 44 -53.70 -38.51 -20.20
C SER F 44 -54.52 -39.79 -20.09
N ALA F 45 -54.06 -40.74 -19.29
CA ALA F 45 -54.68 -42.06 -19.18
C ALA F 45 -54.28 -42.78 -17.90
N ALA F 46 -55.11 -43.74 -17.47
CA ALA F 46 -54.74 -44.66 -16.40
C ALA F 46 -54.05 -45.85 -17.03
N ILE F 47 -53.02 -46.40 -16.40
CA ILE F 47 -52.39 -47.60 -16.94
C ILE F 47 -53.08 -48.83 -16.40
N THR F 48 -53.61 -49.63 -17.30
CA THR F 48 -54.51 -50.72 -16.97
C THR F 48 -53.80 -52.06 -16.94
N GLY F 49 -52.91 -52.25 -17.91
CA GLY F 49 -52.07 -53.42 -17.99
C GLY F 49 -50.68 -53.07 -18.47
N LEU F 50 -49.72 -53.86 -18.02
CA LEU F 50 -48.33 -53.61 -18.31
C LEU F 50 -47.58 -54.92 -18.53
N ASP F 51 -47.58 -55.41 -19.76
CA ASP F 51 -46.82 -56.61 -20.10
C ASP F 51 -45.39 -56.22 -20.47
N LEU F 52 -44.47 -56.45 -19.52
CA LEU F 52 -43.05 -56.23 -19.74
C LEU F 52 -42.29 -57.44 -20.25
N GLU F 53 -43.02 -58.48 -20.65
CA GLU F 53 -42.37 -59.73 -20.99
C GLU F 53 -41.56 -59.72 -22.29
N PRO F 54 -42.08 -59.07 -23.35
CA PRO F 54 -41.31 -58.94 -24.59
C PRO F 54 -40.07 -58.08 -24.40
N VAL F 55 -40.10 -57.26 -23.35
CA VAL F 55 -38.97 -56.47 -22.96
C VAL F 55 -37.91 -57.38 -22.37
N ARG F 56 -38.21 -58.02 -21.24
CA ARG F 56 -37.27 -58.92 -20.58
C ARG F 56 -36.58 -59.90 -21.53
N GLU F 57 -37.30 -60.29 -22.57
CA GLU F 57 -36.82 -61.30 -23.50
C GLU F 57 -35.97 -60.76 -24.63
N SER F 58 -36.00 -59.45 -24.84
CA SER F 58 -35.20 -58.86 -25.91
C SER F 58 -33.72 -59.03 -25.60
N PRO F 59 -32.87 -59.21 -26.63
CA PRO F 59 -31.42 -59.40 -26.46
C PRO F 59 -30.76 -58.39 -25.51
N GLY F 60 -29.74 -58.83 -24.79
CA GLY F 60 -28.96 -57.92 -23.95
C GLY F 60 -29.60 -57.42 -22.65
N VAL F 61 -30.88 -57.71 -22.41
CA VAL F 61 -31.58 -57.07 -21.30
C VAL F 61 -31.30 -57.76 -20.01
N ILE F 62 -30.85 -56.99 -19.03
CA ILE F 62 -30.42 -57.53 -17.74
C ILE F 62 -31.45 -57.34 -16.66
N ALA F 63 -32.28 -56.29 -16.81
CA ALA F 63 -33.29 -55.96 -15.82
C ALA F 63 -34.27 -54.95 -16.38
N VAL F 64 -35.46 -54.92 -15.80
CA VAL F 64 -36.52 -54.05 -16.29
C VAL F 64 -37.18 -53.53 -15.05
N PHE F 65 -37.44 -52.22 -14.97
CA PHE F 65 -37.90 -51.64 -13.71
C PHE F 65 -39.18 -50.91 -13.85
N THR F 66 -39.93 -50.93 -12.76
CA THR F 66 -41.24 -50.31 -12.68
C THR F 66 -41.27 -49.45 -11.43
N ALA F 67 -42.28 -48.60 -11.32
CA ALA F 67 -42.45 -47.69 -10.19
C ALA F 67 -42.54 -48.50 -8.92
N ALA F 68 -43.11 -49.70 -9.04
CA ALA F 68 -43.29 -50.61 -7.90
C ALA F 68 -41.99 -51.32 -7.58
N ASP F 69 -41.01 -51.14 -8.45
CA ASP F 69 -39.69 -51.74 -8.31
C ASP F 69 -38.74 -50.76 -7.68
N LEU F 70 -39.19 -49.52 -7.45
CA LEU F 70 -38.35 -48.48 -6.86
C LEU F 70 -38.32 -48.57 -5.34
N PRO F 71 -37.18 -49.00 -4.77
CA PRO F 71 -37.10 -49.27 -3.33
C PRO F 71 -37.67 -48.17 -2.44
N HIS F 72 -37.39 -46.90 -2.76
CA HIS F 72 -37.77 -45.77 -1.87
C HIS F 72 -38.59 -44.68 -2.56
N ASP F 73 -38.12 -43.43 -2.56
CA ASP F 73 -38.86 -42.34 -3.20
C ASP F 73 -38.90 -42.43 -4.72
N ASN F 74 -40.09 -42.19 -5.27
CA ASN F 74 -40.29 -42.00 -6.70
C ASN F 74 -40.58 -40.52 -6.96
N ASP F 75 -39.52 -39.71 -7.06
CA ASP F 75 -39.63 -38.24 -7.14
C ASP F 75 -38.36 -37.48 -7.61
N ALA F 76 -38.43 -36.98 -8.85
CA ALA F 76 -37.35 -36.20 -9.45
C ALA F 76 -37.55 -34.69 -9.36
N SER F 77 -38.65 -34.29 -8.71
CA SER F 77 -39.15 -32.91 -8.71
C SER F 77 -38.30 -31.92 -7.91
N PRO F 78 -37.85 -30.83 -8.56
CA PRO F 78 -37.13 -29.75 -7.84
C PRO F 78 -38.07 -28.94 -6.95
N ALA F 79 -39.38 -29.19 -7.10
CA ALA F 79 -40.41 -28.48 -6.33
C ALA F 79 -40.82 -29.31 -5.13
N PRO F 80 -41.63 -28.74 -4.22
CA PRO F 80 -42.05 -29.47 -3.00
C PRO F 80 -42.87 -30.73 -3.28
N SER F 81 -43.88 -30.64 -4.15
CA SER F 81 -44.79 -31.78 -4.39
C SER F 81 -44.31 -32.79 -5.46
N PRO F 82 -44.78 -34.05 -5.36
CA PRO F 82 -44.50 -35.20 -6.25
C PRO F 82 -44.18 -34.90 -7.74
N GLU F 83 -43.30 -35.70 -8.31
CA GLU F 83 -43.13 -35.82 -9.74
C GLU F 83 -42.42 -37.15 -9.93
N PRO F 84 -43.16 -38.21 -10.32
CA PRO F 84 -42.54 -39.53 -10.33
C PRO F 84 -41.46 -39.64 -11.39
N VAL F 85 -40.46 -40.48 -11.12
CA VAL F 85 -39.45 -40.80 -12.10
C VAL F 85 -40.06 -41.84 -13.06
N LEU F 86 -40.65 -42.87 -12.48
CA LEU F 86 -41.46 -43.82 -13.24
C LEU F 86 -42.95 -43.69 -12.93
N ALA F 87 -43.75 -43.64 -14.00
CA ALA F 87 -45.20 -43.48 -13.93
C ALA F 87 -45.87 -44.38 -12.89
N THR F 88 -46.65 -43.78 -12.02
CA THR F 88 -47.27 -44.52 -10.95
C THR F 88 -48.76 -44.65 -11.22
N GLY F 89 -49.13 -45.72 -11.93
CA GLY F 89 -50.53 -46.04 -12.20
C GLY F 89 -51.17 -45.31 -13.37
N GLU F 90 -50.66 -44.11 -13.69
CA GLU F 90 -51.25 -43.27 -14.74
C GLU F 90 -50.20 -42.45 -15.48
N VAL F 91 -50.61 -41.80 -16.57
CA VAL F 91 -49.69 -41.02 -17.39
C VAL F 91 -50.23 -39.62 -17.57
N HIS F 92 -49.34 -38.65 -17.71
CA HIS F 92 -49.73 -37.24 -17.76
C HIS F 92 -49.26 -36.47 -18.96
N PHE F 93 -48.40 -37.06 -19.78
CA PHE F 93 -48.02 -36.47 -21.08
C PHE F 93 -47.42 -37.56 -21.98
N VAL F 94 -47.39 -37.30 -23.29
CA VAL F 94 -46.84 -38.24 -24.26
C VAL F 94 -45.34 -38.13 -24.22
N GLY F 95 -44.68 -39.15 -23.64
CA GLY F 95 -43.25 -39.10 -23.32
C GLY F 95 -42.91 -39.51 -21.88
N GLN F 96 -43.93 -39.59 -21.03
CA GLN F 96 -43.68 -39.80 -19.61
C GLN F 96 -43.09 -41.16 -19.37
N PRO F 97 -41.90 -41.22 -18.72
CA PRO F 97 -41.32 -42.54 -18.52
C PRO F 97 -42.23 -43.40 -17.65
N ILE F 98 -42.40 -44.64 -18.08
CA ILE F 98 -43.22 -45.68 -17.44
C ILE F 98 -42.36 -46.78 -16.82
N PHE F 99 -41.42 -47.35 -17.57
CA PHE F 99 -40.49 -48.35 -17.03
C PHE F 99 -39.06 -48.06 -17.50
N LEU F 100 -38.14 -48.92 -17.06
CA LEU F 100 -36.72 -48.71 -17.23
C LEU F 100 -36.01 -49.99 -17.66
N VAL F 101 -35.40 -49.98 -18.84
CA VAL F 101 -34.60 -51.10 -19.30
C VAL F 101 -33.14 -50.86 -19.00
N ALA F 102 -32.50 -51.88 -18.42
CA ALA F 102 -31.06 -51.96 -18.23
C ALA F 102 -30.48 -53.08 -19.11
N ALA F 103 -29.90 -52.71 -20.25
CA ALA F 103 -29.32 -53.69 -21.18
C ALA F 103 -27.80 -53.69 -21.21
N THR F 104 -27.21 -54.38 -22.17
CA THR F 104 -25.75 -54.47 -22.27
C THR F 104 -25.21 -53.51 -23.36
N SER F 105 -26.09 -52.68 -23.91
CA SER F 105 -25.70 -51.70 -24.89
C SER F 105 -26.79 -50.64 -24.96
N HIS F 106 -26.43 -49.43 -25.35
CA HIS F 106 -27.39 -48.38 -25.57
C HIS F 106 -28.46 -48.87 -26.57
N ARG F 107 -28.04 -49.26 -27.79
CA ARG F 107 -28.96 -49.85 -28.79
C ARG F 107 -29.91 -50.88 -28.21
N ALA F 108 -29.36 -51.89 -27.56
CA ALA F 108 -30.14 -52.89 -26.84
C ALA F 108 -31.23 -52.32 -25.92
N ALA F 109 -30.89 -51.34 -25.10
CA ALA F 109 -31.85 -50.84 -24.12
C ALA F 109 -32.95 -50.09 -24.84
N ARG F 110 -32.56 -49.29 -25.82
CA ARG F 110 -33.50 -48.54 -26.61
C ARG F 110 -34.48 -49.51 -27.28
N ILE F 111 -33.90 -50.44 -28.03
CA ILE F 111 -34.68 -51.42 -28.78
C ILE F 111 -35.70 -52.12 -27.85
N ALA F 112 -35.24 -52.62 -26.71
CA ALA F 112 -36.11 -53.34 -25.77
C ALA F 112 -37.19 -52.45 -25.20
N ALA F 113 -36.89 -51.15 -25.06
CA ALA F 113 -37.84 -50.20 -24.43
C ALA F 113 -39.07 -50.01 -25.31
N ARG F 114 -38.93 -50.31 -26.60
CA ARG F 114 -40.01 -50.23 -27.56
C ARG F 114 -40.92 -51.45 -27.55
N LYS F 115 -40.67 -52.42 -26.68
CA LYS F 115 -41.32 -53.73 -26.80
C LYS F 115 -42.45 -54.02 -25.81
N ALA F 116 -42.73 -53.10 -24.90
CA ALA F 116 -43.83 -53.30 -23.94
C ALA F 116 -45.21 -53.33 -24.61
N ARG F 117 -46.07 -54.16 -24.04
CA ARG F 117 -47.49 -54.08 -24.32
C ARG F 117 -48.10 -53.37 -23.11
N ILE F 118 -48.73 -52.23 -23.37
CA ILE F 118 -49.33 -51.41 -22.32
C ILE F 118 -50.74 -51.12 -22.76
N THR F 119 -51.68 -51.24 -21.83
CA THR F 119 -53.02 -50.79 -22.11
C THR F 119 -53.35 -49.63 -21.18
N TYR F 120 -54.05 -48.65 -21.75
CA TYR F 120 -54.36 -47.43 -21.04
C TYR F 120 -55.85 -47.31 -20.94
N ALA F 121 -56.31 -46.49 -20.01
CA ALA F 121 -57.68 -46.03 -19.96
C ALA F 121 -57.66 -44.53 -20.24
N PRO F 122 -57.79 -44.14 -21.53
CA PRO F 122 -57.71 -42.72 -21.91
C PRO F 122 -58.65 -41.82 -21.14
N ARG F 123 -58.19 -40.60 -20.92
CA ARG F 123 -58.90 -39.53 -20.23
C ARG F 123 -58.84 -38.29 -21.13
N PRO F 124 -59.64 -37.27 -20.83
CA PRO F 124 -59.61 -36.03 -21.59
C PRO F 124 -58.37 -35.18 -21.33
N ALA F 125 -57.54 -35.02 -22.36
CA ALA F 125 -56.28 -34.29 -22.22
C ALA F 125 -56.48 -32.77 -22.28
N ILE F 126 -55.90 -32.04 -21.31
CA ILE F 126 -55.76 -30.58 -21.39
C ILE F 126 -54.47 -30.18 -22.14
N LEU F 127 -54.61 -29.61 -23.33
CA LEU F 127 -53.47 -29.40 -24.21
C LEU F 127 -53.16 -27.95 -24.57
N THR F 128 -54.16 -27.08 -24.46
CA THR F 128 -54.03 -25.66 -24.79
C THR F 128 -54.35 -24.82 -23.58
N LEU F 129 -53.82 -23.61 -23.54
CA LEU F 129 -54.05 -22.69 -22.43
C LEU F 129 -55.53 -22.44 -22.19
N ASP F 130 -56.28 -22.21 -23.26
CA ASP F 130 -57.71 -22.01 -23.19
C ASP F 130 -58.34 -23.18 -22.50
N GLN F 131 -57.92 -24.38 -22.88
CA GLN F 131 -58.44 -25.58 -22.29
C GLN F 131 -58.13 -25.58 -20.80
N ALA F 132 -56.87 -25.41 -20.47
CA ALA F 132 -56.45 -25.33 -19.07
C ALA F 132 -57.29 -24.30 -18.34
N LEU F 133 -57.45 -23.13 -18.96
CA LEU F 133 -58.18 -22.05 -18.34
C LEU F 133 -59.65 -22.41 -18.10
N ALA F 134 -60.31 -22.91 -19.14
CA ALA F 134 -61.66 -23.45 -19.01
C ALA F 134 -61.75 -24.43 -17.85
N ALA F 135 -60.88 -25.44 -17.87
CA ALA F 135 -60.88 -26.54 -16.90
C ALA F 135 -60.54 -26.11 -15.49
N ASP F 136 -59.93 -24.93 -15.35
CA ASP F 136 -59.20 -24.56 -14.14
C ASP F 136 -58.08 -25.55 -13.83
N SER F 137 -57.34 -25.91 -14.88
CA SER F 137 -56.11 -26.66 -14.74
C SER F 137 -54.95 -25.70 -14.44
N ARG F 138 -54.41 -25.78 -13.23
CA ARG F 138 -53.39 -24.84 -12.82
C ARG F 138 -52.56 -25.29 -11.61
N PHE F 139 -51.47 -24.58 -11.38
CA PHE F 139 -50.66 -24.74 -10.18
C PHE F 139 -50.97 -23.57 -9.28
N GLU F 140 -50.66 -23.72 -7.99
CA GLU F 140 -50.94 -22.69 -6.97
C GLU F 140 -52.44 -22.45 -6.71
N GLY F 141 -53.29 -23.17 -7.42
CA GLY F 141 -54.74 -22.92 -7.34
C GLY F 141 -55.13 -21.45 -7.45
N GLY F 142 -55.06 -20.89 -8.65
CA GLY F 142 -55.43 -19.50 -8.85
C GLY F 142 -54.24 -18.62 -9.18
N PRO F 143 -54.49 -17.49 -9.86
CA PRO F 143 -53.42 -16.67 -10.43
C PRO F 143 -52.59 -16.00 -9.35
N VAL F 144 -51.45 -15.42 -9.73
CA VAL F 144 -50.74 -14.48 -8.85
C VAL F 144 -51.02 -13.04 -9.33
N ILE F 145 -51.44 -12.17 -8.40
CA ILE F 145 -51.74 -10.79 -8.77
C ILE F 145 -50.86 -9.74 -8.07
N TRP F 146 -50.13 -8.97 -8.85
CA TRP F 146 -49.34 -7.83 -8.33
C TRP F 146 -49.86 -6.49 -8.83
N ALA F 147 -49.86 -5.49 -7.94
CA ALA F 147 -50.42 -4.17 -8.22
C ALA F 147 -49.68 -3.03 -7.54
N ARG F 148 -49.20 -2.10 -8.38
CA ARG F 148 -48.71 -0.82 -7.92
C ARG F 148 -49.65 0.24 -8.50
N GLY F 149 -50.05 1.18 -7.64
CA GLY F 149 -50.96 2.25 -8.02
C GLY F 149 -52.34 1.73 -8.33
N ASP F 150 -53.09 2.48 -9.12
CA ASP F 150 -54.37 2.03 -9.61
C ASP F 150 -54.40 2.14 -11.12
N VAL F 151 -54.27 0.99 -11.78
CA VAL F 151 -54.19 0.93 -13.23
C VAL F 151 -55.51 1.34 -13.86
N GLU F 152 -56.60 0.83 -13.30
CA GLU F 152 -57.94 1.16 -13.78
C GLU F 152 -58.06 2.67 -13.91
N THR F 153 -57.85 3.35 -12.78
CA THR F 153 -57.86 4.80 -12.75
C THR F 153 -56.95 5.44 -13.81
N ALA F 154 -55.65 5.23 -13.66
CA ALA F 154 -54.65 5.83 -14.56
C ALA F 154 -54.96 5.60 -16.04
N LEU F 155 -55.35 4.38 -16.39
CA LEU F 155 -55.70 4.04 -17.76
C LEU F 155 -56.99 4.70 -18.21
N ALA F 156 -57.90 4.94 -17.26
CA ALA F 156 -59.19 5.55 -17.57
C ALA F 156 -59.04 7.00 -18.02
N GLY F 157 -58.07 7.72 -17.45
CA GLY F 157 -57.79 9.08 -17.90
C GLY F 157 -56.62 9.20 -18.86
N ALA F 158 -56.23 8.11 -19.52
CA ALA F 158 -55.03 8.12 -20.35
C ALA F 158 -55.25 8.85 -21.68
N ALA F 159 -54.42 9.87 -21.92
CA ALA F 159 -54.44 10.61 -23.17
C ALA F 159 -54.20 9.68 -24.37
N HIS F 160 -53.57 8.54 -24.09
CA HIS F 160 -53.19 7.54 -25.10
C HIS F 160 -53.23 6.13 -24.56
N LEU F 161 -53.59 5.16 -25.41
CA LEU F 161 -53.94 3.82 -24.96
C LEU F 161 -53.74 2.75 -26.03
N ALA F 162 -53.05 1.66 -25.68
CA ALA F 162 -53.01 0.48 -26.52
C ALA F 162 -53.46 -0.77 -25.75
N GLU F 163 -54.35 -1.54 -26.37
CA GLU F 163 -54.74 -2.87 -25.91
C GLU F 163 -54.33 -3.82 -27.00
N GLY F 164 -54.01 -5.04 -26.62
CA GLY F 164 -53.61 -6.04 -27.57
C GLY F 164 -53.23 -7.27 -26.79
N CYS F 165 -52.94 -8.35 -27.52
CA CYS F 165 -52.44 -9.55 -26.90
C CYS F 165 -51.73 -10.38 -27.96
N PHE F 166 -50.72 -11.15 -27.54
CA PHE F 166 -49.96 -11.94 -28.50
C PHE F 166 -49.39 -13.25 -27.93
N GLU F 167 -49.12 -14.22 -28.80
CA GLU F 167 -48.55 -15.51 -28.45
C GLU F 167 -47.02 -15.47 -28.37
N ILE F 168 -46.45 -16.17 -27.40
CA ILE F 168 -45.01 -16.36 -27.32
C ILE F 168 -44.74 -17.84 -27.23
N GLY F 169 -43.92 -18.34 -28.16
CA GLY F 169 -43.54 -19.74 -28.14
C GLY F 169 -42.51 -20.11 -27.09
N GLY F 170 -42.53 -21.37 -26.66
CA GLY F 170 -41.53 -21.90 -25.76
C GLY F 170 -40.27 -22.08 -26.57
N GLN F 171 -39.33 -22.89 -26.08
CA GLN F 171 -38.03 -23.03 -26.74
C GLN F 171 -37.29 -24.29 -26.26
N GLU F 172 -36.80 -25.09 -27.18
CA GLU F 172 -35.94 -26.21 -26.80
C GLU F 172 -34.44 -25.82 -26.63
N HIS F 173 -33.85 -26.26 -25.53
CA HIS F 173 -32.53 -25.86 -25.12
C HIS F 173 -31.50 -26.20 -26.19
N PHE F 174 -31.52 -27.46 -26.60
CA PHE F 174 -30.63 -27.98 -27.62
C PHE F 174 -29.15 -27.85 -27.28
N TYR F 175 -28.81 -28.11 -26.02
CA TYR F 175 -27.45 -28.40 -25.64
C TYR F 175 -26.94 -29.48 -26.60
N LEU F 176 -25.68 -29.39 -27.01
CA LEU F 176 -25.16 -30.36 -28.00
C LEU F 176 -24.82 -31.72 -27.37
N GLU F 177 -24.30 -31.71 -26.15
CA GLU F 177 -24.25 -32.92 -25.35
C GLU F 177 -25.61 -33.02 -24.64
N GLY F 178 -26.35 -34.09 -24.89
CA GLY F 178 -27.66 -34.25 -24.27
C GLY F 178 -27.56 -34.66 -22.80
N GLN F 179 -28.68 -35.07 -22.24
CA GLN F 179 -28.73 -35.49 -20.85
C GLN F 179 -27.95 -36.79 -20.71
N ALA F 180 -27.26 -36.97 -19.60
CA ALA F 180 -26.42 -38.17 -19.44
C ALA F 180 -25.96 -38.31 -18.00
N ALA F 181 -25.86 -39.55 -17.54
CA ALA F 181 -25.48 -39.85 -16.16
C ALA F 181 -24.79 -41.21 -16.08
N LEU F 182 -24.07 -41.46 -14.98
CA LEU F 182 -23.42 -42.76 -14.77
C LEU F 182 -23.30 -43.07 -13.26
N ALA F 183 -23.80 -44.21 -12.81
CA ALA F 183 -23.66 -44.59 -11.40
C ALA F 183 -22.65 -45.70 -11.18
N LEU F 184 -21.79 -45.49 -10.18
CA LEU F 184 -20.79 -46.49 -9.82
C LEU F 184 -21.03 -46.90 -8.39
N PRO F 185 -21.67 -48.06 -8.18
CA PRO F 185 -21.71 -48.57 -6.81
C PRO F 185 -20.31 -48.63 -6.26
N ALA F 186 -20.18 -48.19 -5.02
CA ALA F 186 -18.90 -48.11 -4.34
C ALA F 186 -19.15 -48.36 -2.84
N GLU F 187 -18.97 -49.61 -2.44
CA GLU F 187 -19.29 -50.15 -1.10
C GLU F 187 -20.33 -49.43 -0.23
N GLY F 188 -21.57 -49.83 -0.40
CA GLY F 188 -22.66 -49.30 0.40
C GLY F 188 -23.19 -47.99 -0.15
N GLY F 189 -22.39 -47.27 -0.94
CA GLY F 189 -22.81 -45.97 -1.47
C GLY F 189 -22.68 -45.89 -2.97
N VAL F 190 -23.02 -44.74 -3.53
CA VAL F 190 -22.80 -44.48 -4.96
C VAL F 190 -21.92 -43.30 -5.27
N VAL F 191 -21.29 -43.34 -6.42
CA VAL F 191 -20.75 -42.16 -7.04
C VAL F 191 -21.54 -41.90 -8.29
N ILE F 192 -22.01 -40.66 -8.43
CA ILE F 192 -22.62 -40.19 -9.68
C ILE F 192 -21.73 -39.21 -10.48
N HIS F 193 -21.49 -39.54 -11.74
CA HIS F 193 -20.97 -38.58 -12.68
C HIS F 193 -22.14 -38.27 -13.59
N CYS F 194 -22.37 -37.01 -13.93
CA CYS F 194 -23.48 -36.64 -14.84
C CYS F 194 -23.29 -35.32 -15.55
N SER F 195 -24.03 -35.14 -16.64
CA SER F 195 -24.14 -33.87 -17.29
C SER F 195 -25.26 -33.05 -16.62
N SER F 196 -24.89 -32.27 -15.59
CA SER F 196 -25.85 -31.50 -14.79
C SER F 196 -25.30 -30.17 -14.24
N GLN F 197 -26.18 -29.15 -14.28
CA GLN F 197 -25.99 -27.87 -13.60
C GLN F 197 -26.21 -27.84 -12.08
N HIS F 198 -26.70 -28.92 -11.46
CA HIS F 198 -27.04 -28.81 -10.04
C HIS F 198 -26.67 -30.04 -9.26
N PRO F 199 -25.38 -30.35 -9.24
CA PRO F 199 -24.94 -31.61 -8.68
C PRO F 199 -25.48 -31.89 -7.27
N SER F 200 -25.61 -30.88 -6.43
CA SER F 200 -26.06 -31.13 -5.06
C SER F 200 -27.51 -31.62 -5.00
N GLU F 201 -28.29 -31.23 -5.99
CA GLU F 201 -29.65 -31.74 -6.13
C GLU F 201 -29.63 -33.20 -6.58
N ILE F 202 -28.83 -33.49 -7.61
CA ILE F 202 -28.55 -34.87 -7.98
C ILE F 202 -28.25 -35.63 -6.68
N GLN F 203 -27.35 -35.11 -5.86
CA GLN F 203 -27.02 -35.77 -4.61
C GLN F 203 -28.25 -36.11 -3.74
N HIS F 204 -29.19 -35.16 -3.64
CA HIS F 204 -30.35 -35.20 -2.77
C HIS F 204 -31.30 -36.27 -3.28
N LYS F 205 -31.55 -36.20 -4.59
CA LYS F 205 -32.56 -37.00 -5.23
C LYS F 205 -32.10 -38.44 -5.28
N VAL F 206 -30.85 -38.62 -5.68
CA VAL F 206 -30.27 -39.94 -5.69
C VAL F 206 -30.35 -40.55 -4.29
N ALA F 207 -29.93 -39.79 -3.28
CA ALA F 207 -29.98 -40.27 -1.88
C ALA F 207 -31.38 -40.75 -1.43
N HIS F 208 -32.42 -40.01 -1.82
CA HIS F 208 -33.77 -40.37 -1.45
C HIS F 208 -34.32 -41.57 -2.23
N ALA F 209 -33.83 -41.75 -3.45
CA ALA F 209 -34.24 -42.87 -4.28
C ALA F 209 -33.68 -44.15 -3.72
N LEU F 210 -32.51 -44.07 -3.11
CA LEU F 210 -31.77 -45.26 -2.69
C LEU F 210 -31.97 -45.54 -1.22
N GLY F 211 -32.62 -44.63 -0.50
CA GLY F 211 -32.79 -44.79 0.94
C GLY F 211 -31.47 -44.63 1.65
N LEU F 212 -30.68 -43.65 1.19
CA LEU F 212 -29.35 -43.38 1.72
C LEU F 212 -29.27 -42.01 2.38
N ALA F 213 -28.31 -41.83 3.29
CA ALA F 213 -28.00 -40.48 3.79
C ALA F 213 -27.09 -39.76 2.79
N PHE F 214 -27.19 -38.43 2.77
CA PHE F 214 -26.42 -37.59 1.85
C PHE F 214 -24.93 -37.94 1.81
N HIS F 215 -24.33 -38.26 2.96
CA HIS F 215 -22.90 -38.55 3.00
C HIS F 215 -22.45 -39.83 2.32
N ASP F 216 -23.40 -40.57 1.71
CA ASP F 216 -23.13 -41.85 1.03
C ASP F 216 -23.32 -41.72 -0.48
N VAL F 217 -23.79 -40.55 -0.93
CA VAL F 217 -23.98 -40.27 -2.35
C VAL F 217 -23.04 -39.16 -2.80
N ARG F 218 -22.19 -39.44 -3.77
CA ARG F 218 -21.12 -38.52 -4.10
C ARG F 218 -21.20 -38.15 -5.59
N VAL F 219 -21.51 -36.90 -5.89
CA VAL F 219 -21.69 -36.45 -7.29
C VAL F 219 -20.46 -35.67 -7.77
N GLU F 220 -19.89 -36.09 -8.90
CA GLU F 220 -18.72 -35.38 -9.49
C GLU F 220 -19.10 -34.91 -10.89
N MET F 221 -18.76 -33.67 -11.21
CA MET F 221 -19.25 -33.07 -12.44
C MET F 221 -18.19 -32.12 -13.04
N ARG F 222 -17.42 -32.59 -14.01
CA ARG F 222 -16.29 -31.82 -14.53
C ARG F 222 -16.68 -30.78 -15.57
N ARG F 223 -17.71 -31.04 -16.37
CA ARG F 223 -18.07 -30.10 -17.43
C ARG F 223 -19.30 -30.60 -18.15
N MET F 224 -20.08 -29.70 -18.75
CA MET F 224 -21.25 -30.00 -19.62
C MET F 224 -21.03 -29.49 -21.04
N GLY F 225 -21.50 -30.23 -22.04
CA GLY F 225 -21.60 -29.66 -23.40
C GLY F 225 -22.84 -28.77 -23.54
N GLY F 226 -22.97 -27.78 -22.68
CA GLY F 226 -24.13 -26.90 -22.72
C GLY F 226 -25.11 -27.24 -21.62
N GLY F 227 -25.79 -26.23 -21.08
CA GLY F 227 -26.82 -26.46 -20.07
C GLY F 227 -28.07 -25.63 -20.35
N PHE F 228 -27.89 -24.30 -20.28
CA PHE F 228 -28.92 -23.28 -20.55
C PHE F 228 -30.17 -23.41 -19.68
N GLY F 229 -30.03 -24.05 -18.52
CA GLY F 229 -31.12 -24.19 -17.58
C GLY F 229 -31.76 -25.53 -17.79
N GLY F 230 -31.55 -26.07 -18.99
CA GLY F 230 -31.99 -27.40 -19.40
C GLY F 230 -31.44 -28.52 -18.56
N LYS F 231 -30.46 -28.22 -17.71
CA LYS F 231 -29.83 -29.24 -16.89
C LYS F 231 -29.91 -28.85 -15.44
N GLU F 232 -30.73 -27.85 -15.14
CA GLU F 232 -30.96 -27.45 -13.74
C GLU F 232 -31.77 -28.47 -12.91
N SER F 233 -32.54 -29.35 -13.55
CA SER F 233 -33.33 -30.36 -12.83
C SER F 233 -33.60 -31.61 -13.66
N GLN F 234 -33.70 -31.46 -14.98
CA GLN F 234 -33.87 -32.59 -15.87
C GLN F 234 -32.85 -33.71 -15.64
N GLY F 235 -31.64 -33.38 -15.22
CA GLY F 235 -30.64 -34.41 -14.88
C GLY F 235 -31.09 -35.40 -13.81
N ASN F 236 -32.06 -34.97 -12.98
CA ASN F 236 -32.56 -35.80 -11.88
C ASN F 236 -33.02 -37.20 -12.28
N HIS F 237 -33.84 -37.28 -13.34
CA HIS F 237 -34.31 -38.57 -13.87
C HIS F 237 -33.22 -39.58 -14.25
N LEU F 238 -32.17 -39.14 -14.95
CA LEU F 238 -31.17 -40.06 -15.43
C LEU F 238 -30.37 -40.58 -14.26
N ALA F 239 -30.03 -39.65 -13.37
CA ALA F 239 -29.28 -39.96 -12.16
C ALA F 239 -30.02 -40.94 -11.25
N ILE F 240 -31.33 -40.73 -11.00
CA ILE F 240 -32.08 -41.65 -10.17
C ILE F 240 -32.06 -43.01 -10.84
N ALA F 241 -32.42 -43.05 -12.13
CA ALA F 241 -32.48 -44.28 -12.92
C ALA F 241 -31.20 -45.04 -12.68
N CYS F 242 -30.06 -44.51 -13.20
CA CYS F 242 -28.73 -45.12 -13.07
C CYS F 242 -28.45 -45.70 -11.67
N ALA F 243 -28.63 -44.88 -10.64
CA ALA F 243 -28.47 -45.28 -9.25
C ALA F 243 -29.32 -46.51 -8.90
N VAL F 244 -30.62 -46.45 -9.14
CA VAL F 244 -31.48 -47.58 -8.80
C VAL F 244 -31.08 -48.85 -9.58
N ALA F 245 -30.78 -48.70 -10.87
CA ALA F 245 -30.37 -49.89 -11.65
C ALA F 245 -29.06 -50.44 -11.11
N ALA F 246 -28.16 -49.54 -10.74
CA ALA F 246 -26.86 -49.95 -10.22
C ALA F 246 -27.02 -50.65 -8.90
N ARG F 247 -27.88 -50.10 -8.04
CA ARG F 247 -28.16 -50.72 -6.75
C ARG F 247 -28.64 -52.14 -6.98
N ALA F 248 -29.65 -52.27 -7.83
CA ALA F 248 -30.26 -53.55 -8.10
C ALA F 248 -29.36 -54.53 -8.83
N THR F 249 -28.60 -54.07 -9.83
CA THR F 249 -27.72 -54.97 -10.57
C THR F 249 -26.31 -55.19 -10.00
N GLY F 250 -25.92 -54.52 -8.92
CA GLY F 250 -24.51 -54.58 -8.45
C GLY F 250 -23.48 -54.09 -9.49
N ARG F 251 -24.00 -53.54 -10.58
CA ARG F 251 -23.21 -53.23 -11.75
C ARG F 251 -23.25 -51.75 -12.09
N PRO F 252 -22.14 -51.20 -12.64
CA PRO F 252 -22.10 -49.83 -13.18
C PRO F 252 -23.21 -49.61 -14.18
N CYS F 253 -23.90 -48.48 -14.04
CA CYS F 253 -25.10 -48.18 -14.84
C CYS F 253 -25.03 -46.81 -15.43
N LYS F 254 -24.96 -46.78 -16.76
CA LYS F 254 -24.94 -45.55 -17.52
C LYS F 254 -26.26 -45.29 -18.27
N MET F 255 -26.68 -44.03 -18.35
CA MET F 255 -27.81 -43.60 -19.22
C MET F 255 -27.54 -42.28 -19.94
N ARG F 256 -27.76 -42.24 -21.24
CA ARG F 256 -27.82 -40.98 -21.94
C ARG F 256 -29.01 -40.95 -22.90
N TYR F 257 -29.69 -39.80 -22.95
CA TYR F 257 -30.82 -39.63 -23.82
C TYR F 257 -30.38 -39.47 -25.25
N ASP F 258 -30.95 -40.27 -26.13
CA ASP F 258 -30.86 -40.01 -27.54
C ASP F 258 -31.55 -38.68 -27.80
N ARG F 259 -31.16 -37.99 -28.86
CA ARG F 259 -31.71 -36.68 -29.10
C ARG F 259 -33.24 -36.69 -29.04
N ASP F 260 -33.86 -37.66 -29.71
CA ASP F 260 -35.32 -37.75 -29.83
C ASP F 260 -36.04 -37.96 -28.47
N ASP F 261 -35.48 -38.79 -27.59
CA ASP F 261 -36.02 -38.96 -26.24
C ASP F 261 -35.86 -37.68 -25.47
N ASP F 262 -34.71 -37.04 -25.68
CA ASP F 262 -34.37 -35.81 -24.98
C ASP F 262 -35.46 -34.77 -25.25
N MET F 263 -35.79 -34.56 -26.53
CA MET F 263 -36.84 -33.61 -26.92
C MET F 263 -38.25 -34.03 -26.52
N VAL F 264 -38.46 -35.30 -26.28
CA VAL F 264 -39.76 -35.77 -25.86
C VAL F 264 -39.92 -35.77 -24.33
N ILE F 265 -38.90 -36.23 -23.61
CA ILE F 265 -38.98 -36.30 -22.15
C ILE F 265 -38.84 -34.94 -21.47
N THR F 266 -37.87 -34.13 -21.86
CA THR F 266 -37.47 -32.95 -21.07
C THR F 266 -38.29 -31.66 -21.29
N GLY F 267 -38.19 -30.76 -20.31
CA GLY F 267 -38.89 -29.49 -20.32
C GLY F 267 -38.35 -28.51 -21.34
N LYS F 268 -39.13 -27.44 -21.55
CA LYS F 268 -38.80 -26.37 -22.50
C LYS F 268 -39.10 -25.03 -21.87
N ARG F 269 -38.69 -23.95 -22.51
CA ARG F 269 -39.01 -22.61 -22.03
C ARG F 269 -40.51 -22.47 -21.99
N HIS F 270 -41.02 -21.87 -20.91
CA HIS F 270 -42.45 -21.62 -20.76
C HIS F 270 -42.97 -20.72 -21.87
N ASP F 271 -43.91 -21.22 -22.66
CA ASP F 271 -44.55 -20.36 -23.65
C ASP F 271 -45.67 -19.56 -22.99
N PHE F 272 -45.98 -18.39 -23.56
CA PHE F 272 -46.79 -17.42 -22.86
C PHE F 272 -47.84 -16.79 -23.75
N ARG F 273 -48.99 -16.51 -23.15
CA ARG F 273 -49.94 -15.60 -23.76
C ARG F 273 -49.94 -14.35 -22.91
N ILE F 274 -49.84 -13.21 -23.58
CA ILE F 274 -49.77 -11.97 -22.87
C ILE F 274 -50.80 -11.02 -23.44
N ARG F 275 -51.70 -10.57 -22.57
CA ARG F 275 -52.73 -9.58 -22.83
C ARG F 275 -52.34 -8.31 -22.09
N TYR F 276 -52.42 -7.17 -22.77
CA TYR F 276 -51.89 -5.92 -22.22
C TYR F 276 -52.81 -4.71 -22.45
N ARG F 277 -52.75 -3.77 -21.51
CA ARG F 277 -53.27 -2.43 -21.74
C ARG F 277 -52.29 -1.40 -21.19
N ILE F 278 -51.87 -0.49 -22.05
CA ILE F 278 -50.87 0.49 -21.66
C ILE F 278 -51.30 1.92 -22.06
N GLY F 279 -50.96 2.88 -21.21
CA GLY F 279 -51.38 4.27 -21.39
C GLY F 279 -50.29 5.29 -21.12
N ALA F 280 -50.35 6.41 -21.83
CA ALA F 280 -49.38 7.50 -21.65
C ALA F 280 -49.99 8.92 -21.73
N ASP F 281 -49.18 9.88 -21.30
CA ASP F 281 -49.43 11.32 -21.39
C ASP F 281 -49.67 11.78 -22.82
N ALA F 282 -50.06 13.04 -22.95
CA ALA F 282 -49.93 13.76 -24.21
C ALA F 282 -48.44 13.85 -24.57
N SER F 283 -47.59 13.99 -23.53
CA SER F 283 -46.14 14.09 -23.68
C SER F 283 -45.45 12.76 -24.02
N GLY F 284 -46.10 11.65 -23.71
CA GLY F 284 -45.52 10.34 -23.93
C GLY F 284 -44.95 9.69 -22.68
N LYS F 285 -45.43 10.07 -21.51
CA LYS F 285 -44.93 9.46 -20.28
C LYS F 285 -45.88 8.37 -19.85
N LEU F 286 -45.35 7.17 -19.67
CA LEU F 286 -46.19 6.05 -19.26
C LEU F 286 -46.93 6.43 -18.00
N LEU F 287 -48.24 6.27 -18.04
CA LEU F 287 -49.10 6.51 -16.88
C LEU F 287 -49.43 5.20 -16.15
N GLY F 288 -49.52 4.10 -16.90
CA GLY F 288 -49.92 2.82 -16.31
C GLY F 288 -49.97 1.67 -17.29
N ALA F 289 -49.58 0.49 -16.83
CA ALA F 289 -49.67 -0.71 -17.67
C ALA F 289 -50.40 -1.84 -16.94
N ASP F 290 -51.23 -2.57 -17.68
CA ASP F 290 -51.94 -3.71 -17.12
C ASP F 290 -51.69 -4.96 -17.96
N PHE F 291 -51.13 -5.98 -17.33
CA PHE F 291 -50.63 -7.19 -17.99
C PHE F 291 -51.34 -8.48 -17.52
N VAL F 292 -51.69 -9.36 -18.46
CA VAL F 292 -52.16 -10.71 -18.11
C VAL F 292 -51.28 -11.76 -18.77
N HIS F 293 -50.65 -12.56 -17.91
CA HIS F 293 -49.74 -13.61 -18.30
C HIS F 293 -50.47 -14.94 -18.18
N LEU F 294 -50.48 -15.68 -19.29
CA LEU F 294 -50.91 -17.07 -19.29
C LEU F 294 -49.71 -17.99 -19.68
N ALA F 295 -49.16 -18.67 -18.69
CA ALA F 295 -48.00 -19.49 -18.94
C ALA F 295 -48.40 -20.96 -19.02
N ARG F 296 -47.74 -21.67 -19.94
CA ARG F 296 -47.90 -23.12 -20.12
C ARG F 296 -46.82 -23.91 -19.37
N CYS F 297 -47.24 -24.51 -18.27
CA CYS F 297 -46.29 -25.07 -17.30
C CYS F 297 -45.98 -26.53 -17.51
N GLY F 298 -46.85 -27.22 -18.22
CA GLY F 298 -46.79 -28.67 -18.31
C GLY F 298 -47.41 -29.40 -17.13
N TRP F 299 -47.13 -30.68 -17.04
CA TRP F 299 -47.87 -31.57 -16.16
C TRP F 299 -47.43 -31.50 -14.71
N SER F 300 -46.22 -31.00 -14.46
CA SER F 300 -45.76 -30.88 -13.09
C SER F 300 -45.17 -29.53 -12.88
N ALA F 301 -45.16 -29.10 -11.62
CA ALA F 301 -44.58 -27.84 -11.24
C ALA F 301 -43.17 -27.61 -11.87
N ASP F 302 -42.20 -28.46 -11.49
CA ASP F 302 -40.79 -28.21 -11.75
C ASP F 302 -40.40 -26.83 -11.19
N LEU F 303 -39.88 -25.95 -12.05
CA LEU F 303 -39.48 -24.59 -11.65
C LEU F 303 -40.43 -23.51 -12.21
N SER F 304 -41.66 -23.92 -12.59
CA SER F 304 -42.66 -23.01 -13.15
C SER F 304 -43.01 -21.85 -12.21
N LEU F 305 -42.96 -22.08 -10.90
CA LEU F 305 -43.29 -21.03 -9.93
C LEU F 305 -42.23 -19.94 -9.95
N PRO F 306 -40.96 -20.32 -9.67
CA PRO F 306 -39.91 -19.31 -9.78
C PRO F 306 -39.88 -18.63 -11.17
N VAL F 307 -39.96 -19.40 -12.26
CA VAL F 307 -39.92 -18.80 -13.61
C VAL F 307 -40.98 -17.71 -13.78
N CYS F 308 -42.19 -17.98 -13.31
CA CYS F 308 -43.32 -17.07 -13.51
C CYS F 308 -43.26 -15.88 -12.62
N ASP F 309 -42.65 -16.06 -11.46
CA ASP F 309 -42.28 -14.92 -10.63
C ASP F 309 -41.38 -13.99 -11.42
N ARG F 310 -40.36 -14.57 -12.07
CA ARG F 310 -39.41 -13.77 -12.83
C ARG F 310 -40.03 -12.97 -13.98
N ALA F 311 -40.97 -13.56 -14.71
CA ALA F 311 -41.75 -12.84 -15.73
C ALA F 311 -42.48 -11.64 -15.14
N MET F 312 -43.02 -11.80 -13.94
CA MET F 312 -43.76 -10.73 -13.30
C MET F 312 -42.77 -9.63 -12.93
N LEU F 313 -41.66 -10.05 -12.30
CA LEU F 313 -40.59 -9.15 -11.90
C LEU F 313 -40.08 -8.28 -13.04
N HIS F 314 -40.07 -8.82 -14.26
CA HIS F 314 -39.54 -8.09 -15.39
C HIS F 314 -40.63 -7.54 -16.32
N ALA F 315 -41.88 -7.54 -15.84
CA ALA F 315 -43.02 -6.99 -16.59
C ALA F 315 -42.90 -5.47 -16.83
N ASP F 316 -42.00 -4.83 -16.09
CA ASP F 316 -41.74 -3.41 -16.21
C ASP F 316 -40.80 -3.08 -17.38
N GLY F 317 -40.28 -4.11 -18.06
CA GLY F 317 -39.25 -3.91 -19.06
C GLY F 317 -38.13 -2.98 -18.57
N SER F 318 -37.72 -2.03 -19.42
CA SER F 318 -36.71 -1.06 -19.02
C SER F 318 -37.33 0.21 -18.42
N TYR F 319 -38.65 0.22 -18.20
CA TYR F 319 -39.36 1.50 -18.01
C TYR F 319 -39.99 1.74 -16.65
N PHE F 320 -39.92 3.00 -16.20
CA PHE F 320 -40.68 3.42 -15.03
C PHE F 320 -42.18 3.55 -15.39
N VAL F 321 -43.03 2.92 -14.59
CA VAL F 321 -44.48 2.92 -14.80
C VAL F 321 -45.14 3.27 -13.47
N PRO F 322 -45.75 4.46 -13.41
CA PRO F 322 -46.45 4.90 -12.24
C PRO F 322 -47.34 3.80 -11.71
N ALA F 323 -48.23 3.26 -12.53
CA ALA F 323 -49.07 2.15 -12.08
C ALA F 323 -48.91 0.98 -13.02
N LEU F 324 -48.76 -0.19 -12.43
CA LEU F 324 -48.54 -1.41 -13.20
C LEU F 324 -49.13 -2.58 -12.44
N ARG F 325 -49.98 -3.35 -13.12
CA ARG F 325 -50.55 -4.58 -12.56
C ARG F 325 -50.27 -5.81 -13.43
N ILE F 326 -49.96 -6.94 -12.76
CA ILE F 326 -49.77 -8.24 -13.45
C ILE F 326 -50.66 -9.31 -12.83
N GLU F 327 -51.33 -10.06 -13.70
CA GLU F 327 -52.12 -11.23 -13.30
C GLU F 327 -51.49 -12.46 -13.96
N SER F 328 -50.96 -13.37 -13.15
CA SER F 328 -50.13 -14.48 -13.65
C SER F 328 -50.73 -15.87 -13.42
N HIS F 329 -51.21 -16.49 -14.51
CA HIS F 329 -51.79 -17.83 -14.46
C HIS F 329 -50.78 -18.86 -14.86
N ARG F 330 -50.51 -19.79 -13.94
CA ARG F 330 -49.52 -20.82 -14.14
C ARG F 330 -50.32 -22.05 -14.42
N LEU F 331 -50.54 -22.28 -15.71
CA LEU F 331 -51.54 -23.25 -16.16
C LEU F 331 -50.98 -24.65 -16.32
N ARG F 332 -51.70 -25.62 -15.75
CA ARG F 332 -51.31 -27.02 -15.87
C ARG F 332 -51.84 -27.62 -17.17
N THR F 333 -50.95 -28.25 -17.93
CA THR F 333 -51.35 -28.92 -19.18
C THR F 333 -50.68 -30.31 -19.32
N ASN F 334 -51.27 -31.18 -20.14
CA ASN F 334 -50.75 -32.53 -20.37
C ASN F 334 -49.65 -32.58 -21.38
N THR F 335 -48.67 -31.68 -21.22
CA THR F 335 -47.49 -31.66 -22.06
C THR F 335 -46.28 -31.57 -21.16
N GLN F 336 -45.10 -31.60 -21.79
CA GLN F 336 -43.81 -31.55 -21.12
C GLN F 336 -43.77 -30.52 -19.99
N SER F 337 -43.29 -30.95 -18.84
CA SER F 337 -43.12 -30.08 -17.69
C SER F 337 -42.01 -29.07 -17.99
N ASN F 338 -42.40 -27.80 -18.08
CA ASN F 338 -41.53 -26.75 -18.53
C ASN F 338 -40.63 -26.31 -17.40
N THR F 339 -39.45 -25.79 -17.75
CA THR F 339 -38.39 -25.61 -16.78
C THR F 339 -37.59 -24.31 -16.92
N ALA F 340 -36.39 -24.28 -16.36
CA ALA F 340 -35.49 -23.18 -16.56
C ALA F 340 -34.96 -23.14 -17.98
N PHE F 341 -35.01 -21.96 -18.61
CA PHE F 341 -34.28 -21.72 -19.84
C PHE F 341 -33.70 -20.29 -19.78
N ARG F 342 -32.50 -20.09 -20.30
CA ARG F 342 -31.74 -18.82 -20.20
C ARG F 342 -32.57 -17.56 -20.07
N GLY F 343 -32.61 -17.00 -18.87
CA GLY F 343 -33.50 -15.87 -18.62
C GLY F 343 -34.61 -16.24 -17.66
N PHE F 344 -34.92 -17.52 -17.58
CA PHE F 344 -35.78 -18.02 -16.51
C PHE F 344 -37.06 -17.17 -16.37
N GLY F 345 -37.72 -16.89 -17.50
CA GLY F 345 -39.00 -16.15 -17.51
C GLY F 345 -38.93 -14.64 -17.66
N GLY F 346 -37.74 -14.10 -17.44
CA GLY F 346 -37.48 -12.66 -17.63
C GLY F 346 -37.66 -12.16 -19.06
N PRO F 347 -37.19 -12.93 -20.06
CA PRO F 347 -37.43 -12.57 -21.47
C PRO F 347 -38.91 -12.45 -21.82
N GLN F 348 -39.73 -13.36 -21.30
CA GLN F 348 -41.16 -13.37 -21.56
C GLN F 348 -41.85 -12.14 -21.02
N GLY F 349 -41.58 -11.80 -19.75
CA GLY F 349 -42.17 -10.63 -19.07
C GLY F 349 -41.78 -9.34 -19.76
N ALA F 350 -40.49 -9.23 -20.08
CA ALA F 350 -39.94 -8.09 -20.77
C ALA F 350 -40.53 -7.95 -22.16
N LEU F 351 -40.59 -9.06 -22.89
CA LEU F 351 -41.17 -9.02 -24.23
C LEU F 351 -42.62 -8.52 -24.15
N GLY F 352 -43.34 -8.93 -23.11
CA GLY F 352 -44.68 -8.38 -22.87
C GLY F 352 -44.68 -6.87 -22.91
N MET F 353 -43.81 -6.26 -22.11
CA MET F 353 -43.72 -4.80 -22.01
C MET F 353 -43.27 -4.10 -23.32
N GLU F 354 -42.28 -4.68 -23.99
CA GLU F 354 -41.76 -4.14 -25.24
C GLU F 354 -42.78 -4.16 -26.38
N ARG F 355 -43.69 -5.13 -26.35
CA ARG F 355 -44.70 -5.29 -27.39
C ARG F 355 -45.72 -4.18 -27.21
N ALA F 356 -46.27 -4.10 -26.01
CA ALA F 356 -47.19 -3.04 -25.59
C ALA F 356 -46.71 -1.62 -25.96
N ILE F 357 -45.48 -1.29 -25.57
CA ILE F 357 -44.92 0.02 -25.87
C ILE F 357 -44.71 0.25 -27.37
N GLU F 358 -44.16 -0.73 -28.08
CA GLU F 358 -44.07 -0.65 -29.53
C GLU F 358 -45.46 -0.47 -30.16
N HIS F 359 -46.46 -1.13 -29.58
CA HIS F 359 -47.84 -0.97 -30.04
C HIS F 359 -48.38 0.42 -29.68
N LEU F 360 -48.00 0.90 -28.50
CA LEU F 360 -48.37 2.25 -28.05
C LEU F 360 -47.69 3.35 -28.88
N ALA F 361 -46.41 3.15 -29.20
CA ALA F 361 -45.65 4.13 -29.99
C ALA F 361 -46.27 4.29 -31.36
N ARG F 362 -46.66 3.15 -31.96
CA ARG F 362 -47.29 3.15 -33.27
C ARG F 362 -48.64 3.82 -33.21
N GLY F 363 -49.46 3.43 -32.23
CA GLY F 363 -50.79 3.99 -32.02
C GLY F 363 -50.80 5.51 -32.09
N MET F 364 -49.72 6.13 -31.63
CA MET F 364 -49.68 7.59 -31.52
C MET F 364 -48.63 8.26 -32.41
N GLY F 365 -48.36 7.67 -33.57
CA GLY F 365 -47.56 8.29 -34.61
C GLY F 365 -46.20 8.75 -34.14
N ARG F 366 -45.68 8.07 -33.13
CA ARG F 366 -44.44 8.47 -32.48
C ARG F 366 -43.36 7.42 -32.67
N ASP F 367 -42.12 7.87 -32.89
CA ASP F 367 -40.98 6.98 -33.05
C ASP F 367 -40.70 6.24 -31.75
N PRO F 368 -40.83 4.90 -31.78
CA PRO F 368 -40.80 4.05 -30.59
C PRO F 368 -39.53 4.25 -29.79
N ALA F 369 -38.42 4.44 -30.50
CA ALA F 369 -37.10 4.63 -29.90
C ALA F 369 -37.10 5.82 -28.94
N GLU F 370 -37.68 6.91 -29.40
CA GLU F 370 -37.81 8.10 -28.60
C GLU F 370 -38.75 7.79 -27.42
N LEU F 371 -39.96 7.31 -27.70
CA LEU F 371 -40.89 6.93 -26.64
C LEU F 371 -40.26 6.06 -25.54
N ARG F 372 -39.35 5.16 -25.95
CA ARG F 372 -38.55 4.35 -25.02
C ARG F 372 -37.57 5.18 -24.19
N ALA F 373 -36.72 5.95 -24.90
CA ALA F 373 -35.73 6.84 -24.30
C ALA F 373 -36.43 7.69 -23.26
N LEU F 374 -37.56 8.27 -23.65
CA LEU F 374 -38.46 9.04 -22.79
C LEU F 374 -38.89 8.37 -21.50
N ASN F 375 -38.89 7.03 -21.46
CA ASN F 375 -39.51 6.32 -20.33
C ASN F 375 -38.61 5.40 -19.54
N PHE F 376 -37.33 5.35 -19.89
CA PHE F 376 -36.38 4.63 -19.02
C PHE F 376 -36.42 5.22 -17.59
N TYR F 377 -36.12 4.37 -16.61
CA TYR F 377 -35.78 4.79 -15.25
C TYR F 377 -34.75 5.95 -15.28
N ASP F 378 -34.84 6.83 -14.28
CA ASP F 378 -33.95 7.99 -14.18
C ASP F 378 -32.55 7.50 -13.92
N PRO F 379 -31.53 8.16 -14.50
CA PRO F 379 -30.10 7.89 -14.22
C PRO F 379 -29.78 7.95 -12.73
N PRO F 380 -28.67 7.34 -12.30
CA PRO F 380 -28.32 7.43 -10.87
C PRO F 380 -28.04 8.88 -10.43
N GLU F 381 -28.66 9.31 -9.33
CA GLU F 381 -28.59 10.70 -8.80
C GLU F 381 -29.43 11.69 -9.63
N LYS F 398 -34.27 12.24 -1.69
CA LYS F 398 -35.44 12.75 -2.43
C LYS F 398 -35.85 11.85 -3.62
N LYS F 399 -36.78 10.94 -3.32
CA LYS F 399 -37.42 10.04 -4.27
C LYS F 399 -36.58 9.50 -5.46
N THR F 400 -35.87 8.39 -5.19
CA THR F 400 -35.32 7.53 -6.24
C THR F 400 -36.40 6.50 -6.62
N GLN F 401 -36.69 6.42 -7.92
CA GLN F 401 -37.78 5.58 -8.46
C GLN F 401 -37.67 4.12 -8.05
N THR F 402 -38.79 3.54 -7.63
CA THR F 402 -38.82 2.11 -7.39
C THR F 402 -39.46 1.50 -8.61
N THR F 403 -39.18 0.21 -8.78
CA THR F 403 -39.88 -0.70 -9.70
C THR F 403 -41.23 -1.08 -9.10
N HIS F 404 -42.09 -1.68 -9.93
CA HIS F 404 -43.41 -2.08 -9.49
C HIS F 404 -43.44 -3.00 -8.25
N TYR F 405 -42.30 -3.53 -7.84
CA TYR F 405 -42.25 -4.34 -6.62
C TYR F 405 -41.63 -3.55 -5.48
N GLY F 406 -41.44 -2.26 -5.71
CA GLY F 406 -40.82 -1.38 -4.74
C GLY F 406 -39.31 -1.62 -4.58
N GLN F 407 -38.59 -1.74 -5.66
CA GLN F 407 -37.14 -1.78 -5.56
C GLN F 407 -36.50 -0.56 -6.27
N GLU F 408 -35.72 0.21 -5.51
CA GLU F 408 -35.10 1.43 -6.01
C GLU F 408 -34.10 1.18 -7.15
N VAL F 409 -34.30 1.80 -8.30
CA VAL F 409 -33.33 1.64 -9.40
C VAL F 409 -32.19 2.69 -9.33
N ALA F 410 -31.11 2.34 -8.64
CA ALA F 410 -30.03 3.27 -8.38
C ALA F 410 -28.90 3.16 -9.39
N ASP F 411 -29.03 2.24 -10.35
CA ASP F 411 -27.93 1.90 -11.26
C ASP F 411 -28.24 1.98 -12.78
N CYS F 412 -29.38 2.59 -13.12
CA CYS F 412 -29.79 2.61 -14.50
C CYS F 412 -28.97 3.54 -15.41
N VAL F 413 -28.24 2.94 -16.34
CA VAL F 413 -27.38 3.71 -17.21
C VAL F 413 -27.88 3.68 -18.66
N LEU F 414 -29.16 3.29 -18.81
CA LEU F 414 -29.77 3.12 -20.12
C LEU F 414 -29.68 4.35 -21.02
N GLY F 415 -30.16 5.50 -20.56
CA GLY F 415 -30.08 6.72 -21.36
C GLY F 415 -28.74 6.91 -22.06
N GLU F 416 -27.68 6.97 -21.25
CA GLU F 416 -26.35 7.25 -21.75
C GLU F 416 -25.92 6.20 -22.74
N LEU F 417 -26.11 4.94 -22.34
CA LEU F 417 -25.78 3.76 -23.14
C LEU F 417 -26.52 3.78 -24.48
N VAL F 418 -27.81 4.08 -24.42
CA VAL F 418 -28.66 3.96 -25.59
C VAL F 418 -28.27 5.01 -26.63
N THR F 419 -27.91 6.19 -26.14
CA THR F 419 -27.44 7.28 -27.01
C THR F 419 -26.07 6.93 -27.58
N ARG F 420 -25.17 6.41 -26.75
CA ARG F 420 -23.87 6.06 -27.25
C ARG F 420 -24.08 5.05 -28.36
N LEU F 421 -25.02 4.13 -28.14
CA LEU F 421 -25.25 3.06 -29.09
C LEU F 421 -25.80 3.54 -30.43
N GLN F 422 -26.83 4.38 -30.39
CA GLN F 422 -27.44 4.91 -31.60
C GLN F 422 -26.46 5.69 -32.47
N LYS F 423 -25.64 6.50 -31.81
CA LYS F 423 -24.66 7.31 -32.50
C LYS F 423 -23.57 6.44 -33.10
N SER F 424 -23.07 5.46 -32.35
CA SER F 424 -22.05 4.59 -32.91
C SER F 424 -22.63 3.65 -33.97
N ALA F 425 -23.93 3.38 -33.88
CA ALA F 425 -24.60 2.47 -34.82
C ALA F 425 -25.10 3.17 -36.08
N ASN F 426 -24.94 4.49 -36.11
CA ASN F 426 -25.44 5.35 -37.20
C ASN F 426 -26.95 5.29 -37.27
N PHE F 427 -27.59 5.15 -36.11
CA PHE F 427 -29.01 4.80 -36.05
C PHE F 427 -29.90 5.61 -36.99
N THR F 428 -29.83 6.92 -36.87
CA THR F 428 -30.78 7.87 -37.50
C THR F 428 -30.65 7.98 -39.02
N THR F 429 -29.43 8.12 -39.52
CA THR F 429 -29.19 8.08 -40.97
C THR F 429 -29.65 6.73 -41.56
N ARG F 430 -29.27 5.66 -40.89
CA ARG F 430 -29.64 4.32 -41.30
C ARG F 430 -31.16 4.19 -41.35
N ARG F 431 -31.81 4.62 -40.28
CA ARG F 431 -33.26 4.74 -40.25
C ARG F 431 -33.81 5.48 -41.51
N ALA F 432 -33.31 6.68 -41.76
CA ALA F 432 -33.67 7.47 -42.95
C ALA F 432 -33.43 6.70 -44.24
N GLU F 433 -32.22 6.18 -44.42
CA GLU F 433 -31.88 5.37 -45.59
C GLU F 433 -32.88 4.27 -45.89
N ILE F 434 -33.26 3.52 -44.86
CA ILE F 434 -34.22 2.41 -44.95
C ILE F 434 -35.56 2.83 -45.54
N ALA F 435 -36.10 3.94 -45.05
CA ALA F 435 -37.38 4.45 -45.55
C ALA F 435 -37.34 4.64 -47.05
N ALA F 436 -36.34 5.36 -47.52
CA ALA F 436 -36.14 5.58 -48.93
C ALA F 436 -35.97 4.28 -49.70
N TRP F 437 -35.16 3.36 -49.16
CA TRP F 437 -34.93 2.05 -49.80
C TRP F 437 -36.21 1.21 -49.91
N ASN F 438 -37.09 1.32 -48.91
CA ASN F 438 -38.39 0.65 -48.95
C ASN F 438 -39.31 1.24 -50.01
N SER F 439 -39.42 2.55 -50.05
CA SER F 439 -40.19 3.21 -51.12
C SER F 439 -39.76 2.81 -52.54
N THR F 440 -38.53 2.30 -52.68
CA THR F 440 -37.99 1.79 -53.95
C THR F 440 -38.30 0.30 -54.21
N ASN F 441 -38.87 -0.38 -53.21
CA ASN F 441 -39.10 -1.83 -53.33
C ASN F 441 -40.56 -2.24 -53.14
N ARG F 442 -40.96 -3.28 -53.89
CA ARG F 442 -42.32 -3.81 -53.79
C ARG F 442 -42.33 -5.25 -53.29
N THR F 443 -41.20 -5.92 -53.42
CA THR F 443 -41.06 -7.28 -52.95
C THR F 443 -40.35 -7.31 -51.60
N LEU F 444 -39.31 -6.50 -51.43
CA LEU F 444 -38.52 -6.53 -50.22
C LEU F 444 -38.86 -5.37 -49.29
N ALA F 445 -38.57 -5.56 -48.01
CA ALA F 445 -38.68 -4.48 -47.05
C ALA F 445 -37.64 -4.65 -45.95
N ARG F 446 -37.01 -3.56 -45.55
CA ARG F 446 -36.08 -3.58 -44.44
C ARG F 446 -36.77 -3.07 -43.20
N GLY F 447 -36.28 -3.49 -42.03
CA GLY F 447 -36.75 -2.99 -40.74
C GLY F 447 -35.57 -2.78 -39.83
N ILE F 448 -35.74 -1.91 -38.84
CA ILE F 448 -34.67 -1.57 -37.89
C ILE F 448 -35.28 -1.26 -36.54
N ALA F 449 -34.69 -1.83 -35.48
CA ALA F 449 -35.21 -1.56 -34.13
C ALA F 449 -34.14 -1.59 -33.04
N LEU F 450 -34.36 -0.77 -32.03
CA LEU F 450 -33.54 -0.78 -30.83
C LEU F 450 -34.35 -1.29 -29.66
N SER F 451 -33.85 -2.33 -29.00
CA SER F 451 -34.46 -2.71 -27.74
C SER F 451 -33.48 -2.66 -26.57
N PRO F 452 -34.01 -2.34 -25.38
CA PRO F 452 -33.26 -2.22 -24.14
C PRO F 452 -33.45 -3.41 -23.21
N VAL F 453 -32.38 -3.71 -22.45
CA VAL F 453 -32.41 -4.73 -21.39
C VAL F 453 -32.26 -4.14 -20.00
N LYS F 454 -33.13 -4.56 -19.11
CA LYS F 454 -32.92 -4.38 -17.70
C LYS F 454 -33.12 -5.74 -17.02
N PHE F 455 -32.06 -6.35 -16.47
CA PHE F 455 -32.18 -7.70 -15.89
C PHE F 455 -31.69 -7.80 -14.46
N GLY F 456 -32.52 -8.31 -13.56
CA GLY F 456 -32.16 -8.44 -12.13
C GLY F 456 -31.29 -9.64 -11.79
N ILE F 457 -30.36 -9.49 -10.84
CA ILE F 457 -29.41 -10.58 -10.57
C ILE F 457 -29.54 -11.11 -9.12
N SER F 458 -29.95 -12.37 -9.00
CA SER F 458 -30.04 -13.15 -7.73
C SER F 458 -31.14 -14.18 -7.78
N PHE F 459 -30.94 -15.32 -7.11
CA PHE F 459 -32.04 -16.28 -6.94
C PHE F 459 -33.17 -15.58 -6.22
N THR F 460 -34.35 -15.53 -6.83
CA THR F 460 -35.49 -14.94 -6.13
C THR F 460 -35.87 -15.75 -4.90
N LEU F 461 -35.44 -17.01 -4.84
CA LEU F 461 -35.51 -17.73 -3.58
C LEU F 461 -34.22 -17.42 -2.79
N THR F 462 -34.32 -16.44 -1.92
CA THR F 462 -33.17 -15.82 -1.28
C THR F 462 -32.03 -16.74 -0.88
N HIS F 463 -32.30 -17.72 -0.03
CA HIS F 463 -31.20 -18.53 0.52
C HIS F 463 -30.39 -19.33 -0.52
N LEU F 464 -30.79 -19.26 -1.78
CA LEU F 464 -30.04 -19.95 -2.82
C LEU F 464 -28.81 -19.13 -3.18
N ASN F 465 -28.84 -17.87 -2.80
CA ASN F 465 -27.73 -16.98 -2.99
C ASN F 465 -26.64 -17.27 -1.98
N GLN F 466 -25.95 -18.39 -2.19
CA GLN F 466 -24.78 -18.80 -1.38
C GLN F 466 -23.77 -19.63 -2.21
N ALA F 467 -22.49 -19.53 -1.89
CA ALA F 467 -21.47 -20.26 -2.64
C ALA F 467 -20.27 -20.65 -1.77
N GLY F 468 -19.53 -21.67 -2.19
CA GLY F 468 -18.33 -22.08 -1.46
C GLY F 468 -17.17 -22.40 -2.39
N ALA F 469 -15.97 -22.42 -1.81
CA ALA F 469 -14.79 -22.92 -2.48
C ALA F 469 -13.84 -23.56 -1.50
N LEU F 470 -12.89 -24.30 -2.06
CA LEU F 470 -11.84 -24.99 -1.31
C LEU F 470 -10.58 -24.90 -2.16
N VAL F 471 -9.50 -24.39 -1.54
CA VAL F 471 -8.26 -24.11 -2.28
C VAL F 471 -7.10 -24.81 -1.60
N GLN F 472 -6.24 -25.43 -2.39
CA GLN F 472 -5.09 -26.18 -1.88
C GLN F 472 -3.83 -25.63 -2.52
N ILE F 473 -2.84 -25.32 -1.69
CA ILE F 473 -1.51 -25.05 -2.27
C ILE F 473 -0.56 -26.18 -1.90
N TYR F 474 -0.03 -26.83 -2.94
CA TYR F 474 0.98 -27.88 -2.72
C TYR F 474 2.34 -27.25 -2.43
N THR F 475 3.30 -28.06 -2.00
CA THR F 475 4.61 -27.50 -1.63
C THR F 475 5.51 -27.14 -2.81
N ASP F 476 5.09 -27.40 -4.04
CA ASP F 476 5.87 -26.84 -5.14
C ASP F 476 5.36 -25.43 -5.43
N GLY F 477 4.24 -25.05 -4.79
CA GLY F 477 3.63 -23.74 -5.02
C GLY F 477 2.55 -23.72 -6.11
N SER F 478 2.24 -24.88 -6.65
CA SER F 478 1.07 -24.96 -7.53
C SER F 478 -0.19 -24.97 -6.65
N VAL F 479 -1.29 -24.66 -7.31
CA VAL F 479 -2.54 -24.40 -6.64
C VAL F 479 -3.67 -25.18 -7.32
N ALA F 480 -4.49 -25.79 -6.44
CA ALA F 480 -5.62 -26.60 -6.85
C ALA F 480 -6.82 -25.82 -6.42
N LEU F 481 -7.61 -25.41 -7.41
CA LEU F 481 -8.80 -24.63 -7.15
C LEU F 481 -10.04 -25.51 -7.33
N ASN F 482 -11.01 -25.29 -6.43
CA ASN F 482 -12.25 -26.03 -6.42
C ASN F 482 -13.37 -25.20 -5.82
N HIS F 483 -14.49 -25.12 -6.54
CA HIS F 483 -15.68 -24.38 -6.13
C HIS F 483 -17.01 -25.04 -6.53
N GLY F 484 -18.10 -24.61 -5.90
CA GLY F 484 -19.41 -25.19 -6.18
C GLY F 484 -20.00 -24.99 -7.57
N GLY F 485 -19.43 -24.12 -8.39
CA GLY F 485 -20.04 -23.79 -9.66
C GLY F 485 -19.76 -24.81 -10.72
N THR F 486 -20.61 -24.88 -11.74
CA THR F 486 -20.47 -25.89 -12.81
C THR F 486 -20.11 -25.27 -14.14
N GLU F 487 -19.23 -25.94 -14.86
CA GLU F 487 -18.81 -25.41 -16.14
C GLU F 487 -19.71 -25.97 -17.22
N MET F 488 -20.29 -25.09 -18.01
CA MET F 488 -21.18 -25.53 -19.05
C MET F 488 -20.89 -24.77 -20.33
N GLY F 489 -19.74 -24.12 -20.38
CA GLY F 489 -19.31 -23.37 -21.55
C GLY F 489 -19.18 -21.88 -21.34
N GLN F 490 -19.87 -21.39 -20.32
CA GLN F 490 -20.02 -19.97 -20.08
C GLN F 490 -18.72 -19.27 -19.72
N GLY F 491 -17.73 -20.04 -19.29
CA GLY F 491 -16.38 -19.54 -19.05
C GLY F 491 -16.07 -19.42 -17.58
N LEU F 492 -16.86 -20.07 -16.76
CA LEU F 492 -16.81 -19.92 -15.33
C LEU F 492 -15.50 -20.33 -14.66
N HIS F 493 -14.96 -21.49 -15.02
CA HIS F 493 -13.68 -21.95 -14.43
C HIS F 493 -12.47 -21.04 -14.74
N ALA F 494 -12.36 -20.55 -15.98
CA ALA F 494 -11.30 -19.56 -16.26
C ALA F 494 -11.40 -18.34 -15.32
N LYS F 495 -12.59 -17.77 -15.26
CA LYS F 495 -12.82 -16.61 -14.42
C LYS F 495 -12.44 -16.92 -12.98
N MET F 496 -12.69 -18.13 -12.53
CA MET F 496 -12.32 -18.47 -11.17
C MET F 496 -10.81 -18.67 -11.00
N VAL F 497 -10.17 -19.13 -12.07
CA VAL F 497 -8.72 -19.20 -12.10
C VAL F 497 -8.19 -17.76 -11.98
N GLN F 498 -8.72 -16.84 -12.80
CA GLN F 498 -8.28 -15.44 -12.78
C GLN F 498 -8.42 -14.74 -11.43
N VAL F 499 -9.56 -14.92 -10.75
CA VAL F 499 -9.78 -14.37 -9.42
C VAL F 499 -8.68 -14.87 -8.50
N ALA F 500 -8.58 -16.19 -8.42
CA ALA F 500 -7.57 -16.84 -7.56
C ALA F 500 -6.14 -16.30 -7.80
N ALA F 501 -5.73 -16.26 -9.07
CA ALA F 501 -4.37 -15.86 -9.44
C ALA F 501 -4.10 -14.43 -8.96
N ALA F 502 -5.07 -13.55 -9.24
CA ALA F 502 -4.99 -12.16 -8.85
C ALA F 502 -4.90 -12.06 -7.32
N VAL F 503 -5.81 -12.71 -6.61
CA VAL F 503 -5.79 -12.62 -5.16
C VAL F 503 -4.50 -13.22 -4.59
N LEU F 504 -3.95 -14.23 -5.24
CA LEU F 504 -2.70 -14.82 -4.74
C LEU F 504 -1.44 -14.21 -5.33
N GLY F 505 -1.60 -13.35 -6.33
CA GLY F 505 -0.46 -12.61 -6.86
C GLY F 505 0.50 -13.47 -7.65
N ILE F 506 -0.02 -14.58 -8.18
CA ILE F 506 0.74 -15.52 -8.99
C ILE F 506 0.13 -15.57 -10.37
N ASP F 507 0.81 -16.21 -11.31
CA ASP F 507 0.32 -16.35 -12.68
C ASP F 507 -0.77 -17.46 -12.74
N PRO F 508 -1.84 -17.26 -13.53
CA PRO F 508 -2.92 -18.24 -13.74
C PRO F 508 -2.45 -19.67 -14.04
N VAL F 509 -1.36 -19.81 -14.77
CA VAL F 509 -0.77 -21.10 -15.08
C VAL F 509 -0.50 -21.94 -13.85
N GLN F 510 -0.38 -21.30 -12.69
CA GLN F 510 -0.11 -22.01 -11.46
C GLN F 510 -1.36 -22.56 -10.77
N VAL F 511 -2.51 -22.46 -11.45
CA VAL F 511 -3.80 -22.68 -10.77
C VAL F 511 -4.72 -23.61 -11.55
N ARG F 512 -4.76 -24.86 -11.12
CA ARG F 512 -5.55 -25.91 -11.76
C ARG F 512 -6.97 -26.01 -11.18
N ILE F 513 -7.95 -26.08 -12.07
CA ILE F 513 -9.35 -26.35 -11.71
C ILE F 513 -9.58 -27.86 -11.55
N THR F 514 -10.00 -28.26 -10.34
CA THR F 514 -10.53 -29.60 -10.09
C THR F 514 -12.01 -29.60 -10.48
N ALA F 515 -12.54 -30.75 -10.82
CA ALA F 515 -13.97 -30.86 -11.19
C ALA F 515 -14.93 -30.55 -10.03
N THR F 516 -16.17 -30.23 -10.37
CA THR F 516 -17.13 -29.93 -9.33
C THR F 516 -17.40 -31.21 -8.55
N ASP F 517 -17.51 -31.11 -7.23
CA ASP F 517 -17.58 -32.31 -6.42
C ASP F 517 -18.29 -32.12 -5.08
N THR F 518 -19.40 -32.82 -4.90
CA THR F 518 -20.17 -32.62 -3.65
C THR F 518 -19.42 -32.98 -2.34
N SER F 519 -18.38 -33.80 -2.45
CA SER F 519 -17.62 -34.23 -1.27
C SER F 519 -16.47 -33.27 -0.92
N LYS F 520 -16.35 -32.22 -1.75
CA LYS F 520 -15.39 -31.12 -1.59
C LYS F 520 -16.07 -29.79 -1.19
N VAL F 521 -17.03 -29.32 -1.99
CA VAL F 521 -17.87 -28.17 -1.61
C VAL F 521 -19.33 -28.61 -1.53
N PRO F 522 -19.89 -28.62 -0.30
CA PRO F 522 -21.19 -29.20 0.04
C PRO F 522 -22.33 -28.20 -0.04
N ASN F 523 -23.56 -28.69 -0.13
CA ASN F 523 -24.77 -27.87 -0.06
C ASN F 523 -24.86 -26.77 -1.10
N THR F 524 -24.31 -26.99 -2.29
CA THR F 524 -24.32 -25.94 -3.32
C THR F 524 -25.67 -25.77 -4.03
N SER F 525 -25.85 -24.59 -4.61
CA SER F 525 -27.06 -24.23 -5.35
C SER F 525 -26.81 -24.46 -6.82
N ALA F 526 -27.85 -24.46 -7.64
CA ALA F 526 -27.63 -24.65 -9.06
C ALA F 526 -26.74 -23.52 -9.58
N THR F 527 -25.92 -23.82 -10.58
CA THR F 527 -25.28 -22.80 -11.35
C THR F 527 -26.35 -22.32 -12.30
N ALA F 528 -27.02 -21.24 -11.90
CA ALA F 528 -28.17 -20.69 -12.59
C ALA F 528 -28.29 -19.25 -12.12
N ALA F 529 -29.24 -18.50 -12.68
CA ALA F 529 -29.45 -17.11 -12.24
C ALA F 529 -28.24 -16.20 -12.52
N SER F 530 -27.31 -16.67 -13.37
CA SER F 530 -26.12 -15.92 -13.82
C SER F 530 -25.29 -15.52 -12.61
N SER F 531 -25.42 -16.29 -11.54
CA SER F 531 -24.89 -15.86 -10.26
C SER F 531 -23.61 -16.64 -9.95
N GLY F 532 -23.19 -17.43 -10.93
CA GLY F 532 -22.07 -18.36 -10.77
C GLY F 532 -20.75 -17.69 -10.48
N ALA F 533 -20.30 -16.85 -11.42
CA ALA F 533 -19.10 -16.04 -11.18
C ALA F 533 -19.30 -15.13 -9.98
N ASP F 534 -20.43 -14.43 -9.97
CA ASP F 534 -20.76 -13.48 -8.92
C ASP F 534 -20.43 -14.06 -7.56
N MET F 535 -21.00 -15.22 -7.26
CA MET F 535 -20.95 -15.75 -5.90
C MET F 535 -19.79 -16.72 -5.65
N ASN F 536 -19.39 -17.44 -6.69
CA ASN F 536 -18.27 -18.36 -6.54
C ASN F 536 -16.98 -17.58 -6.50
N GLY F 537 -16.86 -16.58 -7.38
CA GLY F 537 -15.73 -15.65 -7.37
C GLY F 537 -15.42 -15.09 -5.99
N MET F 538 -16.48 -14.59 -5.32
CA MET F 538 -16.41 -14.10 -3.93
C MET F 538 -15.92 -15.17 -2.95
N ALA F 539 -16.35 -16.40 -3.14
CA ALA F 539 -16.01 -17.47 -2.23
C ALA F 539 -14.60 -17.97 -2.52
N VAL F 540 -14.22 -17.92 -3.78
CA VAL F 540 -12.84 -18.18 -4.19
C VAL F 540 -11.89 -17.13 -3.58
N LYS F 541 -12.25 -15.86 -3.71
CA LYS F 541 -11.55 -14.75 -3.07
C LYS F 541 -11.45 -14.97 -1.56
N ASP F 542 -12.58 -15.30 -0.92
CA ASP F 542 -12.62 -15.58 0.51
C ASP F 542 -11.53 -16.59 0.95
N ALA F 543 -11.44 -17.70 0.24
CA ALA F 543 -10.49 -18.74 0.58
C ALA F 543 -9.07 -18.29 0.26
N CYS F 544 -8.87 -17.70 -0.92
CA CYS F 544 -7.56 -17.26 -1.40
C CYS F 544 -6.91 -16.19 -0.53
N GLU F 545 -7.74 -15.32 0.04
CA GLU F 545 -7.26 -14.31 0.96
C GLU F 545 -6.75 -14.98 2.23
N THR F 546 -7.50 -15.97 2.71
CA THR F 546 -7.16 -16.65 3.97
C THR F 546 -5.80 -17.27 3.84
N LEU F 547 -5.54 -17.79 2.65
CA LEU F 547 -4.24 -18.33 2.35
C LEU F 547 -3.19 -17.21 2.27
N ARG F 548 -3.45 -16.15 1.52
CA ARG F 548 -2.52 -15.03 1.51
C ARG F 548 -2.21 -14.56 2.96
N GLY F 549 -3.28 -14.48 3.76
CA GLY F 549 -3.21 -14.01 5.12
C GLY F 549 -2.30 -14.87 5.97
N ARG F 550 -2.39 -16.19 5.81
CA ARG F 550 -1.52 -17.06 6.58
C ARG F 550 -0.07 -16.94 6.10
N LEU F 551 0.13 -16.82 4.78
CA LEU F 551 1.48 -16.76 4.26
C LEU F 551 2.21 -15.50 4.71
N ALA F 552 1.47 -14.38 4.74
CA ALA F 552 1.95 -13.07 5.19
C ALA F 552 2.39 -13.13 6.64
N GLY F 553 1.46 -13.51 7.53
CA GLY F 553 1.72 -13.74 8.95
C GLY F 553 2.99 -14.53 9.17
N PHE F 554 3.13 -15.63 8.45
CA PHE F 554 4.37 -16.37 8.43
C PHE F 554 5.56 -15.44 8.11
N VAL F 555 5.56 -14.83 6.92
CA VAL F 555 6.67 -13.99 6.50
C VAL F 555 6.91 -12.82 7.44
N ALA F 556 5.87 -12.30 8.05
CA ALA F 556 6.02 -11.14 8.92
C ALA F 556 6.74 -11.56 10.22
N ALA F 557 6.14 -12.48 10.96
CA ALA F 557 6.76 -12.97 12.18
C ALA F 557 8.22 -13.31 11.90
N ARG F 558 8.47 -14.01 10.80
CA ARG F 558 9.79 -14.43 10.41
C ARG F 558 10.72 -13.24 10.16
N GLU F 559 10.34 -12.35 9.26
CA GLU F 559 11.15 -11.19 8.92
C GLU F 559 10.83 -10.04 9.84
N GLY F 560 10.37 -10.40 11.05
CA GLY F 560 9.94 -9.45 12.09
C GLY F 560 9.45 -8.13 11.53
N CYS F 561 8.19 -8.07 11.09
CA CYS F 561 7.55 -6.82 10.67
C CYS F 561 6.04 -7.04 10.53
N ALA F 562 5.31 -6.07 10.00
CA ALA F 562 3.85 -6.18 9.91
C ALA F 562 3.40 -7.01 8.71
N ALA F 563 2.23 -7.64 8.81
CA ALA F 563 1.75 -8.53 7.74
C ALA F 563 1.33 -7.78 6.47
N ARG F 564 0.69 -6.62 6.64
CA ARG F 564 0.24 -5.81 5.51
C ARG F 564 1.38 -5.28 4.64
N ASP F 565 2.62 -5.51 5.07
CA ASP F 565 3.80 -5.13 4.30
C ASP F 565 4.29 -6.25 3.40
N VAL F 566 3.63 -7.40 3.45
CA VAL F 566 4.03 -8.53 2.58
C VAL F 566 3.29 -8.42 1.26
N ILE F 567 4.04 -8.20 0.20
CA ILE F 567 3.41 -8.04 -1.10
C ILE F 567 3.55 -9.37 -1.84
N PHE F 568 2.44 -9.81 -2.41
CA PHE F 568 2.43 -10.94 -3.31
C PHE F 568 2.04 -10.35 -4.63
N ASP F 569 2.99 -10.25 -5.54
CA ASP F 569 2.69 -9.84 -6.91
C ASP F 569 3.55 -10.53 -7.93
N ALA F 570 2.93 -10.86 -9.06
CA ALA F 570 3.60 -11.43 -10.20
C ALA F 570 4.52 -12.59 -9.81
N GLY F 571 4.03 -13.41 -8.90
CA GLY F 571 4.76 -14.63 -8.56
C GLY F 571 5.99 -14.44 -7.69
N GLN F 572 6.13 -13.26 -7.10
CA GLN F 572 7.17 -13.05 -6.11
C GLN F 572 6.55 -12.51 -4.82
N VAL F 573 7.21 -12.75 -3.70
CA VAL F 573 6.71 -12.29 -2.40
C VAL F 573 7.74 -11.31 -1.83
N GLN F 574 7.27 -10.17 -1.36
CA GLN F 574 8.14 -9.09 -0.90
C GLN F 574 7.81 -8.53 0.47
N ALA F 575 8.87 -8.24 1.23
CA ALA F 575 8.81 -7.57 2.54
C ALA F 575 10.23 -7.26 3.07
N SER F 576 10.36 -6.26 3.96
CA SER F 576 11.65 -5.84 4.54
C SER F 576 12.75 -5.69 3.48
N GLY F 577 12.41 -5.08 2.35
CA GLY F 577 13.36 -4.94 1.23
C GLY F 577 13.90 -6.26 0.66
N LYS F 578 13.22 -7.36 0.92
CA LYS F 578 13.66 -8.70 0.49
C LYS F 578 12.67 -9.43 -0.43
N SER F 579 13.21 -10.22 -1.37
CA SER F 579 12.43 -10.85 -2.41
C SER F 579 12.64 -12.37 -2.43
N TRP F 580 11.58 -13.08 -2.82
CA TRP F 580 11.57 -14.53 -2.91
C TRP F 580 10.60 -14.93 -4.00
N ARG F 581 10.79 -16.11 -4.59
CA ARG F 581 9.74 -16.70 -5.41
C ARG F 581 8.63 -17.32 -4.53
N PHE F 582 7.38 -17.15 -4.97
CA PHE F 582 6.19 -17.64 -4.25
C PHE F 582 6.39 -19.05 -3.69
N ALA F 583 6.94 -19.94 -4.53
CA ALA F 583 7.24 -21.30 -4.12
C ALA F 583 8.12 -21.36 -2.87
N GLU F 584 9.20 -20.58 -2.82
CA GLU F 584 10.11 -20.65 -1.67
C GLU F 584 9.38 -20.31 -0.40
N ILE F 585 8.38 -19.44 -0.51
CA ILE F 585 7.65 -19.04 0.67
C ILE F 585 6.72 -20.15 1.11
N VAL F 586 6.06 -20.77 0.13
CA VAL F 586 5.14 -21.85 0.41
C VAL F 586 5.88 -23.00 1.08
N ALA F 587 7.08 -23.26 0.58
CA ALA F 587 7.96 -24.30 1.02
C ALA F 587 8.35 -24.01 2.44
N ALA F 588 8.88 -22.82 2.69
CA ALA F 588 9.22 -22.40 4.03
C ALA F 588 8.00 -22.50 4.99
N ALA F 589 6.84 -22.03 4.52
CA ALA F 589 5.59 -22.11 5.29
C ALA F 589 5.23 -23.56 5.63
N TYR F 590 5.38 -24.45 4.62
CA TYR F 590 5.19 -25.87 4.84
C TYR F 590 6.06 -26.35 6.01
N MET F 591 7.37 -26.15 5.89
CA MET F 591 8.34 -26.36 6.98
C MET F 591 7.89 -25.79 8.31
N ALA F 592 7.32 -24.59 8.31
CA ALA F 592 6.93 -23.95 9.55
C ALA F 592 5.62 -24.50 10.14
N ARG F 593 5.04 -25.50 9.45
CA ARG F 593 3.76 -26.15 9.82
C ARG F 593 2.56 -25.20 9.79
N ILE F 594 2.33 -24.60 8.63
CA ILE F 594 1.16 -23.72 8.44
C ILE F 594 0.21 -24.29 7.41
N SER F 595 -1.05 -24.45 7.81
CA SER F 595 -2.07 -25.00 6.93
C SER F 595 -2.09 -24.28 5.58
N LEU F 596 -1.99 -25.02 4.49
CA LEU F 596 -2.15 -24.46 3.16
C LEU F 596 -3.43 -25.03 2.53
N SER F 597 -4.46 -25.14 3.36
CA SER F 597 -5.77 -25.60 2.95
C SER F 597 -6.83 -24.63 3.53
N ALA F 598 -7.63 -24.04 2.65
CA ALA F 598 -8.71 -23.14 3.06
C ALA F 598 -9.99 -23.32 2.26
N THR F 599 -11.10 -23.38 3.00
CA THR F 599 -12.43 -23.33 2.45
C THR F 599 -12.80 -21.85 2.40
N GLY F 600 -13.59 -21.43 1.41
CA GLY F 600 -14.16 -20.09 1.42
C GLY F 600 -15.65 -20.08 1.10
N PHE F 601 -16.37 -19.12 1.66
CA PHE F 601 -17.81 -19.12 1.52
C PHE F 601 -18.33 -17.70 1.27
N TYR F 602 -19.45 -17.57 0.57
CA TYR F 602 -20.12 -16.28 0.35
C TYR F 602 -21.66 -16.36 0.36
N ALA F 603 -22.29 -15.36 0.96
CA ALA F 603 -23.74 -15.14 0.85
C ALA F 603 -24.05 -13.72 0.36
N THR F 604 -24.89 -13.60 -0.67
CA THR F 604 -25.28 -12.27 -1.19
C THR F 604 -26.13 -11.50 -0.17
N PRO F 605 -25.71 -10.25 0.22
CA PRO F 605 -26.41 -9.40 1.22
C PRO F 605 -27.46 -8.46 0.57
N LYS F 606 -28.23 -7.75 1.42
CA LYS F 606 -29.20 -6.73 0.99
C LYS F 606 -30.46 -7.26 0.31
N LEU F 607 -30.54 -8.58 0.15
CA LEU F 607 -31.70 -9.22 -0.51
C LEU F 607 -32.72 -9.58 0.52
N SER F 608 -33.99 -9.48 0.15
CA SER F 608 -35.10 -9.95 0.96
C SER F 608 -36.36 -9.34 0.40
N TRP F 609 -37.42 -10.15 0.30
CA TRP F 609 -38.62 -9.70 -0.37
C TRP F 609 -39.79 -10.67 -0.21
N ASP F 610 -41.01 -10.13 -0.21
CA ASP F 610 -42.22 -10.92 -0.03
C ASP F 610 -42.77 -11.31 -1.40
N ARG F 611 -42.82 -12.60 -1.64
CA ARG F 611 -43.26 -13.12 -2.92
C ARG F 611 -44.78 -12.96 -3.11
N LEU F 612 -45.54 -13.16 -2.03
CA LEU F 612 -47.00 -13.11 -2.14
C LEU F 612 -47.50 -11.71 -2.34
N ARG F 613 -46.86 -10.74 -1.69
CA ARG F 613 -47.31 -9.38 -1.81
C ARG F 613 -46.70 -8.70 -3.02
N GLY F 614 -45.63 -9.30 -3.55
CA GLY F 614 -44.91 -8.71 -4.68
C GLY F 614 -44.17 -7.49 -4.24
N GLN F 615 -43.43 -7.63 -3.15
CA GLN F 615 -42.75 -6.51 -2.46
C GLN F 615 -41.35 -6.89 -1.94
N GLY F 616 -40.37 -6.01 -2.14
CA GLY F 616 -39.07 -6.10 -1.46
C GLY F 616 -37.85 -5.84 -2.32
N ARG F 617 -36.72 -6.42 -1.92
CA ARG F 617 -35.50 -6.44 -2.74
C ARG F 617 -35.11 -7.86 -3.13
N PRO F 618 -35.65 -8.35 -4.24
CA PRO F 618 -35.16 -9.63 -4.66
C PRO F 618 -33.78 -9.54 -5.35
N PHE F 619 -33.29 -8.36 -5.72
CA PHE F 619 -32.04 -8.32 -6.50
C PHE F 619 -30.89 -7.48 -5.94
N LEU F 620 -29.67 -7.99 -6.02
CA LEU F 620 -28.51 -7.18 -5.68
C LEU F 620 -28.38 -5.98 -6.62
N TYR F 621 -28.56 -6.22 -7.92
CA TYR F 621 -28.41 -5.15 -8.91
C TYR F 621 -29.08 -5.53 -10.23
N PHE F 622 -29.00 -4.63 -11.20
CA PHE F 622 -29.54 -4.88 -12.51
C PHE F 622 -28.39 -4.75 -13.48
N ALA F 623 -28.44 -5.55 -14.54
CA ALA F 623 -27.55 -5.41 -15.68
C ALA F 623 -28.35 -4.85 -16.83
N TYR F 624 -27.68 -4.04 -17.65
CA TYR F 624 -28.33 -3.28 -18.71
C TYR F 624 -27.61 -3.48 -20.00
N GLY F 625 -28.23 -3.03 -21.09
CA GLY F 625 -27.70 -3.19 -22.45
C GLY F 625 -28.76 -2.84 -23.48
N ALA F 626 -28.35 -2.75 -24.74
CA ALA F 626 -29.29 -2.48 -25.82
C ALA F 626 -28.76 -3.05 -27.13
N ALA F 627 -29.65 -3.22 -28.11
CA ALA F 627 -29.27 -3.77 -29.42
C ALA F 627 -30.11 -3.19 -30.56
N ILE F 628 -29.44 -2.70 -31.58
CA ILE F 628 -30.14 -2.30 -32.77
C ILE F 628 -29.91 -3.43 -33.74
N THR F 629 -31.01 -3.95 -34.24
CA THR F 629 -31.01 -5.01 -35.22
C THR F 629 -31.69 -4.49 -36.46
N GLU F 630 -31.16 -4.95 -37.59
CA GLU F 630 -31.64 -4.60 -38.91
C GLU F 630 -31.89 -5.86 -39.74
N VAL F 631 -33.09 -5.94 -40.31
CA VAL F 631 -33.56 -7.13 -41.02
C VAL F 631 -34.15 -6.79 -42.40
N VAL F 632 -34.08 -7.75 -43.33
CA VAL F 632 -34.86 -7.72 -44.57
C VAL F 632 -35.91 -8.79 -44.51
N ILE F 633 -37.10 -8.50 -45.02
CA ILE F 633 -38.10 -9.53 -45.28
C ILE F 633 -38.57 -9.58 -46.73
N ASP F 634 -39.31 -10.64 -47.03
CA ASP F 634 -39.79 -10.91 -48.36
C ASP F 634 -41.28 -10.80 -48.31
N ARG F 635 -41.81 -9.81 -49.00
CA ARG F 635 -43.23 -9.54 -49.00
C ARG F 635 -44.08 -10.65 -49.59
N LEU F 636 -43.44 -11.59 -50.29
CA LEU F 636 -44.17 -12.71 -50.89
C LEU F 636 -44.19 -13.98 -50.04
N THR F 637 -43.02 -14.52 -49.70
CA THR F 637 -42.95 -15.75 -48.90
C THR F 637 -42.90 -15.53 -47.39
N GLY F 638 -42.18 -14.50 -46.95
CA GLY F 638 -42.05 -14.24 -45.52
C GLY F 638 -40.66 -14.54 -45.01
N GLU F 639 -39.83 -15.14 -45.87
CA GLU F 639 -38.42 -15.40 -45.57
C GLU F 639 -37.76 -14.09 -45.16
N ASN F 640 -36.58 -14.17 -44.54
CA ASN F 640 -36.00 -13.03 -43.86
C ASN F 640 -34.60 -13.27 -43.36
N ARG F 641 -33.89 -12.20 -43.02
CA ARG F 641 -32.46 -12.27 -42.72
C ARG F 641 -32.06 -11.07 -41.88
N ILE F 642 -31.30 -11.31 -40.82
CA ILE F 642 -30.83 -10.25 -39.93
C ILE F 642 -29.52 -9.73 -40.50
N LEU F 643 -29.58 -8.60 -41.20
CA LEU F 643 -28.42 -8.04 -41.89
C LEU F 643 -27.36 -7.47 -40.94
N ARG F 644 -27.80 -6.77 -39.90
CA ARG F 644 -26.86 -6.10 -39.00
C ARG F 644 -27.32 -5.96 -37.56
N THR F 645 -26.46 -6.30 -36.61
CA THR F 645 -26.75 -6.11 -35.19
C THR F 645 -25.62 -5.34 -34.53
N ASP F 646 -25.99 -4.28 -33.81
CA ASP F 646 -25.05 -3.47 -33.04
C ASP F 646 -25.44 -3.53 -31.58
N ILE F 647 -24.55 -4.08 -30.75
CA ILE F 647 -24.79 -4.19 -29.30
C ILE F 647 -23.76 -3.45 -28.43
N LEU F 648 -24.27 -2.75 -27.43
CA LEU F 648 -23.47 -2.24 -26.36
C LEU F 648 -24.07 -2.82 -25.07
N HIS F 649 -23.28 -3.65 -24.37
CA HIS F 649 -23.80 -4.33 -23.17
C HIS F 649 -22.96 -4.03 -21.95
N ASP F 650 -23.62 -4.02 -20.79
CA ASP F 650 -23.02 -3.68 -19.51
C ASP F 650 -22.66 -4.94 -18.68
N ALA F 651 -21.36 -5.24 -18.63
CA ALA F 651 -20.82 -6.34 -17.83
C ALA F 651 -20.12 -5.89 -16.53
N GLY F 652 -20.53 -4.73 -15.99
CA GLY F 652 -19.78 -4.05 -14.93
C GLY F 652 -18.34 -3.79 -15.37
N ALA F 653 -17.40 -3.87 -14.41
CA ALA F 653 -15.98 -4.01 -14.73
C ALA F 653 -15.73 -5.51 -14.92
N SER F 654 -15.52 -5.90 -16.16
CA SER F 654 -15.65 -7.29 -16.56
C SER F 654 -14.47 -8.15 -16.11
N LEU F 655 -14.73 -9.25 -15.39
CA LEU F 655 -13.69 -10.23 -14.98
C LEU F 655 -12.85 -10.78 -16.15
N ASN F 656 -13.49 -10.91 -17.33
CA ASN F 656 -12.80 -11.35 -18.54
C ASN F 656 -13.60 -10.90 -19.75
N PRO F 657 -13.11 -9.84 -20.43
CA PRO F 657 -13.86 -9.12 -21.48
C PRO F 657 -14.13 -10.00 -22.68
N ALA F 658 -13.23 -10.94 -22.93
CA ALA F 658 -13.35 -11.80 -24.10
C ALA F 658 -14.47 -12.80 -23.86
N LEU F 659 -14.47 -13.41 -22.69
CA LEU F 659 -15.44 -14.44 -22.37
C LEU F 659 -16.84 -13.81 -22.25
N ASP F 660 -16.87 -12.54 -21.88
CA ASP F 660 -18.12 -11.81 -21.72
C ASP F 660 -18.76 -11.41 -23.05
N ILE F 661 -17.94 -10.92 -23.98
CA ILE F 661 -18.35 -10.69 -25.37
C ILE F 661 -18.88 -11.98 -25.99
N GLY F 662 -18.14 -13.07 -25.82
CA GLY F 662 -18.64 -14.39 -26.19
C GLY F 662 -20.04 -14.70 -25.64
N GLN F 663 -20.25 -14.47 -24.35
CA GLN F 663 -21.55 -14.74 -23.76
C GLN F 663 -22.63 -13.92 -24.46
N ILE F 664 -22.28 -12.68 -24.82
CA ILE F 664 -23.20 -11.74 -25.46
C ILE F 664 -23.54 -12.18 -26.90
N GLU F 665 -22.50 -12.33 -27.73
CA GLU F 665 -22.70 -12.69 -29.13
C GLU F 665 -23.65 -13.89 -29.15
N GLY F 666 -23.36 -14.86 -28.28
CA GLY F 666 -24.08 -16.13 -28.24
C GLY F 666 -25.52 -16.00 -27.76
N ALA F 667 -25.71 -15.28 -26.66
CA ALA F 667 -27.06 -15.11 -26.14
C ALA F 667 -27.91 -14.40 -27.19
N TYR F 668 -27.33 -13.35 -27.80
CA TYR F 668 -28.09 -12.62 -28.78
C TYR F 668 -28.64 -13.56 -29.84
N VAL F 669 -27.77 -14.43 -30.34
CA VAL F 669 -28.14 -15.41 -31.33
C VAL F 669 -29.16 -16.42 -30.81
N GLN F 670 -28.97 -16.87 -29.58
CA GLN F 670 -29.94 -17.75 -28.94
C GLN F 670 -31.30 -17.03 -28.78
N GLY F 671 -31.26 -15.74 -28.47
CA GLY F 671 -32.49 -14.98 -28.29
C GLY F 671 -33.26 -14.70 -29.58
N ALA F 672 -32.54 -14.41 -30.66
CA ALA F 672 -33.16 -14.12 -31.93
C ALA F 672 -33.76 -15.40 -32.47
N GLY F 673 -32.99 -16.49 -32.32
CA GLY F 673 -33.45 -17.83 -32.69
C GLY F 673 -34.81 -18.07 -32.07
N TRP F 674 -34.91 -17.77 -30.78
CA TRP F 674 -36.12 -17.99 -30.01
C TRP F 674 -37.33 -17.35 -30.64
N LEU F 675 -37.14 -16.16 -31.20
CA LEU F 675 -38.27 -15.38 -31.69
C LEU F 675 -38.34 -15.39 -33.20
N THR F 676 -37.58 -16.28 -33.84
CA THR F 676 -37.66 -16.36 -35.30
C THR F 676 -37.92 -17.78 -35.78
N THR F 677 -36.88 -18.61 -35.90
CA THR F 677 -37.05 -19.93 -36.56
C THR F 677 -37.47 -21.06 -35.64
N GLU F 678 -37.13 -20.96 -34.36
CA GLU F 678 -37.42 -22.01 -33.41
C GLU F 678 -38.92 -22.08 -33.08
N GLU F 679 -39.56 -23.19 -33.47
CA GLU F 679 -40.99 -23.37 -33.24
C GLU F 679 -41.31 -24.77 -32.75
N LEU F 680 -42.00 -24.86 -31.61
CA LEU F 680 -42.45 -26.16 -31.13
C LEU F 680 -43.85 -26.48 -31.64
N VAL F 681 -44.07 -27.72 -32.06
CA VAL F 681 -45.42 -28.11 -32.48
C VAL F 681 -45.93 -29.38 -31.76
N TRP F 682 -47.15 -29.31 -31.25
CA TRP F 682 -47.87 -30.49 -30.80
C TRP F 682 -49.04 -30.77 -31.73
N ASP F 683 -49.36 -32.05 -31.94
CA ASP F 683 -50.54 -32.42 -32.73
C ASP F 683 -51.74 -32.60 -31.82
N HIS F 684 -52.88 -32.92 -32.42
CA HIS F 684 -54.16 -33.09 -31.74
C HIS F 684 -54.14 -34.03 -30.52
N CYS F 685 -53.18 -34.96 -30.51
CA CYS F 685 -52.96 -35.87 -29.39
C CYS F 685 -52.03 -35.37 -28.28
N GLY F 686 -51.34 -34.26 -28.53
CA GLY F 686 -50.31 -33.81 -27.60
C GLY F 686 -48.98 -34.50 -27.85
N ARG F 687 -48.82 -35.07 -29.04
CA ARG F 687 -47.53 -35.60 -29.46
C ARG F 687 -46.68 -34.48 -30.02
N LEU F 688 -45.44 -34.40 -29.59
CA LEU F 688 -44.54 -33.36 -30.04
C LEU F 688 -44.07 -33.67 -31.45
N MET F 689 -44.51 -32.88 -32.41
CA MET F 689 -44.16 -33.11 -33.81
C MET F 689 -42.75 -32.64 -34.13
N THR F 690 -42.19 -31.79 -33.27
CA THR F 690 -40.86 -31.25 -33.46
C THR F 690 -39.96 -31.80 -32.39
N HIS F 691 -39.43 -33.01 -32.61
CA HIS F 691 -38.55 -33.66 -31.62
C HIS F 691 -37.16 -34.06 -32.14
N ALA F 692 -36.67 -33.37 -33.17
CA ALA F 692 -35.31 -33.56 -33.69
C ALA F 692 -34.84 -32.33 -34.49
N PRO F 693 -33.51 -32.15 -34.65
CA PRO F 693 -32.93 -31.03 -35.41
C PRO F 693 -33.48 -30.95 -36.83
N SER F 694 -33.98 -32.06 -37.33
CA SER F 694 -34.62 -32.06 -38.62
C SER F 694 -35.94 -31.29 -38.66
N THR F 695 -36.64 -31.17 -37.52
CA THR F 695 -37.89 -30.38 -37.49
C THR F 695 -37.88 -29.13 -36.61
N TYR F 696 -36.99 -29.11 -35.62
CA TYR F 696 -36.82 -27.94 -34.77
C TYR F 696 -35.56 -27.23 -35.22
N LYS F 697 -35.70 -25.96 -35.60
CA LYS F 697 -34.62 -25.19 -36.27
C LYS F 697 -33.88 -24.13 -35.43
N ILE F 698 -32.82 -24.54 -34.75
CA ILE F 698 -31.97 -23.52 -34.12
C ILE F 698 -31.20 -22.68 -35.17
N PRO F 699 -30.70 -21.48 -34.78
CA PRO F 699 -29.86 -20.71 -35.71
C PRO F 699 -28.69 -21.52 -36.29
N ALA F 700 -28.51 -21.46 -37.60
CA ALA F 700 -27.42 -22.14 -38.29
C ALA F 700 -26.37 -21.08 -38.62
N PHE F 701 -25.15 -21.51 -38.94
CA PHE F 701 -24.01 -20.59 -39.19
C PHE F 701 -24.35 -19.30 -39.95
N SER F 702 -25.07 -19.41 -41.06
CA SER F 702 -25.32 -18.19 -41.82
C SER F 702 -26.31 -17.22 -41.16
N ASP F 703 -27.14 -17.73 -40.26
CA ASP F 703 -28.11 -16.90 -39.54
C ASP F 703 -27.49 -15.87 -38.61
N ARG F 704 -26.19 -15.94 -38.38
CA ARG F 704 -25.50 -14.87 -37.60
C ARG F 704 -25.59 -13.54 -38.34
N PRO F 705 -25.91 -12.44 -37.61
CA PRO F 705 -25.97 -11.09 -38.17
C PRO F 705 -24.82 -10.87 -39.16
N ARG F 706 -25.13 -10.35 -40.33
CA ARG F 706 -24.12 -10.28 -41.38
C ARG F 706 -23.04 -9.29 -40.96
N ILE F 707 -23.44 -8.25 -40.24
CA ILE F 707 -22.53 -7.35 -39.58
C ILE F 707 -22.89 -7.41 -38.09
N PHE F 708 -21.90 -7.86 -37.29
CA PHE F 708 -22.14 -8.17 -35.89
C PHE F 708 -21.26 -7.39 -34.90
N ASN F 709 -21.78 -6.27 -34.38
CA ASN F 709 -20.99 -5.35 -33.52
C ASN F 709 -21.32 -5.36 -32.05
N VAL F 710 -20.45 -5.99 -31.26
CA VAL F 710 -20.66 -6.05 -29.83
C VAL F 710 -19.57 -5.30 -29.10
N ALA F 711 -20.02 -4.39 -28.26
CA ALA F 711 -19.13 -3.62 -27.41
C ALA F 711 -19.67 -3.63 -25.98
N LEU F 712 -18.79 -3.32 -25.04
CA LEU F 712 -19.05 -3.44 -23.61
C LEU F 712 -19.09 -2.06 -22.94
N TRP F 713 -19.94 -1.93 -21.93
CA TRP F 713 -20.08 -0.71 -21.18
C TRP F 713 -19.17 -0.83 -19.96
N ASP F 714 -17.93 -0.37 -20.10
CA ASP F 714 -16.95 -0.58 -19.05
C ASP F 714 -17.15 0.41 -17.92
N GLN F 715 -17.77 -0.04 -16.84
CA GLN F 715 -18.08 0.83 -15.71
C GLN F 715 -18.36 0.04 -14.43
N PRO F 716 -17.54 0.24 -13.38
CA PRO F 716 -17.65 -0.63 -12.19
C PRO F 716 -19.07 -0.66 -11.65
N ASN F 717 -19.47 -1.79 -11.07
CA ASN F 717 -20.77 -1.95 -10.41
C ASN F 717 -20.73 -1.11 -9.17
N ARG F 718 -21.85 -0.45 -8.87
CA ARG F 718 -22.05 0.28 -7.61
C ARG F 718 -22.03 -0.67 -6.42
N GLU F 719 -22.45 -1.91 -6.66
CA GLU F 719 -22.45 -2.95 -5.62
C GLU F 719 -21.10 -3.63 -5.55
N GLU F 720 -20.84 -4.27 -4.41
CA GLU F 720 -19.50 -4.81 -4.14
C GLU F 720 -19.40 -6.26 -4.57
N THR F 721 -19.63 -6.42 -5.87
CA THR F 721 -19.54 -7.69 -6.53
C THR F 721 -18.08 -7.95 -6.77
N ILE F 722 -17.71 -9.23 -6.87
CA ILE F 722 -16.34 -9.60 -7.08
C ILE F 722 -15.78 -8.73 -8.20
N PHE F 723 -14.69 -8.04 -7.87
CA PHE F 723 -14.04 -7.04 -8.74
C PHE F 723 -14.97 -6.13 -9.54
N ARG F 724 -16.13 -5.82 -8.93
CA ARG F 724 -17.13 -4.93 -9.52
C ARG F 724 -17.50 -5.37 -10.94
N SER F 725 -17.52 -6.68 -11.17
CA SER F 725 -18.05 -7.20 -12.40
C SER F 725 -19.55 -7.31 -12.23
N LYS F 726 -20.22 -7.50 -13.35
CA LYS F 726 -21.63 -7.79 -13.34
C LYS F 726 -21.80 -9.14 -14.00
N ALA F 727 -22.80 -9.88 -13.55
CA ALA F 727 -23.25 -11.10 -14.22
C ALA F 727 -23.70 -10.86 -15.67
N VAL F 728 -23.19 -11.70 -16.57
CA VAL F 728 -23.31 -11.58 -18.03
C VAL F 728 -24.01 -12.77 -18.72
N GLY F 729 -24.32 -13.83 -17.95
CA GLY F 729 -24.91 -15.05 -18.51
C GLY F 729 -26.29 -14.88 -19.17
N GLU F 730 -27.24 -14.39 -18.40
CA GLU F 730 -28.62 -14.30 -18.91
C GLU F 730 -29.01 -13.00 -19.61
N PRO F 731 -28.70 -11.84 -18.98
CA PRO F 731 -29.28 -10.61 -19.49
C PRO F 731 -29.17 -10.44 -21.03
N PRO F 732 -27.98 -10.69 -21.63
CA PRO F 732 -27.94 -10.41 -23.07
C PRO F 732 -28.77 -11.39 -23.95
N PHE F 733 -29.50 -12.31 -23.36
CA PHE F 733 -30.43 -13.10 -24.15
C PHE F 733 -31.58 -12.18 -24.61
N LEU F 734 -31.93 -11.21 -23.77
CA LEU F 734 -33.05 -10.31 -24.08
C LEU F 734 -32.75 -9.36 -25.23
N LEU F 735 -31.46 -9.25 -25.57
CA LEU F 735 -31.06 -8.38 -26.65
C LEU F 735 -31.72 -8.78 -27.96
N GLY F 736 -32.14 -10.04 -28.03
CA GLY F 736 -32.72 -10.63 -29.22
C GLY F 736 -34.11 -10.10 -29.47
N ILE F 737 -34.64 -9.32 -28.54
CA ILE F 737 -35.97 -8.80 -28.73
C ILE F 737 -36.00 -7.79 -29.87
N SER F 738 -34.89 -7.09 -30.04
CA SER F 738 -34.72 -6.17 -31.16
C SER F 738 -34.89 -6.88 -32.52
N ALA F 739 -34.48 -8.13 -32.62
CA ALA F 739 -34.59 -8.83 -33.91
C ALA F 739 -36.07 -9.00 -34.27
N PHE F 740 -36.86 -9.36 -33.27
CA PHE F 740 -38.31 -9.53 -33.40
C PHE F 740 -38.97 -8.22 -33.75
N LEU F 741 -38.60 -7.15 -33.03
CA LEU F 741 -39.13 -5.80 -33.21
C LEU F 741 -38.82 -5.16 -34.58
N ALA F 742 -37.56 -5.24 -35.03
CA ALA F 742 -37.17 -4.78 -36.35
C ALA F 742 -37.97 -5.54 -37.39
N LEU F 743 -38.09 -6.86 -37.18
CA LEU F 743 -38.83 -7.74 -38.08
C LEU F 743 -40.27 -7.24 -38.16
N HIS F 744 -40.79 -6.77 -37.04
CA HIS F 744 -42.11 -6.22 -37.02
C HIS F 744 -42.16 -4.85 -37.72
N ASP F 745 -41.06 -4.10 -37.58
CA ASP F 745 -40.92 -2.78 -38.24
C ASP F 745 -40.90 -2.94 -39.75
N ALA F 746 -40.12 -3.91 -40.24
CA ALA F 746 -40.15 -4.30 -41.64
C ALA F 746 -41.58 -4.63 -42.06
N CYS F 747 -42.36 -5.21 -41.15
CA CYS F 747 -43.77 -5.49 -41.46
C CYS F 747 -44.59 -4.22 -41.56
N ALA F 748 -44.49 -3.36 -40.57
CA ALA F 748 -45.31 -2.15 -40.52
C ALA F 748 -45.04 -1.25 -41.73
N ALA F 749 -43.92 -1.49 -42.41
CA ALA F 749 -43.55 -0.72 -43.57
C ALA F 749 -44.44 -1.04 -44.78
N CYS F 750 -45.13 -2.18 -44.73
CA CYS F 750 -45.85 -2.67 -45.91
C CYS F 750 -47.25 -2.14 -46.12
N GLY F 751 -47.87 -1.64 -45.07
CA GLY F 751 -49.22 -1.12 -45.16
C GLY F 751 -49.51 -0.28 -43.94
N PRO F 752 -50.67 0.40 -43.91
CA PRO F 752 -51.00 1.33 -42.84
C PRO F 752 -51.58 0.63 -41.63
N HIS F 753 -51.69 -0.69 -41.68
CA HIS F 753 -52.34 -1.44 -40.59
C HIS F 753 -51.37 -2.11 -39.63
N TRP F 754 -51.87 -2.34 -38.41
CA TRP F 754 -51.11 -3.00 -37.35
C TRP F 754 -50.84 -4.45 -37.76
N PRO F 755 -49.55 -4.81 -37.92
CA PRO F 755 -49.22 -6.10 -38.52
C PRO F 755 -49.55 -7.27 -37.62
N ASP F 756 -49.64 -6.99 -36.33
CA ASP F 756 -49.80 -7.99 -35.26
C ASP F 756 -48.96 -9.26 -35.42
N LEU F 757 -47.65 -9.09 -35.58
CA LEU F 757 -46.71 -10.21 -35.62
C LEU F 757 -46.70 -11.01 -34.29
N GLN F 758 -46.63 -12.33 -34.41
CA GLN F 758 -46.61 -13.22 -33.25
C GLN F 758 -45.20 -13.81 -33.05
N ALA F 759 -45.02 -14.51 -31.94
CA ALA F 759 -43.78 -15.21 -31.67
C ALA F 759 -43.98 -16.73 -31.75
N PRO F 760 -43.04 -17.45 -32.39
CA PRO F 760 -41.91 -16.95 -33.12
C PRO F 760 -42.32 -16.45 -34.50
N ALA F 761 -41.66 -15.37 -34.92
CA ALA F 761 -41.81 -14.81 -36.24
C ALA F 761 -41.05 -15.68 -37.24
N THR F 762 -41.67 -16.81 -37.63
CA THR F 762 -41.14 -17.70 -38.66
C THR F 762 -41.52 -17.13 -40.01
N PRO F 763 -40.91 -17.63 -41.11
CA PRO F 763 -41.30 -17.07 -42.40
C PRO F 763 -42.83 -17.01 -42.57
N GLU F 764 -43.54 -18.04 -42.13
CA GLU F 764 -45.00 -17.98 -42.14
C GLU F 764 -45.55 -16.85 -41.26
N ALA F 765 -45.10 -16.75 -40.01
CA ALA F 765 -45.59 -15.71 -39.11
C ALA F 765 -45.39 -14.31 -39.72
N VAL F 766 -44.25 -14.11 -40.37
CA VAL F 766 -43.93 -12.84 -41.04
C VAL F 766 -44.93 -12.52 -42.17
N LEU F 767 -45.19 -13.48 -43.06
CA LEU F 767 -46.21 -13.28 -44.10
C LEU F 767 -47.61 -13.03 -43.52
N ALA F 768 -47.94 -13.70 -42.42
CA ALA F 768 -49.22 -13.44 -41.78
C ALA F 768 -49.27 -11.96 -41.44
N ALA F 769 -48.21 -11.48 -40.79
CA ALA F 769 -48.11 -10.06 -40.40
C ALA F 769 -47.98 -9.06 -41.56
N VAL F 770 -47.26 -9.41 -42.61
CA VAL F 770 -47.20 -8.55 -43.82
C VAL F 770 -48.62 -8.33 -44.36
N ARG F 771 -49.32 -9.42 -44.61
CA ARG F 771 -50.64 -9.36 -45.21
C ARG F 771 -51.66 -8.65 -44.35
N ARG F 772 -51.49 -8.73 -43.03
CA ARG F 772 -52.33 -7.98 -42.10
C ARG F 772 -52.09 -6.48 -42.18
N ALA F 773 -50.83 -6.09 -42.35
CA ALA F 773 -50.43 -4.67 -42.52
C ALA F 773 -50.93 -4.15 -43.84
N GLU F 774 -50.59 -4.89 -44.89
CA GLU F 774 -51.10 -4.65 -46.22
C GLU F 774 -52.63 -4.72 -46.32
N GLY F 775 -53.29 -5.16 -45.26
CA GLY F 775 -54.75 -5.19 -45.22
C GLY F 775 -55.44 -6.20 -46.12
N ARG F 776 -54.75 -7.30 -46.44
CA ARG F 776 -55.36 -8.42 -47.14
C ARG F 776 -55.68 -9.53 -46.15
N ALA F 777 -56.96 -9.89 -46.03
CA ALA F 777 -57.44 -10.92 -45.07
C ALA F 777 -56.62 -11.04 -43.77
N MET G 1 -13.71 -78.42 -24.52
CA MET G 1 -14.12 -79.20 -23.31
C MET G 1 -15.03 -78.40 -22.39
N GLU G 2 -16.22 -78.93 -22.08
CA GLU G 2 -17.13 -78.23 -21.16
C GLU G 2 -17.28 -78.91 -19.78
N ILE G 3 -16.91 -78.20 -18.72
CA ILE G 3 -17.25 -78.63 -17.35
C ILE G 3 -18.40 -77.81 -16.81
N ALA G 4 -18.95 -78.27 -15.68
CA ALA G 4 -20.06 -77.63 -14.98
C ALA G 4 -19.85 -77.83 -13.49
N PHE G 5 -20.36 -76.90 -12.68
CA PHE G 5 -20.21 -76.93 -11.22
C PHE G 5 -21.11 -75.90 -10.58
N LEU G 6 -21.41 -76.11 -9.30
CA LEU G 6 -22.20 -75.14 -8.54
C LEU G 6 -21.29 -74.03 -7.98
N LEU G 7 -21.53 -72.79 -8.38
CA LEU G 7 -20.80 -71.65 -7.82
C LEU G 7 -21.71 -70.84 -6.94
N ASN G 8 -21.32 -70.65 -5.67
CA ASN G 8 -22.20 -70.07 -4.65
C ASN G 8 -23.65 -70.32 -5.02
N GLY G 9 -24.07 -71.58 -4.92
CA GLY G 9 -25.46 -71.98 -5.16
C GLY G 9 -26.04 -71.69 -6.53
N GLU G 10 -25.20 -71.54 -7.54
CA GLU G 10 -25.69 -71.41 -8.92
C GLU G 10 -24.88 -72.29 -9.87
N THR G 11 -25.57 -72.90 -10.82
CA THR G 11 -24.94 -73.86 -11.73
C THR G 11 -24.31 -73.17 -12.94
N ARG G 12 -23.01 -73.41 -13.12
CA ARG G 12 -22.22 -72.68 -14.10
C ARG G 12 -21.47 -73.62 -15.04
N ARG G 13 -21.75 -73.54 -16.34
CA ARG G 13 -21.10 -74.40 -17.34
C ARG G 13 -19.95 -73.69 -18.06
N VAL G 14 -18.73 -73.95 -17.61
CA VAL G 14 -17.52 -73.32 -18.17
C VAL G 14 -16.95 -74.10 -19.36
N ARG G 15 -16.50 -73.39 -20.38
CA ARG G 15 -16.05 -74.04 -21.60
C ARG G 15 -14.53 -74.06 -21.68
N ILE G 16 -13.92 -75.05 -20.99
CA ILE G 16 -12.47 -75.11 -20.77
C ILE G 16 -11.58 -75.10 -22.04
N GLU G 17 -10.56 -74.26 -22.03
CA GLU G 17 -9.58 -74.21 -23.14
C GLU G 17 -8.13 -74.19 -22.66
N ASP G 18 -7.83 -73.35 -21.66
CA ASP G 18 -6.60 -73.49 -20.89
C ASP G 18 -6.96 -74.10 -19.54
N PRO G 19 -6.74 -75.42 -19.40
CA PRO G 19 -7.18 -76.17 -18.23
C PRO G 19 -6.11 -76.16 -17.14
N THR G 20 -5.05 -75.41 -17.39
CA THR G 20 -4.07 -75.19 -16.37
C THR G 20 -4.34 -73.89 -15.58
N GLN G 21 -5.28 -73.05 -16.07
CA GLN G 21 -5.73 -71.85 -15.35
C GLN G 21 -6.18 -72.19 -13.94
N SER G 22 -5.58 -71.57 -12.93
CA SER G 22 -6.00 -71.78 -11.56
C SER G 22 -7.46 -71.34 -11.39
N LEU G 23 -8.10 -71.88 -10.35
CA LEU G 23 -9.39 -71.39 -9.87
C LEU G 23 -9.30 -69.90 -9.42
N LEU G 24 -8.24 -69.57 -8.68
CA LEU G 24 -7.94 -68.18 -8.34
C LEU G 24 -8.06 -67.20 -9.52
N GLU G 25 -7.37 -67.49 -10.63
CA GLU G 25 -7.40 -66.60 -11.81
C GLU G 25 -8.82 -66.46 -12.30
N TRP G 26 -9.47 -67.61 -12.54
CA TRP G 26 -10.79 -67.65 -13.15
C TRP G 26 -11.78 -66.85 -12.33
N LEU G 27 -11.74 -67.01 -11.00
CA LEU G 27 -12.67 -66.31 -10.11
C LEU G 27 -12.57 -64.78 -10.14
N ARG G 28 -11.33 -64.29 -9.98
CA ARG G 28 -11.03 -62.88 -10.11
C ARG G 28 -11.33 -62.39 -11.52
N ALA G 29 -10.86 -63.11 -12.54
CA ALA G 29 -11.21 -62.80 -13.94
C ALA G 29 -12.73 -62.61 -14.12
N GLU G 30 -13.50 -63.36 -13.32
CA GLU G 30 -14.96 -63.28 -13.28
C GLU G 30 -15.47 -62.02 -12.60
N GLY G 31 -14.65 -61.39 -11.79
CA GLY G 31 -15.13 -60.26 -11.01
C GLY G 31 -15.49 -60.68 -9.60
N LEU G 32 -15.32 -61.95 -9.29
CA LEU G 32 -15.51 -62.44 -7.91
C LEU G 32 -14.30 -62.06 -7.13
N THR G 33 -14.21 -60.76 -6.92
CA THR G 33 -13.04 -60.02 -6.44
C THR G 33 -12.64 -60.36 -5.02
N GLY G 34 -13.60 -60.95 -4.28
CA GLY G 34 -13.48 -61.25 -2.87
C GLY G 34 -12.35 -62.17 -2.47
N THR G 35 -12.08 -63.16 -3.33
CA THR G 35 -11.00 -64.14 -3.10
C THR G 35 -9.64 -63.48 -3.40
N LYS G 36 -8.75 -63.45 -2.40
CA LYS G 36 -7.52 -62.63 -2.47
C LYS G 36 -6.34 -63.39 -3.04
N GLU G 37 -5.31 -62.64 -3.47
CA GLU G 37 -4.01 -63.23 -3.80
C GLU G 37 -2.95 -62.72 -2.80
N GLY G 38 -2.28 -63.65 -2.13
CA GLY G 38 -1.35 -63.34 -1.05
C GLY G 38 0.08 -63.77 -1.37
N CYS G 39 0.22 -64.85 -2.14
CA CYS G 39 1.53 -65.39 -2.49
C CYS G 39 1.50 -66.18 -3.79
N ASN G 40 0.33 -66.73 -4.11
CA ASN G 40 0.12 -67.59 -5.28
C ASN G 40 0.90 -68.93 -5.24
N GLU G 41 1.13 -69.44 -4.02
CA GLU G 41 2.14 -70.47 -3.83
C GLU G 41 1.79 -71.56 -2.80
N GLY G 42 0.63 -71.43 -2.15
CA GLY G 42 0.09 -72.43 -1.23
C GLY G 42 0.24 -72.12 0.25
N ASP G 43 1.14 -71.19 0.57
CA ASP G 43 1.59 -70.97 1.95
C ASP G 43 0.72 -70.09 2.88
N CYS G 44 -0.23 -69.30 2.35
CA CYS G 44 -0.93 -68.32 3.24
C CYS G 44 -2.45 -68.43 3.43
N GLY G 45 -3.18 -68.92 2.42
CA GLY G 45 -4.60 -69.22 2.59
C GLY G 45 -5.56 -68.09 2.23
N ALA G 46 -5.00 -66.97 1.79
CA ALA G 46 -5.82 -65.84 1.38
C ALA G 46 -6.76 -66.20 0.24
N CYS G 47 -6.47 -67.24 -0.52
CA CYS G 47 -7.37 -67.64 -1.59
C CYS G 47 -8.26 -68.83 -1.20
N THR G 48 -8.33 -69.12 0.10
CA THR G 48 -9.13 -70.23 0.61
C THR G 48 -10.55 -70.25 0.05
N VAL G 49 -10.87 -71.31 -0.69
CA VAL G 49 -12.23 -71.56 -1.12
C VAL G 49 -12.81 -72.88 -0.50
N MET G 50 -14.13 -73.04 -0.59
CA MET G 50 -14.79 -74.24 -0.09
C MET G 50 -15.38 -75.08 -1.24
N ILE G 51 -14.82 -76.27 -1.43
CA ILE G 51 -15.43 -77.25 -2.33
C ILE G 51 -16.33 -78.25 -1.56
N ARG G 52 -17.31 -78.80 -2.29
CA ARG G 52 -18.22 -79.85 -1.80
C ARG G 52 -18.54 -80.84 -2.90
N ASP G 53 -18.71 -82.09 -2.49
CA ASP G 53 -18.96 -83.21 -3.40
C ASP G 53 -19.61 -84.37 -2.65
N ALA G 54 -19.66 -85.53 -3.30
CA ALA G 54 -20.07 -86.79 -2.67
C ALA G 54 -19.50 -86.89 -1.27
N ALA G 55 -18.17 -86.84 -1.15
CA ALA G 55 -17.47 -87.00 0.14
C ALA G 55 -17.83 -85.93 1.18
N GLY G 56 -18.21 -84.74 0.72
CA GLY G 56 -18.45 -83.61 1.62
C GLY G 56 -17.68 -82.35 1.26
N SER G 57 -17.58 -81.44 2.22
CA SER G 57 -16.99 -80.12 1.99
C SER G 57 -15.79 -79.79 2.88
N ARG G 58 -14.81 -79.14 2.27
CA ARG G 58 -13.52 -78.84 2.89
C ARG G 58 -12.94 -77.52 2.38
N ALA G 59 -11.96 -77.00 3.12
CA ALA G 59 -11.26 -75.78 2.72
C ALA G 59 -10.09 -76.10 1.78
N VAL G 60 -10.06 -75.45 0.63
CA VAL G 60 -8.93 -75.59 -0.28
C VAL G 60 -8.43 -74.23 -0.73
N ASN G 61 -7.26 -74.22 -1.37
CA ASN G 61 -6.68 -73.00 -1.92
C ASN G 61 -6.93 -72.85 -3.41
N ALA G 62 -7.83 -71.96 -3.78
CA ALA G 62 -8.16 -71.73 -5.16
C ALA G 62 -6.92 -71.50 -6.02
N CYS G 63 -5.81 -71.15 -5.38
CA CYS G 63 -4.60 -70.80 -6.13
C CYS G 63 -3.79 -72.01 -6.61
N LEU G 64 -3.89 -73.14 -5.89
CA LEU G 64 -3.22 -74.40 -6.23
C LEU G 64 -4.06 -75.26 -7.17
N MET G 65 -5.35 -74.95 -7.21
CA MET G 65 -6.35 -75.79 -7.84
C MET G 65 -6.70 -75.28 -9.21
N MET G 66 -6.81 -76.19 -10.18
CA MET G 66 -7.19 -75.84 -11.57
C MET G 66 -8.60 -76.34 -11.97
N LEU G 67 -9.23 -75.59 -12.88
CA LEU G 67 -10.66 -75.73 -13.22
C LEU G 67 -11.23 -77.13 -13.39
N PRO G 68 -10.57 -77.99 -14.19
CA PRO G 68 -11.15 -79.33 -14.31
C PRO G 68 -11.36 -80.05 -12.96
N GLN G 69 -10.59 -79.67 -11.94
CA GLN G 69 -10.71 -80.31 -10.63
C GLN G 69 -12.03 -80.07 -9.89
N ILE G 70 -12.86 -79.16 -10.38
CA ILE G 70 -14.15 -78.89 -9.72
C ILE G 70 -15.32 -79.35 -10.56
N ALA G 71 -15.02 -79.88 -11.75
CA ALA G 71 -16.05 -80.49 -12.56
C ALA G 71 -16.95 -81.31 -11.64
N GLY G 72 -18.25 -81.02 -11.70
CA GLY G 72 -19.25 -81.74 -10.92
C GLY G 72 -19.12 -81.60 -9.42
N LYS G 73 -18.49 -80.52 -8.96
CA LYS G 73 -18.38 -80.20 -7.54
C LYS G 73 -19.13 -78.90 -7.26
N ALA G 74 -19.46 -78.68 -5.98
CA ALA G 74 -20.13 -77.45 -5.57
C ALA G 74 -19.09 -76.55 -4.90
N LEU G 75 -18.98 -75.34 -5.42
CA LEU G 75 -17.97 -74.40 -4.94
C LEU G 75 -18.59 -73.19 -4.26
N ARG G 76 -18.08 -72.89 -3.08
CA ARG G 76 -18.52 -71.73 -2.33
C ARG G 76 -17.30 -70.81 -2.16
N THR G 77 -17.48 -69.50 -2.36
CA THR G 77 -16.42 -68.51 -2.05
C THR G 77 -16.96 -67.46 -1.08
N ILE G 78 -16.07 -66.65 -0.49
CA ILE G 78 -16.45 -65.62 0.51
C ILE G 78 -17.75 -64.87 0.16
N GLU G 79 -17.89 -64.45 -1.10
CA GLU G 79 -19.12 -63.82 -1.59
C GLU G 79 -20.37 -64.72 -1.40
N GLY G 80 -20.14 -66.02 -1.21
CA GLY G 80 -21.22 -66.98 -0.99
C GLY G 80 -21.41 -67.50 0.43
N ILE G 81 -20.72 -66.91 1.41
CA ILE G 81 -20.82 -67.43 2.77
C ILE G 81 -22.04 -66.90 3.52
N ALA G 82 -22.53 -65.74 3.10
CA ALA G 82 -23.74 -65.17 3.67
C ALA G 82 -24.95 -65.66 2.88
N ALA G 83 -26.09 -65.69 3.57
CA ALA G 83 -27.35 -66.22 3.03
C ALA G 83 -27.84 -65.40 1.85
N PRO G 84 -28.64 -66.03 0.97
CA PRO G 84 -29.23 -65.32 -0.18
C PRO G 84 -29.99 -64.06 0.22
N ASP G 85 -30.78 -64.15 1.27
CA ASP G 85 -31.54 -63.02 1.80
C ASP G 85 -30.62 -61.89 2.27
N GLY G 86 -29.39 -62.24 2.64
CA GLY G 86 -28.34 -61.25 2.96
C GLY G 86 -27.77 -61.31 4.37
N ARG G 87 -28.19 -62.32 5.13
CA ARG G 87 -27.86 -62.42 6.55
C ARG G 87 -26.50 -63.06 6.76
N LEU G 88 -25.75 -62.54 7.73
CA LEU G 88 -24.39 -63.01 8.00
C LEU G 88 -24.34 -64.42 8.54
N HIS G 89 -23.43 -65.23 8.00
CA HIS G 89 -23.08 -66.50 8.59
C HIS G 89 -22.62 -66.26 10.05
N PRO G 90 -23.08 -67.12 11.00
CA PRO G 90 -22.64 -67.03 12.39
C PRO G 90 -21.14 -66.78 12.48
N VAL G 91 -20.42 -67.34 11.50
CA VAL G 91 -18.97 -67.16 11.33
C VAL G 91 -18.51 -65.68 11.10
N GLN G 92 -19.15 -64.99 10.14
CA GLN G 92 -18.88 -63.60 9.83
C GLN G 92 -19.20 -62.67 11.00
N GLN G 93 -20.39 -62.85 11.56
CA GLN G 93 -20.84 -62.05 12.70
C GLN G 93 -19.93 -62.24 13.92
N ALA G 94 -19.60 -63.49 14.24
CA ALA G 94 -18.69 -63.75 15.34
C ALA G 94 -17.42 -62.94 15.13
N MET G 95 -16.93 -62.91 13.87
CA MET G 95 -15.71 -62.17 13.50
C MET G 95 -15.83 -60.65 13.68
N ILE G 96 -16.94 -60.07 13.21
CA ILE G 96 -17.20 -58.69 13.56
C ILE G 96 -17.11 -58.53 15.08
N ASP G 97 -17.99 -59.22 15.83
CA ASP G 97 -18.10 -58.98 17.29
C ASP G 97 -16.78 -59.11 17.99
N HIS G 98 -15.93 -59.98 17.45
CA HIS G 98 -14.68 -60.28 18.11
C HIS G 98 -13.43 -59.64 17.52
N HIS G 99 -13.61 -58.76 16.54
CA HIS G 99 -12.49 -57.97 16.02
C HIS G 99 -11.39 -58.86 15.42
N GLY G 100 -11.78 -59.97 14.83
CA GLY G 100 -10.80 -60.85 14.20
C GLY G 100 -10.32 -60.35 12.85
N SER G 101 -10.62 -59.08 12.54
CA SER G 101 -9.97 -58.40 11.44
C SER G 101 -9.42 -57.03 11.89
N GLN G 102 -8.39 -56.60 11.16
CA GLN G 102 -7.87 -55.26 11.26
C GLN G 102 -7.73 -54.77 9.82
N CYS G 103 -6.78 -55.29 9.06
CA CYS G 103 -6.62 -54.83 7.71
C CYS G 103 -7.65 -55.44 6.75
N GLY G 104 -7.93 -56.74 6.94
CA GLY G 104 -9.08 -57.38 6.32
C GLY G 104 -8.69 -58.31 5.21
N PHE G 105 -7.55 -58.03 4.59
CA PHE G 105 -7.10 -58.72 3.40
C PHE G 105 -7.11 -60.23 3.56
N CYS G 106 -6.63 -60.71 4.70
CA CYS G 106 -6.63 -62.15 4.91
C CYS G 106 -8.02 -62.65 5.35
N THR G 107 -8.96 -61.75 5.56
CA THR G 107 -10.23 -62.13 6.17
C THR G 107 -11.17 -62.97 5.28
N PRO G 108 -11.20 -62.73 3.94
CA PRO G 108 -12.09 -63.67 3.26
C PRO G 108 -11.68 -65.11 3.50
N GLY G 109 -10.37 -65.37 3.57
CA GLY G 109 -9.82 -66.73 3.70
C GLY G 109 -10.02 -67.43 5.04
N PHE G 110 -10.11 -66.66 6.12
CA PHE G 110 -10.44 -67.23 7.40
C PHE G 110 -11.91 -67.58 7.42
N ILE G 111 -12.74 -66.72 6.84
CA ILE G 111 -14.18 -66.92 6.81
C ILE G 111 -14.57 -68.18 6.05
N VAL G 112 -14.04 -68.34 4.84
CA VAL G 112 -14.23 -69.58 4.10
C VAL G 112 -13.74 -70.77 4.93
N SER G 113 -12.51 -70.71 5.44
CA SER G 113 -11.97 -71.76 6.32
C SER G 113 -12.85 -72.02 7.55
N MET G 114 -13.15 -70.98 8.32
CA MET G 114 -14.01 -71.15 9.48
C MET G 114 -15.40 -71.66 9.12
N ALA G 115 -15.95 -71.17 8.00
CA ALA G 115 -17.26 -71.64 7.55
C ALA G 115 -17.19 -73.15 7.26
N ALA G 116 -16.28 -73.55 6.38
CA ALA G 116 -16.12 -74.95 6.07
C ALA G 116 -16.06 -75.78 7.36
N ALA G 117 -15.32 -75.28 8.38
CA ALA G 117 -15.13 -76.06 9.60
C ALA G 117 -16.42 -76.13 10.39
N HIS G 118 -17.22 -75.07 10.30
CA HIS G 118 -18.58 -75.05 10.85
C HIS G 118 -19.42 -76.12 10.11
N ASP G 119 -19.43 -76.08 8.78
CA ASP G 119 -20.23 -77.01 7.96
C ASP G 119 -20.02 -78.50 8.29
N ARG G 120 -18.86 -78.82 8.87
CA ARG G 120 -18.53 -80.20 9.26
C ARG G 120 -18.23 -80.28 10.76
N ASP G 121 -18.83 -79.39 11.53
CA ASP G 121 -18.63 -79.32 12.98
C ASP G 121 -17.22 -79.74 13.41
N ARG G 122 -16.19 -79.16 12.80
CA ARG G 122 -14.82 -79.42 13.25
C ARG G 122 -14.31 -78.29 14.14
N LYS G 123 -13.61 -78.65 15.21
CA LYS G 123 -13.22 -77.67 16.23
C LYS G 123 -11.71 -77.58 16.51
N ASP G 124 -10.89 -78.34 15.77
CA ASP G 124 -9.44 -78.23 15.93
C ASP G 124 -8.88 -77.04 15.09
N TYR G 125 -9.11 -75.84 15.61
CA TYR G 125 -8.81 -74.60 14.92
C TYR G 125 -7.33 -74.43 14.60
N ASP G 126 -6.46 -74.65 15.60
CA ASP G 126 -5.00 -74.58 15.38
C ASP G 126 -4.59 -75.27 14.09
N ASP G 127 -4.99 -76.53 13.96
CA ASP G 127 -4.65 -77.31 12.79
C ASP G 127 -5.54 -76.89 11.62
N LEU G 128 -6.75 -76.43 11.91
CA LEU G 128 -7.70 -76.01 10.85
C LEU G 128 -7.24 -74.72 10.18
N LEU G 129 -6.58 -73.85 10.93
CA LEU G 129 -6.31 -72.50 10.46
C LEU G 129 -4.83 -72.18 10.26
N ALA G 130 -3.99 -73.18 10.44
CA ALA G 130 -2.56 -73.10 10.11
C ALA G 130 -2.33 -72.49 8.71
N GLY G 131 -3.17 -72.85 7.74
CA GLY G 131 -3.03 -72.37 6.38
C GLY G 131 -3.60 -70.98 6.12
N ASN G 132 -3.87 -70.22 7.18
CA ASN G 132 -4.26 -68.82 6.99
C ASN G 132 -3.33 -67.93 7.79
N LEU G 133 -2.46 -67.18 7.09
CA LEU G 133 -1.56 -66.27 7.79
C LEU G 133 -2.25 -64.93 8.01
N CYS G 134 -2.08 -64.39 9.22
CA CYS G 134 -2.48 -63.02 9.54
C CYS G 134 -1.34 -62.24 10.20
N ARG G 135 -0.88 -61.20 9.50
CA ARG G 135 0.23 -60.35 9.93
C ARG G 135 -0.27 -59.26 10.88
N CYS G 136 -1.61 -59.19 11.05
CA CYS G 136 -2.27 -58.12 11.78
C CYS G 136 -2.66 -58.46 13.19
N THR G 137 -3.54 -59.44 13.36
CA THR G 137 -4.37 -59.50 14.58
C THR G 137 -3.82 -60.25 15.77
N GLY G 138 -2.80 -61.08 15.57
CA GLY G 138 -2.26 -61.86 16.68
C GLY G 138 -3.04 -63.14 16.90
N TYR G 139 -3.94 -63.45 15.96
CA TYR G 139 -4.70 -64.72 15.90
C TYR G 139 -5.76 -64.95 17.01
N ALA G 140 -5.44 -64.52 18.23
CA ALA G 140 -6.33 -64.61 19.39
C ALA G 140 -7.81 -64.22 19.14
N PRO G 141 -8.07 -62.99 18.63
CA PRO G 141 -9.47 -62.59 18.42
C PRO G 141 -10.20 -63.54 17.48
N ILE G 142 -9.49 -64.07 16.49
CA ILE G 142 -10.03 -65.06 15.57
C ILE G 142 -10.40 -66.36 16.30
N LEU G 143 -9.60 -66.77 17.28
CA LEU G 143 -9.98 -67.98 17.98
C LEU G 143 -11.26 -67.80 18.80
N ARG G 144 -11.34 -66.74 19.60
CA ARG G 144 -12.60 -66.35 20.25
C ARG G 144 -13.76 -66.40 19.26
N ALA G 145 -13.55 -65.89 18.04
CA ALA G 145 -14.59 -65.85 17.02
C ALA G 145 -15.04 -67.24 16.61
N ALA G 146 -14.06 -68.13 16.47
CA ALA G 146 -14.33 -69.48 16.02
C ALA G 146 -15.19 -70.13 17.09
N GLU G 147 -14.86 -69.85 18.34
CA GLU G 147 -15.58 -70.46 19.43
C GLU G 147 -16.95 -69.83 19.60
N ALA G 148 -17.00 -68.50 19.52
CA ALA G 148 -18.24 -67.76 19.72
C ALA G 148 -19.34 -68.34 18.84
N ALA G 149 -19.05 -68.56 17.57
CA ALA G 149 -20.05 -69.04 16.64
C ALA G 149 -20.15 -70.56 16.59
N ALA G 150 -19.33 -71.26 17.38
CA ALA G 150 -19.44 -72.73 17.45
C ALA G 150 -20.85 -73.11 17.97
N GLY G 151 -21.26 -72.48 19.07
CA GLY G 151 -22.60 -72.67 19.62
C GLY G 151 -23.67 -72.08 18.74
N GLU G 152 -23.64 -72.42 17.45
CA GLU G 152 -24.61 -71.95 16.47
C GLU G 152 -24.86 -73.03 15.42
N PRO G 153 -26.15 -73.23 15.04
CA PRO G 153 -26.54 -74.25 14.07
C PRO G 153 -26.00 -74.00 12.66
N PRO G 154 -25.42 -75.03 12.04
CA PRO G 154 -24.86 -75.04 10.67
C PRO G 154 -25.70 -74.27 9.63
N ALA G 155 -25.01 -73.50 8.79
CA ALA G 155 -25.67 -72.71 7.77
C ALA G 155 -26.39 -73.62 6.79
N ASP G 156 -27.71 -73.57 6.81
CA ASP G 156 -28.51 -74.45 5.95
C ASP G 156 -28.32 -74.18 4.45
N TRP G 157 -28.19 -72.92 4.07
CA TRP G 157 -27.96 -72.56 2.65
C TRP G 157 -26.67 -73.15 2.09
N LEU G 158 -25.68 -73.34 2.95
CA LEU G 158 -24.42 -73.95 2.54
C LEU G 158 -24.61 -75.44 2.23
N GLN G 159 -25.14 -76.18 3.20
CA GLN G 159 -25.45 -77.62 3.04
C GLN G 159 -26.39 -77.99 1.88
N ALA G 160 -27.34 -77.11 1.58
CA ALA G 160 -28.26 -77.25 0.45
C ALA G 160 -27.57 -77.62 -0.87
N ASP G 161 -26.27 -77.33 -0.95
CA ASP G 161 -25.48 -77.64 -2.14
C ASP G 161 -25.12 -79.13 -2.27
N ALA G 162 -25.39 -79.93 -1.22
CA ALA G 162 -25.23 -81.40 -1.25
C ALA G 162 -26.02 -82.07 -2.40
N ALA G 163 -27.24 -81.60 -2.60
CA ALA G 163 -28.11 -82.10 -3.66
C ALA G 163 -27.64 -81.69 -5.05
N PHE G 164 -26.32 -81.72 -5.29
CA PHE G 164 -25.81 -81.33 -6.60
C PHE G 164 -25.13 -82.48 -7.35
N THR G 165 -25.35 -82.48 -8.67
CA THR G 165 -25.11 -83.58 -9.63
C THR G 165 -25.76 -84.91 -9.20
N LEU G 166 -26.75 -84.78 -8.30
CA LEU G 166 -27.42 -85.90 -7.68
C LEU G 166 -28.93 -85.78 -7.83
N PRO G 179 -8.33 -81.91 -24.79
CA PRO G 179 -7.81 -80.68 -24.17
C PRO G 179 -6.99 -80.99 -22.91
N ALA G 180 -7.58 -81.76 -22.01
CA ALA G 180 -6.87 -82.36 -20.87
C ALA G 180 -7.59 -83.63 -20.52
N PHE G 181 -6.84 -84.73 -20.46
CA PHE G 181 -7.45 -86.02 -20.19
C PHE G 181 -7.90 -86.12 -18.72
N LEU G 182 -9.19 -86.39 -18.57
CA LEU G 182 -9.84 -86.66 -17.28
C LEU G 182 -10.33 -88.12 -17.23
N PRO G 183 -9.46 -89.05 -16.75
CA PRO G 183 -9.82 -90.46 -16.56
C PRO G 183 -10.76 -90.63 -15.39
N GLU G 184 -11.38 -91.80 -15.30
CA GLU G 184 -12.40 -92.10 -14.28
C GLU G 184 -12.15 -93.45 -13.63
N THR G 185 -11.28 -94.24 -14.28
CA THR G 185 -10.87 -95.56 -13.80
C THR G 185 -9.39 -95.77 -14.07
N SER G 186 -8.71 -96.46 -13.14
CA SER G 186 -7.27 -96.68 -13.24
C SER G 186 -6.87 -97.32 -14.57
N ASP G 187 -7.64 -98.30 -15.01
CA ASP G 187 -7.40 -98.93 -16.31
C ASP G 187 -7.34 -97.85 -17.39
N ALA G 188 -8.44 -97.10 -17.50
CA ALA G 188 -8.58 -96.05 -18.51
C ALA G 188 -7.35 -95.16 -18.57
N LEU G 189 -6.82 -94.79 -17.39
CA LEU G 189 -5.63 -93.95 -17.30
C LEU G 189 -4.40 -94.69 -17.77
N ALA G 190 -4.25 -95.92 -17.28
CA ALA G 190 -3.11 -96.78 -17.61
C ALA G 190 -3.00 -96.95 -19.12
N ASP G 191 -4.14 -97.15 -19.77
CA ASP G 191 -4.21 -97.17 -21.24
C ASP G 191 -3.47 -95.96 -21.82
N TRP G 192 -3.90 -94.77 -21.38
CA TRP G 192 -3.49 -93.49 -21.94
C TRP G 192 -2.06 -93.12 -21.60
N TYR G 193 -1.66 -93.34 -20.34
CA TYR G 193 -0.33 -92.97 -19.90
C TYR G 193 0.75 -93.85 -20.53
N LEU G 194 0.39 -95.11 -20.75
CA LEU G 194 1.20 -96.07 -21.51
C LEU G 194 1.38 -95.63 -22.97
N ALA G 195 0.44 -94.82 -23.45
CA ALA G 195 0.48 -94.28 -24.81
C ALA G 195 1.08 -92.86 -24.88
N HIS G 196 0.99 -92.10 -23.77
CA HIS G 196 1.65 -90.79 -23.67
C HIS G 196 2.59 -90.84 -22.48
N PRO G 197 3.80 -91.37 -22.69
CA PRO G 197 4.74 -91.48 -21.56
C PRO G 197 5.12 -90.12 -20.98
N GLU G 198 5.18 -89.10 -21.84
CA GLU G 198 5.78 -87.79 -21.54
C GLU G 198 4.79 -86.74 -21.02
N ALA G 199 3.54 -87.14 -20.81
CA ALA G 199 2.47 -86.25 -20.37
C ALA G 199 2.47 -86.02 -18.86
N THR G 200 2.27 -84.76 -18.46
CA THR G 200 2.30 -84.39 -17.04
C THR G 200 1.06 -84.85 -16.29
N LEU G 201 1.26 -85.84 -15.42
CA LEU G 201 0.18 -86.31 -14.58
C LEU G 201 -0.04 -85.31 -13.46
N ILE G 202 -1.30 -84.94 -13.25
CA ILE G 202 -1.67 -84.00 -12.18
C ILE G 202 -2.65 -84.61 -11.16
N ALA G 203 -2.18 -84.76 -9.93
CA ALA G 203 -3.06 -85.21 -8.86
C ALA G 203 -3.70 -83.99 -8.22
N GLY G 204 -3.18 -83.60 -7.05
CA GLY G 204 -3.64 -82.41 -6.33
C GLY G 204 -3.16 -81.09 -6.90
N GLY G 205 -2.07 -81.13 -7.66
CA GLY G 205 -1.49 -79.95 -8.28
C GLY G 205 -0.67 -79.05 -7.37
N THR G 206 -0.47 -79.48 -6.12
CA THR G 206 0.14 -78.62 -5.11
C THR G 206 1.65 -78.51 -5.29
N ASP G 207 2.18 -79.25 -6.26
CA ASP G 207 3.57 -79.07 -6.69
C ASP G 207 3.59 -78.57 -8.11
N VAL G 208 2.81 -79.23 -8.97
CA VAL G 208 2.70 -78.88 -10.37
C VAL G 208 2.35 -77.41 -10.60
N SER G 209 1.41 -76.88 -9.82
CA SER G 209 0.91 -75.52 -10.10
C SER G 209 1.94 -74.43 -9.80
N LEU G 210 2.90 -74.72 -8.92
CA LEU G 210 4.02 -73.83 -8.69
C LEU G 210 4.96 -73.79 -9.89
N TRP G 211 5.00 -74.85 -10.68
CA TRP G 211 5.76 -74.77 -11.92
C TRP G 211 5.10 -73.77 -12.84
N VAL G 212 3.79 -73.60 -12.71
CA VAL G 212 3.08 -72.65 -13.56
C VAL G 212 2.97 -71.26 -12.94
N THR G 213 2.57 -71.17 -11.69
CA THR G 213 2.42 -69.86 -11.03
C THR G 213 3.78 -69.20 -10.77
N LYS G 214 4.72 -69.97 -10.21
CA LYS G 214 6.06 -69.44 -9.94
C LYS G 214 7.02 -69.64 -11.14
N ALA G 215 7.41 -70.87 -11.44
CA ALA G 215 8.38 -71.15 -12.52
C ALA G 215 7.83 -70.86 -13.92
N LEU G 216 6.64 -70.25 -13.98
CA LEU G 216 6.03 -69.78 -15.22
C LEU G 216 6.27 -70.74 -16.38
N ARG G 217 6.03 -72.02 -16.15
CA ARG G 217 6.21 -73.04 -17.18
C ARG G 217 4.91 -73.31 -17.93
N ASP G 218 5.05 -73.91 -19.11
CA ASP G 218 3.90 -74.29 -19.91
C ASP G 218 3.75 -75.80 -19.83
N LEU G 219 2.54 -76.29 -19.64
CA LEU G 219 2.34 -77.72 -19.54
C LEU G 219 1.65 -78.28 -20.76
N PRO G 220 2.43 -78.93 -21.63
CA PRO G 220 1.79 -79.64 -22.72
C PRO G 220 1.37 -81.01 -22.17
N GLU G 221 0.27 -81.53 -22.69
CA GLU G 221 -0.22 -82.87 -22.34
C GLU G 221 -0.31 -83.12 -20.82
N VAL G 222 -1.51 -82.89 -20.31
CA VAL G 222 -1.82 -83.04 -18.89
C VAL G 222 -3.02 -83.96 -18.70
N ALA G 223 -2.91 -84.83 -17.72
CA ALA G 223 -4.06 -85.59 -17.28
C ALA G 223 -4.27 -85.25 -15.83
N PHE G 224 -5.53 -85.19 -15.43
CA PHE G 224 -5.85 -85.00 -14.02
C PHE G 224 -6.16 -86.36 -13.46
N LEU G 225 -5.74 -86.62 -12.23
CA LEU G 225 -5.88 -87.97 -11.69
C LEU G 225 -6.91 -88.08 -10.58
N SER G 226 -7.67 -87.02 -10.31
CA SER G 226 -8.53 -87.05 -9.13
C SER G 226 -10.02 -87.23 -9.40
N HIS G 227 -10.41 -87.31 -10.67
CA HIS G 227 -11.77 -87.73 -11.00
C HIS G 227 -11.74 -89.25 -11.19
N CYS G 228 -11.07 -89.94 -10.26
CA CYS G 228 -10.75 -91.37 -10.40
C CYS G 228 -10.82 -92.11 -9.05
N LYS G 229 -12.03 -92.51 -8.67
CA LYS G 229 -12.30 -93.01 -7.32
C LYS G 229 -11.55 -94.29 -6.94
N ASP G 230 -11.25 -95.11 -7.95
CA ASP G 230 -10.64 -96.44 -7.76
C ASP G 230 -9.12 -96.38 -7.56
N LEU G 231 -8.55 -95.19 -7.71
CA LEU G 231 -7.13 -94.94 -7.43
C LEU G 231 -6.98 -94.40 -6.02
N ALA G 232 -8.11 -94.12 -5.39
CA ALA G 232 -8.11 -93.42 -4.12
C ALA G 232 -8.77 -94.24 -3.01
N GLN G 233 -8.25 -95.43 -2.76
CA GLN G 233 -8.84 -96.33 -1.75
C GLN G 233 -7.84 -96.88 -0.73
N ILE G 234 -8.11 -96.63 0.55
CA ILE G 234 -7.48 -97.38 1.62
C ILE G 234 -8.18 -98.72 1.69
N ARG G 235 -7.38 -99.79 1.58
CA ARG G 235 -7.91 -101.15 1.65
C ARG G 235 -7.08 -102.05 2.58
N GLU G 236 -7.76 -103.08 3.08
CA GLU G 236 -7.12 -104.14 3.85
C GLU G 236 -6.70 -105.27 2.90
N THR G 237 -5.45 -105.70 3.05
CA THR G 237 -4.92 -106.89 2.39
C THR G 237 -4.55 -107.86 3.51
N PRO G 238 -4.57 -109.18 3.23
CA PRO G 238 -4.09 -110.16 4.20
C PRO G 238 -2.89 -109.62 4.99
N ASP G 239 -1.87 -109.16 4.28
CA ASP G 239 -0.58 -108.75 4.87
C ASP G 239 -0.39 -107.23 5.08
N GLY G 240 -1.46 -106.53 5.47
CA GLY G 240 -1.33 -105.13 5.89
C GLY G 240 -2.39 -104.17 5.38
N TYR G 241 -1.97 -102.93 5.15
CA TYR G 241 -2.85 -101.88 4.66
C TYR G 241 -2.33 -101.26 3.38
N GLY G 242 -3.18 -101.30 2.36
CA GLY G 242 -2.86 -100.85 1.01
C GLY G 242 -3.52 -99.52 0.71
N ILE G 243 -2.69 -98.55 0.36
CA ILE G 243 -3.14 -97.20 0.17
C ILE G 243 -2.95 -96.84 -1.30
N GLY G 244 -4.04 -96.41 -1.92
CA GLY G 244 -4.07 -96.00 -3.33
C GLY G 244 -3.38 -94.68 -3.58
N ALA G 245 -2.64 -94.59 -4.68
CA ALA G 245 -1.84 -93.40 -4.98
C ALA G 245 -2.63 -92.06 -5.06
N GLY G 246 -3.96 -92.17 -5.20
CA GLY G 246 -4.83 -90.99 -5.26
C GLY G 246 -5.50 -90.58 -3.94
N VAL G 247 -5.20 -91.31 -2.87
CA VAL G 247 -5.63 -90.99 -1.49
C VAL G 247 -4.93 -89.71 -1.03
N THR G 248 -5.69 -88.79 -0.44
CA THR G 248 -5.13 -87.52 0.07
C THR G 248 -4.36 -87.72 1.38
N ILE G 249 -3.41 -86.82 1.63
CA ILE G 249 -2.61 -86.88 2.83
C ILE G 249 -3.57 -86.76 4.00
N ALA G 250 -4.63 -85.99 3.80
CA ALA G 250 -5.68 -85.76 4.81
C ALA G 250 -6.37 -87.07 5.10
N ALA G 251 -6.84 -87.70 4.02
CA ALA G 251 -7.51 -88.98 4.11
C ALA G 251 -6.57 -89.92 4.85
N LEU G 252 -5.30 -89.94 4.42
CA LEU G 252 -4.33 -90.85 4.99
C LEU G 252 -4.17 -90.66 6.49
N ARG G 253 -3.88 -89.44 6.92
CA ARG G 253 -3.72 -89.19 8.35
C ARG G 253 -4.96 -89.63 9.17
N ALA G 254 -6.14 -89.53 8.55
CA ALA G 254 -7.40 -89.86 9.25
C ALA G 254 -7.50 -91.35 9.56
N PHE G 255 -7.04 -92.16 8.61
CA PHE G 255 -7.05 -93.60 8.70
C PHE G 255 -5.83 -94.14 9.45
N ALA G 256 -4.73 -93.40 9.38
CA ALA G 256 -3.53 -93.70 10.15
C ALA G 256 -3.73 -93.40 11.63
N GLU G 257 -4.78 -92.64 11.94
CA GLU G 257 -5.08 -92.19 13.32
C GLU G 257 -5.37 -93.35 14.26
N GLY G 258 -5.83 -94.46 13.68
CA GLY G 258 -6.00 -95.74 14.39
C GLY G 258 -4.73 -96.60 14.42
N PRO G 259 -4.51 -97.38 13.35
CA PRO G 259 -3.34 -98.25 13.16
C PRO G 259 -1.95 -97.61 13.38
N HIS G 260 -1.81 -96.31 13.11
CA HIS G 260 -0.47 -95.68 13.05
C HIS G 260 -0.37 -94.24 13.56
N PRO G 261 -0.54 -94.03 14.88
CA PRO G 261 -0.43 -92.67 15.44
C PRO G 261 0.89 -91.96 15.12
N ALA G 262 1.96 -92.71 14.92
CA ALA G 262 3.23 -92.11 14.57
C ALA G 262 3.17 -91.47 13.19
N LEU G 263 2.44 -92.08 12.26
CA LEU G 263 2.35 -91.52 10.92
C LEU G 263 1.38 -90.36 10.92
N ALA G 264 0.25 -90.54 11.61
CA ALA G 264 -0.81 -89.55 11.65
C ALA G 264 -0.35 -88.25 12.33
N GLY G 265 0.39 -88.38 13.43
CA GLY G 265 0.91 -87.21 14.15
C GLY G 265 1.87 -86.40 13.27
N LEU G 266 2.63 -87.11 12.45
CA LEU G 266 3.52 -86.47 11.50
C LEU G 266 2.76 -85.74 10.38
N LEU G 267 1.72 -86.37 9.84
CA LEU G 267 0.96 -85.77 8.74
C LEU G 267 0.19 -84.55 9.23
N ARG G 268 -0.06 -84.52 10.54
CA ARG G 268 -0.74 -83.40 11.13
C ARG G 268 -0.01 -82.15 10.63
N ARG G 269 1.31 -82.15 10.82
CA ARG G 269 2.23 -81.08 10.39
C ARG G 269 2.75 -81.19 8.94
N PHE G 270 1.93 -81.71 8.02
CA PHE G 270 2.28 -81.85 6.60
C PHE G 270 1.47 -80.82 5.84
N ALA G 271 2.18 -79.92 5.14
CA ALA G 271 1.57 -78.77 4.50
C ALA G 271 0.61 -78.06 5.47
N SER G 272 -0.62 -77.75 5.02
CA SER G 272 -1.69 -77.22 5.88
C SER G 272 -2.95 -78.04 5.57
N GLU G 273 -4.01 -77.85 6.36
CA GLU G 273 -5.30 -78.50 6.06
C GLU G 273 -5.83 -78.16 4.66
N GLN G 274 -5.62 -76.94 4.18
CA GLN G 274 -5.97 -76.58 2.81
C GLN G 274 -5.22 -77.40 1.73
N VAL G 275 -3.98 -77.83 2.03
CA VAL G 275 -3.17 -78.64 1.10
C VAL G 275 -3.40 -80.15 1.31
N ARG G 276 -3.37 -80.58 2.58
CA ARG G 276 -3.71 -81.95 2.95
C ARG G 276 -5.01 -82.42 2.30
N GLN G 277 -5.99 -81.53 2.20
CA GLN G 277 -7.27 -81.86 1.57
C GLN G 277 -7.22 -82.22 0.08
N VAL G 278 -6.15 -81.86 -0.63
CA VAL G 278 -6.08 -82.19 -2.06
C VAL G 278 -4.75 -82.76 -2.55
N ALA G 279 -3.72 -82.78 -1.70
CA ALA G 279 -2.44 -83.39 -2.10
C ALA G 279 -2.41 -84.88 -1.78
N THR G 280 -1.61 -85.63 -2.53
CA THR G 280 -1.65 -87.09 -2.40
C THR G 280 -0.30 -87.82 -2.14
N ILE G 281 -0.40 -89.06 -1.64
CA ILE G 281 0.75 -89.95 -1.46
C ILE G 281 1.40 -90.34 -2.78
N GLY G 282 0.59 -90.58 -3.81
CA GLY G 282 1.12 -90.82 -5.15
C GLY G 282 2.03 -89.66 -5.48
N GLY G 283 1.41 -88.47 -5.45
CA GLY G 283 2.09 -87.20 -5.73
C GLY G 283 3.28 -86.92 -4.85
N ASN G 284 3.11 -87.01 -3.53
CA ASN G 284 4.28 -86.90 -2.66
C ASN G 284 5.43 -87.78 -3.16
N ILE G 285 5.16 -89.09 -3.31
CA ILE G 285 6.16 -90.09 -3.74
C ILE G 285 6.71 -89.87 -5.16
N ALA G 286 5.80 -89.61 -6.13
CA ALA G 286 6.19 -89.39 -7.54
C ALA G 286 7.00 -88.12 -7.71
N ASN G 287 6.72 -87.15 -6.87
CA ASN G 287 7.51 -85.95 -6.79
C ASN G 287 8.98 -86.22 -6.51
N GLY G 288 9.23 -87.02 -5.46
CA GLY G 288 10.57 -87.49 -5.14
C GLY G 288 11.54 -86.49 -4.51
N SER G 289 10.98 -85.50 -3.81
CA SER G 289 11.79 -84.49 -3.13
C SER G 289 12.52 -85.07 -1.89
N PRO G 290 13.80 -84.68 -1.71
CA PRO G 290 14.61 -85.21 -0.60
C PRO G 290 14.05 -84.79 0.76
N ILE G 291 13.11 -83.86 0.73
CA ILE G 291 12.51 -83.33 1.96
C ILE G 291 11.04 -83.76 2.10
N GLY G 292 10.51 -84.41 1.07
CA GLY G 292 9.14 -84.93 1.13
C GLY G 292 8.93 -85.81 2.35
N ASP G 293 7.99 -85.40 3.21
CA ASP G 293 7.79 -86.00 4.54
C ASP G 293 7.11 -87.37 4.56
N GLY G 294 6.50 -87.78 3.44
CA GLY G 294 5.95 -89.11 3.30
C GLY G 294 7.01 -90.20 3.45
N PRO G 295 7.94 -90.32 2.46
CA PRO G 295 8.92 -91.39 2.43
C PRO G 295 9.71 -91.65 3.71
N PRO G 296 10.30 -90.59 4.33
CA PRO G 296 11.09 -90.95 5.51
C PRO G 296 10.29 -91.81 6.49
N ALA G 297 9.01 -91.48 6.68
CA ALA G 297 8.14 -92.21 7.60
C ALA G 297 7.76 -93.59 7.08
N LEU G 298 7.31 -93.66 5.83
CA LEU G 298 6.81 -94.90 5.25
C LEU G 298 7.92 -95.90 4.99
N ILE G 299 9.08 -95.42 4.51
CA ILE G 299 10.30 -96.24 4.45
C ILE G 299 10.57 -96.93 5.80
N ALA G 300 10.78 -96.14 6.86
CA ALA G 300 11.04 -96.64 8.22
C ALA G 300 9.97 -97.60 8.77
N MET G 301 8.70 -97.39 8.42
CA MET G 301 7.64 -98.29 8.87
C MET G 301 7.56 -99.49 7.94
N GLY G 302 8.50 -99.55 6.99
CA GLY G 302 8.71 -100.71 6.14
C GLY G 302 7.49 -101.08 5.34
N ALA G 303 7.17 -100.23 4.38
CA ALA G 303 6.06 -100.46 3.46
C ALA G 303 6.58 -100.63 2.03
N SER G 304 5.75 -101.24 1.20
CA SER G 304 6.10 -101.45 -0.18
C SER G 304 5.46 -100.37 -1.00
N LEU G 305 6.03 -100.14 -2.18
CA LEU G 305 5.43 -99.29 -3.19
C LEU G 305 4.93 -100.20 -4.32
N THR G 306 3.84 -99.80 -4.98
CA THR G 306 3.35 -100.51 -6.17
C THR G 306 3.28 -99.57 -7.38
N LEU G 307 4.00 -99.92 -8.45
CA LEU G 307 3.94 -99.17 -9.69
C LEU G 307 2.99 -99.85 -10.66
N ARG G 308 2.73 -99.20 -11.79
CA ARG G 308 1.96 -99.83 -12.86
C ARG G 308 2.32 -99.21 -14.21
N ARG G 309 2.53 -100.07 -15.20
CA ARG G 309 2.90 -99.63 -16.54
C ARG G 309 1.91 -100.24 -17.55
N GLY G 310 0.83 -99.53 -17.82
CA GLY G 310 -0.25 -100.07 -18.67
C GLY G 310 -0.91 -101.31 -18.07
N GLN G 311 -0.25 -102.45 -18.23
CA GLN G 311 -0.69 -103.70 -17.61
C GLN G 311 0.17 -104.11 -16.42
N GLU G 312 1.47 -103.84 -16.51
CA GLU G 312 2.47 -104.27 -15.51
C GLU G 312 2.14 -103.84 -14.09
N ARG G 313 2.69 -104.54 -13.11
CA ARG G 313 2.79 -104.06 -11.73
C ARG G 313 4.18 -104.40 -11.20
N ARG G 314 4.60 -103.74 -10.13
CA ARG G 314 5.91 -103.97 -9.55
C ARG G 314 5.82 -103.59 -8.10
N ARG G 315 6.18 -104.51 -7.21
CA ARG G 315 6.42 -104.14 -5.84
C ARG G 315 7.88 -103.74 -5.75
N MET G 316 8.20 -102.96 -4.72
CA MET G 316 9.59 -102.79 -4.26
C MET G 316 9.51 -102.12 -2.91
N PRO G 317 10.55 -102.32 -2.07
CA PRO G 317 10.51 -101.58 -0.82
C PRO G 317 10.65 -100.11 -1.19
N LEU G 318 9.79 -99.26 -0.62
CA LEU G 318 9.69 -97.86 -1.01
C LEU G 318 11.05 -97.22 -1.32
N GLU G 319 11.98 -97.34 -0.36
CA GLU G 319 13.33 -96.78 -0.46
C GLU G 319 14.02 -96.98 -1.80
N ASP G 320 13.74 -98.11 -2.44
CA ASP G 320 14.44 -98.50 -3.65
C ASP G 320 13.88 -97.82 -4.86
N PHE G 321 12.87 -96.99 -4.65
CA PHE G 321 12.27 -96.21 -5.72
C PHE G 321 13.17 -95.03 -6.04
N PHE G 322 13.79 -94.50 -4.99
CA PHE G 322 14.55 -93.28 -5.10
C PHE G 322 16.02 -93.56 -5.42
N LEU G 323 16.41 -93.33 -6.67
CA LEU G 323 17.78 -93.64 -7.08
C LEU G 323 18.75 -92.50 -6.75
N GLU G 324 18.59 -91.36 -7.41
CA GLU G 324 19.40 -90.15 -7.13
C GLU G 324 18.48 -88.93 -7.10
N TYR G 325 19.00 -87.76 -6.69
CA TYR G 325 18.19 -86.54 -6.79
C TYR G 325 17.64 -86.38 -8.21
N ARG G 326 16.33 -86.14 -8.35
CA ARG G 326 15.67 -86.05 -9.66
C ARG G 326 15.64 -87.38 -10.40
N LYS G 327 15.84 -88.49 -9.70
CA LYS G 327 16.07 -89.76 -10.38
C LYS G 327 15.43 -90.94 -9.66
N GLN G 328 14.42 -91.52 -10.30
CA GLN G 328 13.65 -92.61 -9.71
C GLN G 328 13.50 -93.79 -10.64
N ASP G 329 13.22 -94.95 -10.04
CA ASP G 329 13.00 -96.19 -10.76
C ASP G 329 11.60 -96.15 -11.37
N ARG G 330 11.46 -95.38 -12.44
CA ARG G 330 10.16 -95.17 -13.08
C ARG G 330 10.24 -95.40 -14.61
N ARG G 331 9.60 -96.46 -15.09
CA ARG G 331 9.59 -96.79 -16.53
C ARG G 331 8.69 -95.80 -17.26
N PRO G 332 8.99 -95.52 -18.55
CA PRO G 332 8.06 -94.73 -19.38
C PRO G 332 6.65 -95.35 -19.45
N GLY G 333 5.61 -94.54 -19.21
CA GLY G 333 4.23 -95.03 -19.13
C GLY G 333 3.88 -95.69 -17.81
N GLU G 334 4.81 -95.63 -16.86
CA GLU G 334 4.64 -96.24 -15.54
C GLU G 334 4.32 -95.19 -14.48
N PHE G 335 3.31 -95.47 -13.66
CA PHE G 335 2.93 -94.57 -12.59
C PHE G 335 2.78 -95.28 -11.25
N VAL G 336 2.94 -94.52 -10.18
CA VAL G 336 2.66 -95.00 -8.83
C VAL G 336 1.17 -95.25 -8.81
N GLU G 337 0.75 -96.29 -8.09
CA GLU G 337 -0.64 -96.65 -8.07
C GLU G 337 -1.02 -97.07 -6.67
N SER G 338 -0.05 -97.60 -5.93
CA SER G 338 -0.32 -98.07 -4.57
C SER G 338 0.91 -97.93 -3.66
N VAL G 339 0.63 -97.90 -2.36
CA VAL G 339 1.60 -98.19 -1.31
C VAL G 339 0.94 -99.14 -0.31
N THR G 340 1.74 -99.92 0.41
CA THR G 340 1.21 -100.95 1.31
C THR G 340 1.89 -100.93 2.68
N LEU G 341 1.19 -100.44 3.68
CA LEU G 341 1.77 -100.34 5.03
C LEU G 341 1.41 -101.59 5.81
N PRO G 342 2.33 -102.09 6.65
CA PRO G 342 2.06 -103.23 7.52
C PRO G 342 1.00 -102.87 8.54
N LYS G 343 0.08 -103.79 8.81
CA LYS G 343 -0.97 -103.58 9.81
C LYS G 343 -0.49 -102.96 11.14
N SER G 344 0.78 -103.15 11.51
CA SER G 344 1.32 -102.46 12.71
C SER G 344 2.81 -102.14 12.70
N ALA G 345 3.18 -101.14 13.53
CA ALA G 345 4.57 -100.71 13.75
C ALA G 345 4.68 -99.90 15.04
N PRO G 346 4.35 -100.50 16.21
CA PRO G 346 4.29 -99.63 17.37
C PRO G 346 5.64 -98.98 17.69
N GLY G 347 6.71 -99.51 17.13
CA GLY G 347 8.05 -98.97 17.37
C GLY G 347 8.39 -97.73 16.57
N LEU G 348 7.43 -97.28 15.79
CA LEU G 348 7.63 -96.14 14.91
C LEU G 348 7.44 -94.81 15.63
N ARG G 349 8.45 -93.95 15.48
CA ARG G 349 8.37 -92.53 15.83
C ARG G 349 8.76 -91.69 14.62
N CYS G 350 8.14 -90.50 14.51
CA CYS G 350 8.42 -89.57 13.42
C CYS G 350 8.78 -88.22 13.96
N TYR G 351 9.89 -87.68 13.49
CA TYR G 351 10.36 -86.37 13.95
C TYR G 351 10.59 -85.42 12.78
N LYS G 352 9.82 -84.32 12.79
CA LYS G 352 9.94 -83.23 11.84
C LYS G 352 10.59 -82.06 12.56
N LEU G 353 11.65 -81.55 11.95
CA LEU G 353 12.36 -80.39 12.47
C LEU G 353 12.44 -79.27 11.43
N SER G 354 11.96 -78.09 11.85
CA SER G 354 11.82 -76.91 11.00
C SER G 354 11.89 -75.63 11.85
N LYS G 355 11.94 -74.44 11.22
CA LYS G 355 11.98 -73.20 11.98
C LYS G 355 10.68 -72.97 12.77
N ARG G 356 9.58 -72.99 12.03
CA ARG G 356 8.24 -72.94 12.60
C ARG G 356 7.64 -74.36 12.61
N PHE G 357 6.83 -74.67 13.63
CA PHE G 357 6.19 -75.99 13.74
C PHE G 357 5.29 -76.33 12.55
N ASP G 358 4.19 -75.60 12.45
CA ASP G 358 3.18 -75.87 11.44
C ASP G 358 3.54 -75.27 10.10
N GLN G 359 3.04 -75.90 9.05
CA GLN G 359 3.14 -75.39 7.68
C GLN G 359 4.58 -74.88 7.38
N ASP G 360 5.55 -75.76 7.65
CA ASP G 360 6.94 -75.50 7.33
C ASP G 360 7.49 -76.70 6.57
N ILE G 361 8.70 -76.61 6.03
CA ILE G 361 9.25 -77.78 5.37
C ILE G 361 10.53 -78.23 6.03
N SER G 362 10.43 -79.36 6.72
CA SER G 362 11.51 -79.94 7.52
C SER G 362 12.92 -79.76 6.94
N ALA G 363 13.82 -79.28 7.79
CA ALA G 363 15.24 -79.25 7.47
C ALA G 363 15.62 -80.71 7.56
N VAL G 364 15.76 -81.17 8.80
CA VAL G 364 15.92 -82.58 9.12
C VAL G 364 14.52 -83.17 9.32
N CYS G 365 14.37 -84.46 9.04
CA CYS G 365 13.16 -85.19 9.40
C CYS G 365 13.48 -86.66 9.67
N GLY G 366 13.53 -87.03 10.95
CA GLY G 366 13.97 -88.37 11.38
C GLY G 366 12.91 -89.36 11.81
N CYS G 367 12.81 -90.45 11.04
CA CYS G 367 11.92 -91.56 11.36
C CYS G 367 12.66 -92.78 11.87
N LEU G 368 12.27 -93.23 13.07
CA LEU G 368 12.93 -94.33 13.73
C LEU G 368 11.96 -95.41 14.15
N ASN G 369 12.34 -96.64 13.85
CA ASN G 369 11.51 -97.81 14.05
C ASN G 369 12.38 -98.99 14.46
N LEU G 370 12.26 -99.43 15.71
CA LEU G 370 13.09 -100.52 16.20
C LEU G 370 12.33 -101.75 16.71
N THR G 371 12.91 -102.92 16.45
CA THR G 371 12.45 -104.20 16.98
C THR G 371 13.34 -104.59 18.16
N LEU G 372 12.72 -105.16 19.19
CA LEU G 372 13.44 -105.50 20.42
C LEU G 372 13.30 -106.96 20.88
N LYS G 373 14.43 -107.66 20.92
CA LYS G 373 14.52 -108.97 21.60
C LYS G 373 14.88 -108.75 23.06
N GLY G 374 13.85 -108.80 23.92
CA GLY G 374 14.02 -108.74 25.38
C GLY G 374 14.66 -107.50 25.97
N SER G 375 15.65 -106.96 25.25
CA SER G 375 16.47 -105.80 25.68
C SER G 375 17.50 -105.50 24.59
N LYS G 376 17.78 -106.50 23.76
CA LYS G 376 18.75 -106.39 22.70
C LYS G 376 18.07 -105.98 21.41
N ILE G 377 18.76 -105.16 20.63
CA ILE G 377 18.19 -104.52 19.46
C ILE G 377 18.13 -105.48 18.26
N GLU G 378 16.90 -105.90 17.92
CA GLU G 378 16.66 -106.77 16.77
C GLU G 378 16.79 -105.98 15.47
N THR G 379 15.68 -105.87 14.73
CA THR G 379 15.67 -105.13 13.46
C THR G 379 15.63 -103.63 13.74
N ALA G 380 16.30 -102.87 12.86
CA ALA G 380 16.54 -101.45 13.08
C ALA G 380 16.29 -100.62 11.84
N ARG G 381 15.07 -100.09 11.73
CA ARG G 381 14.69 -99.17 10.65
C ARG G 381 14.76 -97.71 11.09
N ILE G 382 15.61 -96.95 10.41
CA ILE G 382 15.93 -95.57 10.73
C ILE G 382 16.12 -94.84 9.40
N ALA G 383 15.14 -94.03 9.00
CA ALA G 383 15.24 -93.27 7.76
C ALA G 383 15.20 -91.76 7.99
N PHE G 384 15.81 -91.00 7.07
CA PHE G 384 15.84 -89.53 7.13
C PHE G 384 15.38 -88.82 5.85
N GLY G 385 14.79 -87.63 6.06
CA GLY G 385 14.55 -86.64 5.01
C GLY G 385 15.54 -85.49 5.18
N GLY G 386 15.79 -84.81 4.07
CA GLY G 386 16.69 -83.65 4.02
C GLY G 386 18.18 -83.84 4.33
N MET G 387 18.65 -85.09 4.35
CA MET G 387 20.05 -85.40 4.72
C MET G 387 20.89 -85.91 3.54
N ALA G 388 20.27 -85.96 2.36
CA ALA G 388 20.85 -86.51 1.13
C ALA G 388 19.88 -86.20 -0.02
N GLY G 389 20.37 -86.23 -1.25
CA GLY G 389 19.57 -85.85 -2.44
C GLY G 389 18.39 -86.76 -2.67
N VAL G 390 18.13 -87.61 -1.67
CA VAL G 390 17.17 -88.71 -1.75
C VAL G 390 16.90 -89.10 -0.27
N PRO G 391 15.71 -89.68 0.02
CA PRO G 391 15.38 -90.07 1.41
C PRO G 391 15.90 -91.48 1.70
N LYS G 392 16.69 -91.66 2.75
CA LYS G 392 17.43 -92.92 2.93
C LYS G 392 17.59 -93.38 4.37
N ARG G 393 17.98 -94.65 4.53
CA ARG G 393 18.15 -95.28 5.85
C ARG G 393 19.61 -95.17 6.30
N ALA G 394 19.80 -94.99 7.61
CA ALA G 394 21.12 -94.69 8.16
C ALA G 394 21.96 -95.95 8.33
N ALA G 395 22.26 -96.61 7.20
CA ALA G 395 22.88 -97.97 7.13
C ALA G 395 24.00 -98.28 8.12
N ALA G 396 25.10 -97.53 8.08
CA ALA G 396 26.20 -97.75 9.01
C ALA G 396 25.79 -97.51 10.47
N PHE G 397 24.81 -96.64 10.69
CA PHE G 397 24.23 -96.49 12.03
C PHE G 397 23.34 -97.69 12.40
N GLU G 398 22.35 -97.99 11.54
CA GLU G 398 21.41 -99.12 11.74
C GLU G 398 22.18 -100.39 12.07
N ALA G 399 23.11 -100.72 11.16
CA ALA G 399 24.05 -101.83 11.36
C ALA G 399 24.57 -101.76 12.77
N ALA G 400 25.32 -100.71 13.07
CA ALA G 400 26.05 -100.57 14.34
C ALA G 400 25.16 -100.45 15.57
N LEU G 401 23.91 -100.86 15.42
CA LEU G 401 22.94 -100.80 16.50
C LEU G 401 22.32 -102.19 16.69
N ILE G 402 22.36 -103.01 15.64
CA ILE G 402 21.73 -104.33 15.66
C ILE G 402 22.48 -105.32 16.54
N GLY G 403 21.81 -105.75 17.61
CA GLY G 403 22.34 -106.74 18.53
C GLY G 403 22.96 -106.05 19.70
N GLN G 404 22.25 -105.08 20.23
CA GLN G 404 22.76 -104.25 21.31
C GLN G 404 21.66 -104.00 22.31
N ASP G 405 22.05 -103.65 23.54
CA ASP G 405 21.08 -103.21 24.53
C ASP G 405 20.48 -101.89 24.12
N PHE G 406 19.17 -101.75 24.35
CA PHE G 406 18.47 -100.51 24.06
C PHE G 406 18.59 -99.52 25.22
N ARG G 407 19.77 -98.90 25.35
CA ARG G 407 20.00 -97.79 26.29
C ARG G 407 20.79 -96.71 25.60
N GLU G 408 20.82 -95.53 26.19
CA GLU G 408 21.31 -94.35 25.50
C GLU G 408 22.81 -94.35 25.19
N ASP G 409 23.58 -95.10 25.98
CA ASP G 409 25.04 -95.15 25.84
C ASP G 409 25.39 -95.78 24.50
N THR G 410 24.65 -96.82 24.14
CA THR G 410 24.78 -97.50 22.86
C THR G 410 24.66 -96.46 21.77
N ILE G 411 23.45 -95.88 21.70
CA ILE G 411 23.13 -94.83 20.75
C ILE G 411 24.21 -93.76 20.74
N ALA G 412 24.49 -93.20 21.92
CA ALA G 412 25.56 -92.24 22.13
C ALA G 412 26.84 -92.63 21.37
N ALA G 413 27.40 -93.78 21.74
CA ALA G 413 28.64 -94.28 21.16
C ALA G 413 28.59 -94.45 19.63
N ALA G 414 27.40 -94.71 19.07
CA ALA G 414 27.30 -95.04 17.64
C ALA G 414 26.92 -93.85 16.76
N LEU G 415 26.70 -92.69 17.38
CA LEU G 415 26.22 -91.50 16.66
C LEU G 415 27.08 -91.03 15.49
N PRO G 416 28.42 -90.93 15.66
CA PRO G 416 29.29 -90.47 14.56
C PRO G 416 29.07 -91.15 13.21
N LEU G 417 28.45 -92.34 13.24
CA LEU G 417 28.24 -93.15 12.05
C LEU G 417 27.34 -92.49 11.01
N LEU G 418 26.32 -91.79 11.51
CA LEU G 418 25.43 -90.98 10.69
C LEU G 418 26.25 -90.05 9.79
N ALA G 419 27.33 -89.50 10.35
CA ALA G 419 28.25 -88.61 9.64
C ALA G 419 29.02 -89.33 8.51
N GLN G 420 29.02 -90.67 8.56
CA GLN G 420 29.46 -91.46 7.42
C GLN G 420 28.26 -91.75 6.54
N ASP G 421 27.09 -91.99 7.15
CA ASP G 421 25.84 -92.20 6.40
C ASP G 421 25.47 -90.99 5.55
N PHE G 422 25.79 -89.80 6.06
CA PHE G 422 25.37 -88.55 5.42
C PHE G 422 26.44 -87.46 5.42
N THR G 423 26.27 -86.53 4.48
CA THR G 423 27.04 -85.27 4.41
C THR G 423 26.03 -84.14 4.24
N PRO G 424 25.28 -83.79 5.31
CA PRO G 424 24.21 -82.81 5.10
C PRO G 424 24.65 -81.49 4.44
N LEU G 425 23.67 -80.83 3.83
CA LEU G 425 23.79 -79.56 3.11
C LEU G 425 23.52 -78.35 4.01
N SER G 426 24.05 -77.20 3.60
CA SER G 426 23.76 -75.92 4.29
C SER G 426 22.98 -74.98 3.38
N ASP G 427 21.79 -74.57 3.81
CA ASP G 427 20.98 -73.59 3.08
C ASP G 427 20.23 -72.70 4.07
N MET G 428 19.18 -72.02 3.58
CA MET G 428 18.43 -71.11 4.43
C MET G 428 17.56 -71.79 5.49
N ARG G 429 17.31 -73.10 5.37
CA ARG G 429 16.52 -73.78 6.40
C ARG G 429 17.34 -74.16 7.60
N ALA G 430 18.62 -74.45 7.37
CA ALA G 430 19.52 -74.88 8.42
C ALA G 430 20.93 -75.15 7.89
N SER G 431 21.91 -74.93 8.76
CA SER G 431 23.28 -75.29 8.47
C SER G 431 23.45 -76.81 8.50
N ALA G 432 24.44 -77.27 7.74
CA ALA G 432 24.88 -78.66 7.77
C ALA G 432 25.22 -79.10 9.20
N ALA G 433 26.05 -78.34 9.92
CA ALA G 433 26.39 -78.67 11.30
C ALA G 433 25.14 -79.07 12.06
N TYR G 434 24.15 -78.20 11.95
CA TYR G 434 22.90 -78.31 12.68
C TYR G 434 22.13 -79.55 12.26
N ARG G 435 21.99 -79.77 10.95
CA ARG G 435 21.23 -80.91 10.42
C ARG G 435 21.81 -82.24 10.90
N MET G 436 23.13 -82.26 10.99
CA MET G 436 23.88 -83.37 11.53
C MET G 436 23.57 -83.49 13.02
N ASN G 437 23.96 -82.46 13.75
CA ASN G 437 23.67 -82.35 15.17
C ASN G 437 22.21 -82.68 15.53
N ALA G 438 21.32 -82.70 14.54
CA ALA G 438 19.89 -82.87 14.82
C ALA G 438 19.36 -84.22 14.37
N ALA G 439 19.96 -84.77 13.32
CA ALA G 439 19.78 -86.19 13.01
C ALA G 439 20.21 -87.04 14.22
N GLN G 440 21.36 -86.71 14.81
CA GLN G 440 21.86 -87.43 15.97
C GLN G 440 21.10 -87.09 17.24
N ALA G 441 20.54 -85.88 17.26
CA ALA G 441 19.67 -85.48 18.36
C ALA G 441 18.50 -86.43 18.42
N MET G 442 17.98 -86.82 17.26
CA MET G 442 16.72 -87.55 17.13
C MET G 442 16.75 -88.96 17.67
N ALA G 443 17.88 -89.62 17.50
CA ALA G 443 18.13 -90.94 18.10
C ALA G 443 18.03 -90.88 19.64
N LEU G 444 18.83 -90.01 20.27
CA LEU G 444 18.76 -89.80 21.72
C LEU G 444 17.35 -89.45 22.18
N ARG G 445 16.63 -88.66 21.36
CA ARG G 445 15.21 -88.40 21.63
C ARG G 445 14.44 -89.73 21.66
N TYR G 446 14.65 -90.56 20.63
CA TYR G 446 13.93 -91.82 20.45
C TYR G 446 14.12 -92.82 21.58
N VAL G 447 15.33 -92.89 22.12
CA VAL G 447 15.57 -93.72 23.29
C VAL G 447 14.72 -93.20 24.45
N ARG G 448 14.89 -91.91 24.74
CA ARG G 448 14.26 -91.27 25.90
C ARG G 448 12.74 -91.34 25.85
N GLU G 449 12.20 -91.22 24.64
CA GLU G 449 10.77 -91.26 24.45
C GLU G 449 10.31 -92.66 24.81
N LEU G 450 10.99 -93.68 24.25
CA LEU G 450 10.68 -95.10 24.50
C LEU G 450 10.88 -95.54 25.95
N SER G 451 11.84 -94.93 26.63
CA SER G 451 12.03 -95.18 28.05
C SER G 451 11.17 -94.27 28.94
N GLY G 452 10.16 -93.63 28.32
CA GLY G 452 9.10 -92.91 29.04
C GLY G 452 9.37 -91.47 29.47
N GLU G 453 10.48 -90.89 29.04
CA GLU G 453 10.89 -89.54 29.47
C GLU G 453 10.01 -88.46 28.80
N ALA G 454 9.92 -87.27 29.41
CA ALA G 454 9.26 -86.09 28.80
C ALA G 454 10.19 -85.39 27.81
N VAL G 455 9.76 -85.30 26.56
CA VAL G 455 10.69 -85.00 25.47
C VAL G 455 10.20 -84.02 24.37
N ALA G 456 8.88 -83.94 24.18
CA ALA G 456 8.29 -83.06 23.16
C ALA G 456 7.80 -81.71 23.71
N VAL G 457 8.22 -80.62 23.06
CA VAL G 457 7.76 -79.26 23.39
C VAL G 457 6.26 -79.12 23.14
N LEU G 458 5.79 -79.73 22.05
CA LEU G 458 4.42 -79.55 21.59
C LEU G 458 3.40 -80.29 22.44
N GLU G 459 3.84 -80.75 23.60
CA GLU G 459 2.97 -81.41 24.55
C GLU G 459 3.00 -80.77 25.94
N VAL G 460 3.94 -79.85 26.16
CA VAL G 460 4.00 -79.11 27.42
C VAL G 460 2.72 -78.28 27.61
N MET G 461 2.21 -78.23 28.84
CA MET G 461 0.95 -77.54 29.13
C MET G 461 1.13 -76.07 29.49
N PRO G 462 0.53 -75.17 28.68
CA PRO G 462 0.57 -73.71 28.79
C PRO G 462 0.90 -73.17 30.18
N SER H 2 -18.19 -40.25 21.57
CA SER H 2 -18.18 -41.66 21.15
C SER H 2 -16.83 -42.28 21.45
N VAL H 3 -15.84 -41.41 21.61
CA VAL H 3 -14.49 -41.75 21.97
C VAL H 3 -14.55 -42.60 23.22
N GLY H 4 -13.69 -43.61 23.30
CA GLY H 4 -13.62 -44.46 24.49
C GLY H 4 -14.44 -45.74 24.40
N LYS H 5 -15.45 -45.74 23.52
CA LYS H 5 -16.23 -46.96 23.31
C LYS H 5 -15.42 -48.03 22.55
N PRO H 6 -15.60 -49.31 22.92
CA PRO H 6 -14.89 -50.32 22.15
C PRO H 6 -15.60 -50.63 20.83
N LEU H 7 -15.77 -49.63 19.99
CA LEU H 7 -16.53 -49.82 18.74
C LEU H 7 -15.73 -50.61 17.71
N PRO H 8 -16.44 -51.32 16.81
CA PRO H 8 -15.75 -52.15 15.79
C PRO H 8 -15.03 -51.31 14.72
N HIS H 9 -14.04 -51.92 14.07
CA HIS H 9 -13.32 -51.29 12.97
C HIS H 9 -14.26 -50.90 11.84
N ASP H 10 -14.07 -49.71 11.29
CA ASP H 10 -14.96 -49.09 10.26
C ASP H 10 -15.45 -49.95 9.10
N SER H 11 -14.68 -50.97 8.72
CA SER H 11 -15.02 -51.77 7.55
C SER H 11 -15.24 -53.24 7.89
N ALA H 12 -15.34 -53.55 9.19
CA ALA H 12 -15.60 -54.91 9.68
C ALA H 12 -16.56 -55.72 8.76
N ARG H 13 -17.75 -55.20 8.53
CA ARG H 13 -18.71 -55.94 7.74
C ARG H 13 -18.20 -56.20 6.33
N ALA H 14 -17.65 -55.16 5.69
CA ALA H 14 -17.07 -55.25 4.33
C ALA H 14 -15.89 -56.25 4.28
N HIS H 15 -15.04 -56.19 5.30
CA HIS H 15 -13.95 -57.13 5.47
C HIS H 15 -14.57 -58.51 5.38
N VAL H 16 -15.49 -58.80 6.30
CA VAL H 16 -15.96 -60.14 6.58
C VAL H 16 -16.85 -60.69 5.45
N THR H 17 -17.41 -59.81 4.63
CA THR H 17 -18.21 -60.25 3.48
C THR H 17 -17.42 -60.15 2.18
N GLY H 18 -16.23 -59.55 2.23
CA GLY H 18 -15.33 -59.54 1.09
C GLY H 18 -15.71 -58.50 0.08
N GLN H 19 -16.48 -57.54 0.55
CA GLN H 19 -16.87 -56.42 -0.26
C GLN H 19 -15.80 -55.31 -0.21
N ALA H 20 -15.00 -55.28 0.86
CA ALA H 20 -13.91 -54.30 0.92
C ALA H 20 -12.92 -54.49 -0.25
N ARG H 21 -12.79 -53.49 -1.12
CA ARG H 21 -11.89 -53.62 -2.27
C ARG H 21 -10.54 -52.99 -2.00
N TYR H 22 -9.47 -53.69 -2.38
CA TYR H 22 -8.10 -53.15 -2.34
C TYR H 22 -7.64 -52.89 -3.75
N LEU H 23 -6.41 -52.44 -3.94
CA LEU H 23 -6.01 -51.93 -5.25
C LEU H 23 -6.41 -52.86 -6.38
N ASP H 24 -6.00 -54.11 -6.30
CA ASP H 24 -6.23 -55.02 -7.41
C ASP H 24 -7.71 -55.39 -7.57
N ASP H 25 -8.53 -55.07 -6.57
CA ASP H 25 -9.98 -55.28 -6.67
C ASP H 25 -10.71 -54.20 -7.49
N LEU H 26 -10.10 -53.05 -7.66
CA LEU H 26 -10.76 -51.91 -8.30
C LEU H 26 -11.18 -52.15 -9.73
N PRO H 27 -12.40 -51.70 -10.11
CA PRO H 27 -12.76 -51.85 -11.52
C PRO H 27 -11.90 -50.91 -12.33
N CYS H 28 -11.77 -51.16 -13.63
CA CYS H 28 -10.94 -50.28 -14.48
C CYS H 28 -11.07 -50.67 -15.92
N PRO H 29 -10.75 -49.72 -16.81
CA PRO H 29 -10.99 -49.84 -18.23
C PRO H 29 -10.47 -51.16 -18.78
N ALA H 30 -11.27 -51.76 -19.65
CA ALA H 30 -10.89 -52.94 -20.39
C ALA H 30 -9.61 -52.77 -21.18
N ASN H 31 -9.11 -51.53 -21.32
CA ASN H 31 -7.81 -51.38 -21.96
C ASN H 31 -6.57 -51.28 -21.05
N THR H 32 -6.78 -51.44 -19.75
CA THR H 32 -5.69 -51.31 -18.79
C THR H 32 -4.51 -52.20 -19.18
N LEU H 33 -3.29 -51.69 -19.06
CA LEU H 33 -2.07 -52.51 -19.22
C LEU H 33 -1.51 -52.91 -17.86
N HIS H 34 -0.56 -53.85 -17.86
CA HIS H 34 -0.07 -54.46 -16.63
C HIS H 34 1.45 -54.57 -16.72
N LEU H 35 2.11 -54.12 -15.65
CA LEU H 35 3.55 -53.86 -15.69
C LEU H 35 4.37 -54.94 -15.01
N ALA H 36 5.69 -54.94 -15.22
CA ALA H 36 6.61 -55.82 -14.45
C ALA H 36 8.09 -55.46 -14.65
N PHE H 37 8.83 -55.45 -13.56
CA PHE H 37 10.26 -55.15 -13.61
C PHE H 37 11.12 -56.31 -14.05
N GLY H 38 12.11 -56.01 -14.92
CA GLY H 38 13.22 -56.92 -15.17
C GLY H 38 14.21 -56.61 -14.06
N LEU H 39 14.73 -57.63 -13.41
CA LEU H 39 15.57 -57.41 -12.26
C LEU H 39 17.02 -57.78 -12.51
N SER H 40 17.93 -57.06 -11.85
CA SER H 40 19.35 -57.40 -11.86
C SER H 40 19.55 -58.75 -11.20
N THR H 41 20.40 -59.57 -11.82
CA THR H 41 20.83 -60.86 -11.24
C THR H 41 22.24 -60.78 -10.64
N GLU H 42 22.67 -59.57 -10.26
CA GLU H 42 24.03 -59.31 -9.78
C GLU H 42 24.03 -58.34 -8.62
N ALA H 43 24.91 -58.53 -7.66
CA ALA H 43 24.96 -57.64 -6.51
C ALA H 43 25.62 -56.32 -6.82
N SER H 44 26.58 -56.32 -7.75
CA SER H 44 27.38 -55.13 -7.99
C SER H 44 28.09 -55.25 -9.30
N ALA H 45 27.52 -54.65 -10.33
CA ALA H 45 28.11 -54.72 -11.65
C ALA H 45 27.77 -53.49 -12.44
N ALA H 46 28.63 -53.20 -13.40
CA ALA H 46 28.26 -52.38 -14.53
C ALA H 46 27.52 -53.31 -15.49
N ILE H 47 26.42 -52.82 -16.09
CA ILE H 47 25.72 -53.54 -17.16
C ILE H 47 26.47 -53.16 -18.43
N THR H 48 26.70 -54.14 -19.28
CA THR H 48 27.65 -54.04 -20.38
C THR H 48 26.96 -54.15 -21.73
N GLY H 49 25.79 -54.75 -21.71
CA GLY H 49 24.95 -54.89 -22.87
C GLY H 49 23.60 -55.38 -22.39
N LEU H 50 22.55 -54.75 -22.93
CA LEU H 50 21.19 -55.02 -22.53
C LEU H 50 20.31 -55.27 -23.75
N ASP H 51 20.14 -56.55 -24.10
CA ASP H 51 19.22 -56.90 -25.19
C ASP H 51 17.80 -57.21 -24.73
N LEU H 52 16.89 -56.31 -25.10
CA LEU H 52 15.50 -56.39 -24.71
C LEU H 52 14.63 -56.84 -25.89
N GLU H 53 15.27 -57.55 -26.82
CA GLU H 53 14.57 -57.97 -28.03
C GLU H 53 13.52 -59.06 -27.78
N PRO H 54 13.90 -60.17 -27.11
CA PRO H 54 12.95 -61.23 -26.72
C PRO H 54 11.94 -60.79 -25.66
N VAL H 55 12.10 -59.56 -25.15
CA VAL H 55 11.16 -59.03 -24.19
C VAL H 55 10.00 -58.41 -24.97
N ARG H 56 10.31 -57.48 -25.86
CA ARG H 56 9.33 -56.87 -26.78
C ARG H 56 8.60 -57.93 -27.58
N GLU H 57 9.29 -59.03 -27.84
CA GLU H 57 8.77 -60.03 -28.74
C GLU H 57 7.87 -61.05 -28.07
N SER H 58 7.90 -61.13 -26.74
CA SER H 58 7.00 -62.02 -26.00
C SER H 58 5.56 -61.55 -26.19
N PRO H 59 4.60 -62.49 -26.29
CA PRO H 59 3.20 -62.16 -26.60
C PRO H 59 2.53 -61.15 -25.64
N GLY H 60 1.54 -60.42 -26.14
CA GLY H 60 0.79 -59.44 -25.34
C GLY H 60 1.57 -58.24 -24.81
N VAL H 61 2.87 -58.17 -25.12
CA VAL H 61 3.73 -57.07 -24.68
C VAL H 61 3.47 -55.79 -25.50
N ILE H 62 3.27 -54.65 -24.83
CA ILE H 62 2.98 -53.38 -25.53
C ILE H 62 4.14 -52.38 -25.46
N ALA H 63 4.80 -52.28 -24.32
CA ALA H 63 5.98 -51.41 -24.21
C ALA H 63 7.06 -52.05 -23.34
N VAL H 64 8.30 -51.56 -23.51
CA VAL H 64 9.42 -51.96 -22.65
C VAL H 64 10.24 -50.70 -22.37
N PHE H 65 10.49 -50.40 -21.10
CA PHE H 65 11.13 -49.15 -20.72
C PHE H 65 12.47 -49.37 -20.07
N THR H 66 13.32 -48.36 -20.18
CA THR H 66 14.71 -48.43 -19.74
C THR H 66 15.06 -47.06 -19.15
N ALA H 67 16.09 -46.99 -18.31
CA ALA H 67 16.42 -45.71 -17.70
C ALA H 67 16.44 -44.57 -18.74
N ALA H 68 16.93 -44.88 -19.95
CA ALA H 68 16.93 -43.90 -21.05
C ALA H 68 15.54 -43.42 -21.44
N ASP H 69 14.53 -44.25 -21.23
CA ASP H 69 13.17 -43.94 -21.70
C ASP H 69 12.35 -43.10 -20.73
N LEU H 70 12.90 -42.82 -19.55
CA LEU H 70 12.22 -42.00 -18.54
C LEU H 70 12.24 -40.50 -18.92
N PRO H 71 11.07 -39.93 -19.29
CA PRO H 71 11.01 -38.57 -19.84
C PRO H 71 11.55 -37.47 -18.91
N HIS H 72 11.45 -37.68 -17.60
CA HIS H 72 11.93 -36.68 -16.63
C HIS H 72 12.77 -37.33 -15.52
N ASP H 73 12.42 -37.12 -14.26
CA ASP H 73 13.17 -37.72 -13.12
C ASP H 73 13.31 -39.26 -13.20
N ASN H 74 14.40 -39.77 -12.65
CA ASN H 74 14.58 -41.21 -12.39
C ASN H 74 15.04 -41.36 -10.95
N ASP H 75 14.16 -40.95 -10.05
CA ASP H 75 14.42 -41.00 -8.64
C ASP H 75 13.12 -41.36 -7.90
N ALA H 76 13.24 -42.26 -6.93
CA ALA H 76 12.11 -42.68 -6.11
C ALA H 76 12.54 -42.81 -4.67
N SER H 77 13.63 -42.13 -4.30
CA SER H 77 14.14 -42.13 -2.92
C SER H 77 13.44 -41.10 -2.04
N PRO H 78 13.13 -41.48 -0.78
CA PRO H 78 12.58 -40.54 0.19
C PRO H 78 13.65 -39.67 0.88
N ALA H 79 14.90 -39.78 0.43
CA ALA H 79 15.96 -38.92 0.95
C ALA H 79 16.46 -38.02 -0.18
N PRO H 80 17.08 -36.88 0.17
CA PRO H 80 17.75 -35.94 -0.73
C PRO H 80 18.58 -36.62 -1.81
N SER H 81 19.28 -37.69 -1.44
CA SER H 81 20.10 -38.49 -2.36
C SER H 81 19.23 -39.35 -3.27
N PRO H 82 19.52 -39.32 -4.59
CA PRO H 82 18.70 -40.07 -5.54
C PRO H 82 18.79 -41.59 -5.38
N GLU H 83 17.87 -42.27 -6.04
CA GLU H 83 17.82 -43.71 -6.07
C GLU H 83 17.02 -44.04 -7.31
N PRO H 84 17.70 -44.51 -8.37
CA PRO H 84 17.02 -44.71 -9.64
C PRO H 84 15.85 -45.68 -9.51
N VAL H 85 14.85 -45.53 -10.39
CA VAL H 85 13.77 -46.50 -10.50
C VAL H 85 14.24 -47.57 -11.47
N LEU H 86 14.86 -47.15 -12.57
CA LEU H 86 15.48 -48.10 -13.49
C LEU H 86 16.99 -47.94 -13.44
N ALA H 87 17.70 -49.06 -13.34
CA ALA H 87 19.17 -49.08 -13.34
C ALA H 87 19.77 -48.15 -14.40
N THR H 88 20.66 -47.28 -13.94
CA THR H 88 21.34 -46.37 -14.82
C THR H 88 22.74 -46.88 -15.03
N GLY H 89 22.92 -47.80 -15.99
CA GLY H 89 24.24 -48.27 -16.42
C GLY H 89 24.95 -49.26 -15.49
N GLU H 90 24.46 -49.38 -14.27
CA GLU H 90 25.08 -50.27 -13.28
C GLU H 90 24.07 -50.71 -12.20
N VAL H 91 24.44 -51.70 -11.39
CA VAL H 91 23.50 -52.32 -10.48
C VAL H 91 24.11 -52.58 -9.10
N HIS H 92 23.29 -52.45 -8.05
CA HIS H 92 23.80 -52.43 -6.68
C HIS H 92 23.19 -53.44 -5.73
N PHE H 93 22.25 -54.22 -6.21
CA PHE H 93 21.85 -55.39 -5.45
C PHE H 93 21.19 -56.37 -6.40
N VAL H 94 21.05 -57.61 -5.95
CA VAL H 94 20.35 -58.60 -6.74
C VAL H 94 18.86 -58.32 -6.56
N GLY H 95 18.24 -57.92 -7.66
CA GLY H 95 16.82 -57.63 -7.68
C GLY H 95 16.57 -56.17 -8.01
N GLN H 96 17.59 -55.47 -8.50
CA GLN H 96 17.40 -54.07 -8.82
C GLN H 96 16.72 -53.98 -10.16
N PRO H 97 15.54 -53.33 -10.21
CA PRO H 97 14.87 -53.17 -11.48
C PRO H 97 15.80 -52.47 -12.47
N ILE H 98 15.93 -53.08 -13.65
CA ILE H 98 16.68 -52.52 -14.76
C ILE H 98 15.73 -52.05 -15.88
N PHE H 99 14.79 -52.91 -16.26
CA PHE H 99 13.77 -52.53 -17.23
C PHE H 99 12.35 -52.79 -16.73
N LEU H 100 11.38 -52.10 -17.36
CA LEU H 100 9.96 -52.25 -17.07
C LEU H 100 9.13 -52.65 -18.31
N VAL H 101 8.29 -53.68 -18.17
CA VAL H 101 7.47 -54.17 -19.28
C VAL H 101 6.03 -53.84 -18.98
N ALA H 102 5.38 -53.22 -19.97
CA ALA H 102 3.92 -53.06 -19.99
C ALA H 102 3.35 -54.00 -21.03
N ALA H 103 2.34 -54.79 -20.61
CA ALA H 103 1.74 -55.82 -21.44
C ALA H 103 0.30 -55.97 -21.05
N THR H 104 -0.48 -56.59 -21.93
CA THR H 104 -1.92 -56.71 -21.79
C THR H 104 -2.39 -57.64 -20.67
N SER H 105 -1.46 -58.23 -19.92
CA SER H 105 -1.83 -58.96 -18.69
C SER H 105 -0.63 -59.10 -17.79
N HIS H 106 -0.91 -59.34 -16.52
CA HIS H 106 0.09 -59.47 -15.50
C HIS H 106 0.95 -60.72 -15.78
N ARG H 107 0.33 -61.78 -16.29
CA ARG H 107 1.08 -63.01 -16.56
C ARG H 107 2.06 -62.73 -17.67
N ALA H 108 1.58 -62.22 -18.81
CA ALA H 108 2.44 -61.88 -19.93
C ALA H 108 3.58 -60.99 -19.46
N ALA H 109 3.23 -59.98 -18.67
CA ALA H 109 4.19 -59.04 -18.13
C ALA H 109 5.34 -59.72 -17.38
N ARG H 110 5.03 -60.72 -16.55
CA ARG H 110 6.07 -61.38 -15.72
C ARG H 110 6.94 -62.28 -16.59
N ILE H 111 6.28 -63.04 -17.44
CA ILE H 111 6.91 -63.81 -18.49
C ILE H 111 7.98 -63.01 -19.28
N ALA H 112 7.62 -61.86 -19.83
CA ALA H 112 8.57 -61.09 -20.65
C ALA H 112 9.73 -60.54 -19.84
N ALA H 113 9.48 -60.29 -18.55
CA ALA H 113 10.51 -59.79 -17.64
C ALA H 113 11.64 -60.77 -17.60
N ARG H 114 11.37 -62.00 -18.03
CA ARG H 114 12.36 -63.06 -17.92
C ARG H 114 13.18 -63.27 -19.19
N LYS H 115 12.74 -62.70 -20.30
CA LYS H 115 13.33 -63.02 -21.60
C LYS H 115 14.49 -62.13 -22.07
N ALA H 116 14.97 -61.23 -21.20
CA ALA H 116 16.04 -60.30 -21.58
C ALA H 116 17.38 -61.00 -21.61
N ARG H 117 18.31 -60.43 -22.36
CA ARG H 117 19.70 -60.88 -22.32
C ARG H 117 20.56 -59.72 -21.88
N ILE H 118 21.08 -59.82 -20.67
CA ILE H 118 21.82 -58.75 -20.04
C ILE H 118 23.22 -59.27 -19.85
N THR H 119 24.21 -58.48 -20.28
CA THR H 119 25.61 -58.77 -19.99
C THR H 119 26.10 -57.80 -18.93
N TYR H 120 26.69 -58.34 -17.87
CA TYR H 120 27.24 -57.55 -16.75
C TYR H 120 28.77 -57.70 -16.62
N ALA H 121 29.40 -56.66 -16.06
CA ALA H 121 30.81 -56.69 -15.67
C ALA H 121 30.88 -56.65 -14.13
N PRO H 122 30.82 -57.81 -13.47
CA PRO H 122 30.83 -57.88 -12.00
C PRO H 122 31.99 -57.11 -11.35
N ARG H 123 31.73 -56.57 -10.15
CA ARG H 123 32.67 -55.85 -9.29
C ARG H 123 32.67 -56.47 -7.90
N PRO H 124 33.72 -56.22 -7.10
CA PRO H 124 33.65 -56.75 -5.73
C PRO H 124 32.45 -56.16 -4.97
N ALA H 125 31.54 -57.01 -4.46
CA ALA H 125 30.31 -56.53 -3.81
C ALA H 125 30.44 -56.49 -2.29
N ILE H 126 29.88 -55.47 -1.65
CA ILE H 126 29.91 -55.40 -0.19
C ILE H 126 28.68 -56.04 0.48
N LEU H 127 28.86 -57.22 1.07
CA LEU H 127 27.73 -57.99 1.56
C LEU H 127 27.62 -58.14 3.09
N THR H 128 28.71 -57.88 3.82
CA THR H 128 28.67 -58.01 5.29
C THR H 128 29.17 -56.74 5.98
N LEU H 129 28.66 -56.48 7.17
CA LEU H 129 29.02 -55.25 7.87
C LEU H 129 30.54 -55.13 7.93
N ASP H 130 31.20 -56.22 8.30
CA ASP H 130 32.65 -56.27 8.38
C ASP H 130 33.33 -55.81 7.09
N GLN H 131 32.78 -56.19 5.94
CA GLN H 131 33.33 -55.73 4.69
C GLN H 131 33.07 -54.24 4.49
N ALA H 132 31.83 -53.81 4.79
CA ALA H 132 31.48 -52.40 4.61
C ALA H 132 32.35 -51.54 5.50
N LEU H 133 32.59 -52.04 6.70
CA LEU H 133 33.41 -51.36 7.68
C LEU H 133 34.85 -51.38 7.18
N ALA H 134 35.35 -52.57 6.85
CA ALA H 134 36.68 -52.72 6.26
C ALA H 134 36.86 -51.85 5.01
N ALA H 135 35.79 -51.66 4.22
CA ALA H 135 35.86 -50.95 2.91
C ALA H 135 35.41 -49.52 3.02
N ASP H 136 35.08 -49.09 4.24
CA ASP H 136 34.49 -47.76 4.48
C ASP H 136 33.29 -47.44 3.58
N SER H 137 32.44 -48.44 3.31
CA SER H 137 31.20 -48.23 2.56
C SER H 137 30.01 -47.89 3.49
N ARG H 138 29.73 -46.59 3.63
CA ARG H 138 28.80 -46.12 4.65
C ARG H 138 27.95 -44.95 4.14
N PHE H 139 26.93 -44.55 4.88
CA PHE H 139 26.22 -43.33 4.55
C PHE H 139 26.61 -42.24 5.56
N GLU H 140 26.53 -40.98 5.13
CA GLU H 140 26.77 -39.81 5.99
C GLU H 140 28.26 -39.50 6.25
N GLY H 141 29.17 -40.22 5.58
CA GLY H 141 30.61 -39.99 5.75
C GLY H 141 31.10 -40.02 7.19
N GLY H 142 30.99 -41.18 7.85
CA GLY H 142 31.43 -41.39 9.24
C GLY H 142 30.28 -41.68 10.20
N PRO H 143 30.54 -42.42 11.29
CA PRO H 143 29.50 -42.77 12.25
C PRO H 143 28.92 -41.57 12.97
N VAL H 144 27.67 -41.64 13.41
CA VAL H 144 27.09 -40.60 14.24
C VAL H 144 27.36 -41.00 15.69
N ILE H 145 27.93 -40.07 16.46
CA ILE H 145 28.24 -40.28 17.88
C ILE H 145 27.58 -39.26 18.80
N TRP H 146 26.88 -39.75 19.80
CA TRP H 146 26.28 -38.92 20.85
C TRP H 146 26.85 -39.37 22.15
N ALA H 147 27.14 -38.41 23.02
CA ALA H 147 27.80 -38.67 24.29
C ALA H 147 27.17 -37.89 25.44
N ARG H 148 26.76 -38.60 26.48
CA ARG H 148 26.27 -37.97 27.70
C ARG H 148 27.12 -38.40 28.91
N GLY H 149 27.67 -37.42 29.62
CA GLY H 149 28.62 -37.69 30.70
C GLY H 149 29.97 -38.09 30.12
N ASP H 150 30.63 -39.04 30.79
CA ASP H 150 31.91 -39.61 30.38
C ASP H 150 31.98 -41.08 30.76
N VAL H 151 31.34 -41.91 29.93
CA VAL H 151 31.30 -43.37 30.09
C VAL H 151 32.65 -44.01 30.37
N GLU H 152 33.64 -43.59 29.60
CA GLU H 152 34.96 -44.19 29.67
C GLU H 152 35.42 -44.14 31.13
N THR H 153 35.21 -43.00 31.77
CA THR H 153 35.50 -42.88 33.19
C THR H 153 34.54 -43.73 34.02
N ALA H 154 33.25 -43.57 33.78
CA ALA H 154 32.21 -44.29 34.52
C ALA H 154 32.47 -45.81 34.64
N LEU H 155 32.77 -46.45 33.52
CA LEU H 155 33.04 -47.90 33.47
C LEU H 155 34.35 -48.27 34.16
N ALA H 156 35.37 -47.43 34.00
CA ALA H 156 36.68 -47.70 34.54
C ALA H 156 36.60 -48.10 36.00
N GLY H 157 35.93 -47.28 36.82
CA GLY H 157 35.67 -47.65 38.19
C GLY H 157 34.22 -48.08 38.35
N ALA H 158 33.94 -49.34 38.11
CA ALA H 158 32.56 -49.85 38.21
C ALA H 158 32.48 -51.23 38.85
N ALA H 159 31.95 -51.30 40.06
CA ALA H 159 31.81 -52.55 40.79
C ALA H 159 31.52 -53.72 39.85
N HIS H 160 30.54 -53.53 38.97
CA HIS H 160 30.21 -54.56 37.99
C HIS H 160 30.28 -54.08 36.56
N LEU H 161 30.47 -55.02 35.65
CA LEU H 161 30.69 -54.70 34.27
C LEU H 161 30.31 -55.89 33.38
N ALA H 162 29.65 -55.60 32.27
CA ALA H 162 29.36 -56.62 31.28
C ALA H 162 29.69 -56.09 29.87
N GLU H 163 30.72 -56.65 29.27
CA GLU H 163 31.02 -56.38 27.88
C GLU H 163 30.32 -57.47 27.09
N GLY H 164 30.12 -57.22 25.80
CA GLY H 164 29.45 -58.18 24.93
C GLY H 164 29.15 -57.59 23.58
N CYS H 165 28.74 -58.45 22.67
CA CYS H 165 28.38 -58.05 21.33
C CYS H 165 27.43 -59.11 20.76
N PHE H 166 26.42 -58.70 19.99
CA PHE H 166 25.54 -59.69 19.34
C PHE H 166 24.82 -59.17 18.10
N GLU H 167 24.14 -60.07 17.41
CA GLU H 167 23.47 -59.74 16.15
C GLU H 167 21.97 -59.72 16.32
N ILE H 168 21.32 -58.80 15.61
CA ILE H 168 19.87 -58.73 15.51
C ILE H 168 19.49 -58.67 14.03
N GLY H 169 18.82 -59.71 13.54
CA GLY H 169 18.44 -59.83 12.13
C GLY H 169 17.34 -58.90 11.65
N GLY H 170 17.27 -58.70 10.35
CA GLY H 170 16.24 -57.82 9.75
C GLY H 170 14.84 -58.41 9.88
N GLN H 171 13.94 -57.97 9.01
CA GLN H 171 12.56 -58.45 9.04
C GLN H 171 11.82 -58.04 7.77
N GLU H 172 11.26 -59.00 7.07
CA GLU H 172 10.36 -58.71 5.99
C GLU H 172 8.97 -58.39 6.55
N HIS H 173 8.31 -57.39 5.98
CA HIS H 173 7.02 -56.92 6.44
C HIS H 173 5.91 -57.98 6.33
N PHE H 174 5.80 -58.57 5.15
CA PHE H 174 4.79 -59.56 4.87
C PHE H 174 3.37 -59.07 5.10
N TYR H 175 3.14 -57.82 4.73
CA TYR H 175 1.80 -57.26 4.54
C TYR H 175 1.03 -58.22 3.64
N LEU H 176 -0.15 -58.63 4.08
CA LEU H 176 -0.91 -59.62 3.32
C LEU H 176 -1.21 -59.12 1.92
N GLU H 177 -1.60 -57.85 1.79
CA GLU H 177 -1.65 -57.23 0.47
C GLU H 177 -0.26 -56.72 0.11
N GLY H 178 0.27 -57.20 -1.01
CA GLY H 178 1.57 -56.75 -1.47
C GLY H 178 1.48 -55.38 -2.11
N GLN H 179 2.63 -54.79 -2.46
CA GLN H 179 2.71 -53.48 -3.13
C GLN H 179 1.90 -53.44 -4.40
N ALA H 180 1.21 -52.33 -4.65
CA ALA H 180 0.31 -52.21 -5.80
C ALA H 180 -0.10 -50.79 -6.12
N ALA H 181 -0.30 -50.51 -7.39
CA ALA H 181 -0.58 -49.14 -7.83
C ALA H 181 -1.28 -49.19 -9.19
N LEU H 182 -1.97 -48.12 -9.51
CA LEU H 182 -2.76 -48.00 -10.73
C LEU H 182 -2.78 -46.54 -11.14
N ALA H 183 -2.41 -46.27 -12.38
CA ALA H 183 -2.34 -44.90 -12.90
C ALA H 183 -3.40 -44.68 -13.99
N LEU H 184 -4.17 -43.60 -13.85
CA LEU H 184 -5.26 -43.30 -14.79
C LEU H 184 -4.99 -41.94 -15.42
N PRO H 185 -4.69 -41.92 -16.73
CA PRO H 185 -4.55 -40.68 -17.48
C PRO H 185 -5.79 -39.81 -17.35
N ALA H 186 -5.64 -38.64 -16.72
CA ALA H 186 -6.73 -37.69 -16.51
C ALA H 186 -6.43 -36.35 -17.20
N GLU H 187 -6.64 -36.35 -18.51
CA GLU H 187 -6.48 -35.19 -19.41
C GLU H 187 -5.38 -34.22 -18.97
N GLY H 188 -4.19 -34.35 -19.53
CA GLY H 188 -3.09 -33.55 -19.05
C GLY H 188 -2.53 -34.20 -17.81
N GLY H 189 -3.33 -34.29 -16.76
CA GLY H 189 -2.86 -34.84 -15.45
C GLY H 189 -2.98 -36.34 -15.27
N VAL H 190 -2.74 -36.80 -14.04
CA VAL H 190 -2.95 -38.22 -13.70
C VAL H 190 -3.64 -38.43 -12.36
N VAL H 191 -4.40 -39.52 -12.26
CA VAL H 191 -4.84 -39.98 -10.96
C VAL H 191 -4.11 -41.26 -10.64
N ILE H 192 -3.82 -41.43 -9.35
CA ILE H 192 -3.10 -42.59 -8.87
C ILE H 192 -3.90 -43.20 -7.73
N HIS H 193 -4.40 -44.42 -7.92
CA HIS H 193 -4.86 -45.24 -6.80
C HIS H 193 -3.71 -46.17 -6.45
N CYS H 194 -3.39 -46.31 -5.17
CA CYS H 194 -2.31 -47.23 -4.80
C CYS H 194 -2.31 -47.65 -3.32
N SER H 195 -1.57 -48.72 -3.03
CA SER H 195 -1.49 -49.28 -1.68
C SER H 195 -0.35 -48.64 -0.87
N SER H 196 -0.55 -47.39 -0.42
CA SER H 196 0.52 -46.62 0.20
C SER H 196 0.21 -45.92 1.53
N GLN H 197 1.21 -45.81 2.39
CA GLN H 197 1.07 -45.00 3.57
C GLN H 197 1.50 -43.55 3.40
N HIS H 198 1.93 -43.15 2.19
CA HIS H 198 2.41 -41.77 1.96
C HIS H 198 1.94 -41.12 0.62
N PRO H 199 0.61 -40.95 0.44
CA PRO H 199 0.04 -40.46 -0.83
C PRO H 199 0.66 -39.16 -1.33
N SER H 200 0.97 -38.25 -0.41
CA SER H 200 1.63 -36.96 -0.74
C SER H 200 3.00 -37.19 -1.39
N GLU H 201 3.80 -38.10 -0.80
CA GLU H 201 5.04 -38.54 -1.43
C GLU H 201 4.85 -39.15 -2.81
N ILE H 202 3.84 -40.02 -2.94
CA ILE H 202 3.51 -40.62 -4.22
C ILE H 202 3.30 -39.48 -5.21
N GLN H 203 2.55 -38.47 -4.79
CA GLN H 203 2.15 -37.35 -5.65
C GLN H 203 3.37 -36.61 -6.15
N HIS H 204 4.31 -36.45 -5.22
CA HIS H 204 5.51 -35.68 -5.37
C HIS H 204 6.41 -36.40 -6.37
N LYS H 205 6.52 -37.71 -6.22
CA LYS H 205 7.43 -38.48 -7.07
C LYS H 205 6.84 -38.68 -8.44
N VAL H 206 5.55 -39.01 -8.49
CA VAL H 206 4.89 -39.14 -9.78
C VAL H 206 5.04 -37.82 -10.57
N ALA H 207 4.93 -36.70 -9.85
CA ALA H 207 4.97 -35.38 -10.46
C ALA H 207 6.33 -35.15 -11.15
N HIS H 208 7.40 -35.29 -10.37
CA HIS H 208 8.75 -35.16 -10.87
C HIS H 208 9.08 -36.13 -12.00
N ALA H 209 8.56 -37.35 -11.88
CA ALA H 209 8.74 -38.40 -12.90
C ALA H 209 8.13 -37.97 -14.21
N LEU H 210 7.04 -37.20 -14.12
CA LEU H 210 6.24 -36.82 -15.29
C LEU H 210 6.53 -35.42 -15.86
N GLY H 211 7.14 -34.54 -15.05
CA GLY H 211 7.38 -33.16 -15.47
C GLY H 211 6.12 -32.29 -15.33
N LEU H 212 5.39 -32.48 -14.23
CA LEU H 212 4.11 -31.84 -14.03
C LEU H 212 4.14 -31.12 -12.70
N ALA H 213 3.35 -30.06 -12.55
CA ALA H 213 3.18 -29.46 -11.23
C ALA H 213 2.37 -30.38 -10.32
N PHE H 214 2.66 -30.33 -9.03
CA PHE H 214 1.96 -31.17 -8.06
C PHE H 214 0.45 -31.14 -8.28
N HIS H 215 -0.10 -29.96 -8.54
CA HIS H 215 -1.55 -29.82 -8.71
C HIS H 215 -2.15 -30.60 -9.89
N ASP H 216 -1.30 -31.32 -10.61
CA ASP H 216 -1.72 -32.12 -11.76
C ASP H 216 -1.67 -33.61 -11.50
N VAL H 217 -1.34 -33.95 -10.26
CA VAL H 217 -1.18 -35.32 -9.83
C VAL H 217 -2.01 -35.50 -8.58
N ARG H 218 -2.98 -36.40 -8.65
CA ARG H 218 -3.91 -36.66 -7.56
C ARG H 218 -3.79 -38.10 -7.10
N VAL H 219 -3.63 -38.30 -5.81
CA VAL H 219 -3.51 -39.65 -5.29
C VAL H 219 -4.65 -40.01 -4.32
N GLU H 220 -5.34 -41.10 -4.63
CA GLU H 220 -6.43 -41.60 -3.78
C GLU H 220 -5.98 -42.90 -3.20
N MET H 221 -6.37 -43.12 -1.95
CA MET H 221 -6.05 -44.36 -1.28
C MET H 221 -7.08 -44.67 -0.15
N ARG H 222 -7.98 -45.63 -0.38
CA ARG H 222 -9.08 -45.94 0.59
C ARG H 222 -8.67 -46.84 1.75
N ARG H 223 -7.77 -47.79 1.47
CA ARG H 223 -7.24 -48.78 2.46
C ARG H 223 -6.06 -49.57 1.85
N MET H 224 -5.16 -50.04 2.72
CA MET H 224 -4.18 -51.07 2.39
C MET H 224 -4.51 -52.29 3.22
N GLY H 225 -4.27 -53.47 2.66
CA GLY H 225 -4.26 -54.71 3.44
C GLY H 225 -2.87 -54.89 4.01
N GLY H 226 -2.54 -54.07 5.01
CA GLY H 226 -1.22 -54.09 5.67
C GLY H 226 -0.18 -53.14 5.10
N GLY H 227 0.75 -52.70 5.97
CA GLY H 227 1.87 -51.84 5.56
C GLY H 227 3.10 -51.95 6.47
N PHE H 228 2.86 -51.77 7.78
CA PHE H 228 3.85 -51.93 8.86
C PHE H 228 5.20 -51.20 8.65
N GLY H 229 5.16 -50.18 7.79
CA GLY H 229 6.31 -49.33 7.53
C GLY H 229 6.88 -49.48 6.14
N GLY H 230 6.53 -50.60 5.49
CA GLY H 230 7.09 -50.99 4.20
C GLY H 230 6.32 -50.42 3.05
N LYS H 231 5.30 -49.64 3.38
CA LYS H 231 4.59 -48.84 2.37
C LYS H 231 4.65 -47.36 2.69
N GLU H 232 5.62 -46.99 3.53
CA GLU H 232 5.96 -45.60 3.76
C GLU H 232 6.68 -45.03 2.54
N SER H 233 7.45 -45.83 1.81
CA SER H 233 8.28 -45.34 0.69
C SER H 233 8.41 -46.31 -0.49
N GLN H 234 8.47 -47.62 -0.21
CA GLN H 234 8.58 -48.64 -1.27
C GLN H 234 7.40 -48.70 -2.23
N GLY H 235 6.44 -47.77 -2.14
CA GLY H 235 5.38 -47.65 -3.16
C GLY H 235 5.76 -46.73 -4.32
N ASN H 236 6.86 -46.01 -4.16
CA ASN H 236 7.33 -45.07 -5.17
C ASN H 236 7.64 -45.68 -6.52
N HIS H 237 8.39 -46.77 -6.56
CA HIS H 237 8.72 -47.37 -7.86
C HIS H 237 7.50 -47.82 -8.65
N LEU H 238 6.47 -48.33 -7.97
CA LEU H 238 5.29 -48.82 -8.69
C LEU H 238 4.47 -47.69 -9.34
N ALA H 239 4.23 -46.65 -8.54
CA ALA H 239 3.46 -45.48 -8.97
C ALA H 239 4.19 -44.71 -10.09
N ILE H 240 5.52 -44.61 -9.97
CA ILE H 240 6.31 -43.98 -11.01
C ILE H 240 6.15 -44.81 -12.29
N ALA H 241 6.37 -46.12 -12.13
CA ALA H 241 6.34 -47.07 -13.23
C ALA H 241 4.97 -46.99 -13.90
N CYS H 242 3.92 -46.85 -13.09
CA CYS H 242 2.60 -46.81 -13.65
C CYS H 242 2.38 -45.54 -14.41
N ALA H 243 2.77 -44.42 -13.78
CA ALA H 243 2.54 -43.11 -14.32
C ALA H 243 3.32 -42.91 -15.62
N VAL H 244 4.61 -43.17 -15.55
CA VAL H 244 5.47 -43.09 -16.71
C VAL H 244 4.87 -43.85 -17.91
N ALA H 245 4.51 -45.11 -17.67
CA ALA H 245 3.94 -45.98 -18.71
C ALA H 245 2.58 -45.51 -19.26
N ALA H 246 1.76 -44.94 -18.38
CA ALA H 246 0.44 -44.44 -18.75
C ALA H 246 0.70 -43.31 -19.70
N ARG H 247 1.53 -42.38 -19.25
CA ARG H 247 2.03 -41.32 -20.09
C ARG H 247 2.46 -41.82 -21.48
N ALA H 248 3.19 -42.93 -21.58
CA ALA H 248 3.70 -43.36 -22.87
C ALA H 248 2.63 -44.07 -23.71
N THR H 249 2.04 -45.14 -23.16
CA THR H 249 1.03 -45.92 -23.88
C THR H 249 -0.28 -45.15 -24.15
N GLY H 250 -0.56 -44.14 -23.36
CA GLY H 250 -1.85 -43.43 -23.47
C GLY H 250 -2.96 -44.21 -22.81
N ARG H 251 -2.59 -45.16 -21.96
CA ARG H 251 -3.49 -46.17 -21.47
C ARG H 251 -3.41 -46.29 -19.94
N PRO H 252 -4.51 -46.66 -19.26
CA PRO H 252 -4.38 -46.90 -17.81
C PRO H 252 -3.38 -48.02 -17.56
N CYS H 253 -2.49 -47.91 -16.56
CA CYS H 253 -1.59 -49.03 -16.22
C CYS H 253 -1.66 -49.40 -14.79
N LYS H 254 -1.58 -50.70 -14.50
CA LYS H 254 -1.50 -51.16 -13.12
C LYS H 254 -0.25 -51.99 -12.86
N MET H 255 0.18 -52.04 -11.60
CA MET H 255 1.34 -52.86 -11.25
C MET H 255 1.25 -53.44 -9.85
N ARG H 256 1.41 -54.74 -9.73
CA ARG H 256 1.47 -55.32 -8.41
C ARG H 256 2.55 -56.36 -8.38
N TYR H 257 3.38 -56.32 -7.34
CA TYR H 257 4.38 -57.33 -7.19
C TYR H 257 3.78 -58.66 -6.79
N ASP H 258 4.11 -59.66 -7.58
CA ASP H 258 4.19 -61.00 -7.11
C ASP H 258 5.11 -61.09 -5.90
N ARG H 259 4.69 -61.90 -4.93
CA ARG H 259 5.37 -62.04 -3.66
C ARG H 259 6.86 -62.24 -3.78
N ASP H 260 7.26 -62.96 -4.82
CA ASP H 260 8.67 -63.21 -5.09
C ASP H 260 9.40 -61.92 -5.48
N ASP H 261 8.81 -61.10 -6.36
CA ASP H 261 9.40 -59.80 -6.70
C ASP H 261 9.46 -58.93 -5.46
N ASP H 262 8.29 -58.75 -4.84
CA ASP H 262 8.12 -57.97 -3.62
C ASP H 262 9.29 -58.21 -2.70
N MET H 263 9.51 -59.47 -2.32
CA MET H 263 10.56 -59.77 -1.35
C MET H 263 11.99 -59.51 -1.85
N VAL H 264 12.23 -59.79 -3.13
CA VAL H 264 13.51 -59.48 -3.76
C VAL H 264 13.70 -57.95 -3.85
N ILE H 265 12.68 -57.25 -4.35
CA ILE H 265 12.78 -55.83 -4.63
C ILE H 265 12.74 -54.96 -3.37
N THR H 266 11.72 -55.14 -2.53
CA THR H 266 11.45 -54.18 -1.46
C THR H 266 12.43 -54.32 -0.33
N GLY H 267 12.55 -53.29 0.50
CA GLY H 267 13.46 -53.27 1.67
C GLY H 267 12.94 -54.00 2.89
N LYS H 268 13.75 -54.10 3.92
CA LYS H 268 13.36 -54.79 5.15
C LYS H 268 13.81 -53.98 6.34
N ARG H 269 13.50 -54.48 7.54
CA ARG H 269 14.06 -53.88 8.74
C ARG H 269 15.58 -53.97 8.75
N HIS H 270 16.19 -52.87 9.21
CA HIS H 270 17.62 -52.76 9.37
C HIS H 270 18.08 -53.74 10.44
N ASP H 271 18.82 -54.77 10.03
CA ASP H 271 19.61 -55.60 10.97
C ASP H 271 20.79 -54.83 11.54
N PHE H 272 21.12 -55.13 12.79
CA PHE H 272 22.24 -54.51 13.48
C PHE H 272 23.20 -55.59 14.00
N ARG H 273 24.42 -55.15 14.29
CA ARG H 273 25.29 -55.76 15.29
C ARG H 273 25.46 -54.69 16.35
N ILE H 274 25.38 -55.09 17.62
CA ILE H 274 25.51 -54.15 18.73
C ILE H 274 26.60 -54.61 19.66
N ARG H 275 27.60 -53.76 19.85
CA ARG H 275 28.61 -53.94 20.88
C ARG H 275 28.15 -53.14 22.08
N TYR H 276 28.23 -53.75 23.26
CA TYR H 276 27.93 -53.03 24.50
C TYR H 276 29.03 -53.18 25.56
N ARG H 277 29.21 -52.13 26.36
CA ARG H 277 29.88 -52.26 27.65
C ARG H 277 29.00 -51.57 28.65
N ILE H 278 28.50 -52.31 29.63
CA ILE H 278 27.61 -51.74 30.64
C ILE H 278 28.25 -51.90 32.01
N GLY H 279 27.96 -51.00 32.94
CA GLY H 279 28.54 -51.07 34.29
C GLY H 279 27.69 -50.46 35.39
N ALA H 280 27.38 -51.24 36.43
CA ALA H 280 26.66 -50.74 37.59
C ALA H 280 27.62 -50.59 38.76
N ASP H 281 27.15 -49.98 39.84
CA ASP H 281 27.88 -49.98 41.10
C ASP H 281 27.45 -51.15 41.99
N ALA H 282 27.98 -51.19 43.22
CA ALA H 282 27.68 -52.23 44.22
C ALA H 282 26.18 -52.42 44.48
N SER H 283 25.49 -51.33 44.85
CA SER H 283 24.04 -51.35 45.04
C SER H 283 23.27 -51.81 43.78
N GLY H 284 23.91 -51.73 42.62
CA GLY H 284 23.29 -52.17 41.37
C GLY H 284 22.77 -51.04 40.49
N LYS H 285 23.19 -49.82 40.80
CA LYS H 285 22.78 -48.67 40.01
C LYS H 285 23.69 -48.53 38.78
N LEU H 286 23.06 -48.33 37.63
CA LEU H 286 23.80 -48.16 36.38
C LEU H 286 24.73 -46.99 36.47
N LEU H 287 25.95 -47.18 36.01
CA LEU H 287 26.94 -46.13 36.02
C LEU H 287 27.13 -45.56 34.63
N GLY H 288 27.24 -46.45 33.66
CA GLY H 288 27.46 -46.07 32.28
C GLY H 288 27.10 -47.18 31.32
N ALA H 289 26.78 -46.80 30.09
CA ALA H 289 26.53 -47.74 29.02
C ALA H 289 27.25 -47.22 27.79
N ASP H 290 28.00 -48.08 27.11
CA ASP H 290 28.67 -47.69 25.87
C ASP H 290 28.21 -48.62 24.73
N PHE H 291 27.61 -48.04 23.69
CA PHE H 291 27.10 -48.81 22.54
C PHE H 291 27.75 -48.45 21.20
N VAL H 292 28.13 -49.46 20.43
CA VAL H 292 28.44 -49.25 19.01
C VAL H 292 27.33 -49.92 18.21
N HIS H 293 26.70 -49.17 17.29
CA HIS H 293 25.69 -49.73 16.42
C HIS H 293 26.20 -49.91 14.99
N LEU H 294 26.14 -51.13 14.49
CA LEU H 294 26.44 -51.38 13.08
C LEU H 294 25.14 -51.78 12.43
N ALA H 295 24.73 -51.01 11.42
CA ALA H 295 23.44 -51.22 10.78
C ALA H 295 23.54 -51.26 9.25
N ARG H 296 23.05 -52.38 8.69
CA ARG H 296 22.98 -52.63 7.24
C ARG H 296 21.77 -51.91 6.64
N CYS H 297 22.05 -50.96 5.75
CA CYS H 297 21.01 -50.13 5.13
C CYS H 297 20.72 -50.55 3.70
N GLY H 298 21.60 -51.37 3.16
CA GLY H 298 21.49 -51.72 1.77
C GLY H 298 22.03 -50.63 0.89
N TRP H 299 21.65 -50.72 -0.38
CA TRP H 299 22.36 -50.03 -1.44
C TRP H 299 22.01 -48.55 -1.51
N SER H 300 20.88 -48.14 -0.92
CA SER H 300 20.50 -46.72 -0.93
C SER H 300 19.92 -46.19 0.38
N ALA H 301 19.89 -44.88 0.50
CA ALA H 301 19.61 -44.23 1.76
C ALA H 301 18.21 -44.60 2.28
N ASP H 302 17.19 -44.40 1.44
CA ASP H 302 15.78 -44.66 1.80
C ASP H 302 15.52 -43.87 3.08
N LEU H 303 15.18 -44.54 4.18
CA LEU H 303 14.89 -43.88 5.46
C LEU H 303 15.89 -44.31 6.56
N SER H 304 17.01 -44.90 6.14
CA SER H 304 18.10 -45.29 7.03
C SER H 304 18.57 -44.17 7.99
N LEU H 305 18.58 -42.92 7.55
CA LEU H 305 19.02 -41.86 8.45
C LEU H 305 18.10 -41.68 9.67
N PRO H 306 16.78 -41.52 9.46
CA PRO H 306 16.02 -41.34 10.70
C PRO H 306 15.89 -42.66 11.49
N VAL H 307 15.87 -43.80 10.79
CA VAL H 307 15.76 -45.06 11.50
C VAL H 307 16.87 -45.19 12.56
N CYS H 308 18.12 -45.01 12.12
CA CYS H 308 19.28 -45.16 13.02
C CYS H 308 19.28 -44.13 14.13
N ASP H 309 18.88 -42.91 13.81
CA ASP H 309 18.66 -41.85 14.81
C ASP H 309 17.78 -42.36 15.96
N ARG H 310 16.79 -43.17 15.61
CA ARG H 310 15.82 -43.60 16.58
C ARG H 310 16.37 -44.77 17.43
N ALA H 311 17.18 -45.63 16.82
CA ALA H 311 17.96 -46.62 17.57
C ALA H 311 18.80 -45.88 18.59
N MET H 312 19.57 -44.91 18.12
CA MET H 312 20.35 -44.12 19.04
C MET H 312 19.45 -43.61 20.16
N LEU H 313 18.47 -42.78 19.78
CA LEU H 313 17.43 -42.27 20.66
C LEU H 313 16.87 -43.27 21.69
N HIS H 314 16.80 -44.55 21.33
CA HIS H 314 16.19 -45.54 22.20
C HIS H 314 17.20 -46.44 22.89
N ALA H 315 18.48 -46.13 22.70
CA ALA H 315 19.56 -46.89 23.33
C ALA H 315 19.47 -46.92 24.87
N ASP H 316 18.63 -46.05 25.44
CA ASP H 316 18.51 -45.92 26.89
C ASP H 316 17.51 -46.91 27.45
N GLY H 317 16.85 -47.62 26.54
CA GLY H 317 15.79 -48.53 26.92
C GLY H 317 14.80 -47.81 27.82
N SER H 318 14.64 -48.34 29.04
CA SER H 318 13.72 -47.78 30.02
C SER H 318 14.43 -47.25 31.26
N TYR H 319 15.71 -46.93 31.11
CA TYR H 319 16.57 -46.69 32.29
C TYR H 319 17.30 -45.35 32.27
N PHE H 320 17.37 -44.70 33.43
CA PHE H 320 18.23 -43.52 33.60
C PHE H 320 19.67 -44.00 33.67
N VAL H 321 20.50 -43.46 32.78
CA VAL H 321 21.89 -43.86 32.68
C VAL H 321 22.73 -42.60 32.74
N PRO H 322 23.49 -42.42 33.83
CA PRO H 322 24.23 -41.17 34.07
C PRO H 322 25.27 -40.86 32.98
N ALA H 323 25.88 -41.91 32.43
CA ALA H 323 26.88 -41.75 31.38
C ALA H 323 26.51 -42.70 30.26
N LEU H 324 26.42 -42.17 29.03
CA LEU H 324 25.98 -42.97 27.90
C LEU H 324 26.52 -42.45 26.56
N ARG H 325 27.16 -43.35 25.80
CA ARG H 325 27.63 -43.03 24.46
C ARG H 325 27.19 -44.04 23.39
N ILE H 326 26.73 -43.54 22.25
CA ILE H 326 26.46 -44.43 21.12
C ILE H 326 27.28 -43.97 19.92
N GLU H 327 27.86 -44.93 19.21
CA GLU H 327 28.63 -44.70 18.01
C GLU H 327 27.91 -45.46 16.90
N SER H 328 27.25 -44.71 16.01
CA SER H 328 26.28 -45.29 15.11
C SER H 328 26.70 -45.28 13.64
N HIS H 329 27.09 -46.46 13.15
CA HIS H 329 27.55 -46.64 11.79
C HIS H 329 26.42 -47.09 10.89
N ARG H 330 26.04 -46.24 9.96
CA ARG H 330 25.03 -46.63 9.02
C ARG H 330 25.76 -47.06 7.75
N LEU H 331 25.85 -48.37 7.55
CA LEU H 331 26.72 -48.97 6.53
C LEU H 331 25.98 -49.34 5.25
N ARG H 332 26.64 -49.09 4.11
CA ARG H 332 26.05 -49.33 2.80
C ARG H 332 26.48 -50.68 2.28
N THR H 333 25.54 -51.45 1.76
CA THR H 333 25.80 -52.82 1.30
C THR H 333 24.97 -53.05 0.07
N ASN H 334 25.44 -53.92 -0.81
CA ASN H 334 24.71 -54.23 -2.02
C ASN H 334 23.65 -55.29 -1.74
N THR H 335 22.82 -54.98 -0.76
CA THR H 335 21.62 -55.75 -0.49
C THR H 335 20.45 -54.76 -0.57
N GLN H 336 19.25 -55.25 -0.25
CA GLN H 336 18.02 -54.47 -0.34
C GLN H 336 18.12 -53.16 0.41
N SER H 337 17.44 -52.13 -0.09
CA SER H 337 17.49 -50.82 0.55
C SER H 337 16.55 -50.78 1.73
N ASN H 338 17.11 -51.11 2.87
CA ASN H 338 16.35 -51.18 4.09
C ASN H 338 15.55 -49.91 4.32
N THR H 339 14.43 -50.04 5.03
CA THR H 339 13.45 -48.98 5.13
C THR H 339 12.79 -49.02 6.51
N ALA H 340 11.62 -48.39 6.62
CA ALA H 340 10.84 -48.38 7.86
C ALA H 340 10.16 -49.72 8.12
N PHE H 341 10.18 -50.12 9.40
CA PHE H 341 9.39 -51.24 9.96
C PHE H 341 8.89 -50.90 11.39
N ARG H 342 7.57 -50.96 11.58
CA ARG H 342 6.92 -50.77 12.89
C ARG H 342 7.91 -50.77 14.04
N GLY H 343 8.19 -49.59 14.57
CA GLY H 343 9.20 -49.46 15.63
C GLY H 343 10.31 -48.52 15.15
N PHE H 344 10.64 -48.64 13.86
CA PHE H 344 11.47 -47.65 13.19
C PHE H 344 12.86 -47.44 13.86
N GLY H 345 13.59 -48.53 14.08
CA GLY H 345 14.90 -48.43 14.75
C GLY H 345 14.83 -48.52 16.26
N GLY H 346 13.67 -48.14 16.80
CA GLY H 346 13.36 -48.26 18.22
C GLY H 346 13.62 -49.64 18.82
N PRO H 347 13.03 -50.70 18.23
CA PRO H 347 13.23 -52.04 18.77
C PRO H 347 14.70 -52.42 18.84
N GLN H 348 15.39 -52.29 17.70
CA GLN H 348 16.82 -52.58 17.61
C GLN H 348 17.61 -51.94 18.77
N GLY H 349 17.54 -50.61 18.86
CA GLY H 349 18.27 -49.87 19.89
C GLY H 349 17.97 -50.36 21.29
N ALA H 350 16.66 -50.51 21.57
CA ALA H 350 16.17 -50.89 22.90
C ALA H 350 16.60 -52.32 23.25
N LEU H 351 16.65 -53.17 22.22
CA LEU H 351 17.11 -54.55 22.41
C LEU H 351 18.55 -54.58 22.89
N GLY H 352 19.43 -53.79 22.26
CA GLY H 352 20.80 -53.56 22.74
C GLY H 352 20.90 -53.32 24.25
N MET H 353 20.13 -52.37 24.77
CA MET H 353 20.12 -52.10 26.22
C MET H 353 19.51 -53.25 27.01
N GLU H 354 18.47 -53.87 26.46
CA GLU H 354 17.82 -54.97 27.16
C GLU H 354 18.76 -56.15 27.35
N ARG H 355 19.54 -56.43 26.31
CA ARG H 355 20.53 -57.49 26.32
C ARG H 355 21.65 -57.09 27.26
N ALA H 356 22.13 -55.84 27.13
CA ALA H 356 23.21 -55.36 27.97
C ALA H 356 22.80 -55.56 29.43
N ILE H 357 21.69 -54.96 29.83
CA ILE H 357 21.24 -55.05 31.22
C ILE H 357 21.04 -56.51 31.66
N GLU H 358 20.56 -57.35 30.75
CA GLU H 358 20.38 -58.77 31.07
C GLU H 358 21.73 -59.40 31.43
N HIS H 359 22.75 -59.07 30.64
CA HIS H 359 24.10 -59.59 30.81
C HIS H 359 24.63 -59.18 32.19
N LEU H 360 24.56 -57.88 32.48
CA LEU H 360 24.95 -57.31 33.76
C LEU H 360 24.23 -57.97 34.93
N ALA H 361 22.94 -58.20 34.77
CA ALA H 361 22.17 -58.89 35.82
C ALA H 361 22.78 -60.26 36.09
N ARG H 362 22.96 -61.04 35.02
CA ARG H 362 23.41 -62.42 35.10
C ARG H 362 24.80 -62.52 35.71
N GLY H 363 25.79 -61.99 35.00
CA GLY H 363 27.16 -61.88 35.50
C GLY H 363 27.33 -61.32 36.91
N MET H 364 26.31 -60.68 37.47
CA MET H 364 26.42 -60.33 38.88
C MET H 364 25.46 -61.11 39.78
N GLY H 365 24.94 -62.22 39.26
CA GLY H 365 24.08 -63.13 40.02
C GLY H 365 22.99 -62.37 40.75
N ARG H 366 22.06 -61.82 39.98
CA ARG H 366 21.07 -60.90 40.49
C ARG H 366 19.83 -61.04 39.60
N ASP H 367 18.63 -60.86 40.16
CA ASP H 367 17.40 -60.88 39.36
C ASP H 367 17.38 -59.73 38.30
N PRO H 368 17.29 -60.09 37.00
CA PRO H 368 17.23 -59.07 35.95
C PRO H 368 16.07 -58.08 36.15
N ALA H 369 14.93 -58.61 36.59
CA ALA H 369 13.74 -57.80 36.89
C ALA H 369 13.95 -56.86 38.07
N GLU H 370 14.57 -57.35 39.13
CA GLU H 370 14.84 -56.48 40.26
C GLU H 370 15.81 -55.40 39.80
N LEU H 371 16.86 -55.81 39.06
CA LEU H 371 17.85 -54.88 38.54
C LEU H 371 17.24 -53.82 37.61
N ARG H 372 16.31 -54.24 36.73
CA ARG H 372 15.59 -53.32 35.82
C ARG H 372 14.73 -52.29 36.58
N ALA H 373 13.88 -52.78 37.49
CA ALA H 373 13.00 -51.91 38.25
C ALA H 373 13.80 -50.90 39.05
N LEU H 374 15.00 -51.29 39.46
CA LEU H 374 15.87 -50.41 40.22
C LEU H 374 16.28 -49.21 39.37
N ASN H 375 16.33 -49.42 38.06
CA ASN H 375 16.95 -48.46 37.16
C ASN H 375 15.98 -47.74 36.23
N PHE H 376 14.69 -48.01 36.39
CA PHE H 376 13.67 -47.27 35.67
C PHE H 376 13.83 -45.79 35.97
N TYR H 377 13.43 -44.95 35.01
CA TYR H 377 13.28 -43.51 35.24
C TYR H 377 12.29 -43.28 36.36
N ASP H 378 12.56 -42.22 37.13
CA ASP H 378 11.72 -41.82 38.25
C ASP H 378 10.24 -41.59 37.87
N PRO H 379 9.31 -41.85 38.80
CA PRO H 379 7.90 -41.57 38.52
C PRO H 379 7.64 -40.05 38.57
N PRO H 380 6.53 -39.56 37.98
CA PRO H 380 6.38 -38.09 37.94
C PRO H 380 6.14 -37.46 39.32
N GLU H 381 6.51 -36.18 39.47
CA GLU H 381 6.20 -35.36 40.65
C GLU H 381 6.66 -33.90 40.51
N LYS H 398 12.38 -30.32 41.90
CA LYS H 398 13.82 -30.61 41.94
C LYS H 398 14.31 -31.43 40.73
N LYS H 399 15.14 -30.77 39.92
CA LYS H 399 15.87 -31.35 38.77
C LYS H 399 15.42 -32.75 38.28
N THR H 400 14.44 -32.75 37.39
CA THR H 400 13.93 -33.96 36.74
C THR H 400 15.06 -34.74 36.08
N GLN H 401 14.89 -36.06 36.00
CA GLN H 401 15.84 -36.90 35.27
C GLN H 401 15.74 -36.64 33.76
N THR H 402 16.83 -36.92 33.03
CA THR H 402 16.81 -36.78 31.57
C THR H 402 17.31 -38.02 30.82
N THR H 403 16.94 -38.09 29.54
CA THR H 403 17.51 -39.07 28.61
C THR H 403 18.92 -38.61 28.20
N HIS H 404 19.68 -39.52 27.61
CA HIS H 404 21.01 -39.19 27.15
C HIS H 404 21.02 -38.01 26.16
N TYR H 405 19.91 -37.77 25.47
CA TYR H 405 19.83 -36.67 24.54
C TYR H 405 19.23 -35.43 25.17
N GLY H 406 19.01 -35.51 26.48
CA GLY H 406 18.60 -34.33 27.26
C GLY H 406 17.11 -34.04 27.41
N GLN H 407 16.25 -34.95 26.95
CA GLN H 407 14.82 -34.79 27.20
C GLN H 407 14.42 -35.21 28.62
N GLU H 408 13.81 -34.29 29.35
CA GLU H 408 13.23 -34.62 30.64
C GLU H 408 12.12 -35.66 30.53
N VAL H 409 12.17 -36.64 31.42
CA VAL H 409 11.20 -37.72 31.46
C VAL H 409 10.26 -37.47 32.64
N ALA H 410 9.09 -36.92 32.34
CA ALA H 410 8.17 -36.46 33.37
C ALA H 410 6.92 -37.32 33.49
N ASP H 411 6.75 -38.29 32.59
CA ASP H 411 5.52 -39.11 32.49
C ASP H 411 5.71 -40.61 32.74
N CYS H 412 6.77 -40.98 33.44
CA CYS H 412 7.21 -42.37 33.42
C CYS H 412 6.60 -43.21 34.52
N VAL H 413 5.64 -44.05 34.15
CA VAL H 413 4.79 -44.77 35.10
C VAL H 413 5.21 -46.22 35.30
N LEU H 414 6.39 -46.55 34.77
CA LEU H 414 6.87 -47.93 34.67
C LEU H 414 6.94 -48.70 36.00
N GLY H 415 7.48 -48.06 37.03
CA GLY H 415 7.61 -48.70 38.35
C GLY H 415 6.31 -49.31 38.84
N GLU H 416 5.26 -48.50 38.85
CA GLU H 416 3.93 -48.94 39.25
C GLU H 416 3.38 -49.98 38.27
N LEU H 417 3.44 -49.69 36.97
CA LEU H 417 2.96 -50.59 35.91
C LEU H 417 3.57 -51.99 36.07
N VAL H 418 4.88 -52.04 36.26
CA VAL H 418 5.61 -53.30 36.39
C VAL H 418 5.22 -54.05 37.68
N THR H 419 5.21 -53.35 38.80
CA THR H 419 4.65 -53.89 40.05
C THR H 419 3.26 -54.54 39.83
N ARG H 420 2.38 -53.83 39.12
CA ARG H 420 0.99 -54.27 38.93
C ARG H 420 0.92 -55.51 38.04
N LEU H 421 1.70 -55.48 36.96
CA LEU H 421 1.67 -56.56 35.98
C LEU H 421 2.19 -57.84 36.59
N GLN H 422 3.25 -57.69 37.37
CA GLN H 422 3.87 -58.83 38.04
C GLN H 422 2.90 -59.55 38.96
N LYS H 423 2.19 -58.79 39.79
CA LYS H 423 1.21 -59.42 40.68
C LYS H 423 0.01 -59.92 39.89
N SER H 424 -0.41 -59.13 38.91
CA SER H 424 -1.38 -59.63 37.95
C SER H 424 -0.99 -61.00 37.36
N ALA H 425 0.25 -61.12 36.88
CA ALA H 425 0.72 -62.31 36.12
C ALA H 425 1.20 -63.44 37.03
N ASN H 426 1.19 -63.17 38.32
CA ASN H 426 1.68 -64.08 39.34
C ASN H 426 3.15 -64.45 39.10
N PHE H 427 3.96 -63.40 38.92
CA PHE H 427 5.36 -63.52 38.51
C PHE H 427 6.21 -64.36 39.48
N THR H 428 6.51 -63.81 40.65
CA THR H 428 7.27 -64.56 41.68
C THR H 428 6.86 -66.03 41.82
N THR H 429 5.58 -66.29 42.05
CA THR H 429 5.10 -67.68 42.17
C THR H 429 5.44 -68.51 40.92
N ARG H 430 5.20 -67.96 39.74
CA ARG H 430 5.50 -68.69 38.50
C ARG H 430 6.99 -68.95 38.28
N ARG H 431 7.83 -68.02 38.72
CA ARG H 431 9.26 -68.17 38.65
C ARG H 431 9.71 -69.36 39.50
N ALA H 432 9.31 -69.34 40.78
CA ALA H 432 9.56 -70.46 41.72
C ALA H 432 9.22 -71.83 41.14
N GLU H 433 8.03 -71.95 40.54
CA GLU H 433 7.59 -73.22 39.93
C GLU H 433 8.45 -73.68 38.74
N ILE H 434 8.88 -72.73 37.92
CA ILE H 434 9.70 -73.01 36.73
C ILE H 434 11.04 -73.56 37.18
N ALA H 435 11.60 -72.99 38.24
CA ALA H 435 12.82 -73.52 38.86
C ALA H 435 12.64 -75.00 39.19
N ALA H 436 11.65 -75.31 40.04
CA ALA H 436 11.29 -76.68 40.38
C ALA H 436 11.17 -77.53 39.12
N TRP H 437 10.08 -77.36 38.39
CA TRP H 437 9.84 -78.02 37.10
C TRP H 437 11.12 -78.28 36.29
N ASN H 438 12.00 -77.29 36.19
CA ASN H 438 13.25 -77.43 35.45
C ASN H 438 14.17 -78.52 36.00
N SER H 439 14.51 -78.40 37.28
CA SER H 439 15.25 -79.46 37.98
C SER H 439 14.38 -80.70 38.18
N THR H 440 13.72 -81.15 37.11
CA THR H 440 13.04 -82.45 37.06
C THR H 440 13.19 -82.92 35.63
N ASN H 441 13.48 -81.98 34.73
CA ASN H 441 13.58 -82.28 33.31
C ASN H 441 15.00 -82.20 32.78
N ARG H 442 15.34 -83.04 31.81
CA ARG H 442 16.68 -83.01 31.22
C ARG H 442 16.67 -82.88 29.68
N THR H 443 15.48 -83.04 29.09
CA THR H 443 15.28 -82.73 27.68
C THR H 443 14.63 -81.36 27.50
N LEU H 444 13.60 -81.05 28.27
CA LEU H 444 12.93 -79.77 28.12
C LEU H 444 13.40 -78.80 29.18
N ALA H 445 13.33 -77.51 28.87
CA ALA H 445 13.49 -76.47 29.86
C ALA H 445 12.47 -75.37 29.60
N ARG H 446 11.95 -74.79 30.67
CA ARG H 446 11.07 -73.64 30.57
C ARG H 446 11.84 -72.37 30.92
N GLY H 447 11.44 -71.25 30.31
CA GLY H 447 12.00 -69.96 30.69
C GLY H 447 10.95 -68.87 30.83
N ILE H 448 11.20 -67.91 31.72
CA ILE H 448 10.26 -66.79 31.92
C ILE H 448 11.03 -65.48 32.06
N ALA H 449 10.56 -64.43 31.38
CA ALA H 449 11.23 -63.14 31.46
C ALA H 449 10.26 -61.95 31.37
N LEU H 450 10.63 -60.85 32.03
CA LEU H 450 9.91 -59.58 31.92
C LEU H 450 10.77 -58.42 31.37
N SER H 451 10.25 -57.75 30.32
CA SER H 451 10.93 -56.56 29.77
C SER H 451 9.97 -55.39 29.69
N PRO H 452 10.49 -54.16 29.93
CA PRO H 452 9.66 -52.95 29.89
C PRO H 452 9.75 -52.23 28.54
N VAL H 453 8.83 -51.30 28.26
CA VAL H 453 8.88 -50.47 27.05
C VAL H 453 8.70 -48.98 27.35
N LYS H 454 9.45 -48.19 26.60
CA LYS H 454 9.45 -46.75 26.67
C LYS H 454 9.82 -46.27 25.28
N PHE H 455 8.82 -45.79 24.57
CA PHE H 455 8.95 -45.49 23.19
C PHE H 455 8.47 -44.04 23.01
N GLY H 456 9.26 -43.20 22.31
CA GLY H 456 8.94 -41.76 22.17
C GLY H 456 8.04 -41.44 20.99
N ILE H 457 7.17 -40.44 21.13
CA ILE H 457 6.17 -40.15 20.06
C ILE H 457 6.37 -38.85 19.26
N SER H 458 6.38 -38.99 17.93
CA SER H 458 6.57 -37.87 16.99
C SER H 458 7.67 -38.18 15.99
N PHE H 459 7.58 -37.59 14.80
CA PHE H 459 8.62 -37.71 13.80
C PHE H 459 9.84 -36.94 14.28
N THR H 460 10.98 -37.64 14.37
CA THR H 460 12.21 -36.97 14.73
C THR H 460 12.64 -35.96 13.67
N LEU H 461 12.09 -36.07 12.46
CA LEU H 461 12.12 -34.94 11.51
C LEU H 461 10.90 -34.02 11.72
N THR H 462 11.01 -33.21 12.79
CA THR H 462 9.96 -32.37 13.41
C THR H 462 8.84 -31.75 12.56
N HIS H 463 9.22 -31.15 11.44
CA HIS H 463 8.25 -30.51 10.58
C HIS H 463 7.28 -31.51 9.96
N LEU H 464 7.47 -32.80 10.22
CA LEU H 464 6.52 -33.78 9.74
C LEU H 464 5.36 -33.94 10.71
N ASN H 465 5.48 -33.34 11.87
CA ASN H 465 4.43 -33.47 12.86
C ASN H 465 3.29 -32.47 12.66
N GLN H 466 2.63 -32.58 11.51
CA GLN H 466 1.45 -31.78 11.15
C GLN H 466 0.43 -32.68 10.45
N ALA H 467 -0.84 -32.27 10.50
CA ALA H 467 -1.94 -33.09 9.96
C ALA H 467 -3.16 -32.22 9.62
N GLY H 468 -3.87 -32.58 8.58
CA GLY H 468 -5.04 -31.81 8.18
C GLY H 468 -6.26 -32.68 7.95
N ALA H 469 -7.44 -32.08 8.11
CA ALA H 469 -8.72 -32.75 7.98
C ALA H 469 -9.69 -31.81 7.29
N LEU H 470 -10.73 -32.40 6.69
CA LEU H 470 -11.79 -31.64 6.05
C LEU H 470 -13.16 -32.27 6.36
N VAL H 471 -14.10 -31.49 6.91
CA VAL H 471 -15.45 -32.01 7.26
C VAL H 471 -16.60 -31.25 6.58
N GLN H 472 -17.63 -31.99 6.18
CA GLN H 472 -18.84 -31.47 5.55
C GLN H 472 -20.06 -31.93 6.31
N ILE H 473 -20.90 -30.97 6.69
CA ILE H 473 -22.24 -31.35 7.10
C ILE H 473 -23.18 -31.11 5.92
N TYR H 474 -23.78 -32.20 5.43
CA TYR H 474 -24.82 -32.08 4.42
C TYR H 474 -26.17 -31.69 5.03
N THR H 475 -27.07 -31.19 4.19
CA THR H 475 -28.35 -30.66 4.69
C THR H 475 -29.29 -31.69 5.31
N ASP H 476 -28.97 -32.97 5.21
CA ASP H 476 -29.76 -33.99 5.93
C ASP H 476 -29.21 -34.22 7.33
N GLY H 477 -28.11 -33.54 7.68
CA GLY H 477 -27.43 -33.74 8.95
C GLY H 477 -26.33 -34.79 8.96
N SER H 478 -26.20 -35.55 7.86
CA SER H 478 -25.15 -36.55 7.73
C SER H 478 -23.83 -35.83 7.45
N VAL H 479 -22.73 -36.49 7.78
CA VAL H 479 -21.44 -35.85 7.82
C VAL H 479 -20.47 -36.71 7.05
N ALA H 480 -19.74 -36.06 6.13
CA ALA H 480 -18.63 -36.65 5.37
C ALA H 480 -17.33 -36.18 6.01
N LEU H 481 -16.51 -37.13 6.47
CA LEU H 481 -15.24 -36.85 7.14
C LEU H 481 -14.04 -37.32 6.31
N ASN H 482 -13.04 -36.45 6.17
CA ASN H 482 -11.83 -36.76 5.42
C ASN H 482 -10.58 -36.26 6.15
N HIS H 483 -9.50 -37.05 6.15
CA HIS H 483 -8.23 -36.66 6.80
C HIS H 483 -6.97 -37.12 6.04
N GLY H 484 -5.81 -36.65 6.44
CA GLY H 484 -4.55 -37.03 5.76
C GLY H 484 -4.01 -38.42 6.10
N GLY H 485 -4.54 -39.01 7.17
CA GLY H 485 -4.09 -40.31 7.63
C GLY H 485 -4.60 -41.40 6.73
N THR H 486 -3.85 -42.51 6.65
CA THR H 486 -4.20 -43.65 5.81
C THR H 486 -4.41 -44.90 6.65
N GLU H 487 -5.39 -45.71 6.23
CA GLU H 487 -5.85 -46.88 6.97
C GLU H 487 -5.18 -48.09 6.39
N MET H 488 -4.47 -48.80 7.26
CA MET H 488 -3.70 -49.96 6.87
C MET H 488 -4.09 -51.13 7.81
N GLY H 489 -5.16 -50.94 8.59
CA GLY H 489 -5.64 -51.97 9.48
C GLY H 489 -5.78 -51.47 10.92
N GLN H 490 -4.99 -50.46 11.27
CA GLN H 490 -4.80 -49.99 12.65
C GLN H 490 -6.06 -49.43 13.31
N GLY H 491 -7.07 -49.15 12.51
CA GLY H 491 -8.35 -48.69 13.05
C GLY H 491 -8.43 -47.18 13.11
N LEU H 492 -7.61 -46.54 12.28
CA LEU H 492 -7.49 -45.11 12.27
C LEU H 492 -8.82 -44.44 12.00
N HIS H 493 -9.45 -44.77 10.87
CA HIS H 493 -10.76 -44.22 10.54
C HIS H 493 -11.81 -44.28 11.66
N ALA H 494 -11.99 -45.43 12.29
CA ALA H 494 -12.99 -45.52 13.36
C ALA H 494 -12.68 -44.52 14.46
N LYS H 495 -11.41 -44.38 14.81
CA LYS H 495 -11.04 -43.48 15.88
C LYS H 495 -11.32 -42.05 15.43
N MET H 496 -11.16 -41.79 14.13
CA MET H 496 -11.44 -40.45 13.59
C MET H 496 -12.94 -40.20 13.62
N VAL H 497 -13.73 -41.23 13.32
CA VAL H 497 -15.18 -41.10 13.38
C VAL H 497 -15.62 -40.80 14.83
N GLN H 498 -15.07 -41.56 15.78
CA GLN H 498 -15.47 -41.42 17.17
C GLN H 498 -15.21 -40.02 17.67
N VAL H 499 -14.11 -39.43 17.21
CA VAL H 499 -13.70 -38.09 17.61
C VAL H 499 -14.70 -37.08 17.04
N ALA H 500 -14.92 -37.17 15.73
CA ALA H 500 -15.84 -36.27 15.05
C ALA H 500 -17.25 -36.31 15.68
N ALA H 501 -17.72 -37.52 15.98
CA ALA H 501 -19.03 -37.77 16.58
C ALA H 501 -19.13 -37.23 17.99
N ALA H 502 -18.01 -37.30 18.72
CA ALA H 502 -17.92 -36.80 20.08
C ALA H 502 -17.90 -35.28 20.10
N VAL H 503 -17.30 -34.69 19.06
CA VAL H 503 -17.10 -33.23 19.03
C VAL H 503 -18.36 -32.48 18.58
N LEU H 504 -19.16 -33.12 17.75
CA LEU H 504 -20.41 -32.53 17.31
C LEU H 504 -21.64 -33.06 18.12
N GLY H 505 -21.40 -34.00 19.04
CA GLY H 505 -22.45 -34.58 19.88
C GLY H 505 -23.54 -35.28 19.09
N ILE H 506 -23.11 -36.13 18.17
CA ILE H 506 -24.02 -36.93 17.33
C ILE H 506 -23.53 -38.38 17.28
N ASP H 507 -24.41 -39.29 16.85
CA ASP H 507 -24.06 -40.70 16.68
C ASP H 507 -23.02 -40.90 15.55
N PRO H 508 -22.02 -41.79 15.78
CA PRO H 508 -21.07 -42.20 14.73
C PRO H 508 -21.73 -42.49 13.39
N VAL H 509 -22.89 -43.11 13.44
CA VAL H 509 -23.60 -43.56 12.26
C VAL H 509 -23.83 -42.37 11.35
N GLN H 510 -23.85 -41.17 11.92
CA GLN H 510 -24.00 -39.91 11.19
C GLN H 510 -22.72 -39.47 10.45
N VAL H 511 -21.61 -40.14 10.72
CA VAL H 511 -20.31 -39.74 10.17
C VAL H 511 -19.85 -40.84 9.22
N ARG H 512 -19.41 -40.46 8.02
CA ARG H 512 -18.98 -41.43 6.98
C ARG H 512 -17.55 -41.15 6.47
N ILE H 513 -16.59 -42.03 6.74
CA ILE H 513 -15.21 -41.82 6.28
C ILE H 513 -15.09 -41.82 4.76
N THR H 514 -14.24 -40.96 4.20
CA THR H 514 -13.97 -40.94 2.75
C THR H 514 -12.53 -41.33 2.47
N ALA H 515 -12.23 -41.80 1.27
CA ALA H 515 -10.84 -42.17 0.93
C ALA H 515 -9.87 -41.02 1.13
N THR H 516 -8.73 -41.33 1.73
CA THR H 516 -7.58 -40.40 1.78
C THR H 516 -7.32 -39.88 0.35
N ASP H 517 -7.08 -38.58 0.23
CA ASP H 517 -7.06 -37.93 -1.07
C ASP H 517 -6.31 -36.59 -1.04
N THR H 518 -5.16 -36.53 -1.71
CA THR H 518 -4.32 -35.33 -1.74
C THR H 518 -5.02 -34.07 -2.28
N SER H 519 -6.12 -34.24 -3.02
CA SER H 519 -6.88 -33.05 -3.42
C SER H 519 -7.90 -32.60 -2.33
N LYS H 520 -8.17 -33.44 -1.34
CA LYS H 520 -9.01 -33.02 -0.24
C LYS H 520 -8.13 -32.51 0.94
N VAL H 521 -7.10 -33.26 1.33
CA VAL H 521 -6.12 -32.74 2.30
C VAL H 521 -4.69 -32.79 1.77
N PRO H 522 -4.04 -31.62 1.57
CA PRO H 522 -2.74 -31.52 0.89
C PRO H 522 -1.54 -31.55 1.84
N ASN H 523 -0.38 -31.89 1.30
CA ASN H 523 0.90 -31.79 1.99
C ASN H 523 0.92 -32.59 3.27
N THR H 524 0.48 -33.84 3.19
CA THR H 524 0.40 -34.68 4.37
C THR H 524 1.67 -35.53 4.58
N SER H 525 1.93 -35.96 5.81
CA SER H 525 3.09 -36.78 6.10
C SER H 525 2.75 -38.24 5.85
N ALA H 526 3.72 -39.14 5.80
CA ALA H 526 3.34 -40.55 5.87
C ALA H 526 2.55 -40.82 7.19
N THR H 527 1.72 -41.86 7.18
CA THR H 527 1.11 -42.31 8.40
C THR H 527 2.12 -43.25 9.04
N ALA H 528 2.83 -42.73 10.05
CA ALA H 528 4.08 -43.35 10.54
C ALA H 528 4.41 -42.86 11.93
N ALA H 529 5.41 -43.47 12.56
CA ALA H 529 5.83 -43.06 13.91
C ALA H 529 4.61 -42.97 14.82
N SER H 530 3.82 -44.05 14.86
CA SER H 530 2.58 -44.09 15.64
C SER H 530 1.94 -42.72 15.85
N SER H 531 1.66 -41.94 14.80
CA SER H 531 1.18 -40.58 15.05
C SER H 531 -0.08 -40.17 14.29
N GLY H 532 -0.51 -41.03 13.36
CA GLY H 532 -1.69 -40.78 12.54
C GLY H 532 -2.96 -40.41 13.28
N ALA H 533 -3.22 -41.06 14.41
CA ALA H 533 -4.40 -40.73 15.21
C ALA H 533 -4.13 -39.58 16.14
N ASP H 534 -2.92 -39.54 16.72
CA ASP H 534 -2.47 -38.43 17.57
C ASP H 534 -2.81 -37.11 16.86
N MET H 535 -2.25 -36.92 15.66
CA MET H 535 -2.32 -35.65 14.96
C MET H 535 -3.60 -35.44 14.12
N ASN H 536 -4.04 -36.47 13.41
CA ASN H 536 -5.28 -36.35 12.61
C ASN H 536 -6.45 -36.13 13.55
N GLY H 537 -6.42 -36.84 14.68
CA GLY H 537 -7.35 -36.69 15.77
C GLY H 537 -7.58 -35.23 16.03
N MET H 538 -6.48 -34.50 16.29
CA MET H 538 -6.57 -33.06 16.52
C MET H 538 -7.13 -32.28 15.31
N ALA H 539 -6.58 -32.50 14.11
CA ALA H 539 -7.06 -31.80 12.92
C ALA H 539 -8.57 -32.02 12.68
N VAL H 540 -9.05 -33.23 12.99
CA VAL H 540 -10.46 -33.53 12.89
C VAL H 540 -11.21 -32.70 13.91
N LYS H 541 -10.79 -32.79 15.17
CA LYS H 541 -11.49 -32.12 16.27
C LYS H 541 -11.54 -30.64 15.97
N ASP H 542 -10.44 -30.14 15.40
CA ASP H 542 -10.32 -28.73 15.02
C ASP H 542 -11.42 -28.31 14.05
N ALA H 543 -11.59 -29.05 12.95
CA ALA H 543 -12.57 -28.73 11.91
C ALA H 543 -14.00 -28.87 12.45
N CYS H 544 -14.21 -29.90 13.25
CA CYS H 544 -15.48 -30.14 13.94
C CYS H 544 -15.92 -29.01 14.86
N GLU H 545 -14.98 -28.48 15.65
CA GLU H 545 -15.23 -27.30 16.48
C GLU H 545 -15.50 -26.06 15.65
N THR H 546 -14.74 -25.81 14.60
CA THR H 546 -15.12 -24.71 13.70
C THR H 546 -16.60 -24.89 13.36
N LEU H 547 -16.98 -26.07 12.90
CA LEU H 547 -18.38 -26.34 12.61
C LEU H 547 -19.30 -26.17 13.83
N ARG H 548 -19.01 -26.85 14.94
CA ARG H 548 -19.82 -26.70 16.13
C ARG H 548 -19.98 -25.23 16.54
N GLY H 549 -18.91 -24.47 16.36
CA GLY H 549 -18.89 -23.05 16.64
C GLY H 549 -19.95 -22.34 15.83
N ARG H 550 -19.97 -22.57 14.51
CA ARG H 550 -20.91 -21.85 13.65
C ARG H 550 -22.33 -22.23 14.00
N LEU H 551 -22.56 -23.51 14.26
CA LEU H 551 -23.87 -23.94 14.60
C LEU H 551 -24.29 -23.24 15.89
N ALA H 552 -23.40 -23.24 16.87
CA ALA H 552 -23.69 -22.67 18.19
C ALA H 552 -24.07 -21.20 18.06
N GLY H 553 -23.26 -20.44 17.35
CA GLY H 553 -23.50 -19.02 17.18
C GLY H 553 -24.88 -18.73 16.59
N PHE H 554 -25.25 -19.49 15.56
CA PHE H 554 -26.52 -19.31 14.87
C PHE H 554 -27.71 -19.56 15.80
N VAL H 555 -27.65 -20.68 16.51
CA VAL H 555 -28.69 -21.02 17.45
C VAL H 555 -28.70 -19.97 18.51
N ALA H 556 -27.52 -19.67 19.07
CA ALA H 556 -27.37 -18.67 20.14
C ALA H 556 -28.09 -17.38 19.79
N ALA H 557 -27.79 -16.81 18.62
CA ALA H 557 -28.51 -15.65 18.10
C ALA H 557 -30.02 -15.93 18.02
N ARG H 558 -30.44 -16.75 17.05
CA ARG H 558 -31.84 -17.16 16.86
C ARG H 558 -32.58 -17.49 18.19
N GLU H 559 -31.85 -17.82 19.25
CA GLU H 559 -32.48 -18.14 20.54
C GLU H 559 -32.08 -17.16 21.66
N GLY H 560 -31.48 -16.04 21.23
CA GLY H 560 -31.00 -14.98 22.11
C GLY H 560 -30.23 -15.48 23.33
N CYS H 561 -28.91 -15.29 23.32
CA CYS H 561 -28.01 -15.58 24.48
C CYS H 561 -26.77 -16.38 24.06
N ALA H 562 -25.90 -16.65 25.03
CA ALA H 562 -24.48 -16.99 24.81
C ALA H 562 -24.21 -18.25 24.02
N ALA H 563 -23.45 -18.10 22.94
CA ALA H 563 -23.12 -19.20 22.04
C ALA H 563 -22.49 -20.32 22.83
N ARG H 564 -21.55 -19.98 23.69
CA ARG H 564 -20.94 -20.94 24.61
C ARG H 564 -21.95 -21.76 25.44
N ASP H 565 -23.22 -21.37 25.50
CA ASP H 565 -24.21 -22.13 26.30
C ASP H 565 -25.12 -23.03 25.47
N VAL H 566 -24.79 -23.18 24.18
CA VAL H 566 -25.47 -24.14 23.31
C VAL H 566 -24.80 -25.53 23.42
N ILE H 567 -25.60 -26.55 23.71
CA ILE H 567 -25.09 -27.89 24.03
C ILE H 567 -25.45 -28.93 22.97
N PHE H 568 -24.39 -29.51 22.40
CA PHE H 568 -24.49 -30.54 21.36
C PHE H 568 -24.19 -31.90 21.96
N ASP H 569 -25.23 -32.67 22.19
CA ASP H 569 -25.06 -33.99 22.75
C ASP H 569 -26.14 -34.94 22.27
N ALA H 570 -25.77 -36.21 22.18
CA ALA H 570 -26.74 -37.26 21.93
C ALA H 570 -27.68 -36.93 20.75
N GLY H 571 -27.13 -36.32 19.71
CA GLY H 571 -27.90 -36.00 18.50
C GLY H 571 -28.92 -34.87 18.72
N GLN H 572 -28.76 -34.17 19.83
CA GLN H 572 -29.66 -33.10 20.23
C GLN H 572 -28.88 -31.81 20.51
N VAL H 573 -29.42 -30.71 20.01
CA VAL H 573 -28.87 -29.36 20.21
C VAL H 573 -29.75 -28.69 21.26
N GLN H 574 -29.10 -28.04 22.21
CA GLN H 574 -29.76 -27.57 23.42
C GLN H 574 -29.39 -26.15 23.78
N ALA H 575 -30.44 -25.33 23.92
CA ALA H 575 -30.30 -23.91 24.20
C ALA H 575 -31.57 -23.38 24.85
N SER H 576 -31.40 -22.41 25.78
CA SER H 576 -32.51 -21.66 26.38
C SER H 576 -33.71 -22.53 26.77
N GLY H 577 -33.47 -23.68 27.37
CA GLY H 577 -34.56 -24.54 27.82
C GLY H 577 -35.10 -25.48 26.77
N LYS H 578 -35.13 -25.06 25.50
CA LYS H 578 -35.61 -25.94 24.43
C LYS H 578 -34.49 -26.83 23.88
N SER H 579 -34.84 -27.72 22.95
CA SER H 579 -33.86 -28.59 22.31
C SER H 579 -34.34 -29.09 20.96
N TRP H 580 -33.39 -29.23 20.02
CA TRP H 580 -33.70 -29.68 18.67
C TRP H 580 -32.86 -30.87 18.30
N ARG H 581 -33.24 -31.54 17.23
CA ARG H 581 -32.38 -32.52 16.63
C ARG H 581 -31.29 -31.75 15.91
N PHE H 582 -30.09 -32.34 15.90
CA PHE H 582 -28.94 -31.84 15.13
C PHE H 582 -29.40 -31.39 13.74
N ALA H 583 -30.05 -32.28 12.99
CA ALA H 583 -30.45 -31.98 11.61
C ALA H 583 -31.38 -30.76 11.48
N GLU H 584 -32.28 -30.58 12.44
CA GLU H 584 -33.12 -29.39 12.42
C GLU H 584 -32.26 -28.15 12.48
N ILE H 585 -31.25 -28.15 13.35
CA ILE H 585 -30.35 -27.03 13.45
C ILE H 585 -29.57 -26.88 12.13
N VAL H 586 -29.07 -27.99 11.62
CA VAL H 586 -28.31 -27.96 10.37
C VAL H 586 -29.14 -27.45 9.20
N ALA H 587 -30.38 -27.93 9.06
CA ALA H 587 -31.26 -27.47 7.98
C ALA H 587 -31.49 -25.96 8.07
N ALA H 588 -31.66 -25.49 9.31
CA ALA H 588 -31.85 -24.06 9.60
C ALA H 588 -30.62 -23.19 9.28
N ALA H 589 -29.43 -23.65 9.67
CA ALA H 589 -28.18 -22.93 9.38
C ALA H 589 -27.93 -22.89 7.89
N TYR H 590 -28.44 -23.89 7.16
CA TYR H 590 -28.40 -23.88 5.71
C TYR H 590 -29.36 -22.82 5.17
N MET H 591 -30.63 -22.91 5.61
CA MET H 591 -31.58 -21.84 5.33
C MET H 591 -30.90 -20.50 5.57
N ALA H 592 -30.31 -20.33 6.74
CA ALA H 592 -29.71 -19.05 7.17
C ALA H 592 -28.38 -18.66 6.48
N ARG H 593 -27.96 -19.47 5.52
CA ARG H 593 -26.71 -19.28 4.75
C ARG H 593 -25.42 -19.29 5.59
N ILE H 594 -25.20 -20.39 6.27
CA ILE H 594 -24.06 -20.57 7.15
C ILE H 594 -23.27 -21.78 6.64
N SER H 595 -22.09 -21.50 6.07
CA SER H 595 -21.12 -22.52 5.64
C SER H 595 -20.99 -23.75 6.56
N LEU H 596 -21.32 -24.90 5.99
CA LEU H 596 -21.24 -26.19 6.67
C LEU H 596 -20.02 -27.04 6.27
N SER H 597 -18.95 -26.34 5.86
CA SER H 597 -17.70 -26.93 5.43
C SER H 597 -16.51 -26.28 6.18
N ALA H 598 -15.49 -27.07 6.51
CA ALA H 598 -14.40 -26.60 7.36
C ALA H 598 -13.17 -27.43 7.17
N THR H 599 -12.01 -26.79 7.03
CA THR H 599 -10.76 -27.51 7.13
C THR H 599 -10.34 -27.50 8.60
N GLY H 600 -9.43 -28.41 8.95
CA GLY H 600 -8.89 -28.49 10.30
C GLY H 600 -7.43 -28.91 10.17
N PHE H 601 -6.57 -28.36 11.00
CA PHE H 601 -5.15 -28.59 10.84
C PHE H 601 -4.61 -28.78 12.23
N TYR H 602 -3.50 -29.51 12.36
CA TYR H 602 -2.78 -29.66 13.64
C TYR H 602 -1.27 -29.84 13.49
N ALA H 603 -0.52 -29.13 14.34
CA ALA H 603 0.93 -29.26 14.46
C ALA H 603 1.31 -29.56 15.91
N THR H 604 2.17 -30.55 16.12
CA THR H 604 2.52 -30.92 17.48
C THR H 604 3.43 -29.89 18.12
N PRO H 605 3.00 -29.35 19.28
CA PRO H 605 3.78 -28.35 19.99
C PRO H 605 4.99 -28.96 20.71
N LYS H 606 5.89 -28.10 21.19
CA LYS H 606 6.95 -28.45 22.17
C LYS H 606 8.21 -29.12 21.60
N LEU H 607 8.18 -29.44 20.32
CA LEU H 607 9.21 -30.25 19.72
C LEU H 607 10.38 -29.42 19.17
N SER H 608 11.56 -29.67 19.72
CA SER H 608 12.79 -29.08 19.18
C SER H 608 14.00 -29.90 19.54
N TRP H 609 14.83 -30.23 18.55
CA TRP H 609 16.03 -31.00 18.83
C TRP H 609 17.05 -30.93 17.68
N ASP H 610 18.33 -31.05 18.03
CA ASP H 610 19.44 -31.05 17.09
C ASP H 610 19.98 -32.46 16.95
N ARG H 611 19.86 -33.03 15.76
CA ARG H 611 20.20 -34.44 15.59
C ARG H 611 21.69 -34.67 15.62
N LEU H 612 22.45 -33.71 15.10
CA LEU H 612 23.92 -33.82 15.00
C LEU H 612 24.56 -33.88 16.38
N ARG H 613 24.14 -32.98 17.26
CA ARG H 613 24.64 -32.94 18.61
C ARG H 613 23.89 -33.90 19.54
N GLY H 614 22.71 -34.34 19.07
CA GLY H 614 21.86 -35.24 19.84
C GLY H 614 21.31 -34.65 21.13
N GLN H 615 21.02 -33.36 21.11
CA GLN H 615 20.35 -32.72 22.25
C GLN H 615 18.98 -32.21 21.83
N GLY H 616 18.03 -32.18 22.76
CA GLY H 616 16.74 -31.56 22.50
C GLY H 616 15.51 -32.30 23.03
N ARG H 617 14.33 -31.85 22.56
CA ARG H 617 13.05 -32.49 22.80
C ARG H 617 12.45 -32.96 21.47
N PRO H 618 12.83 -34.16 21.00
CA PRO H 618 12.19 -34.65 19.78
C PRO H 618 10.76 -35.19 19.96
N PHE H 619 10.45 -35.76 21.13
CA PHE H 619 9.15 -36.40 21.35
C PHE H 619 8.22 -35.54 22.19
N LEU H 620 6.90 -35.73 22.03
CA LEU H 620 5.96 -35.00 22.87
C LEU H 620 5.79 -35.71 24.20
N TYR H 621 5.84 -37.04 24.16
CA TYR H 621 5.65 -37.86 25.34
C TYR H 621 6.13 -39.29 25.05
N PHE H 622 6.28 -40.09 26.10
CA PHE H 622 6.67 -41.50 25.94
C PHE H 622 5.49 -42.41 26.22
N ALA H 623 5.46 -43.54 25.52
CA ALA H 623 4.45 -44.57 25.72
C ALA H 623 5.12 -45.75 26.43
N TYR H 624 4.40 -46.41 27.33
CA TYR H 624 5.00 -47.36 28.22
C TYR H 624 4.32 -48.70 28.16
N GLY H 625 5.04 -49.72 28.61
CA GLY H 625 4.49 -51.06 28.65
C GLY H 625 5.44 -52.00 29.36
N ALA H 626 4.94 -53.20 29.66
CA ALA H 626 5.78 -54.30 30.10
C ALA H 626 5.07 -55.59 29.69
N ALA H 627 5.88 -56.62 29.44
CA ALA H 627 5.39 -57.95 29.12
C ALA H 627 6.16 -59.03 29.88
N ILE H 628 5.45 -60.12 30.19
CA ILE H 628 6.03 -61.30 30.81
C ILE H 628 5.71 -62.47 29.91
N THR H 629 6.75 -63.06 29.32
CA THR H 629 6.59 -64.20 28.44
C THR H 629 7.14 -65.46 29.11
N GLU H 630 6.52 -66.61 28.80
CA GLU H 630 6.98 -67.91 29.27
C GLU H 630 7.09 -68.88 28.10
N VAL H 631 8.17 -69.65 28.09
CA VAL H 631 8.46 -70.55 26.99
C VAL H 631 8.98 -71.93 27.42
N VAL H 632 8.94 -72.85 26.46
CA VAL H 632 9.60 -74.15 26.55
C VAL H 632 10.57 -74.38 25.41
N ILE H 633 11.64 -75.11 25.70
CA ILE H 633 12.63 -75.51 24.70
C ILE H 633 13.01 -76.99 24.78
N ASP H 634 13.02 -77.64 23.62
CA ASP H 634 13.70 -78.92 23.44
C ASP H 634 15.21 -78.68 23.48
N ARG H 635 15.89 -79.26 24.48
CA ARG H 635 17.35 -79.17 24.67
C ARG H 635 18.17 -79.85 23.57
N LEU H 636 17.54 -80.72 22.78
CA LEU H 636 18.27 -81.53 21.80
C LEU H 636 18.30 -80.96 20.38
N THR H 637 17.19 -80.38 19.95
CA THR H 637 17.04 -79.85 18.59
C THR H 637 16.76 -78.35 18.54
N GLY H 638 16.52 -77.75 19.71
CA GLY H 638 16.31 -76.30 19.83
C GLY H 638 14.85 -75.86 19.77
N GLU H 639 13.94 -76.79 19.50
CA GLU H 639 12.51 -76.48 19.34
C GLU H 639 11.93 -75.85 20.60
N ASN H 640 10.87 -75.04 20.44
CA ASN H 640 10.49 -74.10 21.50
C ASN H 640 9.11 -73.49 21.30
N ARG H 641 8.45 -73.14 22.41
CA ARG H 641 7.09 -72.60 22.33
C ARG H 641 6.81 -71.45 23.30
N ILE H 642 6.06 -70.46 22.83
CA ILE H 642 5.55 -69.44 23.73
C ILE H 642 4.29 -69.94 24.45
N LEU H 643 4.44 -70.42 25.68
CA LEU H 643 3.31 -71.00 26.41
C LEU H 643 2.30 -69.97 26.94
N ARG H 644 2.80 -68.83 27.44
CA ARG H 644 1.95 -67.78 28.00
C ARG H 644 2.58 -66.37 28.00
N THR H 645 1.73 -65.35 27.77
CA THR H 645 2.19 -63.94 27.75
C THR H 645 1.23 -63.09 28.58
N ASP H 646 1.77 -62.16 29.34
CA ASP H 646 0.95 -61.22 30.11
C ASP H 646 1.35 -59.77 29.82
N ILE H 647 0.42 -58.96 29.35
CA ILE H 647 0.75 -57.61 28.92
C ILE H 647 -0.01 -56.56 29.74
N LEU H 648 0.68 -55.48 30.10
CA LEU H 648 0.03 -54.27 30.59
C LEU H 648 0.62 -53.08 29.83
N HIS H 649 -0.20 -52.49 28.94
CA HIS H 649 0.27 -51.39 28.08
C HIS H 649 -0.50 -50.11 28.26
N ASP H 650 0.24 -49.01 28.17
CA ASP H 650 -0.29 -47.68 28.44
C ASP H 650 -0.68 -46.94 27.14
N ALA H 651 -1.99 -46.81 26.93
CA ALA H 651 -2.55 -46.20 25.74
C ALA H 651 -3.14 -44.83 26.09
N GLY H 652 -2.68 -44.27 27.20
CA GLY H 652 -3.37 -43.15 27.84
C GLY H 652 -4.84 -43.46 28.11
N ALA H 653 -5.67 -42.41 28.16
CA ALA H 653 -7.11 -42.55 27.98
C ALA H 653 -7.37 -43.04 26.55
N SER H 654 -7.55 -44.35 26.37
CA SER H 654 -7.63 -44.93 25.03
C SER H 654 -8.81 -44.42 24.21
N LEU H 655 -8.56 -44.05 22.95
CA LEU H 655 -9.66 -43.67 22.06
C LEU H 655 -10.62 -44.83 21.80
N ASN H 656 -10.08 -46.04 21.68
CA ASN H 656 -10.91 -47.23 21.52
C ASN H 656 -10.17 -48.48 22.00
N PRO H 657 -10.55 -48.94 23.21
CA PRO H 657 -9.75 -49.98 23.90
C PRO H 657 -9.76 -51.28 23.11
N ALA H 658 -10.91 -51.58 22.51
CA ALA H 658 -11.05 -52.75 21.64
C ALA H 658 -9.96 -52.69 20.54
N LEU H 659 -10.00 -51.65 19.71
CA LEU H 659 -8.99 -51.47 18.66
C LEU H 659 -7.57 -51.43 19.22
N ASP H 660 -7.43 -50.92 20.45
CA ASP H 660 -6.11 -50.84 21.07
C ASP H 660 -5.60 -52.16 21.62
N ILE H 661 -6.49 -53.02 22.10
CA ILE H 661 -6.05 -54.32 22.58
C ILE H 661 -5.55 -55.08 21.33
N GLY H 662 -6.31 -54.95 20.25
CA GLY H 662 -6.01 -55.63 19.01
C GLY H 662 -4.64 -55.25 18.51
N GLN H 663 -4.34 -53.96 18.61
CA GLN H 663 -3.03 -53.44 18.26
C GLN H 663 -1.93 -54.10 19.06
N ILE H 664 -2.10 -54.15 20.38
CA ILE H 664 -1.11 -54.71 21.30
C ILE H 664 -0.94 -56.22 21.11
N GLU H 665 -2.05 -56.92 20.86
CA GLU H 665 -2.04 -58.37 20.72
C GLU H 665 -1.17 -58.72 19.53
N GLY H 666 -1.43 -58.04 18.42
CA GLY H 666 -0.87 -58.37 17.12
C GLY H 666 0.51 -57.77 16.99
N ALA H 667 0.71 -56.65 17.70
CA ALA H 667 1.99 -55.95 17.70
C ALA H 667 2.98 -56.82 18.43
N TYR H 668 2.52 -57.44 19.52
CA TYR H 668 3.37 -58.32 20.31
C TYR H 668 3.83 -59.53 19.49
N VAL H 669 2.86 -60.20 18.87
CA VAL H 669 3.10 -61.36 18.06
C VAL H 669 4.06 -60.97 16.94
N GLN H 670 3.97 -59.74 16.44
CA GLN H 670 4.83 -59.33 15.34
C GLN H 670 6.26 -59.23 15.83
N GLY H 671 6.42 -58.63 17.01
CA GLY H 671 7.73 -58.45 17.64
C GLY H 671 8.39 -59.78 17.92
N ALA H 672 7.72 -60.59 18.73
CA ALA H 672 8.20 -61.90 19.04
C ALA H 672 8.62 -62.64 17.74
N GLY H 673 7.75 -62.64 16.73
CA GLY H 673 8.11 -63.30 15.46
C GLY H 673 9.47 -62.88 14.89
N TRP H 674 9.82 -61.62 15.11
CA TRP H 674 11.08 -61.06 14.63
C TRP H 674 12.28 -61.72 15.35
N LEU H 675 12.08 -62.07 16.61
CA LEU H 675 13.18 -62.54 17.44
C LEU H 675 13.17 -64.05 17.59
N THR H 676 12.29 -64.71 16.85
CA THR H 676 12.18 -66.16 16.94
C THR H 676 12.33 -66.80 15.55
N THR H 677 11.24 -66.96 14.79
CA THR H 677 11.32 -67.80 13.60
C THR H 677 11.66 -67.01 12.31
N GLU H 678 11.61 -65.68 12.40
CA GLU H 678 11.77 -64.80 11.23
C GLU H 678 13.23 -64.53 10.88
N GLU H 679 13.69 -65.01 9.72
CA GLU H 679 15.11 -64.93 9.43
C GLU H 679 15.46 -64.60 7.99
N LEU H 680 16.28 -63.57 7.80
CA LEU H 680 16.68 -63.17 6.45
C LEU H 680 18.02 -63.76 6.11
N VAL H 681 18.08 -64.40 4.94
CA VAL H 681 19.24 -65.17 4.51
C VAL H 681 19.61 -64.91 3.04
N TRP H 682 20.84 -64.43 2.83
CA TRP H 682 21.38 -64.22 1.47
C TRP H 682 22.57 -65.15 1.20
N ASP H 683 22.62 -65.75 0.00
CA ASP H 683 23.81 -66.50 -0.40
C ASP H 683 25.03 -65.57 -0.59
N HIS H 684 26.21 -66.15 -0.76
CA HIS H 684 27.50 -65.43 -0.91
C HIS H 684 27.59 -64.42 -2.08
N CYS H 685 26.59 -64.43 -2.97
CA CYS H 685 26.51 -63.42 -4.03
C CYS H 685 25.48 -62.35 -3.74
N GLY H 686 25.00 -62.30 -2.49
CA GLY H 686 23.93 -61.40 -2.11
C GLY H 686 22.62 -61.72 -2.79
N ARG H 687 22.34 -62.99 -3.04
CA ARG H 687 21.04 -63.37 -3.52
C ARG H 687 20.19 -63.72 -2.33
N LEU H 688 19.09 -63.01 -2.14
CA LEU H 688 18.13 -63.34 -1.09
C LEU H 688 17.60 -64.78 -1.26
N MET H 689 17.83 -65.62 -0.26
CA MET H 689 17.37 -67.02 -0.31
C MET H 689 15.97 -67.17 0.31
N THR H 690 15.69 -66.31 1.27
CA THR H 690 14.37 -66.27 1.88
C THR H 690 13.50 -65.20 1.18
N HIS H 691 12.85 -65.58 0.07
CA HIS H 691 12.06 -64.63 -0.73
C HIS H 691 10.65 -65.15 -1.07
N ALA H 692 10.15 -66.02 -0.19
CA ALA H 692 8.81 -66.57 -0.31
C ALA H 692 8.34 -66.99 1.09
N PRO H 693 7.00 -67.14 1.28
CA PRO H 693 6.40 -67.60 2.54
C PRO H 693 6.90 -68.99 2.95
N SER H 694 7.15 -69.85 1.97
CA SER H 694 7.77 -71.14 2.23
C SER H 694 9.17 -71.07 2.84
N THR H 695 9.93 -70.02 2.57
CA THR H 695 11.26 -69.91 3.20
C THR H 695 11.32 -68.84 4.30
N TYR H 696 10.33 -67.94 4.33
CA TYR H 696 10.25 -66.92 5.38
C TYR H 696 9.00 -67.14 6.25
N LYS H 697 9.22 -67.29 7.55
CA LYS H 697 8.24 -67.91 8.47
C LYS H 697 7.79 -66.91 9.53
N ILE H 698 6.60 -66.33 9.33
CA ILE H 698 6.03 -65.43 10.34
C ILE H 698 5.15 -66.24 11.27
N PRO H 699 4.85 -65.71 12.47
CA PRO H 699 4.03 -66.46 13.42
C PRO H 699 2.78 -67.04 12.76
N ALA H 700 2.70 -68.35 12.71
CA ALA H 700 1.48 -69.04 12.32
C ALA H 700 0.53 -69.23 13.53
N PHE H 701 -0.74 -69.46 13.21
CA PHE H 701 -1.80 -69.51 14.20
C PHE H 701 -1.42 -70.07 15.56
N SER H 702 -0.96 -71.32 15.55
CA SER H 702 -0.69 -72.01 16.77
C SER H 702 0.56 -71.51 17.44
N ASP H 703 1.08 -70.38 16.97
CA ASP H 703 2.25 -69.76 17.61
C ASP H 703 1.87 -68.71 18.63
N ARG H 704 0.63 -68.21 18.53
CA ARG H 704 0.12 -67.24 19.48
C ARG H 704 0.36 -67.78 20.90
N PRO H 705 0.65 -66.89 21.87
CA PRO H 705 0.90 -67.46 23.19
C PRO H 705 -0.34 -68.26 23.60
N ARG H 706 -0.13 -69.52 24.00
CA ARG H 706 -1.22 -70.39 24.45
C ARG H 706 -2.12 -69.68 25.46
N ILE H 707 -1.52 -68.91 26.37
CA ILE H 707 -2.28 -67.97 27.18
C ILE H 707 -1.79 -66.55 26.91
N PHE H 708 -2.76 -65.68 26.60
CA PHE H 708 -2.49 -64.35 26.06
C PHE H 708 -3.28 -63.27 26.82
N ASN H 709 -2.73 -62.78 27.94
CA ASN H 709 -3.40 -61.76 28.78
C ASN H 709 -2.99 -60.31 28.56
N VAL H 710 -3.81 -59.59 27.79
CA VAL H 710 -3.54 -58.22 27.40
C VAL H 710 -4.47 -57.24 28.15
N ALA H 711 -3.88 -56.35 28.93
CA ALA H 711 -4.65 -55.33 29.66
C ALA H 711 -4.06 -53.91 29.56
N LEU H 712 -4.94 -52.92 29.59
CA LEU H 712 -4.57 -51.53 29.42
C LEU H 712 -4.31 -50.83 30.73
N TRP H 713 -3.26 -50.03 30.74
CA TRP H 713 -3.00 -49.04 31.75
C TRP H 713 -3.90 -47.84 31.44
N ASP H 714 -4.88 -47.55 32.31
CA ASP H 714 -5.80 -46.44 32.01
C ASP H 714 -5.61 -45.21 32.88
N GLN H 715 -4.73 -44.34 32.39
CA GLN H 715 -4.32 -43.11 33.03
C GLN H 715 -4.13 -42.10 31.91
N PRO H 716 -4.71 -40.91 32.05
CA PRO H 716 -4.68 -40.03 30.89
C PRO H 716 -3.29 -39.46 30.65
N ASN H 717 -3.02 -39.09 29.40
CA ASN H 717 -1.77 -38.47 29.01
C ASN H 717 -1.58 -37.13 29.74
N ARG H 718 -0.36 -36.84 30.19
CA ARG H 718 -0.03 -35.56 30.83
C ARG H 718 -0.21 -34.45 29.84
N GLU H 719 0.31 -34.67 28.63
CA GLU H 719 0.29 -33.70 27.55
C GLU H 719 -1.09 -33.61 26.92
N GLU H 720 -1.34 -32.49 26.26
CA GLU H 720 -2.64 -32.19 25.66
C GLU H 720 -2.79 -32.83 24.27
N THR H 721 -2.92 -34.15 24.25
CA THR H 721 -3.13 -34.94 23.04
C THR H 721 -4.62 -35.25 22.86
N ILE H 722 -5.04 -35.69 21.68
CA ILE H 722 -6.46 -35.91 21.43
C ILE H 722 -7.12 -36.78 22.50
N PHE H 723 -8.11 -36.20 23.19
CA PHE H 723 -8.77 -36.80 24.35
C PHE H 723 -7.84 -37.57 25.27
N ARG H 724 -6.64 -37.05 25.46
CA ARG H 724 -5.64 -37.63 26.38
C ARG H 724 -5.20 -39.04 26.01
N SER H 725 -5.43 -39.43 24.77
CA SER H 725 -5.06 -40.76 24.33
C SER H 725 -3.56 -40.85 24.18
N LYS H 726 -3.07 -42.08 24.01
CA LYS H 726 -1.72 -42.29 23.58
C LYS H 726 -1.71 -43.05 22.29
N ALA H 727 -0.81 -42.66 21.40
CA ALA H 727 -0.48 -43.45 20.23
C ALA H 727 0.03 -44.85 20.67
N VAL H 728 -0.42 -45.87 19.94
CA VAL H 728 -0.35 -47.23 20.41
C VAL H 728 0.14 -48.15 19.29
N GLY H 729 0.44 -47.56 18.14
CA GLY H 729 0.79 -48.34 16.94
C GLY H 729 2.09 -49.15 17.02
N GLU H 730 3.17 -48.52 17.46
CA GLU H 730 4.47 -49.18 17.47
C GLU H 730 4.92 -49.66 18.86
N PRO H 731 4.74 -48.83 19.90
CA PRO H 731 5.30 -49.17 21.22
C PRO H 731 5.13 -50.65 21.63
N PRO H 732 3.91 -51.22 21.50
CA PRO H 732 3.78 -52.65 21.91
C PRO H 732 4.61 -53.65 21.09
N PHE H 733 4.98 -53.32 19.86
CA PHE H 733 5.90 -54.19 19.11
C PHE H 733 7.13 -54.56 19.97
N LEU H 734 7.64 -53.62 20.74
CA LEU H 734 8.84 -53.88 21.54
C LEU H 734 8.56 -54.87 22.68
N LEU H 735 7.28 -55.10 23.00
CA LEU H 735 6.93 -56.07 24.02
C LEU H 735 7.47 -57.49 23.75
N GLY H 736 7.59 -57.84 22.47
CA GLY H 736 8.09 -59.16 22.02
C GLY H 736 9.53 -59.47 22.45
N ILE H 737 10.25 -58.45 22.90
CA ILE H 737 11.55 -58.65 23.47
C ILE H 737 11.45 -59.67 24.64
N SER H 738 10.40 -59.56 25.46
CA SER H 738 10.24 -60.51 26.58
C SER H 738 10.33 -61.95 26.13
N ALA H 739 9.71 -62.29 25.00
CA ALA H 739 9.84 -63.65 24.45
C ALA H 739 11.30 -64.01 24.21
N PHE H 740 12.02 -63.18 23.46
CA PHE H 740 13.44 -63.40 23.23
C PHE H 740 14.20 -63.56 24.54
N LEU H 741 13.95 -62.66 25.49
CA LEU H 741 14.56 -62.77 26.81
C LEU H 741 14.17 -64.08 27.51
N ALA H 742 12.89 -64.46 27.44
CA ALA H 742 12.41 -65.72 28.05
C ALA H 742 13.12 -66.93 27.44
N LEU H 743 13.22 -66.92 26.11
CA LEU H 743 14.04 -67.86 25.36
C LEU H 743 15.44 -67.92 25.96
N HIS H 744 16.13 -66.78 26.03
CA HIS H 744 17.44 -66.73 26.68
C HIS H 744 17.46 -67.30 28.11
N ASP H 745 16.41 -67.04 28.87
CA ASP H 745 16.37 -67.45 30.28
C ASP H 745 16.28 -68.97 30.41
N ALA H 746 15.52 -69.59 29.50
CA ALA H 746 15.46 -71.05 29.38
C ALA H 746 16.86 -71.60 29.16
N CYS H 747 17.56 -71.09 28.14
CA CYS H 747 18.99 -71.39 27.95
C CYS H 747 19.82 -71.34 29.22
N ALA H 748 19.77 -70.21 29.91
CA ALA H 748 20.56 -70.02 31.12
C ALA H 748 20.29 -71.05 32.23
N ALA H 749 19.18 -71.78 32.12
CA ALA H 749 18.84 -72.84 33.07
C ALA H 749 19.37 -74.22 32.63
N CYS H 750 20.25 -74.23 31.63
CA CYS H 750 20.86 -75.48 31.16
C CYS H 750 22.25 -75.70 31.69
N GLY H 751 22.85 -74.65 32.22
CA GLY H 751 24.23 -74.71 32.68
C GLY H 751 24.67 -73.39 33.26
N PRO H 752 25.97 -73.27 33.60
CA PRO H 752 26.50 -72.08 34.26
C PRO H 752 27.16 -71.08 33.30
N HIS H 753 26.91 -71.23 32.00
CA HIS H 753 27.56 -70.40 31.00
C HIS H 753 26.66 -69.36 30.34
N TRP H 754 27.30 -68.27 29.92
CA TRP H 754 26.64 -67.21 29.20
C TRP H 754 26.20 -67.82 27.88
N PRO H 755 24.87 -67.95 27.66
CA PRO H 755 24.39 -68.65 26.49
C PRO H 755 24.67 -67.90 25.20
N ASP H 756 24.86 -66.58 25.31
CA ASP H 756 25.06 -65.67 24.15
C ASP H 756 24.08 -65.99 23.02
N LEU H 757 22.80 -65.77 23.29
CA LEU H 757 21.77 -66.12 22.34
C LEU H 757 21.66 -65.04 21.26
N GLN H 758 21.65 -65.44 19.99
CA GLN H 758 21.61 -64.51 18.88
C GLN H 758 20.20 -64.37 18.34
N ALA H 759 19.83 -63.16 17.93
CA ALA H 759 18.52 -62.89 17.33
C ALA H 759 18.61 -62.87 15.79
N PRO H 760 17.70 -63.58 15.10
CA PRO H 760 16.56 -64.33 15.58
C PRO H 760 16.93 -65.62 16.32
N ALA H 761 16.33 -65.80 17.50
CA ALA H 761 16.42 -67.04 18.22
C ALA H 761 15.55 -68.13 17.57
N THR H 762 15.90 -68.45 16.31
CA THR H 762 15.37 -69.61 15.60
C THR H 762 15.79 -70.84 16.42
N PRO H 763 15.16 -72.02 16.19
CA PRO H 763 15.55 -73.17 17.04
C PRO H 763 17.08 -73.50 17.00
N GLU H 764 17.68 -73.50 15.79
CA GLU H 764 19.14 -73.70 15.62
C GLU H 764 19.92 -72.73 16.48
N ALA H 765 19.57 -71.45 16.40
CA ALA H 765 20.19 -70.43 17.25
C ALA H 765 19.97 -70.68 18.73
N VAL H 766 18.84 -71.30 19.09
CA VAL H 766 18.51 -71.61 20.50
C VAL H 766 19.39 -72.76 20.99
N LEU H 767 19.41 -73.85 20.23
CA LEU H 767 20.28 -74.98 20.52
C LEU H 767 21.78 -74.62 20.60
N ALA H 768 22.26 -73.72 19.72
CA ALA H 768 23.65 -73.24 19.82
C ALA H 768 23.92 -72.63 21.19
N ALA H 769 22.99 -71.79 21.62
CA ALA H 769 23.07 -71.13 22.92
C ALA H 769 22.90 -72.10 24.09
N VAL H 770 22.04 -73.11 23.92
CA VAL H 770 21.89 -74.13 24.96
C VAL H 770 23.27 -74.76 25.20
N ARG H 771 23.93 -75.13 24.11
CA ARG H 771 25.20 -75.85 24.18
C ARG H 771 26.31 -75.00 24.78
N ARG H 772 26.33 -73.70 24.52
CA ARG H 772 27.24 -72.82 25.26
C ARG H 772 26.91 -72.86 26.74
N ALA H 773 25.63 -72.69 27.08
CA ALA H 773 25.16 -72.70 28.49
C ALA H 773 25.69 -73.91 29.26
N GLU H 774 25.62 -75.07 28.61
CA GLU H 774 26.17 -76.32 29.11
C GLU H 774 27.69 -76.37 28.89
N GLY H 775 28.12 -75.86 27.73
CA GLY H 775 29.53 -75.96 27.33
C GLY H 775 29.79 -77.24 26.55
N ARG H 776 29.52 -77.21 25.24
CA ARG H 776 29.73 -78.36 24.37
C ARG H 776 30.44 -77.93 23.08
N ALA H 777 31.57 -78.60 22.79
CA ALA H 777 32.53 -78.22 21.75
C ALA H 777 31.92 -77.77 20.41
FE1 FES I . 19.90 27.41 -10.02
FE2 FES I . 17.19 28.41 -9.14
S1 FES I . 18.32 26.56 -8.74
S2 FES I . 18.73 29.20 -10.48
FE1 FES J . 22.33 19.21 -1.12
FE2 FES J . 24.70 19.25 0.87
S1 FES J . 22.69 20.13 0.82
S2 FES J . 24.41 18.55 -1.20
PA FAD K . 32.16 6.08 4.94
O1A FAD K . 30.84 6.75 4.84
O2A FAD K . 33.28 6.75 5.64
O5B FAD K . 31.91 4.57 5.57
C5B FAD K . 30.71 3.77 5.55
C4B FAD K . 30.84 2.56 6.53
O4B FAD K . 32.12 1.95 6.31
C3B FAD K . 30.85 2.93 8.02
O3B FAD K . 30.37 1.82 8.82
C2B FAD K . 32.31 3.16 8.32
O2B FAD K . 32.55 3.03 9.74
C1B FAD K . 32.90 1.99 7.57
N9A FAD K . 34.29 2.04 7.06
C8A FAD K . 34.79 2.95 6.24
N7A FAD K . 36.05 2.64 5.97
C5A FAD K . 36.35 1.51 6.60
C6A FAD K . 37.50 0.72 6.68
N6A FAD K . 38.59 1.07 6.02
N1A FAD K . 37.48 -0.39 7.43
C2A FAD K . 36.39 -0.75 8.09
N3A FAD K . 35.28 -0.02 8.03
C4A FAD K . 35.23 1.12 7.31
N1 FAD K . 28.04 4.53 -3.53
C2 FAD K . 28.32 3.78 -4.67
O2 FAD K . 28.82 2.66 -4.55
N3 FAD K . 28.06 4.30 -5.95
C4 FAD K . 27.50 5.59 -6.07
O4 FAD K . 27.26 6.04 -7.19
C4X FAD K . 27.22 6.34 -4.94
N5 FAD K . 26.64 7.62 -5.08
C5X FAD K . 26.42 8.41 -3.94
C6 FAD K . 25.93 9.71 -4.11
C7 FAD K . 25.73 10.53 -3.00
C7M FAD K . 25.19 11.92 -3.24
C8 FAD K . 26.00 10.04 -1.72
C8M FAD K . 25.79 10.90 -0.47
C9 FAD K . 26.49 8.73 -1.55
C9A FAD K . 26.70 7.91 -2.66
N10 FAD K . 27.19 6.58 -2.49
C10 FAD K . 27.47 5.82 -3.65
C1' FAD K . 27.46 6.02 -1.10
C2' FAD K . 28.88 5.39 -0.97
O2' FAD K . 28.91 4.21 -0.17
C3' FAD K . 29.93 6.33 -0.43
O3' FAD K . 29.80 7.60 -1.09
C4' FAD K . 31.38 5.76 -0.54
O4' FAD K . 31.50 4.67 -1.46
C5' FAD K . 31.92 5.31 0.81
O5' FAD K . 33.09 6.05 1.08
P FAD K . 33.32 6.66 2.51
O1P FAD K . 34.77 6.63 2.84
O2P FAD K . 32.58 7.95 2.59
O3P FAD K . 32.60 5.64 3.46
N1 MTE L . 11.38 30.62 -12.92
C2 MTE L . 12.16 30.36 -11.84
N2 MTE L . 13.49 30.58 -11.92
N3 MTE L . 11.66 29.87 -10.69
C4 MTE L . 10.35 29.60 -10.52
O4 MTE L . 9.94 29.16 -9.44
N5 MTE L . 8.01 29.63 -11.66
C6 MTE L . 7.26 29.72 -12.77
C7 MTE L . 7.86 30.38 -14.00
N8 MTE L . 9.29 30.66 -13.96
C9 MTE L . 9.44 29.86 -11.67
C10 MTE L . 10.06 30.40 -12.89
C1' MTE L . 5.92 29.69 -12.63
S1' MTE L . 5.16 28.42 -11.85
C2' MTE L . 5.19 30.69 -13.14
S2' MTE L . 3.54 30.67 -12.97
C3' MTE L . 5.88 31.77 -13.81
O3' MTE L . 7.23 31.63 -14.30
C4' MTE L . 5.30 32.97 -13.84
O4' MTE L . 5.96 34.13 -13.23
P MTE L . 5.48 35.54 -13.80
O1P MTE L . 6.22 36.62 -13.06
O2P MTE L . 3.99 35.53 -13.55
O3P MTE L . 5.88 35.30 -15.24
CA CA M . 6.04 20.31 -3.59
N9 XAN N . -2.92 29.46 -10.16
N9 XAN N . -6.10 29.94 -8.90
C4 XAN N . -4.21 29.63 -10.45
C4 XAN N . -5.25 29.78 -9.92
N3 XAN N . -5.32 29.81 -9.70
N3 XAN N . -3.93 29.60 -10.04
C2 XAN N . -6.53 29.96 -10.30
C2 XAN N . -3.34 29.48 -11.26
O2 XAN N . -7.54 30.13 -9.56
O2 XAN N . -2.11 29.30 -11.32
N1 XAN N . -6.71 29.95 -11.64
N1 XAN N . -4.03 29.54 -12.42
C6 XAN N . -5.68 29.77 -12.49
C6 XAN N . -5.36 29.72 -12.46
O6 XAN N . -5.85 29.75 -13.73
O6 XAN N . -5.97 29.77 -13.55
C5 XAN N . -4.33 29.60 -11.91
C5 XAN N . -6.07 29.87 -11.16
N7 XAN N . -3.08 29.41 -12.41
N7 XAN N . -7.36 30.06 -10.77
C8 XAN N . -2.24 29.32 -11.34
C8 XAN N . -7.35 30.10 -9.40
MO1 MOM O . 2.85 28.76 -11.81
OM3 MOM O . 2.50 27.11 -11.49
OM1 MOM O . 2.64 29.09 -10.12
OM2 MOM O . 0.80 28.79 -12.16
FE1 FES P . 4.90 60.62 31.37
FE2 FES P . 5.59 60.89 28.38
S1 FES P . 6.79 60.70 30.21
S2 FES P . 3.91 60.04 29.51
FE1 FES Q . 15.65 56.74 36.29
FE2 FES Q . 16.19 54.06 37.71
S1 FES Q . 16.07 54.69 35.59
S2 FES Q . 15.21 55.95 38.31
PA FAD R . 24.76 52.89 50.62
O1A FAD R . 24.76 53.47 49.27
O2A FAD R . 24.50 51.45 50.76
O5B FAD R . 26.19 53.16 51.31
C5B FAD R . 26.80 54.43 51.36
C4B FAD R . 28.23 54.32 51.98
O4B FAD R . 28.18 53.84 53.33
C3B FAD R . 29.16 53.34 51.27
O3B FAD R . 30.50 53.84 51.30
C2B FAD R . 29.03 52.06 52.11
O2B FAD R . 30.22 51.31 52.01
C1B FAD R . 28.97 52.62 53.49
N9A FAD R . 28.10 51.99 54.51
C8A FAD R . 26.81 51.63 54.37
N7A FAD R . 26.37 51.16 55.53
C5A FAD R . 27.36 51.23 56.42
C6A FAD R . 27.49 50.90 57.79
N6A FAD R . 26.49 50.39 58.49
N1A FAD R . 28.66 51.11 58.41
C2A FAD R . 29.68 51.62 57.73
N3A FAD R . 29.59 51.94 56.45
C4A FAD R . 28.46 51.76 55.77
N1 FAD R . 20.72 61.79 50.80
C2 FAD R . 20.24 62.79 51.67
O2 FAD R . 20.80 63.02 52.75
N3 FAD R . 19.11 63.54 51.31
C4 FAD R . 18.46 63.29 50.08
O4 FAD R . 17.44 63.94 49.77
C4X FAD R . 18.94 62.30 49.22
N5 FAD R . 18.30 62.09 48.00
C5X FAD R . 18.74 61.11 47.10
C6 FAD R . 18.03 60.92 45.91
C7 FAD R . 18.42 59.93 45.01
C7M FAD R . 17.68 59.72 43.68
C8 FAD R . 19.51 59.10 45.33
C8M FAD R . 19.94 58.04 44.35
C9 FAD R . 20.20 59.29 46.54
C9A FAD R . 19.83 60.30 47.45
N10 FAD R . 20.51 60.53 48.69
C10 FAD R . 20.06 61.54 49.58
C1' FAD R . 21.74 59.78 49.07
C2' FAD R . 21.58 59.06 50.42
O2' FAD R . 22.75 59.08 51.25
C3' FAD R . 21.40 57.62 50.16
O3' FAD R . 20.32 57.48 49.22
C4' FAD R . 21.15 56.95 51.52
O4' FAD R . 20.90 57.89 52.57
C5' FAD R . 22.34 56.13 51.94
O5' FAD R . 21.79 54.94 52.33
P FAD R . 22.20 53.59 51.69
O1P FAD R . 21.74 52.63 52.72
O2P FAD R . 21.72 53.48 50.32
O3P FAD R . 23.84 53.74 51.63
N1 MTE S . 3.18 66.06 23.27
C2 MTE S . 3.84 65.00 23.80
N2 MTE S . 3.18 64.14 24.57
N3 MTE S . 5.15 64.76 23.56
C4 MTE S . 5.91 65.58 22.79
O4 MTE S . 7.13 65.30 22.63
N5 MTE S . 5.92 67.75 21.35
C6 MTE S . 5.31 68.82 20.85
C7 MTE S . 3.80 68.93 20.98
N8 MTE S . 3.20 68.03 21.95
C9 MTE S . 5.26 66.77 22.19
C10 MTE S . 3.84 66.96 22.47
C1' MTE S . 5.92 69.52 19.87
S1' MTE S . 7.43 70.22 20.05
C2' MTE S . 5.29 69.66 18.72
S2' MTE S . 6.02 70.51 17.47
C3' MTE S . 4.01 69.02 18.58
O3' MTE S . 3.13 68.75 19.72
C4' MTE S . 3.84 68.36 17.43
O4' MTE S . 2.77 67.41 17.24
P MTE S . 1.67 67.79 16.14
O1P MTE S . 0.93 66.49 15.87
O2P MTE S . 2.53 68.27 14.97
O3P MTE S . 0.95 68.89 16.89
CA CA T . 18.18 68.21 24.47
N9 XAN U . 9.62 73.51 14.23
N9 XAN U . 11.67 73.32 11.44
C4 XAN U . 10.00 74.08 13.08
C4 XAN U . 10.73 73.93 12.17
N3 XAN U . 10.89 73.77 12.12
N3 XAN U . 10.11 73.68 13.32
C2 XAN U . 11.07 74.57 11.05
C2 XAN U . 9.18 74.51 13.82
O2 XAN U . 11.92 74.24 10.18
O2 XAN U . 8.62 74.24 14.91
N1 XAN U . 10.37 75.71 10.88
N1 XAN U . 8.80 75.65 13.21
C6 XAN U . 9.45 76.15 11.76
C6 XAN U . 9.33 76.03 12.04
O6 XAN U . 8.80 77.21 11.59
O6 XAN U . 8.96 77.10 11.50
C5 XAN U . 9.21 75.31 12.95
C5 XAN U . 10.38 75.16 11.43
N7 XAN U . 8.40 75.39 14.03
N7 XAN U . 11.14 75.18 10.32
C8 XAN U . 8.66 74.29 14.78
C8 XAN U . 11.92 74.06 10.33
MO1 MOM V . 8.13 71.28 18.09
OM3 MOM V . 9.39 72.16 18.86
OM1 MOM V . 9.26 70.17 17.48
OM2 MOM V . 8.49 72.57 16.53
FE1 FES W . -20.22 -24.96 -29.94
FE2 FES W . -21.25 -25.12 -27.03
S1 FES W . -21.91 -25.91 -28.93
S2 FES W . -19.33 -24.56 -27.98
FE1 FES X . -25.59 -34.91 -35.30
FE2 FES X . -23.87 -36.99 -36.69
S1 FES X . -24.50 -36.71 -34.57
S2 FES X . -24.85 -35.15 -37.37
PA FAD Y . -29.19 -43.64 -49.60
O1A FAD Y . -29.41 -42.95 -48.31
O2A FAD Y . -28.02 -44.55 -49.71
O5B FAD Y . -30.59 -44.37 -49.92
C5B FAD Y . -31.56 -43.78 -50.79
C4B FAD Y . -32.78 -44.74 -51.12
O4B FAD Y . -32.99 -44.95 -52.55
C3B FAD Y . -32.64 -46.15 -50.56
O3B FAD Y . -33.94 -46.76 -50.47
C2B FAD Y . -31.83 -46.85 -51.63
O2B FAD Y . -32.07 -48.25 -51.57
C1B FAD Y . -32.39 -46.27 -52.91
N9A FAD Y . -31.29 -46.19 -53.92
C8A FAD Y . -30.08 -45.62 -53.76
N7A FAD Y . -29.36 -45.74 -54.88
C5A FAD Y . -30.13 -46.41 -55.76
C6A FAD Y . -29.94 -46.83 -57.08
N6A FAD Y . -28.79 -46.58 -57.70
N1A FAD Y . -30.92 -47.49 -57.72
C2A FAD Y . -32.08 -47.73 -57.11
N3A FAD Y . -32.29 -47.35 -55.86
C4A FAD Y . -31.34 -46.69 -55.16
N1 FAD Y . -32.94 -34.48 -49.43
C2 FAD Y . -33.36 -33.42 -50.24
O2 FAD Y . -33.90 -33.63 -51.33
N3 FAD Y . -33.15 -32.12 -49.85
C4 FAD Y . -32.54 -31.85 -48.62
O4 FAD Y . -32.38 -30.68 -48.28
C4X FAD Y . -32.14 -32.91 -47.79
N5 FAD Y . -31.53 -32.64 -46.54
C5X FAD Y . -31.05 -33.67 -45.72
C6 FAD Y . -30.42 -33.33 -44.52
C7 FAD Y . -29.91 -34.32 -43.68
C7M FAD Y . -29.21 -33.94 -42.37
C8 FAD Y . -30.07 -35.65 -44.08
C8M FAD Y . -29.54 -36.78 -43.21
C9 FAD Y . -30.71 -35.98 -45.29
C9A FAD Y . -31.22 -34.99 -46.13
N10 FAD Y . -31.90 -35.29 -47.34
C10 FAD Y . -32.33 -34.23 -48.18
C1' FAD Y . -32.18 -36.68 -47.73
C2' FAD Y . -31.67 -37.00 -49.15
O2' FAD Y . -32.63 -37.70 -49.96
C3' FAD Y . -30.48 -37.91 -49.06
O3' FAD Y . -29.52 -37.32 -48.16
C4' FAD Y . -29.92 -38.21 -50.47
O4' FAD Y . -30.45 -37.34 -51.48
C5' FAD Y . -30.24 -39.65 -50.81
O5' FAD Y . -29.15 -40.20 -51.51
P FAD Y . -28.18 -41.29 -50.83
O1P FAD Y . -27.00 -41.47 -51.72
O2P FAD Y . -27.97 -40.92 -49.42
O3P FAD Y . -29.11 -42.61 -50.85
N1 MTE Z . -23.08 -20.31 -21.83
C2 MTE Z . -22.74 -21.54 -22.32
N2 MTE Z . -21.71 -21.63 -23.20
N3 MTE Z . -23.40 -22.66 -21.95
C4 MTE Z . -24.43 -22.62 -21.09
O4 MTE Z . -25.04 -23.65 -20.77
N5 MTE Z . -25.95 -21.12 -19.60
C6 MTE Z . -26.35 -19.91 -19.19
C7 MTE Z . -25.37 -18.77 -19.35
N8 MTE Z . -24.44 -18.91 -20.46
C9 MTE Z . -24.85 -21.31 -20.53
C10 MTE Z . -24.09 -20.14 -20.95
C1' MTE Z . -27.21 -19.87 -18.17
S1' MTE Z . -28.76 -20.46 -18.30
C2' MTE Z . -26.82 -19.37 -17.03
S2' MTE Z . -27.85 -19.32 -15.70
C3' MTE Z . -25.46 -18.89 -16.96
O3' MTE Z . -24.64 -18.65 -18.14
C4' MTE Z . -24.92 -18.92 -15.75
O4' MTE Z . -23.50 -19.09 -15.59
P MTE Z . -22.93 -18.19 -14.41
O1P MTE Z . -21.53 -18.73 -14.25
O2P MTE Z . -23.85 -18.47 -13.23
O3P MTE Z . -23.17 -16.83 -15.03
CA CA AA . -35.21 -29.61 -23.11
N9 XAN BA . -32.73 -20.48 -11.73
N9 XAN BA . -34.05 -22.46 -9.18
C4 XAN BA . -33.41 -20.52 -10.57
C4 XAN BA . -33.82 -21.27 -9.76
N3 XAN BA . -33.81 -21.49 -9.74
N3 XAN BA . -33.21 -20.84 -10.87
C2 XAN BA . -34.50 -21.22 -8.61
C2 XAN BA . -33.14 -19.53 -11.19
O2 XAN BA . -34.86 -22.17 -7.87
O2 XAN BA . -32.55 -19.18 -12.24
N1 XAN BA . -34.83 -19.96 -8.24
N1 XAN BA . -33.68 -18.57 -10.42
C6 XAN BA . -34.49 -18.88 -8.98
C6 XAN BA . -34.33 -18.84 -9.27
O6 XAN BA . -34.79 -17.72 -8.63
O6 XAN BA . -34.82 -17.92 -8.58
C5 XAN BA . -33.73 -19.12 -10.24
C5 XAN BA . -34.44 -20.27 -8.86
N7 XAN BA . -33.23 -18.35 -11.23
N7 XAN BA . -35.00 -20.95 -7.83
C8 XAN BA . -32.62 -19.19 -12.12
C8 XAN BA . -34.74 -22.28 -8.04
MO1 MOM CA . -29.91 -20.25 -16.30
OM3 MOM CA . -31.42 -20.43 -17.08
OM1 MOM CA . -29.87 -21.86 -15.75
OM2 MOM CA . -30.99 -19.60 -14.65
FE1 FES DA . -5.34 -60.64 8.91
FE2 FES DA . -4.38 -57.87 8.07
S1 FES DA . -3.92 -59.89 7.37
S2 FES DA . -6.08 -58.63 9.33
FE1 FES EA . -1.36 -67.43 -0.55
FE2 FES EA . -3.38 -69.13 -2.11
S1 FES EA . -2.36 -67.24 -2.52
S2 FES EA . -2.09 -69.49 -0.35
PA FAD FA . 0.94 -83.23 -7.68
O1A FAD FA . 1.50 -81.90 -7.35
O2A FAD FA . -0.32 -83.33 -8.47
O5B FAD FA . 2.09 -84.04 -8.47
C5B FAD FA . 3.38 -84.35 -7.86
C4B FAD FA . 4.41 -84.94 -8.87
O4B FAD FA . 4.20 -86.34 -9.14
C3B FAD FA . 4.41 -84.33 -10.26
O3B FAD FA . 5.68 -84.67 -10.81
C2B FAD FA . 3.28 -85.11 -10.97
O2B FAD FA . 3.45 -85.09 -12.40
C1B FAD FA . 3.54 -86.51 -10.47
N9A FAD FA . 2.47 -87.46 -10.06
C8A FAD FA . 1.40 -87.19 -9.31
N7A FAD FA . 0.72 -88.32 -9.12
C5A FAD FA . 1.36 -89.31 -9.74
C6A FAD FA . 1.15 -90.69 -9.89
N6A FAD FA . 0.10 -91.29 -9.36
N1A FAD FA . 2.03 -91.42 -10.61
C2A FAD FA . 3.09 -90.86 -11.17
N3A FAD FA . 3.33 -89.56 -11.04
C4A FAD FA . 2.48 -88.76 -10.34
N1 FAD FA . 5.31 -81.92 1.17
C2 FAD FA . 5.77 -82.61 2.32
O2 FAD FA . 6.19 -83.76 2.23
N3 FAD FA . 5.73 -81.99 3.56
C4 FAD FA . 5.25 -80.66 3.66
O4 FAD FA . 5.24 -80.13 4.78
C4X FAD FA . 4.80 -79.98 2.52
N5 FAD FA . 4.35 -78.67 2.63
C5X FAD FA . 3.77 -78.03 1.55
C6 FAD FA . 3.17 -76.78 1.72
C7 FAD FA . 2.56 -76.12 0.64
C7M FAD FA . 1.93 -74.76 0.88
C8 FAD FA . 2.55 -76.73 -0.62
C8M FAD FA . 1.92 -76.07 -1.83
C9 FAD FA . 3.16 -77.99 -0.78
C9A FAD FA . 3.76 -78.65 0.29
N10 FAD FA . 4.39 -79.90 0.13
C10 FAD FA . 4.82 -80.60 1.28
C1' FAD FA . 4.80 -80.36 -1.23
C2' FAD FA . 4.20 -81.74 -1.60
O2' FAD FA . 4.95 -82.41 -2.61
C3' FAD FA . 2.75 -81.63 -2.08
O3' FAD FA . 1.99 -80.87 -1.14
C4' FAD FA . 2.10 -83.04 -2.31
O4' FAD FA . 2.78 -84.11 -1.63
C5' FAD FA . 1.98 -83.38 -3.78
O5' FAD FA . 0.80 -84.12 -3.91
P FAD FA . -0.12 -83.80 -5.13
O1P FAD FA . -1.25 -84.74 -5.18
O2P FAD FA . -0.39 -82.35 -5.11
O3P FAD FA . 0.84 -84.15 -6.34
N1 MTE GA . -1.81 -52.24 12.35
C2 MTE GA . -2.27 -52.90 11.27
N2 MTE GA . -3.38 -53.65 11.40
N3 MTE GA . -1.65 -52.84 10.06
C4 MTE GA . -0.54 -52.12 9.85
O4 MTE GA . -0.02 -52.11 8.73
N5 MTE GA . 1.22 -50.54 10.96
C6 MTE GA . 1.68 -49.90 12.04
C7 MTE GA . 0.80 -49.82 13.26
N8 MTE GA . -0.26 -50.83 13.37
C9 MTE GA . 0.03 -51.37 11.01
C10 MTE GA . -0.71 -51.47 12.28
C1' MTE GA . 2.61 -48.94 11.91
S1' MTE GA . 4.00 -49.22 11.02
C2' MTE GA . 2.43 -47.75 12.50
S2' MTE GA . 3.63 -46.63 12.28
C3' MTE GA . 1.21 -47.50 13.27
O3' MTE GA . 0.20 -48.55 13.26
C4' MTE GA . 0.94 -46.37 13.94
O4' MTE GA . -0.45 -45.93 14.22
P MTE GA . -1.21 -44.89 13.23
O1P MTE GA . -1.25 -45.66 11.95
O2P MTE GA . -0.31 -43.66 13.19
O3P MTE GA . -2.60 -44.62 13.79
CA CA HA . 9.27 -55.21 2.28
N9 XAN IA . 8.95 -42.53 9.48
N9 XAN IA . 10.87 -39.78 8.64
C4 XAN IA . 9.70 -41.52 9.92
C4 XAN IA . 10.34 -40.61 9.54
N3 XAN IA . 10.38 -40.52 9.34
N3 XAN IA . 9.56 -41.70 9.48
C2 XAN IA . 11.07 -39.62 10.08
C2 XAN IA . 9.17 -42.35 10.61
O2 XAN IA . 11.69 -38.69 9.49
O2 XAN IA . 8.45 -43.36 10.50
N1 XAN IA . 11.13 -39.68 11.43
N1 XAN IA . 9.54 -41.96 11.84
C6 XAN IA . 10.50 -40.62 12.14
C6 XAN IA . 10.31 -40.89 12.05
O6 XAN IA . 10.56 -40.67 13.38
O6 XAN IA . 10.62 -40.54 13.22
C5 XAN IA . 9.72 -41.64 11.38
C5 XAN IA . 10.77 -40.12 10.86
N7 XAN IA . 8.98 -42.72 11.71
N7 XAN IA . 11.53 -39.02 10.64
C8 XAN IA . 8.52 -43.25 10.55
C8 XAN IA . 11.58 -38.82 9.30
MO1 MOM JA . 5.43 -47.37 10.96
OM3 MOM JA . 6.82 -48.26 10.50
OM1 MOM JA . 5.21 -46.83 9.34
OM2 MOM JA . 6.79 -45.88 11.35
#